data_7SD3
#
_entry.id   7SD3
#
_cell.length_a   1.00
_cell.length_b   1.00
_cell.length_c   1.00
_cell.angle_alpha   90.00
_cell.angle_beta   90.00
_cell.angle_gamma   90.00
#
_symmetry.space_group_name_H-M   'P 1'
#
loop_
_entity.id
_entity.type
_entity.pdbx_description
1 polymer '4E10 Fab light chain'
2 polymer '4E10 Fab heavy chain'
3 polymer 'Envelope glycoprotein gp120'
4 polymer 'Transmembrane protein gp41'
5 branched beta-D-mannopyranose-(1-4)-2-acetamido-2-deoxy-beta-D-glucopyranose-(1-4)-2-acetamido-2-deoxy-beta-D-glucopyranose
6 branched 2-acetamido-2-deoxy-beta-D-glucopyranose-(1-4)-2-acetamido-2-deoxy-beta-D-glucopyranose
7 non-polymer 2-acetamido-2-deoxy-beta-D-glucopyranose
#
loop_
_entity_poly.entity_id
_entity_poly.type
_entity_poly.pdbx_seq_one_letter_code
_entity_poly.pdbx_strand_id
1 'polypeptide(L)'
;EIVLTQSPGTQSLSPGERATLSCRASQSVGNNKLAWYQQRPGQAPRLLIYGASSRPSGVADRFSGSGSGTDFTLTISRLE
PEDFAVYYCQQYGQSLSTFGQGTKVEVKRTVAAPSVFIFPPSDEQLKSGTASVVCLLNNFYPREAKVQWKVDNALQSGNS
QESVTEQDSKDSTYSLSSTLTLSKADYEKHKVYACEVTHQGLSSPVTKSFNRGE
;
H,N,M
2 'polypeptide(L)'
;QVQLVQSGAEVKRPGSSVTVSCKASGGSFSTYALSWVRQAPGRGLEWMGGVIPLLTITNYAPRFQGRITITADRSTSTAY
LELNSLRPEDTAVYYCAREGTTGWGWLGKPIGAFAHWGQGTLVTVSSASTKGPSVFPLAPSSKSTSGGTAALGCLVKDYF
PEPVTVSWNSGALTSGVHTFPAVLQSSGLYSLSSVVTVPSSSLGTQTYICNVNHKPSNTKVDKKVEPKSC
;
G,K,I
3 'polypeptide(L)'
;AENLWVTVYYGVPVWKDAETTLFCASDAKAYETEKHNVWATHACVPTDPNPQEIHLENVTEEFNMWKNNMVEQMHTDIIS
LWDQSLKPCVKLTPLCVTLQCTNVTNNITDDMRGELKNCSFNMTTELRDKKQKVYSLFYRLDVVQINENQGNRSNNSNKE
YRLINCNTSAITQACPKVSFEPIPIHYCAPAGFAILKCKDKKFNGTGPCPSVSTVQCTHGIKPVVSTQLLLNGSLAEEEV
MIRSENITNNAKNILVQFNTPVQINCTRPNNNTRKSIRIGPGQAFYATGDIIGDIRQAHCNVSKATWNETLGKVVKQLRK
HFGNNTIIRFANSSGGDLEVTTHSFNCGGEFFYCNTSGLFNSTWISNTSVQGSNSTGSNDSITLPCRIKQIINMWQRIGQ
AMYAPPIQGVIRCVSNITGLILTRDGGSTNSTTETFRPGGGDMRDNWRSELYKYKVVKIEPLGVAPTRCKRRVVGRRRRR
R
;
A,C,E
4 'polypeptide(L)'
;AVGIGAVFLGFLGAAGSTMGAASMTLTVQARNLLSGIVQQQSNLLRAPEAQQHLLKLTVWGIKQLQARVLAVERYLRDQQ
LLGIWGCSGKLICCTNVPWNSSWSNRNLSEIWDNMTWLQWDKEISNYTQIIYGLLEESQNQQEKNEQDLLALDKWASLWN
WFDISNWLWYIKL
;
B,D,F
#
# COMPACT_ATOMS: atom_id res chain seq x y z
N GLU A 1 3.47 -27.01 -32.40
CA GLU A 1 2.28 -26.73 -33.19
C GLU A 1 1.07 -27.47 -32.62
N ILE A 2 -0.04 -26.76 -32.45
CA ILE A 2 -1.28 -27.33 -31.95
C ILE A 2 -2.24 -27.38 -33.14
N VAL A 3 -2.43 -28.57 -33.70
CA VAL A 3 -3.32 -28.73 -34.85
C VAL A 3 -4.76 -28.67 -34.33
N LEU A 4 -5.43 -27.53 -34.56
CA LEU A 4 -6.80 -27.37 -34.13
C LEU A 4 -7.71 -28.16 -35.07
N THR A 5 -8.49 -29.09 -34.51
CA THR A 5 -9.36 -29.97 -35.30
C THR A 5 -10.78 -29.99 -34.74
N GLN A 6 -11.60 -29.07 -35.23
CA GLN A 6 -13.04 -29.18 -34.98
C GLN A 6 -13.61 -30.32 -35.81
N SER A 7 -14.60 -31.01 -35.25
CA SER A 7 -15.09 -32.18 -35.98
C SER A 7 -16.59 -32.50 -35.86
N PRO A 8 -17.51 -31.58 -36.17
CA PRO A 8 -18.75 -32.04 -36.81
C PRO A 8 -18.65 -31.90 -38.32
N GLY A 9 -19.49 -32.61 -39.06
CA GLY A 9 -19.44 -32.50 -40.51
C GLY A 9 -20.27 -31.32 -40.99
N THR A 10 -21.20 -31.57 -41.90
CA THR A 10 -22.18 -30.55 -42.25
C THR A 10 -23.25 -30.51 -41.18
N GLN A 11 -23.40 -29.38 -40.50
CA GLN A 11 -24.38 -29.22 -39.42
C GLN A 11 -25.77 -28.96 -40.04
N SER A 12 -26.28 -29.99 -40.72
CA SER A 12 -27.54 -29.88 -41.45
C SER A 12 -28.68 -29.95 -40.45
N LEU A 13 -28.98 -28.80 -39.86
CA LEU A 13 -30.01 -28.67 -38.84
C LEU A 13 -31.15 -27.81 -39.35
N SER A 14 -32.32 -27.96 -38.73
CA SER A 14 -33.46 -27.16 -39.10
C SER A 14 -33.30 -25.73 -38.56
N PRO A 15 -33.98 -24.76 -39.16
CA PRO A 15 -34.03 -23.41 -38.57
C PRO A 15 -34.74 -23.44 -37.22
N GLY A 16 -33.97 -23.15 -36.17
CA GLY A 16 -34.46 -23.28 -34.81
C GLY A 16 -33.88 -24.43 -34.02
N GLU A 17 -32.70 -24.92 -34.39
CA GLU A 17 -32.10 -26.09 -33.78
C GLU A 17 -30.85 -25.68 -32.98
N ARG A 18 -30.48 -26.52 -32.01
CA ARG A 18 -29.32 -26.25 -31.17
C ARG A 18 -28.06 -26.59 -31.95
N ALA A 19 -27.34 -25.55 -32.39
CA ALA A 19 -26.13 -25.73 -33.21
C ALA A 19 -24.95 -26.01 -32.29
N THR A 20 -24.74 -27.29 -32.00
CA THR A 20 -23.65 -27.74 -31.14
C THR A 20 -22.54 -28.35 -31.99
N LEU A 21 -21.32 -27.89 -31.79
CA LEU A 21 -20.18 -28.33 -32.58
C LEU A 21 -19.15 -29.01 -31.68
N SER A 22 -18.20 -29.72 -32.33
CA SER A 22 -17.26 -30.53 -31.57
C SER A 22 -16.09 -29.71 -31.04
N CYS A 23 -15.36 -29.05 -31.95
CA CYS A 23 -14.41 -27.96 -31.66
C CYS A 23 -13.27 -28.41 -30.72
N ARG A 24 -12.42 -29.27 -31.26
CA ARG A 24 -11.28 -29.84 -30.54
CA ARG A 24 -11.29 -29.80 -30.51
C ARG A 24 -9.97 -29.37 -31.17
N ALA A 25 -8.88 -29.91 -30.65
CA ALA A 25 -7.54 -29.60 -31.15
C ALA A 25 -6.67 -30.84 -30.96
N SER A 26 -5.40 -30.74 -31.40
CA SER A 26 -4.48 -31.86 -31.23
C SER A 26 -4.02 -31.99 -29.78
N GLN A 27 -3.53 -30.90 -29.19
CA GLN A 27 -3.15 -30.90 -27.79
C GLN A 27 -3.81 -29.72 -27.11
N SER A 28 -3.51 -29.54 -25.82
CA SER A 28 -4.15 -28.49 -25.04
CA SER A 28 -4.15 -28.49 -25.04
C SER A 28 -3.52 -27.14 -25.33
N VAL A 29 -4.36 -26.13 -25.54
CA VAL A 29 -3.88 -24.77 -25.70
C VAL A 29 -3.58 -24.19 -24.32
N GLY A 30 -2.49 -23.42 -24.24
CA GLY A 30 -2.08 -22.86 -22.96
C GLY A 30 -3.02 -21.74 -22.53
N ASN A 31 -3.34 -21.71 -21.22
CA ASN A 31 -4.09 -20.65 -20.55
C ASN A 31 -5.49 -20.46 -21.11
N ASN A 32 -6.08 -21.51 -21.69
CA ASN A 32 -7.43 -21.58 -22.28
C ASN A 32 -7.72 -20.46 -23.29
N LYS A 33 -6.68 -19.87 -23.89
CA LYS A 33 -6.84 -18.73 -24.80
CA LYS A 33 -6.84 -18.73 -24.80
C LYS A 33 -7.40 -19.23 -26.12
N LEU A 34 -8.71 -19.01 -26.32
CA LEU A 34 -9.38 -19.37 -27.56
C LEU A 34 -10.37 -18.27 -27.91
N ALA A 35 -10.44 -17.94 -29.20
CA ALA A 35 -11.44 -17.00 -29.69
C ALA A 35 -12.34 -17.72 -30.69
N TRP A 36 -13.54 -17.20 -30.84
CA TRP A 36 -14.60 -17.88 -31.59
C TRP A 36 -14.96 -17.04 -32.79
N TYR A 37 -14.83 -17.61 -33.99
CA TYR A 37 -14.85 -16.83 -35.22
C TYR A 37 -15.93 -17.35 -36.17
N GLN A 38 -17.08 -16.68 -36.17
CA GLN A 38 -18.04 -16.84 -37.25
C GLN A 38 -17.46 -16.27 -38.54
N GLN A 39 -17.84 -16.87 -39.67
CA GLN A 39 -17.32 -16.44 -40.95
C GLN A 39 -18.37 -16.66 -42.04
N ARG A 40 -18.48 -15.70 -42.95
CA ARG A 40 -19.31 -15.82 -44.14
C ARG A 40 -18.43 -15.61 -45.37
N PRO A 41 -18.75 -16.26 -46.49
CA PRO A 41 -17.95 -16.11 -47.71
C PRO A 41 -18.08 -14.71 -48.30
N GLY A 42 -16.93 -14.03 -48.44
CA GLY A 42 -16.89 -12.69 -48.97
C GLY A 42 -16.99 -11.59 -47.95
N GLN A 43 -17.28 -11.93 -46.70
CA GLN A 43 -17.44 -10.96 -45.63
C GLN A 43 -16.29 -11.11 -44.63
N ALA A 44 -16.35 -10.32 -43.57
CA ALA A 44 -15.33 -10.35 -42.54
C ALA A 44 -15.58 -11.50 -41.58
N PRO A 45 -14.61 -12.40 -41.36
CA PRO A 45 -14.72 -13.35 -40.25
C PRO A 45 -14.75 -12.61 -38.92
N ARG A 46 -15.84 -12.78 -38.19
CA ARG A 46 -16.15 -11.95 -37.02
CA ARG A 46 -16.15 -11.95 -37.02
C ARG A 46 -15.98 -12.74 -35.73
N LEU A 47 -15.37 -12.09 -34.74
CA LEU A 47 -15.24 -12.63 -33.40
C LEU A 47 -16.61 -12.84 -32.76
N LEU A 48 -16.77 -13.95 -32.04
CA LEU A 48 -17.97 -14.18 -31.24
C LEU A 48 -17.68 -14.12 -29.74
N ILE A 49 -16.80 -14.99 -29.25
CA ILE A 49 -16.54 -15.16 -27.81
C ILE A 49 -15.03 -15.10 -27.62
N TYR A 50 -14.54 -14.02 -27.02
CA TYR A 50 -13.11 -13.90 -26.74
C TYR A 50 -12.78 -14.57 -25.42
N GLY A 51 -11.66 -15.30 -25.39
CA GLY A 51 -11.32 -16.09 -24.23
C GLY A 51 -12.15 -17.33 -24.03
N ALA A 52 -13.00 -17.67 -25.01
CA ALA A 52 -13.93 -18.80 -25.07
C ALA A 52 -15.01 -18.77 -23.98
N SER A 53 -15.09 -17.69 -23.20
CA SER A 53 -16.08 -17.55 -22.15
C SER A 53 -16.83 -16.22 -22.20
N SER A 54 -16.16 -15.13 -22.56
CA SER A 54 -16.74 -13.80 -22.50
C SER A 54 -17.01 -13.26 -23.91
N ARG A 55 -18.09 -12.50 -24.03
CA ARG A 55 -18.57 -11.99 -25.29
CA ARG A 55 -18.59 -11.99 -25.29
C ARG A 55 -18.56 -10.47 -25.30
N PRO A 56 -18.10 -9.85 -26.40
CA PRO A 56 -18.06 -8.38 -26.45
C PRO A 56 -19.45 -7.77 -26.60
N SER A 57 -19.48 -6.45 -26.46
CA SER A 57 -20.70 -5.69 -26.70
C SER A 57 -20.97 -5.61 -28.19
N GLY A 58 -22.16 -6.02 -28.61
CA GLY A 58 -22.57 -6.01 -30.02
C GLY A 58 -22.79 -7.39 -30.60
N VAL A 59 -22.06 -8.38 -30.12
CA VAL A 59 -22.22 -9.75 -30.59
C VAL A 59 -23.47 -10.34 -29.95
N ALA A 60 -24.21 -11.13 -30.71
CA ALA A 60 -25.51 -11.65 -30.27
C ALA A 60 -25.33 -12.70 -29.18
N ASP A 61 -26.29 -12.69 -28.23
CA ASP A 61 -26.23 -13.57 -27.07
C ASP A 61 -26.49 -15.03 -27.40
N ARG A 62 -27.09 -15.32 -28.55
CA ARG A 62 -27.34 -16.71 -28.92
C ARG A 62 -26.06 -17.48 -29.23
N PHE A 63 -24.99 -16.77 -29.61
CA PHE A 63 -23.67 -17.38 -29.64
C PHE A 63 -23.23 -17.66 -28.20
N SER A 64 -22.68 -18.85 -27.97
CA SER A 64 -22.29 -19.26 -26.62
CA SER A 64 -22.29 -19.26 -26.62
C SER A 64 -21.21 -20.31 -26.71
N GLY A 65 -20.02 -19.99 -26.18
CA GLY A 65 -18.92 -20.92 -26.15
C GLY A 65 -18.77 -21.59 -24.80
N SER A 66 -18.14 -22.76 -24.81
CA SER A 66 -17.91 -23.54 -23.60
C SER A 66 -16.72 -24.48 -23.85
N GLY A 67 -16.44 -25.34 -22.88
CA GLY A 67 -15.30 -26.22 -22.95
C GLY A 67 -14.01 -25.53 -22.54
N SER A 68 -12.98 -26.35 -22.32
CA SER A 68 -11.67 -25.87 -21.91
CA SER A 68 -11.67 -25.87 -21.91
C SER A 68 -10.64 -26.94 -22.24
N GLY A 69 -9.38 -26.65 -21.91
CA GLY A 69 -8.30 -27.58 -22.14
C GLY A 69 -7.97 -27.77 -23.60
N THR A 70 -8.22 -28.98 -24.12
CA THR A 70 -7.91 -29.33 -25.50
C THR A 70 -9.08 -29.08 -26.44
N ASP A 71 -10.30 -29.46 -26.05
N ASP A 71 -10.29 -29.46 -26.01
CA ASP A 71 -11.46 -29.33 -26.93
CA ASP A 71 -11.49 -29.35 -26.82
C ASP A 71 -12.50 -28.44 -26.26
C ASP A 71 -12.44 -28.35 -26.19
N PHE A 72 -12.94 -27.42 -26.98
CA PHE A 72 -13.92 -26.45 -26.54
C PHE A 72 -15.28 -26.83 -27.11
N THR A 73 -16.29 -26.01 -26.86
CA THR A 73 -17.63 -26.30 -27.37
C THR A 73 -18.36 -24.99 -27.66
N LEU A 74 -19.08 -24.94 -28.77
CA LEU A 74 -19.97 -23.82 -29.10
C LEU A 74 -21.38 -24.35 -29.27
N THR A 75 -22.32 -23.77 -28.54
CA THR A 75 -23.74 -24.04 -28.74
C THR A 75 -24.45 -22.75 -29.15
N ILE A 76 -25.41 -22.88 -30.05
CA ILE A 76 -26.23 -21.78 -30.54
C ILE A 76 -27.68 -22.27 -30.51
N SER A 77 -28.50 -21.63 -29.68
CA SER A 77 -29.84 -22.16 -29.42
C SER A 77 -30.77 -21.94 -30.59
N ARG A 78 -30.92 -20.70 -31.04
CA ARG A 78 -31.80 -20.36 -32.15
C ARG A 78 -30.98 -20.24 -33.43
N LEU A 79 -31.45 -20.87 -34.50
CA LEU A 79 -30.78 -20.85 -35.80
C LEU A 79 -31.55 -19.92 -36.73
N GLU A 80 -30.99 -18.74 -36.96
CA GLU A 80 -31.55 -17.72 -37.82
C GLU A 80 -31.12 -17.94 -39.27
N PRO A 81 -31.88 -17.42 -40.25
CA PRO A 81 -31.49 -17.61 -41.66
C PRO A 81 -30.23 -16.88 -42.10
N GLU A 82 -29.65 -16.02 -41.25
CA GLU A 82 -28.40 -15.34 -41.61
C GLU A 82 -27.18 -15.96 -40.94
N ASP A 83 -27.36 -16.75 -39.89
CA ASP A 83 -26.25 -17.43 -39.23
C ASP A 83 -25.87 -18.74 -39.89
N PHE A 84 -26.56 -19.14 -40.95
CA PHE A 84 -26.29 -20.42 -41.62
C PHE A 84 -25.04 -20.26 -42.47
N ALA A 85 -23.88 -20.47 -41.84
CA ALA A 85 -22.60 -20.27 -42.50
C ALA A 85 -21.59 -21.24 -41.89
N VAL A 86 -20.30 -20.99 -42.15
CA VAL A 86 -19.23 -21.87 -41.70
C VAL A 86 -18.60 -21.28 -40.44
N TYR A 87 -18.28 -22.12 -39.47
CA TYR A 87 -17.86 -21.68 -38.15
C TYR A 87 -16.47 -22.23 -37.83
N TYR A 88 -15.64 -21.40 -37.18
CA TYR A 88 -14.30 -21.80 -36.78
C TYR A 88 -14.02 -21.28 -35.38
N CYS A 89 -13.03 -21.90 -34.73
CA CYS A 89 -12.41 -21.36 -33.53
C CYS A 89 -10.90 -21.34 -33.72
N GLN A 90 -10.24 -20.43 -32.99
CA GLN A 90 -8.83 -20.17 -33.20
C GLN A 90 -8.18 -19.81 -31.87
N GLN A 91 -7.00 -20.39 -31.65
CA GLN A 91 -6.23 -20.22 -30.42
C GLN A 91 -5.40 -18.95 -30.45
N TYR A 92 -5.31 -18.29 -29.30
CA TYR A 92 -4.37 -17.20 -29.11
C TYR A 92 -3.49 -17.50 -27.89
N GLY A 93 -3.13 -18.77 -27.75
CA GLY A 93 -2.36 -19.29 -26.65
C GLY A 93 -0.89 -19.40 -27.05
N GLN A 94 -0.47 -20.58 -27.49
CA GLN A 94 0.87 -20.82 -27.99
C GLN A 94 1.12 -19.97 -29.23
N SER A 95 2.39 -19.58 -29.44
CA SER A 95 2.81 -18.60 -30.44
C SER A 95 2.46 -18.96 -31.88
N LEU A 96 2.17 -20.22 -32.16
CA LEU A 96 1.71 -20.65 -33.47
C LEU A 96 0.25 -21.02 -33.39
N SER A 97 -0.47 -20.86 -34.50
CA SER A 97 -1.91 -21.00 -34.50
C SER A 97 -2.44 -21.40 -35.87
N THR A 98 -3.66 -21.94 -35.86
CA THR A 98 -4.37 -22.40 -37.04
C THR A 98 -5.86 -22.30 -36.70
N PHE A 99 -6.71 -22.18 -37.72
CA PHE A 99 -8.14 -21.92 -37.52
C PHE A 99 -8.92 -23.22 -37.58
N GLY A 100 -10.25 -23.09 -37.55
CA GLY A 100 -11.11 -24.27 -37.53
C GLY A 100 -11.13 -25.00 -38.85
N GLN A 101 -11.59 -26.25 -38.80
CA GLN A 101 -11.60 -27.11 -39.97
CA GLN A 101 -11.60 -27.11 -39.97
C GLN A 101 -12.75 -26.79 -40.93
N GLY A 102 -13.88 -26.28 -40.42
CA GLY A 102 -14.99 -25.95 -41.29
C GLY A 102 -16.24 -26.79 -41.08
N THR A 103 -17.25 -26.20 -40.45
CA THR A 103 -18.54 -26.85 -40.22
C THR A 103 -19.64 -25.94 -40.79
N LYS A 104 -20.35 -26.44 -41.80
CA LYS A 104 -21.40 -25.68 -42.45
C LYS A 104 -22.75 -26.00 -41.83
N VAL A 105 -23.48 -24.97 -41.41
CA VAL A 105 -24.86 -25.09 -40.94
C VAL A 105 -25.77 -24.46 -41.99
N GLU A 106 -26.93 -25.07 -42.22
CA GLU A 106 -27.74 -24.78 -43.39
C GLU A 106 -29.22 -24.79 -43.05
N VAL A 107 -30.04 -24.47 -44.05
CA VAL A 107 -31.49 -24.64 -43.95
C VAL A 107 -31.82 -26.09 -44.30
N LYS A 108 -32.61 -26.75 -43.45
CA LYS A 108 -32.93 -28.16 -43.63
C LYS A 108 -34.36 -28.32 -44.14
N ARG A 109 -34.49 -28.70 -45.40
CA ARG A 109 -35.72 -29.26 -45.93
C ARG A 109 -35.56 -30.77 -46.02
N THR A 110 -36.56 -31.44 -46.58
CA THR A 110 -36.47 -32.89 -46.73
C THR A 110 -35.62 -33.25 -47.94
N VAL A 111 -35.34 -34.54 -48.08
CA VAL A 111 -34.56 -35.02 -49.21
C VAL A 111 -35.43 -35.01 -50.45
N ALA A 112 -34.82 -34.78 -51.61
CA ALA A 112 -35.58 -34.61 -52.84
C ALA A 112 -34.70 -34.96 -54.03
N ALA A 113 -35.35 -35.06 -55.19
CA ALA A 113 -35.00 -35.31 -56.57
C ALA A 113 -34.99 -34.01 -57.37
N PRO A 114 -34.06 -33.85 -58.33
CA PRO A 114 -34.01 -32.60 -59.09
C PRO A 114 -34.85 -32.60 -60.35
N SER A 115 -34.79 -31.49 -61.08
CA SER A 115 -35.24 -31.40 -62.47
C SER A 115 -33.96 -31.27 -63.31
N VAL A 116 -33.49 -32.41 -63.81
CA VAL A 116 -32.18 -32.48 -64.45
C VAL A 116 -32.26 -31.93 -65.86
N PHE A 117 -31.20 -31.22 -66.28
CA PHE A 117 -31.05 -30.73 -67.65
C PHE A 117 -29.58 -30.77 -68.02
N ILE A 118 -29.30 -30.83 -69.32
CA ILE A 118 -27.94 -30.71 -69.84
C ILE A 118 -27.96 -29.76 -71.04
N PHE A 119 -27.00 -28.84 -71.07
CA PHE A 119 -26.88 -27.91 -72.19
C PHE A 119 -25.99 -28.51 -73.27
N PRO A 120 -26.44 -28.61 -74.51
CA PRO A 120 -25.53 -28.83 -75.64
C PRO A 120 -24.55 -27.67 -75.79
N PRO A 121 -23.40 -27.90 -76.42
CA PRO A 121 -22.48 -26.79 -76.70
C PRO A 121 -23.06 -25.85 -77.74
N SER A 122 -22.90 -24.56 -77.50
CA SER A 122 -23.43 -23.53 -78.37
C SER A 122 -22.60 -23.42 -79.66
N ASP A 123 -23.29 -23.10 -80.76
CA ASP A 123 -22.63 -22.92 -82.03
C ASP A 123 -21.71 -21.72 -82.06
N GLU A 124 -21.97 -20.71 -81.21
CA GLU A 124 -21.13 -19.52 -81.17
C GLU A 124 -19.72 -19.83 -80.66
N GLN A 125 -19.59 -20.82 -79.78
CA GLN A 125 -18.28 -21.28 -79.36
C GLN A 125 -17.80 -22.49 -80.15
N LEU A 126 -18.73 -23.22 -80.78
CA LEU A 126 -18.32 -24.33 -81.65
C LEU A 126 -17.68 -23.83 -82.94
N LYS A 127 -18.05 -22.65 -83.42
CA LYS A 127 -17.42 -22.12 -84.63
C LYS A 127 -16.00 -21.66 -84.37
N SER A 128 -15.63 -21.39 -83.11
CA SER A 128 -14.25 -21.13 -82.73
C SER A 128 -13.50 -22.40 -82.35
N GLY A 129 -14.09 -23.57 -82.57
CA GLY A 129 -13.46 -24.83 -82.22
C GLY A 129 -13.33 -25.06 -80.72
N THR A 130 -14.36 -24.72 -79.95
CA THR A 130 -14.33 -24.85 -78.49
CA THR A 130 -14.33 -24.85 -78.49
C THR A 130 -15.72 -25.30 -78.03
N ALA A 131 -15.89 -26.61 -77.88
CA ALA A 131 -17.15 -27.12 -77.36
C ALA A 131 -17.17 -27.06 -75.84
N SER A 132 -18.38 -27.08 -75.29
CA SER A 132 -18.55 -27.08 -73.84
C SER A 132 -19.91 -27.71 -73.52
N VAL A 133 -19.88 -28.96 -73.05
CA VAL A 133 -21.09 -29.69 -72.68
C VAL A 133 -21.34 -29.48 -71.19
N VAL A 134 -22.47 -28.86 -70.86
CA VAL A 134 -22.76 -28.41 -69.49
C VAL A 134 -24.03 -29.09 -69.00
N CYS A 135 -23.89 -29.87 -67.92
CA CYS A 135 -25.01 -30.49 -67.22
CA CYS A 135 -25.06 -30.45 -67.29
C CYS A 135 -25.65 -29.46 -66.29
N LEU A 136 -26.76 -29.85 -65.66
CA LEU A 136 -27.44 -28.96 -64.72
C LEU A 136 -28.31 -29.80 -63.79
N LEU A 137 -28.24 -29.53 -62.49
CA LEU A 137 -29.00 -30.26 -61.48
C LEU A 137 -29.78 -29.23 -60.68
N ASN A 138 -31.04 -29.02 -61.04
CA ASN A 138 -31.85 -27.91 -60.54
C ASN A 138 -32.75 -28.38 -59.39
N ASN A 139 -32.63 -27.70 -58.24
CA ASN A 139 -33.51 -27.86 -57.07
C ASN A 139 -33.49 -29.28 -56.51
N PHE A 140 -32.32 -29.66 -56.02
CA PHE A 140 -32.12 -30.95 -55.37
C PHE A 140 -31.63 -30.74 -53.94
N TYR A 141 -31.91 -31.71 -53.08
CA TYR A 141 -31.53 -31.68 -51.68
C TYR A 141 -31.27 -33.12 -51.23
N PRO A 142 -30.17 -33.38 -50.49
CA PRO A 142 -29.10 -32.46 -50.08
C PRO A 142 -28.08 -32.17 -51.19
N ARG A 143 -27.05 -31.40 -50.85
N ARG A 143 -27.05 -31.40 -50.86
CA ARG A 143 -26.04 -31.02 -51.84
CA ARG A 143 -26.05 -31.03 -51.86
C ARG A 143 -25.15 -32.20 -52.23
C ARG A 143 -25.16 -32.21 -52.23
N GLU A 144 -24.82 -33.06 -51.26
CA GLU A 144 -23.83 -34.11 -51.46
C GLU A 144 -24.37 -35.21 -52.36
N ALA A 145 -23.67 -35.44 -53.47
CA ALA A 145 -24.07 -36.37 -54.52
C ALA A 145 -22.81 -36.76 -55.29
N LYS A 146 -23.01 -37.40 -56.45
CA LYS A 146 -21.89 -37.75 -57.31
C LYS A 146 -22.33 -37.66 -58.76
N VAL A 147 -21.43 -37.21 -59.62
CA VAL A 147 -21.69 -37.01 -61.03
CA VAL A 147 -21.69 -37.01 -61.03
C VAL A 147 -20.68 -37.82 -61.83
N GLN A 148 -21.18 -38.74 -62.66
CA GLN A 148 -20.36 -39.60 -63.50
C GLN A 148 -20.79 -39.40 -64.95
N TRP A 149 -20.03 -38.60 -65.70
CA TRP A 149 -20.36 -38.38 -67.09
C TRP A 149 -20.14 -39.64 -67.93
N LYS A 150 -20.93 -39.76 -69.00
CA LYS A 150 -20.73 -40.76 -70.04
C LYS A 150 -20.55 -39.98 -71.33
N VAL A 151 -19.31 -39.55 -71.58
CA VAL A 151 -18.95 -38.90 -72.83
C VAL A 151 -18.31 -39.97 -73.69
N ASP A 152 -19.05 -40.41 -74.70
CA ASP A 152 -18.72 -41.55 -75.59
C ASP A 152 -18.45 -42.83 -74.78
N ASN A 153 -19.45 -43.18 -73.96
CA ASN A 153 -19.52 -44.46 -73.24
CA ASN A 153 -19.52 -44.46 -73.24
C ASN A 153 -18.30 -44.68 -72.34
N ALA A 154 -17.91 -43.63 -71.61
CA ALA A 154 -16.74 -43.72 -70.75
C ALA A 154 -16.85 -42.73 -69.61
N LEU A 155 -16.17 -43.05 -68.50
CA LEU A 155 -16.09 -42.13 -67.37
C LEU A 155 -15.14 -40.98 -67.69
N GLN A 156 -15.49 -39.79 -67.21
CA GLN A 156 -14.67 -38.60 -67.39
C GLN A 156 -14.32 -38.00 -66.03
N SER A 157 -13.03 -37.69 -65.85
CA SER A 157 -12.55 -37.08 -64.61
C SER A 157 -11.28 -36.32 -64.94
N GLY A 158 -11.40 -34.99 -65.04
CA GLY A 158 -10.25 -34.15 -65.33
C GLY A 158 -10.59 -32.99 -66.24
N ASN A 159 -11.69 -33.11 -66.98
CA ASN A 159 -12.19 -32.05 -67.85
C ASN A 159 -13.56 -31.55 -67.45
N SER A 160 -14.38 -32.39 -66.82
CA SER A 160 -15.71 -31.99 -66.36
C SER A 160 -15.67 -31.72 -64.86
N GLN A 161 -15.10 -30.56 -64.51
CA GLN A 161 -15.13 -30.13 -63.13
C GLN A 161 -16.53 -29.62 -62.76
N GLU A 162 -16.74 -29.40 -61.46
CA GLU A 162 -18.07 -29.14 -60.92
C GLU A 162 -18.12 -27.78 -60.26
N SER A 163 -19.12 -26.98 -60.62
CA SER A 163 -19.40 -25.71 -59.99
C SER A 163 -20.79 -25.81 -59.35
N VAL A 164 -20.82 -25.77 -58.02
CA VAL A 164 -22.05 -25.99 -57.26
C VAL A 164 -22.31 -24.77 -56.38
N THR A 165 -23.50 -24.20 -56.51
CA THR A 165 -23.92 -23.07 -55.69
C THR A 165 -24.26 -23.58 -54.28
N GLU A 166 -24.14 -22.69 -53.29
CA GLU A 166 -24.60 -22.94 -51.94
C GLU A 166 -26.13 -22.93 -51.91
N GLN A 167 -26.71 -23.19 -50.73
CA GLN A 167 -28.16 -23.27 -50.58
C GLN A 167 -28.79 -21.90 -50.78
N ASP A 168 -29.47 -21.74 -51.92
CA ASP A 168 -30.21 -20.52 -52.20
C ASP A 168 -31.37 -20.40 -51.21
N SER A 169 -31.44 -19.25 -50.52
CA SER A 169 -32.31 -19.09 -49.37
C SER A 169 -33.80 -19.10 -49.73
N LYS A 170 -34.14 -18.86 -50.98
CA LYS A 170 -35.55 -18.88 -51.39
C LYS A 170 -36.09 -20.31 -51.42
N ASP A 171 -35.48 -21.16 -52.24
CA ASP A 171 -36.00 -22.51 -52.48
C ASP A 171 -35.45 -23.57 -51.53
N SER A 172 -34.42 -23.23 -50.73
CA SER A 172 -33.78 -24.12 -49.75
C SER A 172 -33.22 -25.40 -50.38
N THR A 173 -32.80 -25.32 -51.65
CA THR A 173 -32.15 -26.44 -52.32
C THR A 173 -30.82 -25.98 -52.91
N TYR A 174 -30.21 -26.83 -53.73
CA TYR A 174 -28.90 -26.54 -54.31
C TYR A 174 -28.96 -26.68 -55.82
N SER A 175 -27.86 -26.29 -56.47
CA SER A 175 -27.76 -26.32 -57.92
C SER A 175 -26.34 -26.69 -58.32
N LEU A 176 -26.22 -27.68 -59.19
CA LEU A 176 -24.94 -28.17 -59.68
C LEU A 176 -24.83 -27.88 -61.17
N SER A 177 -23.61 -27.58 -61.62
CA SER A 177 -23.37 -27.31 -63.05
CA SER A 177 -23.37 -27.31 -63.05
C SER A 177 -21.98 -27.82 -63.39
N SER A 178 -21.91 -29.04 -63.92
CA SER A 178 -20.65 -29.61 -64.38
C SER A 178 -20.39 -29.15 -65.80
N THR A 179 -19.12 -28.95 -66.14
CA THR A 179 -18.74 -28.34 -67.41
C THR A 179 -17.51 -29.04 -67.97
N LEU A 180 -17.68 -29.74 -69.08
CA LEU A 180 -16.59 -30.41 -69.77
C LEU A 180 -16.18 -29.60 -70.99
N THR A 181 -14.87 -29.46 -71.20
CA THR A 181 -14.34 -28.69 -72.32
C THR A 181 -13.97 -29.61 -73.47
N LEU A 182 -14.26 -29.17 -74.69
CA LEU A 182 -14.00 -29.96 -75.89
C LEU A 182 -13.83 -29.00 -77.06
N SER A 183 -13.64 -29.55 -78.25
CA SER A 183 -13.49 -28.78 -79.48
C SER A 183 -14.60 -29.14 -80.46
N LYS A 184 -14.52 -28.56 -81.66
CA LYS A 184 -15.58 -28.77 -82.65
C LYS A 184 -15.43 -30.10 -83.38
N ALA A 185 -14.19 -30.46 -83.75
CA ALA A 185 -13.97 -31.68 -84.52
C ALA A 185 -14.28 -32.93 -83.71
N ASP A 186 -14.16 -32.85 -82.39
CA ASP A 186 -14.58 -33.96 -81.54
C ASP A 186 -16.11 -33.94 -81.40
N TYR A 187 -16.72 -32.74 -81.43
CA TYR A 187 -18.17 -32.61 -81.41
C TYR A 187 -18.81 -33.19 -82.68
N GLU A 188 -18.07 -33.23 -83.79
CA GLU A 188 -18.56 -33.93 -84.97
C GLU A 188 -18.56 -35.44 -84.80
N LYS A 189 -17.90 -35.98 -83.77
CA LYS A 189 -17.82 -37.42 -83.55
C LYS A 189 -18.72 -37.90 -82.41
N HIS A 190 -18.69 -37.20 -81.28
CA HIS A 190 -19.29 -37.70 -80.05
C HIS A 190 -20.81 -37.63 -80.10
N LYS A 191 -21.46 -38.78 -79.92
CA LYS A 191 -22.92 -38.85 -79.92
CA LYS A 191 -22.92 -38.85 -79.92
C LYS A 191 -23.53 -38.93 -78.52
N VAL A 192 -22.78 -39.43 -77.54
CA VAL A 192 -23.32 -39.66 -76.21
C VAL A 192 -22.77 -38.60 -75.26
N TYR A 193 -23.66 -37.74 -74.75
CA TYR A 193 -23.35 -36.77 -73.68
C TYR A 193 -24.39 -36.99 -72.59
N ALA A 194 -24.09 -37.86 -71.63
CA ALA A 194 -25.10 -38.24 -70.62
C ALA A 194 -24.42 -38.33 -69.26
N CYS A 195 -24.60 -37.28 -68.44
CA CYS A 195 -24.08 -37.31 -67.07
CA CYS A 195 -24.07 -37.31 -67.08
C CYS A 195 -24.94 -38.21 -66.21
N GLU A 196 -24.36 -39.32 -65.74
CA GLU A 196 -25.08 -40.30 -64.92
C GLU A 196 -24.95 -39.88 -63.46
N VAL A 197 -25.89 -39.03 -63.04
CA VAL A 197 -25.87 -38.44 -61.71
C VAL A 197 -26.50 -39.38 -60.70
N THR A 198 -25.85 -39.56 -59.54
CA THR A 198 -26.34 -40.40 -58.47
C THR A 198 -26.58 -39.56 -57.21
N HIS A 199 -27.67 -39.86 -56.51
CA HIS A 199 -28.08 -39.09 -55.34
C HIS A 199 -29.07 -39.92 -54.53
N GLN A 200 -29.38 -39.43 -53.32
CA GLN A 200 -30.57 -39.89 -52.61
C GLN A 200 -31.83 -39.68 -53.43
N GLY A 201 -31.98 -38.51 -54.06
CA GLY A 201 -33.13 -38.26 -54.89
C GLY A 201 -32.97 -38.78 -56.30
N LEU A 202 -31.74 -38.79 -56.81
CA LEU A 202 -31.42 -39.44 -58.07
C LEU A 202 -30.84 -40.81 -57.76
N SER A 203 -31.73 -41.73 -57.39
CA SER A 203 -31.31 -43.10 -57.09
C SER A 203 -30.80 -43.80 -58.34
N SER A 204 -31.60 -43.81 -59.40
CA SER A 204 -31.05 -44.35 -60.64
CA SER A 204 -31.05 -44.35 -60.64
C SER A 204 -30.46 -43.23 -61.48
N PRO A 205 -29.30 -43.44 -62.11
CA PRO A 205 -28.69 -42.38 -62.92
C PRO A 205 -29.43 -42.12 -64.22
N VAL A 206 -30.19 -41.03 -64.27
CA VAL A 206 -31.00 -40.70 -65.44
C VAL A 206 -30.21 -39.82 -66.39
N THR A 207 -30.67 -39.73 -67.63
CA THR A 207 -30.13 -38.81 -68.61
C THR A 207 -31.23 -37.89 -69.14
N LYS A 208 -30.79 -36.79 -69.75
CA LYS A 208 -31.65 -35.95 -70.58
C LYS A 208 -31.01 -36.03 -71.96
N SER A 209 -31.41 -37.04 -72.73
CA SER A 209 -30.61 -37.50 -73.85
C SER A 209 -30.62 -36.52 -75.01
N PHE A 210 -29.41 -36.21 -75.50
CA PHE A 210 -29.24 -35.47 -76.73
C PHE A 210 -27.97 -35.97 -77.40
N ASN A 211 -27.82 -35.64 -78.68
CA ASN A 211 -26.70 -36.07 -79.50
C ASN A 211 -26.12 -34.86 -80.21
N ARG A 212 -25.19 -35.12 -81.14
CA ARG A 212 -24.64 -34.05 -81.96
C ARG A 212 -25.66 -33.68 -83.03
N GLY A 213 -26.24 -32.48 -82.91
CA GLY A 213 -27.24 -32.04 -83.85
C GLY A 213 -28.34 -31.21 -83.21
N GLU A 214 -28.50 -31.36 -81.89
CA GLU A 214 -29.44 -30.53 -81.13
C GLU A 214 -29.03 -30.49 -79.66
N GLN B 1 -15.81 3.33 -35.82
CA GLN B 1 -15.01 2.34 -35.11
C GLN B 1 -13.69 2.11 -35.81
N VAL B 2 -13.02 1.03 -35.45
CA VAL B 2 -11.76 0.65 -36.08
C VAL B 2 -12.05 0.20 -37.51
N GLN B 3 -11.46 0.89 -38.48
CA GLN B 3 -11.62 0.57 -39.88
C GLN B 3 -10.26 0.21 -40.47
N LEU B 4 -10.20 -0.93 -41.16
CA LEU B 4 -8.97 -1.40 -41.78
C LEU B 4 -9.23 -1.47 -43.28
N VAL B 5 -9.01 -0.34 -43.95
CA VAL B 5 -9.25 -0.26 -45.38
C VAL B 5 -8.04 -0.85 -46.10
N GLN B 6 -8.09 -2.15 -46.40
CA GLN B 6 -7.01 -2.82 -47.09
C GLN B 6 -6.91 -2.32 -48.52
N SER B 7 -5.71 -2.39 -49.08
CA SER B 7 -5.52 -2.04 -50.48
C SER B 7 -6.11 -3.13 -51.37
N GLY B 8 -6.28 -2.82 -52.65
CA GLY B 8 -7.06 -3.66 -53.52
C GLY B 8 -6.37 -4.95 -53.91
N ALA B 9 -7.13 -5.80 -54.60
CA ALA B 9 -6.57 -7.03 -55.16
C ALA B 9 -5.60 -6.70 -56.29
N GLU B 10 -4.77 -7.66 -56.64
CA GLU B 10 -3.63 -7.44 -57.51
CA GLU B 10 -3.74 -7.39 -57.62
C GLU B 10 -3.45 -8.63 -58.45
N VAL B 11 -2.92 -8.35 -59.64
CA VAL B 11 -2.44 -9.36 -60.58
C VAL B 11 -0.97 -9.08 -60.85
N LYS B 12 -0.19 -10.15 -61.02
CA LYS B 12 1.26 -10.02 -61.06
C LYS B 12 1.83 -11.29 -61.70
N ARG B 13 3.01 -11.16 -62.30
CA ARG B 13 3.71 -12.30 -62.87
C ARG B 13 4.10 -13.29 -61.77
N PRO B 14 4.00 -14.59 -62.02
CA PRO B 14 4.42 -15.57 -61.01
C PRO B 14 5.94 -15.63 -60.88
N GLY B 15 6.39 -16.15 -59.75
CA GLY B 15 7.80 -16.21 -59.43
C GLY B 15 8.39 -14.92 -58.89
N SER B 16 7.66 -13.82 -58.93
CA SER B 16 8.12 -12.55 -58.38
C SER B 16 7.63 -12.41 -56.95
N SER B 17 7.75 -11.21 -56.39
CA SER B 17 7.32 -10.93 -55.03
CA SER B 17 7.32 -10.94 -55.03
C SER B 17 6.07 -10.07 -55.06
N VAL B 18 5.53 -9.81 -53.87
CA VAL B 18 4.27 -9.08 -53.74
C VAL B 18 4.31 -8.23 -52.48
N THR B 19 3.63 -7.08 -52.53
CA THR B 19 3.41 -6.24 -51.37
C THR B 19 1.93 -5.87 -51.30
N VAL B 20 1.41 -5.77 -50.06
CA VAL B 20 0.05 -5.34 -49.81
C VAL B 20 0.08 -4.37 -48.64
N SER B 21 -0.93 -3.50 -48.58
CA SER B 21 -1.05 -2.54 -47.50
C SER B 21 -2.30 -2.82 -46.66
N CYS B 22 -2.34 -2.20 -45.49
CA CYS B 22 -3.56 -2.17 -44.68
C CYS B 22 -3.54 -0.87 -43.89
N LYS B 23 -4.22 0.14 -44.43
CA LYS B 23 -4.31 1.44 -43.77
C LYS B 23 -5.40 1.39 -42.71
N ALA B 24 -5.01 1.49 -41.45
CA ALA B 24 -6.01 1.55 -40.39
C ALA B 24 -6.62 2.94 -40.34
N SER B 25 -7.72 3.05 -39.57
CA SER B 25 -8.43 4.31 -39.39
C SER B 25 -9.27 4.18 -38.12
N GLY B 26 -9.00 5.01 -37.14
CA GLY B 26 -9.66 4.92 -35.85
C GLY B 26 -8.91 4.04 -34.87
N GLY B 27 -9.05 4.37 -33.60
CA GLY B 27 -8.37 3.63 -32.55
C GLY B 27 -6.92 4.02 -32.39
N SER B 28 -6.01 3.08 -32.69
CA SER B 28 -4.58 3.34 -32.61
C SER B 28 -3.88 2.44 -33.61
N PHE B 29 -2.98 3.02 -34.42
CA PHE B 29 -2.16 2.18 -35.29
C PHE B 29 -1.15 1.40 -34.46
N SER B 30 -0.58 2.02 -33.44
CA SER B 30 0.40 1.37 -32.58
C SER B 30 -0.33 0.73 -31.40
N THR B 31 0.45 0.27 -30.41
CA THR B 31 0.12 -0.29 -29.09
C THR B 31 -0.92 -1.41 -29.10
N TYR B 32 -1.19 -2.01 -30.26
CA TYR B 32 -2.14 -3.10 -30.40
C TYR B 32 -1.69 -3.96 -31.56
N ALA B 33 -1.71 -5.28 -31.38
CA ALA B 33 -1.11 -6.19 -32.35
C ALA B 33 -1.93 -6.31 -33.62
N LEU B 34 -1.59 -5.51 -34.63
CA LEU B 34 -2.04 -5.78 -35.98
C LEU B 34 -1.44 -7.10 -36.44
N SER B 35 -2.22 -7.86 -37.20
CA SER B 35 -1.75 -9.17 -37.65
C SER B 35 -2.24 -9.42 -39.06
N TRP B 36 -1.98 -10.62 -39.56
CA TRP B 36 -2.31 -10.95 -40.94
C TRP B 36 -2.71 -12.42 -41.00
N VAL B 37 -3.76 -12.72 -41.76
CA VAL B 37 -4.30 -14.07 -41.86
C VAL B 37 -4.54 -14.41 -43.32
N ARG B 38 -4.62 -15.71 -43.59
CA ARG B 38 -4.93 -16.24 -44.91
C ARG B 38 -6.22 -17.03 -44.91
N GLN B 39 -6.76 -17.19 -46.11
CA GLN B 39 -7.76 -18.22 -46.40
C GLN B 39 -7.71 -18.48 -47.89
N ALA B 40 -7.42 -19.73 -48.27
CA ALA B 40 -7.53 -20.10 -49.67
C ALA B 40 -9.00 -19.98 -50.11
N PRO B 41 -9.26 -19.54 -51.37
CA PRO B 41 -10.63 -19.19 -51.75
C PRO B 41 -11.58 -20.37 -51.82
N GLY B 42 -12.01 -20.82 -50.63
CA GLY B 42 -12.86 -21.98 -50.49
C GLY B 42 -12.54 -22.78 -49.25
N ARG B 43 -11.34 -22.58 -48.69
CA ARG B 43 -10.90 -23.30 -47.51
C ARG B 43 -11.36 -22.55 -46.26
N GLY B 44 -10.90 -23.00 -45.08
CA GLY B 44 -11.45 -22.46 -43.85
C GLY B 44 -11.03 -21.05 -43.46
N LEU B 45 -9.80 -20.90 -42.96
CA LEU B 45 -9.04 -19.71 -42.56
C LEU B 45 -7.68 -20.20 -42.06
N GLU B 46 -6.72 -19.27 -42.00
CA GLU B 46 -5.36 -19.62 -41.62
C GLU B 46 -4.62 -18.37 -41.13
N TRP B 47 -4.00 -18.45 -39.97
CA TRP B 47 -3.20 -17.36 -39.44
C TRP B 47 -1.75 -17.47 -39.90
N MET B 48 -1.13 -16.33 -40.19
CA MET B 48 0.28 -16.31 -40.58
C MET B 48 1.15 -15.66 -39.51
N GLY B 49 0.90 -14.40 -39.18
CA GLY B 49 1.81 -13.65 -38.34
C GLY B 49 1.51 -12.17 -38.26
N GLY B 50 2.12 -11.47 -37.31
CA GLY B 50 1.77 -10.08 -37.09
C GLY B 50 2.91 -9.13 -36.81
N VAL B 51 2.58 -8.00 -36.21
CA VAL B 51 3.55 -6.95 -35.90
C VAL B 51 2.94 -6.09 -34.80
N ILE B 52 3.80 -5.49 -33.97
CA ILE B 52 3.34 -4.55 -32.94
C ILE B 52 4.10 -3.25 -33.15
N PRO B 53 3.44 -2.18 -33.59
CA PRO B 53 4.17 -1.05 -34.18
C PRO B 53 4.97 -0.21 -33.20
N LEU B 54 4.66 -0.23 -31.91
CA LEU B 54 5.41 0.59 -30.97
C LEU B 54 6.78 -0.02 -30.65
N LEU B 55 6.92 -1.34 -30.76
CA LEU B 55 8.16 -2.01 -30.38
C LEU B 55 8.70 -2.91 -31.48
N THR B 56 8.14 -2.84 -32.70
CA THR B 56 8.37 -3.67 -33.90
C THR B 56 8.56 -5.17 -33.59
N ILE B 57 7.78 -5.69 -32.65
CA ILE B 57 7.79 -7.11 -32.32
C ILE B 57 7.12 -7.87 -33.47
N THR B 58 7.90 -8.69 -34.17
CA THR B 58 7.39 -9.50 -35.26
C THR B 58 7.27 -10.95 -34.80
N ASN B 59 6.05 -11.49 -34.78
CA ASN B 59 5.78 -12.87 -34.41
C ASN B 59 5.34 -13.61 -35.67
N TYR B 60 6.31 -14.27 -36.32
CA TYR B 60 6.13 -14.79 -37.67
C TYR B 60 5.58 -16.22 -37.70
N ALA B 61 5.64 -16.82 -38.88
CA ALA B 61 4.87 -18.01 -39.19
C ALA B 61 5.65 -19.27 -38.84
N PRO B 62 4.95 -20.40 -38.59
CA PRO B 62 5.69 -21.65 -38.39
C PRO B 62 6.31 -22.20 -39.66
N ARG B 63 5.75 -21.90 -40.82
CA ARG B 63 6.25 -22.42 -42.09
CA ARG B 63 6.24 -22.41 -42.09
C ARG B 63 6.75 -21.33 -43.02
N PHE B 64 6.01 -20.24 -43.19
CA PHE B 64 6.36 -19.16 -44.11
C PHE B 64 7.45 -18.24 -43.57
N GLN B 65 8.09 -18.58 -42.45
CA GLN B 65 9.17 -17.77 -41.89
C GLN B 65 10.37 -17.77 -42.83
N GLY B 66 10.94 -16.59 -43.04
CA GLY B 66 12.01 -16.39 -44.00
C GLY B 66 11.54 -15.85 -45.34
N ARG B 67 10.27 -16.05 -45.68
CA ARG B 67 9.67 -15.53 -46.89
C ARG B 67 8.67 -14.42 -46.59
N ILE B 68 8.34 -14.18 -45.33
N ILE B 68 8.44 -14.14 -45.31
CA ILE B 68 7.38 -13.15 -44.98
CA ILE B 68 7.42 -13.20 -44.83
C ILE B 68 8.12 -11.97 -44.38
C ILE B 68 8.11 -11.96 -44.29
N THR B 69 7.60 -10.78 -44.65
CA THR B 69 8.12 -9.53 -44.11
C THR B 69 6.94 -8.64 -43.76
N ILE B 70 6.82 -8.30 -42.49
CA ILE B 70 5.80 -7.37 -42.01
C ILE B 70 6.51 -6.17 -41.43
N THR B 71 6.05 -4.98 -41.79
CA THR B 71 6.60 -3.76 -41.23
C THR B 71 5.49 -2.96 -40.57
N ALA B 72 5.86 -1.78 -40.07
CA ALA B 72 4.91 -0.88 -39.42
C ALA B 72 5.48 0.52 -39.50
N ASP B 73 4.81 1.41 -40.20
CA ASP B 73 5.32 2.75 -40.49
C ASP B 73 4.32 3.76 -39.94
N ARG B 74 4.50 4.12 -38.66
CA ARG B 74 3.54 4.99 -37.99
C ARG B 74 3.61 6.44 -38.46
N SER B 75 4.70 6.83 -39.13
CA SER B 75 4.87 8.21 -39.56
C SER B 75 3.93 8.58 -40.70
N THR B 76 3.52 7.60 -41.51
CA THR B 76 2.40 7.77 -42.42
C THR B 76 1.25 6.87 -42.04
N SER B 77 1.39 6.11 -40.95
CA SER B 77 0.32 5.37 -40.28
C SER B 77 -0.32 4.30 -41.18
N THR B 78 0.50 3.38 -41.66
CA THR B 78 0.08 2.23 -42.46
C THR B 78 0.69 0.96 -41.87
N ALA B 79 0.54 -0.14 -42.59
CA ALA B 79 1.15 -1.41 -42.24
C ALA B 79 1.23 -2.27 -43.50
N TYR B 80 2.44 -2.68 -43.87
CA TYR B 80 2.65 -3.44 -45.10
C TYR B 80 3.05 -4.88 -44.80
N LEU B 81 2.71 -5.74 -45.76
CA LEU B 81 3.11 -7.14 -45.78
C LEU B 81 3.79 -7.44 -47.11
N GLU B 82 4.98 -8.03 -47.05
CA GLU B 82 5.74 -8.38 -48.24
CA GLU B 82 5.75 -8.38 -48.23
C GLU B 82 5.98 -9.89 -48.25
N LEU B 83 5.27 -10.59 -49.12
CA LEU B 83 5.53 -12.00 -49.38
C LEU B 83 6.38 -12.12 -50.64
N ASN B 84 6.98 -13.29 -50.81
CA ASN B 84 7.84 -13.53 -51.96
C ASN B 84 7.43 -14.82 -52.65
N SER B 85 8.00 -14.99 -53.86
CA SER B 85 7.83 -16.18 -54.69
CA SER B 85 7.83 -16.18 -54.69
C SER B 85 6.35 -16.45 -54.98
N LEU B 86 5.77 -15.54 -55.76
CA LEU B 86 4.37 -15.66 -56.15
C LEU B 86 4.14 -16.89 -57.01
N ARG B 87 3.00 -17.54 -56.78
CA ARG B 87 2.74 -18.89 -57.27
C ARG B 87 1.26 -19.16 -57.15
N PRO B 88 0.73 -20.15 -57.89
CA PRO B 88 -0.69 -20.52 -57.74
C PRO B 88 -1.07 -21.08 -56.36
N GLU B 89 -0.10 -21.47 -55.52
CA GLU B 89 -0.40 -21.88 -54.16
C GLU B 89 0.02 -20.83 -53.14
N ASP B 90 0.28 -19.60 -53.58
CA ASP B 90 0.16 -18.41 -52.73
C ASP B 90 -1.20 -17.75 -52.89
N THR B 91 -2.05 -18.29 -53.75
CA THR B 91 -3.37 -17.71 -54.01
C THR B 91 -4.28 -17.96 -52.82
N ALA B 92 -4.56 -16.90 -52.07
CA ALA B 92 -5.47 -16.93 -50.94
C ALA B 92 -6.00 -15.52 -50.74
N VAL B 93 -7.12 -15.41 -50.03
CA VAL B 93 -7.55 -14.10 -49.58
C VAL B 93 -6.71 -13.73 -48.36
N TYR B 94 -6.30 -12.47 -48.28
CA TYR B 94 -5.42 -12.00 -47.22
C TYR B 94 -6.16 -10.90 -46.49
N TYR B 95 -6.73 -11.23 -45.34
CA TYR B 95 -7.43 -10.28 -44.51
C TYR B 95 -6.45 -9.64 -43.54
N CYS B 96 -6.53 -8.32 -43.39
CA CYS B 96 -5.77 -7.65 -42.34
CA CYS B 96 -5.78 -7.63 -42.35
C CYS B 96 -6.67 -7.43 -41.14
N ALA B 97 -6.18 -7.79 -39.97
CA ALA B 97 -7.03 -7.83 -38.78
C ALA B 97 -6.29 -7.26 -37.58
N ARG B 98 -7.02 -6.50 -36.78
CA ARG B 98 -6.49 -5.89 -35.57
CA ARG B 98 -6.49 -5.89 -35.57
C ARG B 98 -7.11 -6.54 -34.34
N GLU B 99 -6.31 -6.61 -33.27
CA GLU B 99 -6.82 -7.08 -31.99
C GLU B 99 -7.75 -6.03 -31.40
N GLY B 100 -8.84 -6.48 -30.78
CA GLY B 100 -9.79 -5.58 -30.18
C GLY B 100 -9.46 -5.30 -28.72
N THR B 101 -10.35 -4.53 -28.09
CA THR B 101 -10.16 -4.12 -26.71
C THR B 101 -11.49 -4.23 -25.96
N THR B 102 -11.41 -4.23 -24.63
CA THR B 102 -12.61 -4.22 -23.81
C THR B 102 -13.26 -2.85 -23.85
N GLY B 103 -14.59 -2.84 -23.78
CA GLY B 103 -15.35 -1.62 -23.90
C GLY B 103 -15.45 -1.14 -25.33
N TRP B 104 -16.39 -0.22 -25.54
CA TRP B 104 -16.58 0.37 -26.87
C TRP B 104 -15.58 1.50 -27.08
N GLY B 105 -14.41 1.13 -27.57
CA GLY B 105 -13.39 2.08 -27.88
C GLY B 105 -12.19 1.47 -28.57
N TRP B 106 -11.05 2.17 -28.45
CA TRP B 106 -9.79 1.66 -28.98
C TRP B 106 -8.61 2.00 -28.09
N LEU B 107 -8.83 2.12 -26.78
CA LEU B 107 -7.78 2.59 -25.87
C LEU B 107 -7.58 1.73 -24.63
N GLY B 108 -8.58 0.96 -24.19
CA GLY B 108 -8.49 0.22 -22.95
C GLY B 108 -7.68 -1.05 -23.02
N LYS B 109 -8.07 -2.02 -22.20
CA LYS B 109 -7.36 -3.29 -22.13
C LYS B 109 -7.67 -4.14 -23.35
N PRO B 110 -6.67 -4.72 -24.01
CA PRO B 110 -6.93 -5.60 -25.16
C PRO B 110 -7.47 -6.94 -24.71
N ILE B 111 -8.04 -7.68 -25.66
CA ILE B 111 -8.72 -8.93 -25.38
C ILE B 111 -7.90 -10.14 -25.81
N GLY B 112 -7.07 -10.00 -26.83
CA GLY B 112 -6.36 -11.13 -27.40
C GLY B 112 -7.06 -11.76 -28.58
N ALA B 113 -8.13 -11.16 -29.07
CA ALA B 113 -8.93 -11.75 -30.13
C ALA B 113 -9.05 -10.77 -31.28
N PHE B 114 -9.18 -11.32 -32.50
CA PHE B 114 -9.24 -10.51 -33.72
C PHE B 114 -10.66 -9.96 -33.82
N ALA B 115 -10.92 -8.88 -33.09
CA ALA B 115 -12.28 -8.36 -33.02
C ALA B 115 -12.63 -7.51 -34.24
N HIS B 116 -11.92 -6.40 -34.42
CA HIS B 116 -12.14 -5.55 -35.57
C HIS B 116 -11.34 -6.08 -36.76
N TRP B 117 -11.90 -5.98 -37.94
CA TRP B 117 -11.33 -6.63 -39.11
C TRP B 117 -11.29 -5.66 -40.28
N GLY B 118 -10.86 -6.18 -41.43
CA GLY B 118 -10.80 -5.41 -42.65
C GLY B 118 -11.55 -6.12 -43.76
N GLN B 119 -11.67 -5.44 -44.90
CA GLN B 119 -12.51 -5.97 -45.97
C GLN B 119 -11.87 -7.16 -46.69
N GLY B 120 -10.54 -7.25 -46.71
CA GLY B 120 -9.88 -8.35 -47.36
C GLY B 120 -9.91 -8.31 -48.88
N THR B 121 -8.80 -8.68 -49.51
CA THR B 121 -8.76 -8.83 -50.96
C THR B 121 -8.09 -10.14 -51.31
N LEU B 122 -8.65 -10.84 -52.29
CA LEU B 122 -8.08 -12.11 -52.76
C LEU B 122 -6.76 -11.82 -53.47
N VAL B 123 -5.68 -12.37 -52.94
CA VAL B 123 -4.35 -12.18 -53.50
C VAL B 123 -4.10 -13.38 -54.39
N THR B 124 -4.47 -13.25 -55.66
CA THR B 124 -4.40 -14.34 -56.63
C THR B 124 -3.46 -13.95 -57.76
N VAL B 125 -2.48 -14.82 -58.05
CA VAL B 125 -1.47 -14.53 -59.05
C VAL B 125 -2.11 -14.67 -60.44
N SER B 126 -1.52 -14.00 -61.42
CA SER B 126 -2.02 -13.99 -62.79
C SER B 126 -1.05 -14.73 -63.70
N SER B 127 -1.60 -15.61 -64.55
CA SER B 127 -0.77 -16.27 -65.55
C SER B 127 -0.76 -15.50 -66.87
N ALA B 128 -1.92 -15.33 -67.48
CA ALA B 128 -2.02 -14.75 -68.81
C ALA B 128 -2.28 -13.24 -68.73
N SER B 129 -2.61 -12.63 -69.85
CA SER B 129 -3.09 -11.27 -69.94
C SER B 129 -4.59 -11.27 -70.25
N THR B 130 -5.17 -10.07 -70.33
CA THR B 130 -6.62 -9.89 -70.34
C THR B 130 -7.26 -10.47 -71.62
N LYS B 131 -8.54 -10.78 -71.50
CA LYS B 131 -9.27 -11.49 -72.55
C LYS B 131 -10.76 -11.26 -72.37
N GLY B 132 -11.42 -10.74 -73.39
CA GLY B 132 -12.86 -10.65 -73.40
C GLY B 132 -13.50 -11.90 -73.97
N PRO B 133 -14.35 -12.55 -73.18
CA PRO B 133 -14.97 -13.80 -73.64
C PRO B 133 -16.18 -13.55 -74.51
N SER B 134 -16.86 -14.63 -74.89
CA SER B 134 -18.15 -14.54 -75.56
C SER B 134 -19.20 -15.23 -74.71
N VAL B 135 -20.45 -14.79 -74.85
CA VAL B 135 -21.56 -15.24 -74.01
C VAL B 135 -22.57 -15.93 -74.91
N PHE B 136 -23.14 -17.04 -74.45
CA PHE B 136 -23.90 -17.93 -75.31
C PHE B 136 -25.29 -18.22 -74.76
N PRO B 137 -26.26 -18.49 -75.64
CA PRO B 137 -27.49 -19.17 -75.23
C PRO B 137 -27.26 -20.67 -75.11
N LEU B 138 -27.24 -21.17 -73.88
CA LEU B 138 -27.13 -22.61 -73.66
C LEU B 138 -28.52 -23.23 -73.71
N ALA B 139 -28.78 -23.97 -74.79
CA ALA B 139 -30.10 -24.53 -75.05
C ALA B 139 -30.39 -25.67 -74.07
N PRO B 140 -31.67 -25.87 -73.70
CA PRO B 140 -32.01 -27.03 -72.87
C PRO B 140 -31.95 -28.34 -73.63
N GLY B 148 -42.71 -26.87 -70.50
CA GLY B 148 -42.99 -26.73 -69.08
C GLY B 148 -41.97 -25.89 -68.34
N THR B 149 -40.71 -26.30 -68.39
CA THR B 149 -39.62 -25.56 -67.76
C THR B 149 -38.37 -25.75 -68.61
N ALA B 150 -37.96 -24.68 -69.31
CA ALA B 150 -36.77 -24.73 -70.15
C ALA B 150 -35.57 -24.22 -69.37
N ALA B 151 -34.55 -25.06 -69.24
CA ALA B 151 -33.31 -24.59 -68.67
C ALA B 151 -32.52 -23.78 -69.69
N LEU B 152 -31.57 -22.99 -69.19
CA LEU B 152 -30.89 -21.98 -69.98
C LEU B 152 -29.71 -21.47 -69.18
N GLY B 153 -28.63 -21.14 -69.89
CA GLY B 153 -27.46 -20.58 -69.24
C GLY B 153 -26.79 -19.56 -70.15
N CYS B 154 -25.91 -18.77 -69.55
CA CYS B 154 -25.02 -17.88 -70.27
C CYS B 154 -23.60 -18.17 -69.81
N LEU B 155 -22.89 -18.99 -70.59
CA LEU B 155 -21.58 -19.51 -70.23
C LEU B 155 -20.55 -18.42 -70.50
N VAL B 156 -20.04 -17.82 -69.42
CA VAL B 156 -18.96 -16.85 -69.56
C VAL B 156 -17.67 -17.64 -69.39
N LYS B 157 -17.11 -18.12 -70.49
CA LYS B 157 -16.12 -19.19 -70.47
C LYS B 157 -14.79 -18.72 -71.06
N ASP B 158 -13.71 -19.10 -70.37
CA ASP B 158 -12.31 -18.90 -70.80
C ASP B 158 -11.98 -17.42 -71.00
N TYR B 159 -12.05 -16.67 -69.90
CA TYR B 159 -11.76 -15.24 -69.91
C TYR B 159 -10.56 -14.93 -69.03
N PHE B 160 -10.23 -13.65 -68.95
CA PHE B 160 -9.22 -13.16 -68.03
C PHE B 160 -9.53 -11.69 -67.76
N PRO B 161 -9.55 -11.25 -66.51
CA PRO B 161 -9.48 -12.03 -65.27
C PRO B 161 -10.81 -12.12 -64.52
N GLU B 162 -10.78 -12.72 -63.33
N GLU B 162 -10.77 -12.72 -63.33
CA GLU B 162 -11.96 -12.83 -62.49
CA GLU B 162 -11.95 -12.82 -62.48
C GLU B 162 -12.31 -11.46 -61.90
C GLU B 162 -12.31 -11.46 -61.90
N PRO B 163 -13.59 -11.24 -61.54
CA PRO B 163 -14.81 -12.00 -61.82
C PRO B 163 -15.80 -11.34 -62.79
N VAL B 164 -16.78 -12.11 -63.24
N VAL B 164 -16.81 -12.11 -63.21
CA VAL B 164 -17.91 -11.56 -63.95
CA VAL B 164 -17.91 -11.62 -64.04
C VAL B 164 -19.15 -11.81 -63.10
C VAL B 164 -19.22 -11.95 -63.33
N THR B 165 -20.18 -11.04 -63.36
CA THR B 165 -21.50 -11.26 -62.78
C THR B 165 -22.50 -11.48 -63.91
N VAL B 166 -23.63 -12.10 -63.56
CA VAL B 166 -24.66 -12.45 -64.53
C VAL B 166 -26.01 -12.01 -63.97
N SER B 167 -26.69 -11.13 -64.70
CA SER B 167 -28.05 -10.72 -64.39
C SER B 167 -28.86 -10.76 -65.67
N TRP B 168 -30.07 -11.31 -65.59
CA TRP B 168 -30.90 -11.59 -66.76
C TRP B 168 -31.94 -10.50 -66.92
N ASN B 169 -32.09 -10.01 -68.16
CA ASN B 169 -33.01 -8.93 -68.55
C ASN B 169 -32.78 -7.66 -67.74
N SER B 170 -31.48 -7.31 -67.60
CA SER B 170 -30.99 -6.17 -66.81
C SER B 170 -31.47 -6.25 -65.35
N GLY B 171 -31.50 -7.46 -64.81
CA GLY B 171 -31.92 -7.67 -63.44
C GLY B 171 -33.41 -7.64 -63.19
N ALA B 172 -34.23 -7.54 -64.24
CA ALA B 172 -35.67 -7.58 -64.06
C ALA B 172 -36.12 -8.95 -63.57
N LEU B 173 -35.68 -10.01 -64.24
CA LEU B 173 -35.78 -11.34 -63.66
C LEU B 173 -34.78 -11.44 -62.52
N THR B 174 -35.27 -11.64 -61.30
CA THR B 174 -34.42 -11.52 -60.12
C THR B 174 -34.52 -12.76 -59.25
N SER B 175 -35.66 -13.42 -59.27
CA SER B 175 -35.86 -14.62 -58.47
CA SER B 175 -35.87 -14.63 -58.48
C SER B 175 -35.49 -15.87 -59.28
N GLY B 176 -35.23 -16.95 -58.55
CA GLY B 176 -34.85 -18.21 -59.19
C GLY B 176 -33.48 -18.22 -59.81
N VAL B 177 -32.60 -17.29 -59.43
CA VAL B 177 -31.28 -17.21 -60.05
C VAL B 177 -30.33 -18.21 -59.40
N HIS B 178 -29.40 -18.71 -60.22
CA HIS B 178 -28.44 -19.72 -59.76
C HIS B 178 -27.13 -19.47 -60.51
N THR B 179 -26.27 -18.64 -59.92
CA THR B 179 -24.95 -18.42 -60.47
C THR B 179 -23.99 -19.49 -59.97
N PHE B 180 -22.84 -19.59 -60.64
CA PHE B 180 -21.81 -20.54 -60.26
C PHE B 180 -20.46 -19.84 -60.31
N PRO B 181 -19.58 -20.10 -59.33
CA PRO B 181 -18.37 -19.30 -59.19
C PRO B 181 -17.35 -19.54 -60.31
N ALA B 182 -16.46 -18.57 -60.46
CA ALA B 182 -15.40 -18.64 -61.46
C ALA B 182 -14.35 -19.67 -61.06
N VAL B 183 -13.72 -20.26 -62.06
CA VAL B 183 -12.81 -21.38 -61.87
C VAL B 183 -11.41 -20.96 -62.31
N LEU B 184 -10.40 -21.30 -61.49
CA LEU B 184 -9.00 -21.23 -61.87
C LEU B 184 -8.69 -22.52 -62.62
N GLN B 185 -9.11 -22.57 -63.88
CA GLN B 185 -9.17 -23.82 -64.62
C GLN B 185 -7.80 -24.16 -65.22
N SER B 186 -7.77 -25.19 -66.07
CA SER B 186 -6.54 -25.74 -66.62
C SER B 186 -6.26 -25.27 -68.03
N SER B 187 -6.60 -24.01 -68.35
CA SER B 187 -6.34 -23.44 -69.66
C SER B 187 -5.57 -22.14 -69.61
N GLY B 188 -5.19 -21.66 -68.42
CA GLY B 188 -4.62 -20.34 -68.26
C GLY B 188 -5.62 -19.22 -68.28
N LEU B 189 -6.90 -19.52 -68.43
CA LEU B 189 -7.98 -18.55 -68.49
C LEU B 189 -8.95 -18.87 -67.34
N TYR B 190 -10.09 -18.18 -67.30
CA TYR B 190 -11.10 -18.44 -66.28
C TYR B 190 -12.47 -18.58 -66.93
N SER B 191 -13.23 -19.56 -66.49
CA SER B 191 -14.59 -19.80 -66.98
CA SER B 191 -14.59 -19.80 -66.99
C SER B 191 -15.59 -19.58 -65.86
N LEU B 192 -16.86 -19.43 -66.26
CA LEU B 192 -17.94 -19.21 -65.30
C LEU B 192 -19.24 -19.67 -65.92
N SER B 193 -20.15 -20.13 -65.07
CA SER B 193 -21.48 -20.58 -65.48
CA SER B 193 -21.47 -20.59 -65.48
C SER B 193 -22.54 -19.91 -64.62
N SER B 194 -23.75 -19.81 -65.18
CA SER B 194 -24.88 -19.20 -64.49
C SER B 194 -26.16 -19.61 -65.17
N VAL B 195 -27.11 -20.17 -64.41
CA VAL B 195 -28.38 -20.61 -64.94
C VAL B 195 -29.52 -19.92 -64.18
N VAL B 196 -30.69 -19.92 -64.81
CA VAL B 196 -31.95 -19.55 -64.18
C VAL B 196 -33.01 -20.56 -64.61
N THR B 197 -34.23 -20.38 -64.10
CA THR B 197 -35.34 -21.29 -64.34
C THR B 197 -36.48 -20.53 -65.02
N VAL B 198 -36.71 -20.79 -66.30
CA VAL B 198 -37.83 -20.20 -67.03
C VAL B 198 -38.67 -21.34 -67.60
N PRO B 199 -39.94 -21.06 -67.95
CA PRO B 199 -40.73 -22.05 -68.67
C PRO B 199 -40.33 -22.17 -70.13
N SER B 200 -40.89 -23.19 -70.79
CA SER B 200 -40.61 -23.42 -72.21
C SER B 200 -41.51 -22.59 -73.11
N SER B 201 -42.76 -22.36 -72.71
CA SER B 201 -43.74 -21.70 -73.57
C SER B 201 -43.46 -20.20 -73.75
N SER B 202 -42.67 -19.60 -72.86
CA SER B 202 -42.34 -18.19 -72.95
C SER B 202 -41.00 -17.94 -73.63
N LEU B 203 -40.63 -18.80 -74.58
CA LEU B 203 -39.38 -18.63 -75.32
C LEU B 203 -39.47 -17.44 -76.27
N GLY B 204 -40.49 -17.43 -77.14
CA GLY B 204 -40.64 -16.37 -78.11
C GLY B 204 -41.36 -15.14 -77.62
N THR B 205 -41.95 -15.19 -76.42
CA THR B 205 -42.66 -14.02 -75.89
C THR B 205 -41.72 -13.14 -75.07
N GLN B 206 -41.13 -13.70 -74.02
CA GLN B 206 -40.14 -13.00 -73.20
C GLN B 206 -38.75 -13.46 -73.64
N THR B 207 -37.96 -12.53 -74.17
N THR B 207 -37.96 -12.53 -74.17
CA THR B 207 -36.61 -12.82 -74.62
CA THR B 207 -36.61 -12.81 -74.61
C THR B 207 -35.66 -12.67 -73.44
C THR B 207 -35.66 -12.66 -73.43
N TYR B 208 -35.10 -13.79 -72.98
CA TYR B 208 -34.19 -13.77 -71.84
C TYR B 208 -32.83 -13.27 -72.28
N ILE B 209 -32.43 -12.11 -71.77
CA ILE B 209 -31.22 -11.44 -72.21
C ILE B 209 -30.34 -11.23 -70.98
N CYS B 210 -29.37 -12.12 -70.77
CA CYS B 210 -28.41 -12.00 -69.68
CA CYS B 210 -28.51 -11.89 -69.63
C CYS B 210 -27.48 -10.80 -69.92
N ASN B 211 -26.96 -10.23 -68.84
CA ASN B 211 -26.03 -9.11 -68.91
C ASN B 211 -24.80 -9.47 -68.09
N VAL B 212 -23.64 -9.34 -68.72
CA VAL B 212 -22.38 -9.72 -68.08
C VAL B 212 -21.58 -8.46 -67.78
N ASN B 213 -20.70 -8.56 -66.79
CA ASN B 213 -19.89 -7.41 -66.35
C ASN B 213 -18.47 -7.92 -66.11
N HIS B 214 -17.64 -7.83 -67.15
CA HIS B 214 -16.22 -8.14 -67.06
C HIS B 214 -15.46 -6.82 -67.09
N LYS B 215 -15.11 -6.31 -65.90
CA LYS B 215 -14.56 -4.96 -65.82
C LYS B 215 -13.10 -4.75 -66.26
N PRO B 216 -12.13 -5.66 -66.08
CA PRO B 216 -10.79 -5.37 -66.65
C PRO B 216 -10.65 -5.71 -68.11
N SER B 217 -11.55 -6.52 -68.68
CA SER B 217 -11.55 -6.83 -70.10
C SER B 217 -12.51 -5.97 -70.89
N ASN B 218 -13.44 -5.30 -70.21
CA ASN B 218 -14.37 -4.31 -70.78
C ASN B 218 -15.25 -4.91 -71.88
N THR B 219 -16.05 -5.89 -71.48
CA THR B 219 -17.09 -6.44 -72.34
C THR B 219 -18.37 -6.60 -71.52
N LYS B 220 -19.37 -5.77 -71.82
CA LYS B 220 -20.67 -5.80 -71.16
C LYS B 220 -21.71 -5.75 -72.28
N VAL B 221 -22.06 -6.92 -72.79
CA VAL B 221 -22.94 -7.05 -73.94
C VAL B 221 -24.27 -7.63 -73.48
N ASP B 222 -25.35 -7.18 -74.12
CA ASP B 222 -26.62 -7.87 -74.02
C ASP B 222 -26.59 -9.07 -74.95
N LYS B 223 -27.02 -10.22 -74.45
CA LYS B 223 -26.88 -11.47 -75.19
C LYS B 223 -28.20 -12.23 -75.20
N LYS B 224 -28.63 -12.63 -76.39
CA LYS B 224 -29.90 -13.31 -76.56
C LYS B 224 -29.84 -14.75 -76.04
N VAL B 225 -30.95 -15.20 -75.46
CA VAL B 225 -31.20 -16.62 -75.20
C VAL B 225 -32.56 -16.92 -75.79
N GLU B 226 -32.58 -17.47 -77.01
CA GLU B 226 -33.80 -17.92 -77.67
C GLU B 226 -33.55 -19.32 -78.24
N PRO B 227 -33.53 -20.35 -77.39
CA PRO B 227 -33.21 -21.69 -77.88
C PRO B 227 -34.37 -22.35 -78.63
N GLU C 1 -24.62 12.48 -31.92
CA GLU C 1 -24.35 13.73 -32.63
C GLU C 1 -24.74 14.93 -31.79
N ILE C 2 -23.81 15.87 -31.64
CA ILE C 2 -24.04 17.10 -30.91
C ILE C 2 -24.19 18.22 -31.95
N VAL C 3 -25.38 18.83 -31.98
CA VAL C 3 -25.69 19.89 -32.94
C VAL C 3 -25.66 21.23 -32.21
N LEU C 4 -25.06 22.24 -32.84
CA LEU C 4 -24.87 23.55 -32.23
C LEU C 4 -25.57 24.61 -33.07
N THR C 5 -26.39 25.44 -32.42
CA THR C 5 -27.03 26.58 -33.04
C THR C 5 -26.71 27.80 -32.18
N GLN C 6 -25.83 28.66 -32.67
CA GLN C 6 -25.43 29.85 -31.92
C GLN C 6 -26.54 30.90 -32.00
N SER C 7 -26.97 31.38 -30.84
CA SER C 7 -28.11 32.28 -30.76
C SER C 7 -27.67 33.64 -30.23
N PRO C 8 -28.11 34.75 -30.85
CA PRO C 8 -28.96 34.81 -32.06
C PRO C 8 -28.15 34.70 -33.35
N GLY C 9 -28.75 35.15 -34.47
CA GLY C 9 -28.01 35.17 -35.72
C GLY C 9 -26.91 36.22 -35.71
N THR C 10 -27.26 37.45 -35.32
CA THR C 10 -26.30 38.53 -35.17
C THR C 10 -26.82 39.50 -34.13
N GLN C 11 -25.99 40.50 -33.81
CA GLN C 11 -26.34 41.51 -32.81
C GLN C 11 -25.73 42.85 -33.23
N SER C 12 -26.59 43.76 -33.71
CA SER C 12 -26.15 45.10 -34.09
C SER C 12 -25.92 45.94 -32.84
N LEU C 13 -24.69 45.93 -32.33
CA LEU C 13 -24.37 46.49 -31.02
C LEU C 13 -23.40 47.65 -31.17
N SER C 14 -23.72 48.77 -30.53
CA SER C 14 -22.83 49.92 -30.49
C SER C 14 -21.63 49.61 -29.62
N PRO C 15 -20.49 50.28 -29.85
CA PRO C 15 -19.35 50.16 -28.93
C PRO C 15 -19.68 50.69 -27.55
N GLY C 16 -19.79 49.78 -26.59
CA GLY C 16 -20.24 50.09 -25.25
C GLY C 16 -21.55 49.43 -24.87
N GLU C 17 -22.21 48.74 -25.79
CA GLU C 17 -23.50 48.12 -25.55
C GLU C 17 -23.30 46.69 -25.04
N ARG C 18 -24.29 46.18 -24.31
CA ARG C 18 -24.23 44.85 -23.72
C ARG C 18 -24.31 43.78 -24.80
N ALA C 19 -23.38 42.82 -24.76
CA ALA C 19 -23.31 41.75 -25.73
C ALA C 19 -23.81 40.46 -25.11
N THR C 20 -25.00 40.03 -25.53
CA THR C 20 -25.64 38.81 -25.04
C THR C 20 -25.58 37.77 -26.16
N LEU C 21 -24.48 37.01 -26.19
CA LEU C 21 -24.32 35.90 -27.12
C LEU C 21 -24.49 34.58 -26.38
N SER C 22 -24.94 33.56 -27.10
CA SER C 22 -25.16 32.26 -26.49
CA SER C 22 -25.15 32.27 -26.49
C SER C 22 -25.00 31.18 -27.55
N CYS C 23 -24.75 29.96 -27.10
CA CYS C 23 -24.61 28.84 -28.00
C CYS C 23 -25.40 27.68 -27.38
N ARG C 24 -26.16 26.99 -28.22
CA ARG C 24 -27.13 26.00 -27.77
CA ARG C 24 -27.12 26.00 -27.75
C ARG C 24 -26.72 24.61 -28.22
N ALA C 25 -26.67 23.67 -27.27
CA ALA C 25 -26.36 22.28 -27.53
C ALA C 25 -27.59 21.41 -27.30
N SER C 26 -27.58 20.20 -27.86
CA SER C 26 -28.71 19.30 -27.76
C SER C 26 -28.57 18.32 -26.59
N GLN C 27 -27.53 17.50 -26.61
CA GLN C 27 -27.36 16.45 -25.60
C GLN C 27 -26.44 16.94 -24.48
N SER C 28 -26.09 16.03 -23.58
CA SER C 28 -25.28 16.36 -22.41
CA SER C 28 -25.28 16.36 -22.41
C SER C 28 -23.81 16.44 -22.82
N VAL C 29 -23.27 17.65 -22.88
CA VAL C 29 -21.85 17.87 -23.10
C VAL C 29 -21.29 18.12 -21.70
N GLY C 30 -20.84 17.05 -21.06
CA GLY C 30 -20.44 17.13 -19.67
C GLY C 30 -19.12 17.86 -19.46
N ASN C 31 -18.82 18.09 -18.19
CA ASN C 31 -17.59 18.73 -17.69
C ASN C 31 -17.39 20.15 -18.20
N ASN C 32 -18.46 20.79 -18.70
CA ASN C 32 -18.48 22.18 -19.16
C ASN C 32 -17.44 22.40 -20.26
N LYS C 33 -17.47 21.53 -21.27
CA LYS C 33 -16.49 21.51 -22.35
CA LYS C 33 -16.48 21.53 -22.35
C LYS C 33 -16.95 22.35 -23.55
N LEU C 34 -17.22 23.63 -23.29
CA LEU C 34 -17.60 24.59 -24.33
C LEU C 34 -16.64 25.76 -24.34
N ALA C 35 -16.23 26.17 -25.54
CA ALA C 35 -15.32 27.31 -25.67
C ALA C 35 -15.98 28.41 -26.50
N TRP C 36 -15.22 29.48 -26.73
CA TRP C 36 -15.71 30.63 -27.48
C TRP C 36 -14.58 31.15 -28.36
N TYR C 37 -14.88 31.36 -29.64
CA TYR C 37 -13.87 31.68 -30.63
C TYR C 37 -14.22 32.97 -31.35
N GLN C 38 -13.22 33.59 -31.98
CA GLN C 38 -13.42 34.80 -32.74
C GLN C 38 -12.37 34.91 -33.83
N GLN C 39 -12.83 35.13 -35.07
CA GLN C 39 -11.94 35.30 -36.21
C GLN C 39 -12.04 36.71 -36.77
N ARG C 40 -10.89 37.33 -36.99
CA ARG C 40 -10.75 38.57 -37.73
C ARG C 40 -10.08 38.29 -39.06
N PRO C 41 -10.34 39.10 -40.09
CA PRO C 41 -9.63 38.92 -41.38
C PRO C 41 -8.15 39.22 -41.22
N GLY C 42 -7.32 38.33 -41.76
CA GLY C 42 -5.91 38.31 -41.48
C GLY C 42 -5.52 37.52 -40.25
N GLN C 43 -6.48 37.18 -39.40
CA GLN C 43 -6.26 36.39 -38.20
C GLN C 43 -6.97 35.05 -38.32
N ALA C 44 -6.62 34.15 -37.41
CA ALA C 44 -7.28 32.87 -37.28
C ALA C 44 -8.49 33.03 -36.36
N PRO C 45 -9.38 32.02 -36.26
CA PRO C 45 -10.33 32.00 -35.15
C PRO C 45 -9.60 31.87 -33.82
N ARG C 46 -9.64 32.94 -33.03
CA ARG C 46 -8.87 33.05 -31.80
CA ARG C 46 -8.86 33.05 -31.80
C ARG C 46 -9.73 32.65 -30.61
N LEU C 47 -9.17 31.82 -29.73
CA LEU C 47 -9.86 31.39 -28.53
C LEU C 47 -9.95 32.54 -27.54
N LEU C 48 -11.15 33.08 -27.36
CA LEU C 48 -11.33 34.16 -26.40
C LEU C 48 -11.75 33.65 -25.02
N ILE C 49 -12.57 32.60 -24.97
CA ILE C 49 -13.00 31.99 -23.71
C ILE C 49 -12.99 30.48 -23.92
N TYR C 50 -12.29 29.75 -23.05
CA TYR C 50 -12.34 28.30 -23.03
C TYR C 50 -13.04 27.83 -21.76
N GLY C 51 -13.61 26.62 -21.84
CA GLY C 51 -14.28 26.00 -20.72
C GLY C 51 -15.61 26.61 -20.33
N ALA C 52 -16.03 27.71 -20.98
CA ALA C 52 -17.30 28.44 -20.84
C ALA C 52 -17.47 29.10 -19.47
N SER C 53 -16.54 28.89 -18.55
CA SER C 53 -16.38 29.66 -17.33
C SER C 53 -14.94 30.07 -17.04
N SER C 54 -13.96 29.32 -17.52
CA SER C 54 -12.55 29.65 -17.34
C SER C 54 -12.13 30.73 -18.32
N ARG C 55 -10.93 31.27 -18.10
CA ARG C 55 -10.42 32.37 -18.89
CA ARG C 55 -10.43 32.37 -18.90
C ARG C 55 -9.04 32.01 -19.44
N PRO C 56 -8.81 32.20 -20.74
CA PRO C 56 -7.47 31.97 -21.30
C PRO C 56 -6.47 33.03 -20.82
N SER C 57 -5.22 32.82 -21.19
CA SER C 57 -4.16 33.78 -20.91
C SER C 57 -3.96 34.69 -22.11
N GLY C 58 -3.90 36.00 -21.84
CA GLY C 58 -3.72 37.00 -22.88
C GLY C 58 -5.01 37.65 -23.36
N VAL C 59 -6.17 37.04 -23.09
CA VAL C 59 -7.43 37.62 -23.51
C VAL C 59 -7.83 38.74 -22.56
N ALA C 60 -8.77 39.57 -23.00
CA ALA C 60 -9.26 40.65 -22.17
C ALA C 60 -10.21 40.12 -21.11
N ASP C 61 -10.51 40.97 -20.12
CA ASP C 61 -11.30 40.56 -18.97
C ASP C 61 -12.80 40.76 -19.16
N ARG C 62 -13.20 41.62 -20.10
CA ARG C 62 -14.62 41.81 -20.38
C ARG C 62 -15.23 40.61 -21.11
N PHE C 63 -14.41 39.78 -21.75
CA PHE C 63 -14.90 38.50 -22.25
C PHE C 63 -15.14 37.55 -21.08
N SER C 64 -16.35 36.99 -21.03
CA SER C 64 -16.72 36.08 -19.96
CA SER C 64 -16.72 36.08 -19.96
C SER C 64 -17.84 35.17 -20.45
N GLY C 65 -17.72 33.89 -20.15
CA GLY C 65 -18.74 32.92 -20.47
C GLY C 65 -19.64 32.67 -19.29
N SER C 66 -20.84 32.18 -19.57
CA SER C 66 -21.81 31.84 -18.54
C SER C 66 -22.69 30.72 -19.05
N GLY C 67 -23.62 30.28 -18.20
CA GLY C 67 -24.48 29.17 -18.54
C GLY C 67 -23.83 27.83 -18.29
N SER C 68 -24.65 26.84 -17.93
CA SER C 68 -24.15 25.49 -17.68
CA SER C 68 -24.15 25.49 -17.68
C SER C 68 -25.30 24.51 -17.90
N GLY C 69 -25.04 23.24 -17.62
CA GLY C 69 -26.07 22.23 -17.84
C GLY C 69 -26.04 21.71 -19.25
N THR C 70 -26.92 22.27 -20.09
CA THR C 70 -26.98 21.97 -21.50
C THR C 70 -26.72 23.19 -22.38
N ASP C 71 -27.12 24.38 -21.94
N ASP C 71 -27.08 24.39 -21.90
CA ASP C 71 -26.96 25.60 -22.72
CA ASP C 71 -26.98 25.61 -22.67
C ASP C 71 -25.99 26.55 -22.04
C ASP C 71 -25.98 26.56 -22.02
N PHE C 72 -25.30 27.34 -22.85
CA PHE C 72 -24.19 28.18 -22.42
C PHE C 72 -24.32 29.55 -23.10
N THR C 73 -23.58 30.54 -22.58
CA THR C 73 -23.83 31.93 -22.91
C THR C 73 -22.56 32.77 -22.77
N LEU C 74 -22.25 33.56 -23.81
CA LEU C 74 -21.12 34.48 -23.79
C LEU C 74 -21.59 35.87 -23.36
N THR C 75 -20.83 36.50 -22.46
CA THR C 75 -21.22 37.78 -21.89
C THR C 75 -20.10 38.80 -22.01
N ILE C 76 -20.41 39.97 -22.57
CA ILE C 76 -19.54 41.13 -22.57
C ILE C 76 -20.37 42.33 -22.12
N SER C 77 -19.88 43.07 -21.13
CA SER C 77 -20.64 44.20 -20.61
C SER C 77 -20.47 45.44 -21.49
N ARG C 78 -19.24 45.95 -21.61
CA ARG C 78 -18.96 47.14 -22.39
C ARG C 78 -18.04 46.76 -23.55
N LEU C 79 -18.47 47.07 -24.76
CA LEU C 79 -17.84 46.56 -25.97
C LEU C 79 -16.76 47.54 -26.44
N GLU C 80 -15.50 47.11 -26.35
CA GLU C 80 -14.40 47.83 -26.97
C GLU C 80 -14.45 47.62 -28.49
N PRO C 81 -13.90 48.56 -29.28
CA PRO C 81 -14.00 48.44 -30.75
C PRO C 81 -13.25 47.24 -31.36
N GLU C 82 -12.33 46.62 -30.65
CA GLU C 82 -11.67 45.43 -31.16
C GLU C 82 -12.46 44.15 -30.91
N ASP C 83 -13.61 44.26 -30.23
CA ASP C 83 -14.43 43.10 -29.90
C ASP C 83 -15.50 42.82 -30.96
N PHE C 84 -15.33 43.33 -32.17
CA PHE C 84 -16.38 43.30 -33.19
C PHE C 84 -15.90 42.48 -34.39
N ALA C 85 -16.19 41.18 -34.34
CA ALA C 85 -15.94 40.28 -35.45
C ALA C 85 -16.97 39.16 -35.36
N VAL C 86 -16.74 38.07 -36.08
CA VAL C 86 -17.61 36.90 -35.99
C VAL C 86 -17.21 36.09 -34.76
N TYR C 87 -18.19 35.62 -33.99
CA TYR C 87 -17.96 34.95 -32.73
C TYR C 87 -18.57 33.55 -32.76
N TYR C 88 -17.72 32.54 -32.65
CA TYR C 88 -18.15 31.15 -32.63
C TYR C 88 -18.07 30.58 -31.21
N CYS C 89 -18.80 29.48 -31.01
CA CYS C 89 -18.60 28.63 -29.84
C CYS C 89 -18.05 27.30 -30.34
N GLN C 90 -17.66 26.42 -29.42
CA GLN C 90 -17.25 25.08 -29.80
C GLN C 90 -17.39 24.15 -28.61
N GLN C 91 -18.10 23.05 -28.80
CA GLN C 91 -18.07 21.95 -27.86
C GLN C 91 -16.96 20.99 -28.24
N TYR C 92 -16.33 20.40 -27.22
CA TYR C 92 -15.38 19.31 -27.43
C TYR C 92 -15.56 18.25 -26.34
N GLY C 93 -16.82 17.93 -26.04
CA GLY C 93 -17.10 16.90 -25.05
C GLY C 93 -16.87 15.49 -25.53
N GLN C 94 -16.95 15.26 -26.84
CA GLN C 94 -16.82 13.92 -27.40
C GLN C 94 -15.76 13.88 -28.49
N SER C 95 -15.71 12.76 -29.23
CA SER C 95 -14.89 12.67 -30.44
C SER C 95 -15.23 13.77 -31.43
N LEU C 96 -16.49 13.84 -31.84
CA LEU C 96 -16.94 14.91 -32.71
C LEU C 96 -16.99 16.21 -31.93
N SER C 97 -16.26 17.22 -32.39
CA SER C 97 -16.18 18.50 -31.72
C SER C 97 -16.50 19.59 -32.74
N THR C 98 -17.78 19.86 -32.94
CA THR C 98 -18.20 20.84 -33.93
C THR C 98 -18.26 22.22 -33.31
N PHE C 99 -18.33 23.24 -34.16
CA PHE C 99 -18.28 24.62 -33.74
C PHE C 99 -19.67 25.26 -33.77
N GLY C 100 -19.79 26.38 -33.07
CA GLY C 100 -20.90 27.28 -33.34
C GLY C 100 -20.72 27.94 -34.70
N GLN C 101 -21.84 28.16 -35.38
CA GLN C 101 -21.80 28.68 -36.75
CA GLN C 101 -21.77 28.67 -36.75
C GLN C 101 -21.38 30.14 -36.80
N GLY C 102 -21.56 30.89 -35.71
CA GLY C 102 -21.09 32.25 -35.67
C GLY C 102 -22.16 33.32 -35.53
N THR C 103 -22.23 33.93 -34.35
CA THR C 103 -23.02 35.14 -34.13
C THR C 103 -22.07 36.31 -34.20
N LYS C 104 -22.05 37.00 -35.33
CA LYS C 104 -21.13 38.11 -35.54
C LYS C 104 -21.61 39.32 -34.75
N VAL C 105 -20.74 39.86 -33.90
CA VAL C 105 -20.96 41.14 -33.27
C VAL C 105 -20.43 42.21 -34.20
N GLU C 106 -21.31 43.07 -34.69
CA GLU C 106 -20.94 44.17 -35.57
C GLU C 106 -21.20 45.49 -34.86
N VAL C 107 -20.47 46.53 -35.27
CA VAL C 107 -20.64 47.85 -34.68
C VAL C 107 -21.97 48.44 -35.13
N LYS C 108 -22.60 49.21 -34.24
CA LYS C 108 -23.81 49.93 -34.58
C LYS C 108 -23.56 51.44 -34.48
N ARG C 109 -23.86 52.14 -35.56
CA ARG C 109 -23.84 53.59 -35.61
C ARG C 109 -25.27 54.10 -35.65
N THR C 110 -25.41 55.40 -35.90
CA THR C 110 -26.74 55.98 -36.13
C THR C 110 -27.20 55.67 -37.56
N VAL C 111 -28.33 56.26 -37.94
CA VAL C 111 -28.89 55.95 -39.25
C VAL C 111 -28.07 56.64 -40.35
N ALA C 112 -27.77 55.88 -41.41
CA ALA C 112 -26.95 56.35 -42.51
C ALA C 112 -27.52 55.86 -43.82
N ALA C 113 -27.62 56.75 -44.79
CA ALA C 113 -28.20 56.43 -46.08
C ALA C 113 -27.11 56.18 -47.11
N PRO C 114 -27.34 55.27 -48.06
CA PRO C 114 -26.35 55.05 -49.12
C PRO C 114 -26.38 56.16 -50.16
N SER C 115 -25.38 56.13 -51.04
CA SER C 115 -25.24 57.10 -52.12
C SER C 115 -25.25 56.32 -53.43
N VAL C 116 -26.43 56.15 -54.00
CA VAL C 116 -26.60 55.34 -55.21
C VAL C 116 -26.16 56.17 -56.41
N PHE C 117 -25.01 55.83 -56.97
CA PHE C 117 -24.53 56.41 -58.22
C PHE C 117 -24.39 55.26 -59.21
N ILE C 118 -25.47 54.98 -59.95
CA ILE C 118 -25.43 53.93 -60.96
C ILE C 118 -24.60 54.40 -62.15
N PHE C 119 -23.84 53.48 -62.73
CA PHE C 119 -22.84 53.80 -63.73
C PHE C 119 -23.25 53.26 -65.10
N PRO C 120 -23.18 54.09 -66.14
CA PRO C 120 -23.23 53.55 -67.50
C PRO C 120 -22.04 52.65 -67.76
N PRO C 121 -22.16 51.71 -68.71
CA PRO C 121 -21.10 50.72 -68.89
C PRO C 121 -19.82 51.29 -69.49
N SER C 122 -18.71 50.65 -69.13
CA SER C 122 -17.39 51.10 -69.51
C SER C 122 -16.98 50.51 -70.86
N ASP C 123 -16.40 51.35 -71.72
CA ASP C 123 -16.08 50.95 -73.09
C ASP C 123 -14.97 49.90 -73.14
N GLU C 124 -14.07 49.89 -72.17
CA GLU C 124 -13.02 48.89 -72.11
CA GLU C 124 -13.02 48.88 -72.14
C GLU C 124 -13.56 47.49 -71.86
N GLN C 125 -14.76 47.38 -71.29
CA GLN C 125 -15.43 46.11 -71.11
C GLN C 125 -16.51 45.88 -72.18
N LEU C 126 -17.00 46.96 -72.79
CA LEU C 126 -17.87 46.85 -73.97
C LEU C 126 -17.13 46.23 -75.15
N LYS C 127 -15.85 46.60 -75.33
CA LYS C 127 -15.09 46.08 -76.46
C LYS C 127 -14.78 44.59 -76.34
N SER C 128 -14.86 44.02 -75.14
CA SER C 128 -14.69 42.59 -74.96
C SER C 128 -16.01 41.82 -74.97
N GLY C 129 -17.13 42.49 -74.71
CA GLY C 129 -18.43 41.85 -74.83
C GLY C 129 -19.23 41.72 -73.57
N THR C 130 -19.07 42.65 -72.62
CA THR C 130 -19.82 42.63 -71.37
CA THR C 130 -19.82 42.63 -71.37
C THR C 130 -20.23 44.05 -71.00
N ALA C 131 -21.51 44.24 -70.69
CA ALA C 131 -22.05 45.54 -70.31
C ALA C 131 -21.83 45.76 -68.82
N SER C 132 -20.98 46.73 -68.48
CA SER C 132 -20.62 46.99 -67.09
C SER C 132 -21.51 48.06 -66.45
N VAL C 133 -22.82 47.80 -66.47
CA VAL C 133 -23.74 48.61 -65.67
C VAL C 133 -23.52 48.26 -64.21
N VAL C 134 -23.10 49.26 -63.43
CA VAL C 134 -22.70 49.05 -62.03
C VAL C 134 -23.55 49.95 -61.14
N CYS C 135 -24.11 49.37 -60.08
CA CYS C 135 -24.77 50.10 -59.01
CA CYS C 135 -24.75 50.13 -59.02
C CYS C 135 -23.84 50.10 -57.80
N LEU C 136 -23.72 51.24 -57.13
CA LEU C 136 -22.79 51.35 -56.04
C LEU C 136 -23.44 52.09 -54.87
N LEU C 137 -23.41 51.46 -53.70
CA LEU C 137 -24.04 51.99 -52.50
C LEU C 137 -22.96 52.19 -51.45
N ASN C 138 -22.71 53.44 -51.08
CA ASN C 138 -21.62 53.80 -50.17
C ASN C 138 -22.19 54.27 -48.85
N ASN C 139 -21.71 53.65 -47.76
CA ASN C 139 -21.88 54.11 -46.39
C ASN C 139 -23.36 54.15 -45.96
N PHE C 140 -23.96 52.96 -45.94
CA PHE C 140 -25.34 52.79 -45.48
C PHE C 140 -25.37 52.09 -44.13
N TYR C 141 -26.48 52.32 -43.41
CA TYR C 141 -26.79 51.64 -42.18
C TYR C 141 -28.26 51.24 -42.26
N PRO C 142 -28.63 50.01 -41.86
CA PRO C 142 -27.81 48.86 -41.44
C PRO C 142 -27.28 48.04 -42.61
N ARG C 143 -26.94 46.78 -42.34
N ARG C 143 -26.96 46.77 -42.33
CA ARG C 143 -26.48 45.87 -43.39
CA ARG C 143 -26.49 45.84 -43.35
C ARG C 143 -27.58 45.46 -44.35
C ARG C 143 -27.58 45.49 -44.36
N GLU C 144 -28.85 45.74 -44.03
CA GLU C 144 -29.95 45.34 -44.90
C GLU C 144 -30.03 46.24 -46.13
N ALA C 145 -29.25 45.90 -47.15
CA ALA C 145 -29.18 46.63 -48.41
C ALA C 145 -29.62 45.70 -49.52
N LYS C 146 -30.86 45.85 -49.98
CA LYS C 146 -31.43 45.00 -51.01
C LYS C 146 -31.53 45.83 -52.29
N VAL C 147 -30.54 45.68 -53.15
CA VAL C 147 -30.54 46.35 -54.46
CA VAL C 147 -30.58 46.38 -54.44
C VAL C 147 -31.37 45.53 -55.42
N GLN C 148 -32.10 46.20 -56.31
CA GLN C 148 -32.92 45.54 -57.33
C GLN C 148 -32.25 45.70 -58.68
N TRP C 149 -31.76 44.58 -59.23
CA TRP C 149 -31.12 44.58 -60.55
C TRP C 149 -32.18 44.71 -61.62
N LYS C 150 -32.62 45.95 -61.83
CA LYS C 150 -33.79 46.23 -62.64
C LYS C 150 -33.37 46.35 -64.09
N VAL C 151 -33.41 45.23 -64.78
CA VAL C 151 -33.10 45.14 -66.21
C VAL C 151 -34.36 45.50 -66.98
N ASP C 152 -34.29 46.61 -67.74
CA ASP C 152 -35.46 47.30 -68.31
C ASP C 152 -36.48 47.62 -67.22
N ASN C 153 -35.95 48.18 -66.12
CA ASN C 153 -36.72 48.54 -64.92
CA ASN C 153 -36.72 48.54 -64.91
C ASN C 153 -37.52 47.36 -64.37
N ALA C 154 -36.90 46.18 -64.39
CA ALA C 154 -37.53 44.96 -63.88
C ALA C 154 -36.44 43.99 -63.43
N LEU C 155 -36.64 43.39 -62.26
CA LEU C 155 -35.62 42.53 -61.66
C LEU C 155 -35.57 41.19 -62.35
N GLN C 156 -34.43 40.89 -62.96
CA GLN C 156 -34.14 39.58 -63.53
C GLN C 156 -33.29 38.78 -62.54
N SER C 157 -32.78 37.63 -62.98
CA SER C 157 -31.97 36.75 -62.13
C SER C 157 -30.79 36.24 -62.93
N GLY C 158 -29.58 36.57 -62.49
CA GLY C 158 -28.39 36.04 -63.11
C GLY C 158 -27.36 37.08 -63.51
N ASN C 159 -27.56 38.32 -63.09
CA ASN C 159 -26.66 39.42 -63.41
C ASN C 159 -26.24 40.19 -62.14
N SER C 160 -25.85 39.47 -61.10
CA SER C 160 -25.48 40.11 -59.83
C SER C 160 -24.37 39.31 -59.18
N GLN C 161 -23.16 39.88 -59.17
CA GLN C 161 -22.05 39.34 -58.39
C GLN C 161 -22.05 40.02 -57.03
N GLU C 162 -22.93 39.53 -56.13
CA GLU C 162 -23.26 40.22 -54.89
C GLU C 162 -22.06 40.24 -53.94
N SER C 163 -21.38 41.40 -53.90
CA SER C 163 -20.24 41.61 -53.01
C SER C 163 -20.53 42.80 -52.11
N VAL C 164 -20.66 42.55 -50.82
CA VAL C 164 -20.92 43.60 -49.83
C VAL C 164 -19.78 43.59 -48.82
N THR C 165 -19.31 44.79 -48.45
CA THR C 165 -18.12 44.89 -47.63
C THR C 165 -18.44 44.61 -46.16
N GLU C 166 -17.36 44.47 -45.38
CA GLU C 166 -17.45 44.50 -43.94
C GLU C 166 -17.72 45.93 -43.48
N GLN C 167 -18.20 46.07 -42.24
CA GLN C 167 -18.47 47.39 -41.67
C GLN C 167 -17.18 48.18 -41.49
N ASP C 168 -17.00 49.19 -42.34
CA ASP C 168 -15.73 49.90 -42.42
C ASP C 168 -15.53 50.79 -41.20
N SER C 169 -14.29 50.79 -40.68
CA SER C 169 -13.97 51.53 -39.46
C SER C 169 -13.79 53.03 -39.69
N LYS C 170 -13.92 53.51 -40.92
CA LYS C 170 -13.83 54.95 -41.17
C LYS C 170 -15.03 55.67 -40.59
N ASP C 171 -16.24 55.23 -40.94
CA ASP C 171 -17.45 55.85 -40.43
C ASP C 171 -18.50 54.81 -40.04
N SER C 172 -18.06 53.64 -39.57
CA SER C 172 -18.86 52.65 -38.84
C SER C 172 -19.95 52.01 -39.72
N THR C 173 -19.70 51.85 -41.02
CA THR C 173 -20.74 51.46 -41.96
C THR C 173 -20.18 50.56 -43.06
N TYR C 174 -21.09 50.00 -43.86
CA TYR C 174 -20.77 49.04 -44.90
C TYR C 174 -20.66 49.73 -46.27
N SER C 175 -20.51 48.91 -47.32
CA SER C 175 -20.57 49.34 -48.71
C SER C 175 -20.95 48.14 -49.58
N LEU C 176 -21.61 48.40 -50.72
CA LEU C 176 -22.06 47.34 -51.60
C LEU C 176 -22.03 47.80 -53.05
N SER C 177 -21.49 46.94 -53.92
CA SER C 177 -21.46 47.20 -55.36
CA SER C 177 -21.47 47.20 -55.36
C SER C 177 -21.33 45.87 -56.09
N SER C 178 -21.80 45.84 -57.33
CA SER C 178 -21.73 44.67 -58.20
C SER C 178 -21.92 45.11 -59.64
N THR C 179 -21.53 44.24 -60.57
CA THR C 179 -21.49 44.54 -61.99
C THR C 179 -22.57 43.75 -62.73
N LEU C 180 -23.18 44.36 -63.73
CA LEU C 180 -24.07 43.64 -64.64
C LEU C 180 -23.26 42.69 -65.50
N THR C 181 -23.77 41.47 -65.67
CA THR C 181 -23.14 40.47 -66.54
C THR C 181 -24.20 39.90 -67.48
N LEU C 182 -24.46 40.61 -68.57
CA LEU C 182 -25.29 40.16 -69.68
C LEU C 182 -24.47 40.22 -70.97
N SER C 183 -25.12 40.00 -72.09
CA SER C 183 -24.44 40.01 -73.38
C SER C 183 -24.36 41.42 -73.93
N LYS C 184 -23.39 41.62 -74.83
CA LYS C 184 -23.10 42.96 -75.36
C LYS C 184 -24.17 43.41 -76.34
N ALA C 185 -24.45 42.59 -77.37
CA ALA C 185 -25.50 42.91 -78.31
C ALA C 185 -26.88 42.86 -77.65
N ASP C 186 -27.01 42.13 -76.55
CA ASP C 186 -28.22 42.21 -75.72
C ASP C 186 -28.37 43.59 -75.10
N TYR C 187 -27.26 44.16 -74.59
CA TYR C 187 -27.31 45.53 -74.07
C TYR C 187 -27.55 46.55 -75.17
N GLU C 188 -27.11 46.24 -76.39
CA GLU C 188 -27.42 47.11 -77.54
C GLU C 188 -28.90 47.16 -77.88
N LYS C 189 -29.71 46.23 -77.35
CA LYS C 189 -31.15 46.21 -77.54
C LYS C 189 -31.95 46.43 -76.26
N HIS C 190 -31.32 46.65 -75.10
CA HIS C 190 -32.14 46.95 -73.92
C HIS C 190 -32.72 48.35 -73.97
N LYS C 191 -33.53 48.65 -72.96
CA LYS C 191 -34.25 49.92 -72.87
CA LYS C 191 -34.25 49.91 -72.86
C LYS C 191 -33.81 50.76 -71.67
N VAL C 192 -33.88 50.22 -70.45
CA VAL C 192 -33.72 50.99 -69.22
C VAL C 192 -32.70 50.29 -68.32
N TYR C 193 -31.87 51.08 -67.62
CA TYR C 193 -31.11 50.57 -66.48
C TYR C 193 -31.18 51.61 -65.36
N ALA C 194 -31.82 51.24 -64.25
CA ALA C 194 -31.94 52.11 -63.08
C ALA C 194 -32.15 51.23 -61.86
N CYS C 195 -31.13 51.09 -61.02
CA CYS C 195 -31.19 50.25 -59.83
CA CYS C 195 -31.19 50.25 -59.83
C CYS C 195 -31.96 50.99 -58.74
N GLU C 196 -33.29 50.87 -58.80
CA GLU C 196 -34.14 51.43 -57.76
C GLU C 196 -34.02 50.55 -56.52
N VAL C 197 -33.22 51.01 -55.56
CA VAL C 197 -32.74 50.21 -54.44
C VAL C 197 -33.79 50.10 -53.34
N THR C 198 -33.56 49.20 -52.38
CA THR C 198 -34.43 49.05 -51.22
CA THR C 198 -34.43 49.05 -51.22
C THR C 198 -33.57 48.88 -49.98
N HIS C 199 -33.81 49.70 -48.98
CA HIS C 199 -33.07 49.69 -47.72
C HIS C 199 -34.03 49.99 -46.58
N GLN C 200 -33.63 49.57 -45.38
CA GLN C 200 -34.40 49.89 -44.18
C GLN C 200 -34.01 51.23 -43.58
N GLY C 201 -32.94 51.85 -44.07
CA GLY C 201 -32.63 53.23 -43.71
C GLY C 201 -33.13 54.18 -44.77
N LEU C 202 -34.28 53.87 -45.37
CA LEU C 202 -34.92 54.70 -46.37
C LEU C 202 -36.17 55.37 -45.83
N SER C 203 -36.49 56.50 -46.45
CA SER C 203 -37.86 57.00 -46.53
C SER C 203 -38.38 56.97 -47.97
N SER C 204 -37.47 56.85 -48.95
CA SER C 204 -37.79 56.76 -50.37
CA SER C 204 -37.80 56.77 -50.37
C SER C 204 -36.56 56.25 -51.07
N PRO C 205 -36.70 55.45 -52.14
CA PRO C 205 -35.50 54.94 -52.84
C PRO C 205 -34.83 56.05 -53.64
N VAL C 206 -33.56 56.32 -53.32
CA VAL C 206 -32.78 57.27 -54.12
C VAL C 206 -32.42 56.62 -55.45
N THR C 207 -32.76 57.31 -56.54
CA THR C 207 -32.76 56.70 -57.87
C THR C 207 -32.07 57.62 -58.86
N LYS C 208 -31.16 57.05 -59.64
CA LYS C 208 -30.68 57.66 -60.87
C LYS C 208 -31.08 56.75 -62.03
N SER C 209 -31.46 57.34 -63.15
CA SER C 209 -32.05 56.59 -64.25
C SER C 209 -31.40 56.95 -65.57
N PHE C 210 -31.05 55.93 -66.34
CA PHE C 210 -30.56 56.14 -67.69
C PHE C 210 -30.97 54.96 -68.56
N ASN C 211 -30.53 55.00 -69.81
CA ASN C 211 -30.92 54.09 -70.89
C ASN C 211 -29.66 53.48 -71.50
N ARG C 212 -29.82 52.85 -72.66
CA ARG C 212 -28.65 52.47 -73.46
C ARG C 212 -27.92 53.73 -73.89
N GLY C 213 -26.63 53.81 -73.58
CA GLY C 213 -25.76 54.90 -73.98
C GLY C 213 -26.10 56.29 -73.44
N GLU C 214 -27.10 56.43 -72.59
CA GLU C 214 -27.43 57.74 -72.02
C GLU C 214 -27.38 57.69 -70.50
N GLN D 1 7.66 30.54 -28.39
CA GLN D 1 6.67 29.59 -27.91
C GLN D 1 6.22 28.66 -29.03
N VAL D 2 4.92 28.39 -29.10
CA VAL D 2 4.37 27.51 -30.11
C VAL D 2 4.27 28.24 -31.44
N GLN D 3 4.73 27.59 -32.50
CA GLN D 3 4.66 28.14 -33.86
C GLN D 3 3.94 27.13 -34.75
N LEU D 4 3.09 27.65 -35.64
CA LEU D 4 2.29 26.83 -36.54
C LEU D 4 2.46 27.36 -37.95
N VAL D 5 3.47 26.88 -38.66
CA VAL D 5 3.75 27.29 -40.02
C VAL D 5 3.30 26.18 -40.99
N GLN D 6 2.54 26.56 -42.00
CA GLN D 6 2.04 25.65 -43.01
C GLN D 6 2.83 25.84 -44.30
N SER D 7 2.37 25.19 -45.37
CA SER D 7 2.98 25.37 -46.69
C SER D 7 2.39 26.61 -47.35
N GLY D 8 2.70 26.82 -48.63
CA GLY D 8 2.17 27.94 -49.37
C GLY D 8 0.77 27.68 -49.87
N ALA D 9 0.23 28.66 -50.59
CA ALA D 9 -1.11 28.55 -51.16
C ALA D 9 -1.13 27.50 -52.26
N GLU D 10 -2.25 26.78 -52.37
CA GLU D 10 -2.36 25.68 -53.31
CA GLU D 10 -2.37 25.67 -53.31
C GLU D 10 -3.60 25.84 -54.18
N VAL D 11 -3.44 25.62 -55.47
CA VAL D 11 -4.53 25.57 -56.43
C VAL D 11 -4.64 24.14 -56.94
N LYS D 12 -5.83 23.56 -56.88
CA LYS D 12 -6.01 22.13 -57.08
C LYS D 12 -7.14 21.86 -58.05
N ARG D 13 -7.35 20.56 -58.32
CA ARG D 13 -8.30 20.03 -59.28
C ARG D 13 -9.29 19.10 -58.59
N PRO D 14 -10.50 18.95 -59.12
CA PRO D 14 -11.45 18.01 -58.50
C PRO D 14 -11.01 16.56 -58.70
N GLY D 15 -11.19 15.76 -57.64
CA GLY D 15 -10.81 14.36 -57.64
C GLY D 15 -9.38 14.08 -57.27
N SER D 16 -8.54 15.12 -57.18
CA SER D 16 -7.13 14.97 -56.87
C SER D 16 -6.89 14.82 -55.37
N SER D 17 -5.64 14.99 -54.95
CA SER D 17 -5.28 14.95 -53.54
CA SER D 17 -5.28 14.95 -53.54
C SER D 17 -4.29 16.07 -53.25
N VAL D 18 -4.39 16.63 -52.05
CA VAL D 18 -3.49 17.69 -51.61
C VAL D 18 -2.83 17.24 -50.31
N THR D 19 -1.58 17.67 -50.10
CA THR D 19 -0.81 17.32 -48.92
C THR D 19 -0.43 18.61 -48.20
N VAL D 20 -1.31 19.09 -47.33
CA VAL D 20 -1.03 20.29 -46.56
C VAL D 20 -0.33 19.87 -45.28
N SER D 21 0.40 20.81 -44.68
CA SER D 21 1.25 20.52 -43.54
C SER D 21 1.01 21.53 -42.43
N CYS D 22 1.51 21.20 -41.25
CA CYS D 22 1.49 22.11 -40.10
C CYS D 22 2.73 21.80 -39.26
N LYS D 23 3.80 22.56 -39.50
CA LYS D 23 5.06 22.32 -38.82
C LYS D 23 5.03 23.00 -37.45
N ALA D 24 5.04 22.19 -36.39
CA ALA D 24 5.03 22.70 -35.03
C ALA D 24 6.46 22.81 -34.51
N SER D 25 6.74 23.93 -33.84
CA SER D 25 8.06 24.18 -33.27
C SER D 25 7.89 24.97 -31.99
N GLY D 26 8.40 24.43 -30.88
CA GLY D 26 8.24 25.06 -29.59
C GLY D 26 7.05 24.50 -28.83
N GLY D 27 7.28 24.11 -27.58
CA GLY D 27 6.25 23.50 -26.76
C GLY D 27 6.20 21.99 -26.90
N SER D 28 5.40 21.37 -26.04
CA SER D 28 5.27 19.92 -26.03
C SER D 28 4.43 19.45 -27.21
N PHE D 29 5.10 19.08 -28.30
CA PHE D 29 4.41 18.74 -29.54
C PHE D 29 3.74 17.36 -29.48
N SER D 30 4.41 16.39 -28.86
CA SER D 30 3.94 15.01 -28.94
CA SER D 30 3.95 15.01 -28.93
C SER D 30 2.74 14.75 -28.03
N THR D 31 2.65 15.44 -26.89
CA THR D 31 1.58 15.14 -25.94
C THR D 31 0.24 15.72 -26.36
N TYR D 32 0.24 16.86 -27.05
CA TYR D 32 -0.98 17.59 -27.33
C TYR D 32 -1.55 17.23 -28.69
N ALA D 33 -2.87 17.31 -28.81
CA ALA D 33 -3.58 16.91 -30.01
C ALA D 33 -3.29 17.89 -31.15
N LEU D 34 -2.86 17.34 -32.28
CA LEU D 34 -2.55 18.12 -33.49
C LEU D 34 -3.69 17.87 -34.47
N SER D 35 -4.58 18.84 -34.60
CA SER D 35 -5.85 18.66 -35.30
C SER D 35 -5.94 19.61 -36.50
N TRP D 36 -7.12 19.61 -37.14
CA TRP D 36 -7.34 20.39 -38.35
C TRP D 36 -8.78 20.91 -38.38
N VAL D 37 -8.95 22.14 -38.86
CA VAL D 37 -10.26 22.77 -39.06
C VAL D 37 -10.25 23.49 -40.40
N ARG D 38 -11.20 23.15 -41.27
CA ARG D 38 -11.37 23.88 -42.52
C ARG D 38 -12.40 25.00 -42.33
N GLN D 39 -12.40 25.93 -43.28
CA GLN D 39 -13.38 27.02 -43.29
C GLN D 39 -13.39 27.64 -44.68
N ALA D 40 -14.57 27.68 -45.30
CA ALA D 40 -14.75 28.53 -46.47
C ALA D 40 -14.60 29.98 -46.02
N PRO D 41 -13.96 30.87 -46.85
CA PRO D 41 -13.38 32.11 -46.31
C PRO D 41 -14.38 33.10 -45.73
N GLY D 42 -14.32 33.26 -44.41
CA GLY D 42 -15.24 34.11 -43.68
C GLY D 42 -16.56 33.43 -43.38
N ARG D 43 -16.52 32.21 -42.84
CA ARG D 43 -17.73 31.47 -42.54
CA ARG D 43 -17.74 31.47 -42.53
C ARG D 43 -17.52 30.70 -41.24
N GLY D 44 -18.44 29.79 -40.95
CA GLY D 44 -18.38 28.98 -39.76
C GLY D 44 -17.40 27.82 -39.89
N LEU D 45 -17.14 27.18 -38.75
CA LEU D 45 -16.14 26.14 -38.63
C LEU D 45 -16.79 24.79 -38.37
N GLU D 46 -16.14 23.74 -38.88
CA GLU D 46 -16.47 22.37 -38.51
C GLU D 46 -15.17 21.59 -38.49
N TRP D 47 -15.02 20.74 -37.49
CA TRP D 47 -13.73 20.12 -37.21
C TRP D 47 -13.41 19.05 -38.23
N MET D 48 -12.26 19.20 -38.90
CA MET D 48 -11.89 18.28 -39.96
C MET D 48 -11.47 16.93 -39.39
N GLY D 49 -10.76 16.93 -38.26
CA GLY D 49 -10.18 15.72 -37.71
C GLY D 49 -8.83 16.00 -37.09
N GLY D 50 -8.21 14.99 -36.50
CA GLY D 50 -6.92 15.18 -35.87
C GLY D 50 -6.45 13.91 -35.20
N VAL D 51 -5.13 13.82 -35.06
CA VAL D 51 -4.47 12.71 -34.41
C VAL D 51 -3.65 13.23 -33.24
N ILE D 52 -3.14 12.30 -32.44
CA ILE D 52 -2.13 12.60 -31.42
C ILE D 52 -0.79 12.21 -32.03
N PRO D 53 0.30 12.93 -31.74
CA PRO D 53 1.61 12.47 -32.23
C PRO D 53 2.26 11.40 -31.37
N LEU D 54 1.86 11.25 -30.11
CA LEU D 54 2.61 10.40 -29.18
C LEU D 54 2.40 8.92 -29.46
N LEU D 55 1.17 8.50 -29.72
CA LEU D 55 0.86 7.10 -29.99
C LEU D 55 0.24 6.88 -31.35
N THR D 56 0.09 7.94 -32.15
CA THR D 56 -0.77 8.00 -33.33
C THR D 56 -2.16 7.45 -33.04
N ILE D 57 -2.78 8.04 -32.02
CA ILE D 57 -4.20 7.79 -31.75
C ILE D 57 -5.01 8.71 -32.64
N THR D 58 -5.89 8.14 -33.45
CA THR D 58 -6.58 8.89 -34.48
C THR D 58 -8.09 8.83 -34.28
N ASN D 59 -8.76 9.85 -34.80
CA ASN D 59 -10.22 9.89 -34.88
C ASN D 59 -10.59 10.91 -35.93
N TYR D 60 -11.31 10.47 -36.95
CA TYR D 60 -11.67 11.33 -38.06
C TYR D 60 -13.12 11.77 -37.92
N ALA D 61 -13.45 12.89 -38.55
CA ALA D 61 -14.82 13.37 -38.57
C ALA D 61 -15.66 12.43 -39.43
N PRO D 62 -16.82 11.97 -38.95
CA PRO D 62 -17.60 10.96 -39.69
C PRO D 62 -18.15 11.43 -41.02
N ARG D 63 -18.08 12.71 -41.35
CA ARG D 63 -18.39 13.20 -42.69
CA ARG D 63 -18.39 13.20 -42.69
C ARG D 63 -17.16 13.21 -43.60
N PHE D 64 -16.04 12.70 -43.11
CA PHE D 64 -14.81 12.70 -43.89
C PHE D 64 -14.06 11.38 -43.78
N GLN D 65 -14.67 10.35 -43.18
CA GLN D 65 -14.04 9.05 -43.06
C GLN D 65 -13.94 8.39 -44.43
N GLY D 66 -12.73 8.00 -44.82
CA GLY D 66 -12.46 7.53 -46.16
C GLY D 66 -12.00 8.62 -47.11
N ARG D 67 -12.03 9.87 -46.67
CA ARG D 67 -11.53 11.00 -47.44
C ARG D 67 -10.26 11.60 -46.85
N ILE D 68 -9.95 11.33 -45.60
N ILE D 68 -9.86 11.16 -45.66
CA ILE D 68 -8.79 11.96 -44.96
CA ILE D 68 -8.91 11.83 -44.80
C ILE D 68 -7.88 10.89 -44.37
C ILE D 68 -7.88 10.81 -44.33
N THR D 69 -6.58 11.15 -44.46
CA THR D 69 -5.52 10.37 -43.83
C THR D 69 -4.58 11.37 -43.15
N ILE D 70 -4.65 11.45 -41.82
CA ILE D 70 -3.87 12.43 -41.06
C ILE D 70 -2.66 11.71 -40.50
N THR D 71 -1.48 12.06 -41.01
CA THR D 71 -0.24 11.50 -40.49
C THR D 71 0.17 12.24 -39.22
N ALA D 72 1.26 11.77 -38.62
CA ALA D 72 1.94 12.46 -37.54
C ALA D 72 3.40 12.06 -37.59
N ASP D 73 4.30 13.02 -37.39
CA ASP D 73 5.72 12.78 -37.59
C ASP D 73 6.50 13.23 -36.37
N ARG D 74 7.44 12.40 -35.93
N ARG D 74 7.41 12.36 -35.92
CA ARG D 74 8.28 12.80 -34.81
CA ARG D 74 8.32 12.68 -34.82
C ARG D 74 9.63 13.33 -35.24
C ARG D 74 9.48 13.54 -35.31
N SER D 75 9.95 13.28 -36.53
CA SER D 75 11.14 13.95 -37.05
C SER D 75 10.81 15.37 -37.52
N THR D 76 9.88 15.51 -38.47
CA THR D 76 9.56 16.81 -39.02
C THR D 76 8.58 17.62 -38.17
N SER D 77 7.93 16.97 -37.19
CA SER D 77 6.94 17.59 -36.29
C SER D 77 5.78 18.21 -37.08
N THR D 78 5.29 17.49 -38.07
CA THR D 78 4.26 17.97 -38.99
C THR D 78 3.02 17.08 -38.91
N ALA D 79 2.07 17.36 -39.80
CA ALA D 79 0.94 16.46 -40.06
C ALA D 79 0.60 16.60 -41.53
N TYR D 80 0.71 15.51 -42.28
CA TYR D 80 0.49 15.55 -43.72
C TYR D 80 -0.96 15.16 -43.97
N LEU D 81 -1.83 16.16 -43.94
CA LEU D 81 -3.26 15.97 -44.15
C LEU D 81 -3.48 15.69 -45.62
N GLU D 82 -3.59 14.40 -45.97
CA GLU D 82 -3.78 14.00 -47.35
CA GLU D 82 -3.78 14.00 -47.36
C GLU D 82 -5.27 13.77 -47.61
N LEU D 83 -5.97 14.88 -47.83
CA LEU D 83 -7.37 14.81 -48.23
C LEU D 83 -7.49 14.24 -49.63
N ASN D 84 -8.24 13.16 -49.76
CA ASN D 84 -8.47 12.53 -51.05
C ASN D 84 -9.78 13.04 -51.63
N SER D 85 -9.82 13.08 -52.97
CA SER D 85 -10.99 13.49 -53.76
CA SER D 85 -10.99 13.49 -53.76
C SER D 85 -11.45 14.90 -53.38
N LEU D 86 -10.57 15.86 -53.70
CA LEU D 86 -10.80 17.27 -53.43
C LEU D 86 -12.05 17.77 -54.16
N ARG D 87 -12.85 18.57 -53.44
CA ARG D 87 -14.08 19.08 -53.99
CA ARG D 87 -14.08 19.08 -53.99
C ARG D 87 -14.09 20.61 -53.99
N PRO D 88 -14.76 21.22 -54.98
CA PRO D 88 -14.96 22.68 -54.92
C PRO D 88 -15.95 23.12 -53.86
N GLU D 89 -16.72 22.19 -53.29
CA GLU D 89 -17.53 22.44 -52.11
C GLU D 89 -16.78 22.11 -50.83
N ASP D 90 -15.56 21.60 -50.95
CA ASP D 90 -14.62 21.50 -49.84
C ASP D 90 -13.44 22.46 -50.00
N THR D 91 -13.49 23.30 -51.04
CA THR D 91 -12.68 24.50 -51.11
C THR D 91 -12.85 25.33 -49.83
N ALA D 92 -11.75 25.50 -49.10
CA ALA D 92 -11.79 26.05 -47.76
C ALA D 92 -10.40 26.51 -47.37
N VAL D 93 -10.32 27.27 -46.28
CA VAL D 93 -9.05 27.67 -45.69
C VAL D 93 -8.72 26.66 -44.60
N TYR D 94 -7.55 26.05 -44.69
CA TYR D 94 -7.19 24.96 -43.78
C TYR D 94 -6.25 25.47 -42.71
N TYR D 95 -6.83 26.05 -41.66
CA TYR D 95 -6.10 26.28 -40.43
C TYR D 95 -5.80 24.95 -39.76
N CYS D 96 -4.56 24.78 -39.31
CA CYS D 96 -4.22 23.65 -38.46
CA CYS D 96 -4.20 23.66 -38.46
C CYS D 96 -4.53 24.08 -37.02
N ALA D 97 -5.55 23.44 -36.44
CA ALA D 97 -6.07 23.87 -35.15
C ALA D 97 -5.51 22.97 -34.06
N ARG D 98 -4.29 23.28 -33.65
CA ARG D 98 -3.69 22.63 -32.49
CA ARG D 98 -3.70 22.63 -32.49
C ARG D 98 -4.50 22.96 -31.24
N GLU D 99 -4.69 21.96 -30.38
CA GLU D 99 -5.40 22.20 -29.13
C GLU D 99 -4.56 23.06 -28.20
N GLY D 100 -5.22 23.65 -27.21
CA GLY D 100 -4.59 24.60 -26.32
C GLY D 100 -4.27 24.01 -24.97
N THR D 101 -3.60 24.81 -24.16
CA THR D 101 -3.02 24.36 -22.92
C THR D 101 -2.72 25.56 -22.04
N THR D 102 -2.22 25.29 -20.83
CA THR D 102 -1.84 26.34 -19.90
C THR D 102 -0.32 26.48 -19.89
N GLY D 103 0.19 27.29 -18.97
CA GLY D 103 1.60 27.57 -18.85
C GLY D 103 1.87 29.06 -18.78
N TRP D 104 3.16 29.42 -18.84
CA TRP D 104 4.30 28.51 -19.10
C TRP D 104 4.50 28.21 -20.58
N GLY D 105 3.84 28.98 -21.44
CA GLY D 105 3.94 28.74 -22.87
C GLY D 105 3.01 27.66 -23.37
N TRP D 106 3.58 26.50 -23.70
CA TRP D 106 2.83 25.38 -24.28
C TRP D 106 3.19 24.07 -23.59
N LEU D 107 3.20 24.07 -22.25
CA LEU D 107 3.58 22.87 -21.51
C LEU D 107 2.71 22.57 -20.29
N GLY D 108 1.62 23.30 -20.08
CA GLY D 108 0.78 23.10 -18.92
C GLY D 108 -0.35 22.11 -19.16
N LYS D 109 -1.40 22.25 -18.36
CA LYS D 109 -2.58 21.39 -18.49
C LYS D 109 -3.31 21.70 -19.80
N PRO D 110 -3.55 20.71 -20.66
CA PRO D 110 -4.27 20.99 -21.90
C PRO D 110 -5.77 21.13 -21.66
N ILE D 111 -6.38 21.94 -22.50
CA ILE D 111 -7.71 22.46 -22.22
C ILE D 111 -8.80 21.86 -23.11
N GLY D 112 -8.44 21.30 -24.27
CA GLY D 112 -9.40 20.79 -25.21
C GLY D 112 -9.90 21.81 -26.22
N ALA D 113 -9.68 23.10 -25.96
CA ALA D 113 -9.98 24.13 -26.92
C ALA D 113 -8.76 24.37 -27.82
N PHE D 114 -9.02 24.92 -28.99
CA PHE D 114 -7.98 25.17 -29.99
C PHE D 114 -7.44 26.58 -29.76
N ALA D 115 -6.38 26.69 -28.96
CA ALA D 115 -5.82 28.02 -28.71
C ALA D 115 -4.76 28.40 -29.73
N HIS D 116 -3.93 27.44 -30.15
CA HIS D 116 -2.78 27.72 -30.97
C HIS D 116 -3.12 27.34 -32.41
N TRP D 117 -3.04 28.33 -33.32
CA TRP D 117 -3.57 28.17 -34.65
C TRP D 117 -2.54 28.54 -35.70
N GLY D 118 -2.72 28.00 -36.90
CA GLY D 118 -1.98 28.44 -38.06
C GLY D 118 -2.75 29.44 -38.89
N GLN D 119 -2.04 30.10 -39.80
CA GLN D 119 -2.68 31.15 -40.61
C GLN D 119 -3.64 30.59 -41.64
N GLY D 120 -3.55 29.30 -41.95
CA GLY D 120 -4.49 28.66 -42.85
C GLY D 120 -4.04 28.73 -44.31
N THR D 121 -4.68 27.90 -45.13
CA THR D 121 -4.36 27.82 -46.55
C THR D 121 -5.64 27.59 -47.34
N LEU D 122 -5.98 28.54 -48.20
CA LEU D 122 -7.18 28.45 -49.03
C LEU D 122 -6.88 27.50 -50.20
N VAL D 123 -7.32 26.26 -50.08
CA VAL D 123 -7.20 25.31 -51.18
C VAL D 123 -8.27 25.64 -52.21
N THR D 124 -7.84 26.06 -53.40
CA THR D 124 -8.75 26.43 -54.48
C THR D 124 -8.87 25.27 -55.46
N VAL D 125 -10.05 24.69 -55.55
CA VAL D 125 -10.32 23.56 -56.44
C VAL D 125 -11.15 24.06 -57.61
N SER D 126 -10.50 24.20 -58.76
CA SER D 126 -11.15 24.62 -59.99
C SER D 126 -10.31 24.17 -61.17
N SER D 127 -10.98 23.90 -62.30
CA SER D 127 -10.34 23.33 -63.48
C SER D 127 -10.04 24.38 -64.55
N ALA D 128 -9.76 25.61 -64.15
CA ALA D 128 -9.39 26.67 -65.07
C ALA D 128 -7.88 26.88 -65.06
N SER D 129 -7.41 27.90 -65.76
CA SER D 129 -5.99 28.19 -65.89
C SER D 129 -5.73 29.65 -65.55
N THR D 130 -4.44 29.96 -65.32
CA THR D 130 -4.03 31.27 -64.84
C THR D 130 -4.22 32.33 -65.94
N LYS D 131 -4.95 33.40 -65.59
CA LYS D 131 -5.24 34.47 -66.53
C LYS D 131 -5.15 35.81 -65.81
N GLY D 132 -4.37 36.73 -66.37
CA GLY D 132 -4.22 38.06 -65.83
C GLY D 132 -5.21 39.03 -66.46
N PRO D 133 -5.88 39.82 -65.63
CA PRO D 133 -6.96 40.68 -66.12
C PRO D 133 -6.46 42.04 -66.57
N SER D 134 -7.36 42.79 -67.19
CA SER D 134 -7.19 44.20 -67.46
C SER D 134 -7.89 45.00 -66.37
N VAL D 135 -7.98 46.31 -66.57
CA VAL D 135 -8.63 47.20 -65.62
C VAL D 135 -9.99 47.60 -66.19
N PHE D 136 -10.95 47.83 -65.28
CA PHE D 136 -12.28 48.32 -65.65
C PHE D 136 -12.71 49.44 -64.71
N PRO D 137 -12.25 50.67 -64.92
CA PRO D 137 -12.86 51.81 -64.23
C PRO D 137 -14.28 52.04 -64.71
N LEU D 138 -15.05 52.77 -63.90
CA LEU D 138 -16.48 52.92 -64.10
C LEU D 138 -16.79 54.40 -64.36
N ALA D 139 -17.44 54.67 -65.49
CA ALA D 139 -17.82 56.04 -65.79
C ALA D 139 -19.17 56.36 -65.15
N PRO D 140 -19.33 57.56 -64.57
CA PRO D 140 -20.59 57.95 -63.94
C PRO D 140 -21.57 58.60 -64.92
N GLY D 148 -23.27 65.35 -51.55
CA GLY D 148 -22.73 65.66 -52.86
C GLY D 148 -21.45 64.91 -53.17
N THR D 149 -21.09 63.98 -52.29
CA THR D 149 -19.88 63.18 -52.44
C THR D 149 -20.24 61.89 -53.18
N ALA D 150 -19.77 61.76 -54.42
CA ALA D 150 -20.05 60.58 -55.23
C ALA D 150 -18.94 59.56 -55.01
N ALA D 151 -18.91 58.54 -55.86
CA ALA D 151 -17.91 57.49 -55.73
C ALA D 151 -17.61 56.89 -57.11
N LEU D 152 -16.37 56.45 -57.28
CA LEU D 152 -15.92 55.77 -58.50
C LEU D 152 -14.99 54.62 -58.10
N GLY D 153 -14.75 53.72 -59.05
CA GLY D 153 -13.86 52.60 -58.75
C GLY D 153 -13.41 51.89 -60.00
N CYS D 154 -12.47 50.97 -59.81
CA CYS D 154 -11.91 50.17 -60.89
CA CYS D 154 -11.90 50.17 -60.88
C CYS D 154 -12.24 48.71 -60.64
N LEU D 155 -13.00 48.12 -61.56
CA LEU D 155 -13.41 46.73 -61.45
C LEU D 155 -12.30 45.80 -61.97
N VAL D 156 -12.07 44.70 -61.27
CA VAL D 156 -11.25 43.60 -61.77
C VAL D 156 -12.15 42.38 -62.00
N LYS D 157 -12.59 42.23 -63.25
CA LYS D 157 -13.37 41.10 -63.70
C LYS D 157 -12.48 40.20 -64.55
N ASP D 158 -12.85 38.92 -64.65
CA ASP D 158 -12.26 37.92 -65.55
C ASP D 158 -10.77 37.73 -65.24
N TYR D 159 -10.51 37.19 -64.05
CA TYR D 159 -9.17 36.76 -63.69
C TYR D 159 -9.21 35.39 -63.04
N PHE D 160 -8.03 34.77 -62.97
CA PHE D 160 -7.80 33.45 -62.41
C PHE D 160 -6.30 33.26 -62.23
N PRO D 161 -5.84 32.67 -61.11
CA PRO D 161 -6.57 32.40 -59.87
C PRO D 161 -6.34 33.50 -58.83
N GLU D 162 -6.83 33.28 -57.61
N GLU D 162 -6.84 33.29 -57.61
CA GLU D 162 -6.70 34.24 -56.52
CA GLU D 162 -6.70 34.26 -56.54
C GLU D 162 -5.22 34.42 -56.15
C GLU D 162 -5.24 34.42 -56.14
N PRO D 163 -4.82 35.60 -55.67
CA PRO D 163 -5.56 36.87 -55.54
C PRO D 163 -5.23 37.95 -56.56
N VAL D 164 -5.82 39.14 -56.37
N VAL D 164 -5.79 39.14 -56.33
CA VAL D 164 -5.41 40.34 -57.07
CA VAL D 164 -5.46 40.36 -57.07
C VAL D 164 -5.29 41.46 -56.04
C VAL D 164 -5.30 41.47 -56.04
N THR D 165 -4.20 42.22 -56.12
CA THR D 165 -3.92 43.30 -55.19
C THR D 165 -4.11 44.62 -55.91
N VAL D 166 -4.78 45.56 -55.25
CA VAL D 166 -5.10 46.84 -55.86
C VAL D 166 -4.61 47.96 -54.93
N SER D 167 -4.30 49.10 -55.53
CA SER D 167 -3.92 50.28 -54.78
C SER D 167 -4.41 51.51 -55.54
N TRP D 168 -4.95 52.47 -54.80
CA TRP D 168 -5.46 53.70 -55.38
C TRP D 168 -4.45 54.82 -55.13
N ASN D 169 -3.90 55.35 -56.24
CA ASN D 169 -2.84 56.38 -56.23
C ASN D 169 -1.59 55.90 -55.48
N SER D 170 -1.32 54.58 -55.61
CA SER D 170 -0.14 53.90 -55.05
C SER D 170 -0.03 54.06 -53.53
N GLY D 171 -1.10 53.65 -52.85
CA GLY D 171 -1.11 53.59 -51.40
C GLY D 171 -1.28 54.91 -50.67
N ALA D 172 -1.27 56.04 -51.38
CA ALA D 172 -1.29 57.34 -50.73
C ALA D 172 -2.68 57.93 -50.57
N LEU D 173 -3.66 57.44 -51.33
CA LEU D 173 -5.03 57.95 -51.27
C LEU D 173 -5.89 56.85 -50.64
N THR D 174 -6.22 57.03 -49.36
CA THR D 174 -7.06 56.10 -48.62
C THR D 174 -8.35 56.76 -48.13
N SER D 175 -8.72 57.89 -48.74
CA SER D 175 -9.90 58.66 -48.31
CA SER D 175 -9.90 58.66 -48.31
C SER D 175 -11.16 57.93 -48.72
N GLY D 176 -11.54 56.94 -47.92
CA GLY D 176 -12.73 56.16 -48.19
C GLY D 176 -12.57 55.08 -49.23
N VAL D 177 -11.44 54.36 -49.22
CA VAL D 177 -11.27 53.21 -50.08
C VAL D 177 -12.19 52.08 -49.62
N HIS D 178 -12.68 51.30 -50.57
CA HIS D 178 -13.64 50.23 -50.28
C HIS D 178 -13.35 49.05 -51.20
N THR D 179 -12.62 48.06 -50.70
CA THR D 179 -12.46 46.80 -51.43
C THR D 179 -13.59 45.85 -51.07
N PHE D 180 -13.79 44.85 -51.91
CA PHE D 180 -14.97 44.01 -51.86
C PHE D 180 -14.59 42.54 -51.78
N PRO D 181 -15.48 41.70 -51.24
CA PRO D 181 -15.20 40.26 -51.21
C PRO D 181 -15.36 39.61 -52.58
N ALA D 182 -14.90 38.37 -52.66
CA ALA D 182 -14.84 37.63 -53.91
C ALA D 182 -16.22 37.16 -54.35
N VAL D 183 -16.27 36.64 -55.57
CA VAL D 183 -17.49 36.05 -56.13
C VAL D 183 -17.07 34.91 -57.05
N LEU D 184 -17.89 33.86 -57.10
CA LEU D 184 -17.68 32.72 -57.98
C LEU D 184 -18.73 32.77 -59.08
N GLN D 185 -18.28 32.97 -60.31
CA GLN D 185 -19.20 33.12 -61.43
C GLN D 185 -19.67 31.75 -61.92
N SER D 186 -20.43 31.76 -63.03
CA SER D 186 -21.09 30.56 -63.51
C SER D 186 -20.11 29.54 -64.12
N SER D 187 -18.91 29.98 -64.51
CA SER D 187 -17.90 29.08 -65.03
C SER D 187 -16.79 28.81 -64.01
N GLY D 188 -17.04 29.12 -62.74
CA GLY D 188 -15.99 29.05 -61.73
C GLY D 188 -14.95 30.11 -61.97
N LEU D 189 -15.34 31.37 -61.87
CA LEU D 189 -14.52 32.48 -62.28
C LEU D 189 -14.44 33.51 -61.17
N TYR D 190 -13.23 34.01 -60.92
CA TYR D 190 -12.95 34.91 -59.82
C TYR D 190 -13.00 36.36 -60.29
N SER D 191 -13.42 37.25 -59.39
CA SER D 191 -13.46 38.68 -59.65
CA SER D 191 -13.45 38.69 -59.65
C SER D 191 -13.45 39.42 -58.32
N LEU D 192 -13.12 40.70 -58.39
CA LEU D 192 -13.19 41.60 -57.24
C LEU D 192 -13.56 42.99 -57.74
N SER D 193 -13.73 43.90 -56.79
CA SER D 193 -13.99 45.30 -57.11
CA SER D 193 -14.03 45.30 -57.09
C SER D 193 -13.46 46.16 -55.97
N SER D 194 -13.12 47.40 -56.31
CA SER D 194 -12.59 48.34 -55.33
C SER D 194 -12.99 49.75 -55.74
N VAL D 195 -13.68 50.44 -54.84
CA VAL D 195 -14.17 51.79 -55.12
C VAL D 195 -13.67 52.73 -54.03
N VAL D 196 -13.63 54.03 -54.37
CA VAL D 196 -13.29 55.10 -53.43
C VAL D 196 -14.41 56.13 -53.50
N THR D 197 -14.85 56.62 -52.34
CA THR D 197 -15.95 57.60 -52.29
C THR D 197 -15.41 59.02 -52.48
N VAL D 198 -14.94 59.27 -53.70
CA VAL D 198 -14.57 60.61 -54.15
C VAL D 198 -15.52 61.03 -55.26
N PRO D 199 -15.88 62.31 -55.36
CA PRO D 199 -16.91 62.71 -56.33
C PRO D 199 -16.33 62.87 -57.73
N SER D 200 -17.20 63.27 -58.66
CA SER D 200 -16.81 63.59 -60.01
C SER D 200 -16.56 65.08 -60.21
N SER D 201 -16.80 65.89 -59.20
CA SER D 201 -16.47 67.31 -59.27
C SER D 201 -14.98 67.54 -59.03
N SER D 202 -14.39 66.79 -58.09
CA SER D 202 -12.96 66.84 -57.83
C SER D 202 -12.17 65.84 -58.67
N LEU D 203 -12.77 65.33 -59.73
CA LEU D 203 -12.16 64.31 -60.59
C LEU D 203 -11.44 64.90 -61.79
N GLY D 204 -12.01 65.94 -62.41
CA GLY D 204 -11.33 66.66 -63.46
C GLY D 204 -10.33 67.68 -62.97
N THR D 205 -10.28 67.91 -61.66
CA THR D 205 -9.28 68.78 -61.05
C THR D 205 -8.06 68.00 -60.57
N GLN D 206 -8.30 66.85 -59.94
CA GLN D 206 -7.22 65.97 -59.48
C GLN D 206 -7.59 64.57 -59.94
N THR D 207 -6.60 63.87 -60.50
N THR D 207 -6.61 63.87 -60.52
CA THR D 207 -6.81 62.56 -61.11
CA THR D 207 -6.86 62.56 -61.12
C THR D 207 -6.79 61.47 -60.04
C THR D 207 -6.81 61.48 -60.05
N TYR D 208 -7.82 60.61 -60.07
CA TYR D 208 -7.88 59.45 -59.19
C TYR D 208 -7.41 58.25 -59.99
N ILE D 209 -6.16 57.86 -59.77
CA ILE D 209 -5.53 56.78 -60.53
C ILE D 209 -5.56 55.50 -59.71
N CYS D 210 -5.96 54.41 -60.34
CA CYS D 210 -6.01 53.11 -59.70
CA CYS D 210 -6.02 53.11 -59.71
C CYS D 210 -4.95 52.19 -60.30
N ASN D 211 -4.39 51.33 -59.45
CA ASN D 211 -3.28 50.47 -59.81
C ASN D 211 -3.68 49.02 -59.57
N VAL D 212 -3.83 48.25 -60.64
CA VAL D 212 -4.30 46.88 -60.57
C VAL D 212 -3.13 45.93 -60.81
N ASN D 213 -3.09 44.84 -60.04
CA ASN D 213 -2.00 43.88 -60.08
C ASN D 213 -2.60 42.49 -60.07
N HIS D 214 -1.87 41.52 -60.63
CA HIS D 214 -2.26 40.11 -60.57
C HIS D 214 -1.02 39.29 -60.19
N LYS D 215 -0.87 39.06 -58.89
CA LYS D 215 0.32 38.36 -58.37
C LYS D 215 0.52 36.92 -58.86
N PRO D 216 -0.50 36.13 -59.24
CA PRO D 216 -0.20 34.89 -59.98
C PRO D 216 0.48 35.09 -61.33
N SER D 217 0.36 36.25 -61.97
CA SER D 217 0.98 36.45 -63.28
C SER D 217 1.83 37.71 -63.40
N ASN D 218 1.78 38.61 -62.41
CA ASN D 218 2.62 39.82 -62.32
C ASN D 218 2.41 40.75 -63.52
N THR D 219 1.17 41.18 -63.70
CA THR D 219 0.79 42.15 -64.73
C THR D 219 0.34 43.41 -63.99
N LYS D 220 1.29 44.32 -63.77
CA LYS D 220 1.05 45.53 -62.98
C LYS D 220 0.62 46.67 -63.91
N VAL D 221 -0.67 47.00 -63.87
CA VAL D 221 -1.26 48.01 -64.74
C VAL D 221 -1.73 49.18 -63.89
N ASP D 222 -1.49 50.41 -64.38
CA ASP D 222 -2.01 51.63 -63.78
C ASP D 222 -3.14 52.17 -64.66
N LYS D 223 -4.05 52.93 -64.06
CA LYS D 223 -5.18 53.47 -64.83
C LYS D 223 -5.71 54.74 -64.17
N LYS D 224 -5.62 55.86 -64.87
CA LYS D 224 -6.32 57.07 -64.49
C LYS D 224 -7.80 56.95 -64.83
N VAL D 225 -8.65 57.47 -63.96
CA VAL D 225 -10.10 57.54 -64.20
C VAL D 225 -10.42 58.94 -64.72
N GLU D 226 -11.19 59.02 -65.81
CA GLU D 226 -11.49 60.28 -66.47
C GLU D 226 -12.93 60.70 -66.21
N PRO D 227 -13.25 62.01 -66.36
CA PRO D 227 -14.65 62.45 -66.40
C PRO D 227 -15.37 61.98 -67.64
N GLU E 1 17.16 14.99 -35.26
CA GLU E 1 18.33 14.23 -35.69
C GLU E 1 19.61 14.88 -35.20
N ILE E 2 20.20 14.29 -34.16
CA ILE E 2 21.38 14.85 -33.52
C ILE E 2 22.62 14.44 -34.29
N VAL E 3 23.45 15.41 -34.64
CA VAL E 3 24.81 15.14 -35.11
C VAL E 3 25.76 15.42 -33.96
N LEU E 4 26.92 14.76 -33.99
CA LEU E 4 27.91 14.87 -32.92
C LEU E 4 29.22 15.36 -33.50
N THR E 5 29.68 16.51 -33.03
CA THR E 5 30.93 17.11 -33.47
C THR E 5 31.80 17.38 -32.26
N GLN E 6 33.04 16.91 -32.31
CA GLN E 6 34.00 17.12 -31.23
C GLN E 6 34.99 18.18 -31.67
N SER E 7 34.92 19.35 -31.05
CA SER E 7 35.78 20.48 -31.39
C SER E 7 36.58 20.89 -30.16
N PRO E 8 37.94 20.87 -30.20
CA PRO E 8 38.78 20.53 -31.35
C PRO E 8 38.98 19.03 -31.56
N GLY E 9 39.16 18.63 -32.82
CA GLY E 9 39.29 17.22 -33.16
C GLY E 9 40.60 16.62 -32.70
N THR E 10 41.67 17.41 -32.69
CA THR E 10 42.97 16.95 -32.26
C THR E 10 43.53 17.93 -31.23
N GLN E 11 44.35 17.40 -30.32
CA GLN E 11 44.95 18.17 -29.24
C GLN E 11 46.37 17.69 -28.99
N SER E 12 47.15 18.54 -28.32
CA SER E 12 48.53 18.21 -27.96
C SER E 12 48.83 18.86 -26.61
N LEU E 13 48.72 18.08 -25.54
CA LEU E 13 48.92 18.57 -24.19
C LEU E 13 49.98 17.74 -23.48
N SER E 14 50.58 18.33 -22.45
CA SER E 14 51.61 17.65 -21.67
C SER E 14 50.99 16.52 -20.85
N PRO E 15 51.78 15.49 -20.52
CA PRO E 15 51.28 14.46 -19.59
C PRO E 15 51.08 15.05 -18.20
N GLY E 16 49.89 14.83 -17.64
CA GLY E 16 49.53 15.43 -16.37
C GLY E 16 48.77 16.73 -16.48
N GLU E 17 48.38 17.14 -17.69
CA GLU E 17 47.70 18.41 -17.88
C GLU E 17 46.21 18.29 -17.57
N ARG E 18 45.65 19.35 -17.00
CA ARG E 18 44.22 19.42 -16.70
C ARG E 18 43.47 19.61 -18.01
N ALA E 19 42.92 18.54 -18.55
CA ALA E 19 42.35 18.54 -19.89
C ALA E 19 40.84 18.74 -19.86
N THR E 20 40.28 19.04 -21.03
CA THR E 20 38.84 19.18 -21.22
C THR E 20 38.53 18.77 -22.65
N LEU E 21 37.76 17.70 -22.81
CA LEU E 21 37.54 17.05 -24.09
C LEU E 21 36.07 17.18 -24.44
N SER E 22 35.78 17.80 -25.58
CA SER E 22 34.44 18.25 -25.92
CA SER E 22 34.44 18.25 -25.93
C SER E 22 33.71 17.25 -26.82
N CYS E 23 32.38 17.31 -26.76
CA CYS E 23 31.49 16.54 -27.64
C CYS E 23 30.21 17.37 -27.80
N ARG E 24 30.16 18.17 -28.87
CA ARG E 24 29.07 19.10 -29.11
CA ARG E 24 29.06 19.09 -29.09
C ARG E 24 27.97 18.46 -29.94
N ALA E 25 26.77 19.02 -29.82
CA ALA E 25 25.60 18.56 -30.57
C ALA E 25 24.69 19.73 -30.86
N SER E 26 23.79 19.54 -31.83
CA SER E 26 22.84 20.57 -32.22
C SER E 26 21.58 20.55 -31.35
N GLN E 27 20.86 19.44 -31.36
CA GLN E 27 19.65 19.28 -30.57
C GLN E 27 19.97 18.60 -29.24
N SER E 28 18.99 18.57 -28.36
CA SER E 28 19.14 17.93 -27.06
CA SER E 28 19.14 17.93 -27.06
C SER E 28 18.74 16.46 -27.12
N VAL E 29 19.27 15.69 -26.20
CA VAL E 29 19.09 14.25 -26.18
C VAL E 29 18.18 13.87 -25.02
N GLY E 30 17.43 12.78 -25.20
CA GLY E 30 16.48 12.37 -24.18
C GLY E 30 17.18 11.78 -22.97
N ASN E 31 16.79 12.25 -21.78
CA ASN E 31 17.30 11.84 -20.47
C ASN E 31 18.80 12.09 -20.28
N ASN E 32 19.38 12.94 -21.14
CA ASN E 32 20.79 13.36 -21.10
C ASN E 32 21.74 12.17 -21.14
N LYS E 33 21.69 11.44 -22.25
CA LYS E 33 22.48 10.21 -22.44
CA LYS E 33 22.48 10.21 -22.44
C LYS E 33 23.50 10.46 -23.54
N LEU E 34 24.69 10.91 -23.15
CA LEU E 34 25.80 11.12 -24.08
C LEU E 34 27.03 10.47 -23.47
N ALA E 35 27.58 9.48 -24.16
CA ALA E 35 28.62 8.63 -23.61
C ALA E 35 30.00 9.13 -24.02
N TRP E 36 31.02 8.33 -23.71
CA TRP E 36 32.41 8.65 -24.01
C TRP E 36 33.17 7.35 -24.25
N TYR E 37 34.01 7.34 -25.28
CA TYR E 37 34.67 6.11 -25.71
C TYR E 37 36.11 6.43 -26.09
N GLN E 38 37.07 5.89 -25.35
CA GLN E 38 38.47 6.04 -25.69
C GLN E 38 38.92 4.81 -26.47
N GLN E 39 39.40 5.02 -27.68
CA GLN E 39 39.91 3.95 -28.52
C GLN E 39 41.40 4.14 -28.71
N ARG E 40 42.19 3.29 -28.10
CA ARG E 40 43.61 3.29 -28.40
C ARG E 40 43.86 2.61 -29.74
N PRO E 41 44.91 2.99 -30.44
CA PRO E 41 45.24 2.34 -31.72
C PRO E 41 45.60 0.88 -31.53
N GLY E 42 45.04 0.04 -32.40
CA GLY E 42 45.15 -1.40 -32.23
C GLY E 42 44.24 -1.96 -31.17
N GLN E 43 43.18 -1.25 -30.81
CA GLN E 43 42.28 -1.67 -29.75
C GLN E 43 40.86 -1.28 -30.10
N ALA E 44 39.90 -1.97 -29.48
CA ALA E 44 38.52 -1.54 -29.48
C ALA E 44 38.36 -0.31 -28.57
N PRO E 45 37.29 0.47 -28.75
CA PRO E 45 36.99 1.53 -27.78
C PRO E 45 36.61 0.96 -26.42
N ARG E 46 36.54 1.86 -25.44
CA ARG E 46 36.32 1.49 -24.05
CA ARG E 46 36.31 1.49 -24.05
C ARG E 46 35.23 2.38 -23.45
N LEU E 47 34.34 1.77 -22.68
CA LEU E 47 33.24 2.50 -22.04
C LEU E 47 33.81 3.41 -20.96
N LEU E 48 33.79 4.72 -21.20
CA LEU E 48 34.28 5.68 -20.22
C LEU E 48 33.14 6.22 -19.36
N ILE E 49 32.15 6.85 -19.97
CA ILE E 49 31.08 7.53 -19.27
C ILE E 49 29.75 6.96 -19.74
N TYR E 50 28.87 6.65 -18.79
CA TYR E 50 27.48 6.33 -19.08
C TYR E 50 26.60 7.21 -18.21
N GLY E 51 25.48 7.66 -18.77
CA GLY E 51 24.62 8.58 -18.05
C GLY E 51 25.18 9.98 -17.91
N ALA E 52 26.22 10.31 -18.68
CA ALA E 52 26.81 11.63 -18.91
C ALA E 52 27.58 12.20 -17.70
N SER E 53 27.52 11.52 -16.56
CA SER E 53 28.37 11.89 -15.42
C SER E 53 28.95 10.71 -14.66
N SER E 54 28.43 9.50 -14.83
CA SER E 54 28.86 8.36 -14.03
C SER E 54 30.07 7.68 -14.67
N ARG E 55 30.48 6.56 -14.07
CA ARG E 55 31.66 5.82 -14.51
CA ARG E 55 31.65 5.83 -14.51
C ARG E 55 31.55 4.39 -14.04
N PRO E 56 31.95 3.41 -14.84
CA PRO E 56 31.86 2.01 -14.40
C PRO E 56 32.99 1.67 -13.43
N SER E 57 32.93 0.44 -12.92
CA SER E 57 33.94 -0.05 -12.01
C SER E 57 35.23 -0.38 -12.76
N GLY E 58 36.37 0.02 -12.19
CA GLY E 58 37.67 -0.22 -12.75
C GLY E 58 38.29 1.00 -13.39
N VAL E 59 37.47 1.97 -13.78
CA VAL E 59 37.94 3.20 -14.41
C VAL E 59 38.15 4.24 -13.31
N ALA E 60 39.34 4.85 -13.28
CA ALA E 60 39.75 5.68 -12.16
C ALA E 60 39.05 7.04 -12.19
N ASP E 61 39.34 7.84 -11.16
CA ASP E 61 38.71 9.14 -10.98
C ASP E 61 39.56 10.28 -11.51
N ARG E 62 40.61 9.99 -12.28
CA ARG E 62 41.28 11.05 -13.03
C ARG E 62 40.40 11.54 -14.17
N PHE E 63 39.56 10.68 -14.71
CA PHE E 63 38.52 11.03 -15.66
C PHE E 63 37.35 11.67 -14.93
N SER E 64 36.59 12.48 -15.66
CA SER E 64 35.40 13.13 -15.10
CA SER E 64 35.40 13.13 -15.11
C SER E 64 34.46 13.48 -16.25
N GLY E 65 33.33 12.79 -16.33
CA GLY E 65 32.34 13.08 -17.34
C GLY E 65 31.56 14.33 -16.99
N SER E 66 31.64 15.35 -17.85
CA SER E 66 31.09 16.66 -17.51
C SER E 66 30.27 17.23 -18.65
N GLY E 67 29.92 18.50 -18.56
CA GLY E 67 29.03 19.12 -19.52
C GLY E 67 27.58 19.02 -19.11
N SER E 68 26.73 19.80 -19.78
CA SER E 68 25.31 19.82 -19.48
CA SER E 68 25.31 19.82 -19.48
C SER E 68 24.55 20.31 -20.72
N GLY E 69 23.25 20.03 -20.72
CA GLY E 69 22.38 20.45 -21.80
C GLY E 69 22.39 19.52 -22.99
N THR E 70 22.84 20.02 -24.14
CA THR E 70 23.01 19.21 -25.35
C THR E 70 24.45 18.82 -25.61
N ASP E 71 25.41 19.45 -24.94
N ASP E 71 25.41 19.47 -24.96
CA ASP E 71 26.83 19.22 -25.15
CA ASP E 71 26.82 19.18 -25.18
C ASP E 71 27.45 18.77 -23.84
C ASP E 71 27.44 18.76 -23.86
N PHE E 72 28.00 17.55 -23.83
CA PHE E 72 28.63 17.00 -22.64
C PHE E 72 30.10 16.74 -22.92
N THR E 73 30.93 17.03 -21.93
CA THR E 73 32.38 16.99 -22.08
C THR E 73 32.98 15.87 -21.25
N LEU E 74 34.31 15.79 -21.28
CA LEU E 74 35.08 14.89 -20.44
C LEU E 74 36.35 15.63 -20.03
N THR E 75 36.60 15.68 -18.73
CA THR E 75 37.70 16.46 -18.19
C THR E 75 38.67 15.54 -17.46
N ILE E 76 39.96 15.71 -17.74
CA ILE E 76 41.00 14.79 -17.27
C ILE E 76 41.93 15.59 -16.36
N SER E 77 42.36 14.99 -15.25
CA SER E 77 43.31 15.65 -14.37
C SER E 77 44.76 15.32 -14.75
N ARG E 78 45.13 14.05 -14.68
CA ARG E 78 46.45 13.59 -15.08
C ARG E 78 46.34 12.79 -16.36
N LEU E 79 46.94 13.30 -17.44
CA LEU E 79 46.92 12.64 -18.73
C LEU E 79 47.90 11.47 -18.72
N GLU E 80 47.38 10.27 -18.53
CA GLU E 80 48.18 9.05 -18.56
C GLU E 80 48.72 8.79 -19.97
N PRO E 81 49.79 7.98 -20.08
CA PRO E 81 50.27 7.56 -21.41
C PRO E 81 49.25 6.75 -22.21
N GLU E 82 48.32 6.04 -21.57
CA GLU E 82 47.26 5.39 -22.32
C GLU E 82 46.16 6.34 -22.74
N ASP E 83 46.11 7.55 -22.15
CA ASP E 83 45.09 8.52 -22.48
C ASP E 83 45.40 9.31 -23.75
N PHE E 84 46.58 9.13 -24.34
CA PHE E 84 46.96 9.85 -25.55
C PHE E 84 46.46 9.06 -26.77
N ALA E 85 45.15 9.17 -27.00
CA ALA E 85 44.50 8.49 -28.12
C ALA E 85 43.25 9.27 -28.50
N VAL E 86 42.52 8.76 -29.48
CA VAL E 86 41.28 9.38 -29.92
C VAL E 86 40.18 9.06 -28.91
N TYR E 87 39.22 9.97 -28.77
CA TYR E 87 38.19 9.89 -27.72
C TYR E 87 36.81 10.08 -28.36
N TYR E 88 36.15 8.97 -28.66
CA TYR E 88 34.83 9.01 -29.24
C TYR E 88 33.78 9.35 -28.20
N CYS E 89 32.67 9.91 -28.66
CA CYS E 89 31.49 10.12 -27.84
C CYS E 89 30.27 9.67 -28.62
N GLN E 90 29.28 9.17 -27.90
CA GLN E 90 28.10 8.58 -28.53
C GLN E 90 26.88 8.98 -27.73
N GLN E 91 25.92 9.59 -28.39
CA GLN E 91 24.61 9.77 -27.80
C GLN E 91 23.70 8.64 -28.28
N TYR E 92 23.10 7.93 -27.34
CA TYR E 92 22.27 6.78 -27.63
C TYR E 92 20.83 7.03 -27.22
N GLY E 93 20.44 8.30 -27.16
CA GLY E 93 19.09 8.63 -26.74
C GLY E 93 18.05 8.29 -27.80
N GLN E 94 18.38 8.53 -29.06
CA GLN E 94 17.40 8.35 -30.14
C GLN E 94 17.36 6.90 -30.60
N SER E 95 16.52 6.64 -31.60
CA SER E 95 16.59 5.39 -32.35
C SER E 95 17.91 5.32 -33.11
N LEU E 96 18.22 6.38 -33.86
CA LEU E 96 19.48 6.50 -34.57
C LEU E 96 20.50 7.15 -33.64
N SER E 97 21.58 6.44 -33.36
CA SER E 97 22.61 6.90 -32.44
C SER E 97 23.85 7.24 -33.23
N THR E 98 24.19 8.52 -33.27
CA THR E 98 25.34 9.01 -34.01
C THR E 98 26.53 9.17 -33.08
N PHE E 99 27.72 9.22 -33.69
CA PHE E 99 28.97 9.17 -32.96
C PHE E 99 29.77 10.45 -33.19
N GLY E 100 30.55 10.82 -32.18
CA GLY E 100 31.46 11.94 -32.31
C GLY E 100 32.68 11.59 -33.15
N GLN E 101 33.44 12.62 -33.51
CA GLN E 101 34.60 12.46 -34.37
CA GLN E 101 34.60 12.46 -34.37
C GLN E 101 35.91 12.64 -33.61
N GLY E 102 35.92 12.29 -32.33
CA GLY E 102 37.14 12.25 -31.56
C GLY E 102 37.72 13.55 -31.07
N THR E 103 38.25 13.52 -29.86
CA THR E 103 39.11 14.55 -29.31
C THR E 103 40.44 13.86 -28.97
N LYS E 104 41.30 13.76 -29.96
CA LYS E 104 42.55 13.02 -29.83
C LYS E 104 43.62 13.92 -29.22
N VAL E 105 44.21 13.48 -28.12
CA VAL E 105 45.29 14.22 -27.48
C VAL E 105 46.59 13.44 -27.69
N GLU E 106 47.70 14.17 -27.64
CA GLU E 106 49.03 13.59 -27.75
C GLU E 106 49.99 14.38 -26.87
N VAL E 107 51.21 13.86 -26.71
CA VAL E 107 52.19 14.49 -25.84
C VAL E 107 52.70 15.77 -26.49
N LYS E 108 52.57 16.88 -25.78
CA LYS E 108 53.11 18.16 -26.24
C LYS E 108 54.62 18.17 -26.07
N ARG E 109 55.34 18.38 -27.17
CA ARG E 109 56.78 18.53 -27.13
C ARG E 109 57.17 19.63 -28.12
N THR E 110 58.43 20.05 -28.04
CA THR E 110 58.92 21.19 -28.81
C THR E 110 59.05 20.82 -30.29
N VAL E 111 59.21 21.87 -31.11
CA VAL E 111 59.45 21.69 -32.53
C VAL E 111 60.85 21.11 -32.74
N ALA E 112 60.98 20.21 -33.72
CA ALA E 112 62.24 19.54 -33.95
C ALA E 112 62.65 19.54 -35.41
N ALA E 113 63.73 18.83 -35.73
CA ALA E 113 64.24 18.68 -37.09
C ALA E 113 64.08 17.23 -37.56
N PRO E 114 63.68 17.01 -38.80
CA PRO E 114 63.41 15.65 -39.27
C PRO E 114 64.68 14.89 -39.58
N SER E 115 64.49 13.62 -39.95
CA SER E 115 65.56 12.75 -40.43
C SER E 115 65.27 12.46 -41.89
N VAL E 116 65.76 13.34 -42.77
CA VAL E 116 65.54 13.24 -44.20
C VAL E 116 66.90 12.99 -44.86
N PHE E 117 66.95 12.02 -45.77
CA PHE E 117 68.17 11.69 -46.48
C PHE E 117 67.88 11.56 -47.97
N ILE E 118 68.95 11.54 -48.75
CA ILE E 118 68.93 10.95 -50.08
C ILE E 118 69.07 9.45 -49.89
N PHE E 119 68.30 8.67 -50.65
CA PHE E 119 68.33 7.24 -50.51
C PHE E 119 68.85 6.58 -51.78
N PRO E 120 69.82 5.67 -51.67
CA PRO E 120 70.17 4.82 -52.82
C PRO E 120 69.00 3.93 -53.19
N PRO E 121 68.65 3.87 -54.48
CA PRO E 121 67.40 3.20 -54.87
C PRO E 121 67.49 1.68 -54.79
N SER E 122 66.34 1.06 -54.56
CA SER E 122 66.23 -0.39 -54.51
C SER E 122 66.36 -0.94 -55.92
N ASP E 123 67.54 -1.48 -56.23
CA ASP E 123 67.87 -1.92 -57.58
C ASP E 123 67.02 -3.11 -58.02
N GLU E 124 66.59 -3.94 -57.07
CA GLU E 124 65.70 -5.05 -57.40
CA GLU E 124 65.70 -5.05 -57.40
C GLU E 124 64.34 -4.55 -57.86
N GLN E 125 63.81 -3.51 -57.21
CA GLN E 125 62.55 -2.91 -57.66
C GLN E 125 62.75 -2.10 -58.94
N LEU E 126 63.95 -1.57 -59.17
CA LEU E 126 64.25 -0.97 -60.47
C LEU E 126 64.21 -2.01 -61.58
N LYS E 127 64.74 -3.20 -61.31
CA LYS E 127 64.61 -4.31 -62.25
C LYS E 127 63.17 -4.82 -62.35
N SER E 128 62.35 -4.59 -61.32
CA SER E 128 61.00 -5.15 -61.30
C SER E 128 60.08 -4.49 -62.33
N GLY E 129 60.14 -3.17 -62.47
CA GLY E 129 59.27 -2.51 -63.43
C GLY E 129 58.56 -1.27 -62.92
N THR E 130 58.94 -0.77 -61.75
CA THR E 130 58.34 0.43 -61.18
CA THR E 130 58.34 0.43 -61.18
C THR E 130 59.43 1.38 -60.71
N ALA E 131 59.16 2.68 -60.84
CA ALA E 131 60.07 3.71 -60.38
C ALA E 131 59.92 3.86 -58.88
N SER E 132 61.00 3.65 -58.13
CA SER E 132 60.92 3.65 -56.67
C SER E 132 62.19 4.22 -56.06
N VAL E 133 62.12 5.47 -55.63
CA VAL E 133 62.96 6.02 -54.58
C VAL E 133 62.02 6.63 -53.56
N VAL E 134 62.32 6.45 -52.27
CA VAL E 134 61.46 6.88 -51.19
C VAL E 134 62.15 7.99 -50.41
N CYS E 135 61.38 8.96 -49.94
CA CYS E 135 61.90 10.05 -49.11
CA CYS E 135 61.90 10.05 -49.11
C CYS E 135 61.59 9.76 -47.65
N LEU E 136 62.57 9.99 -46.78
CA LEU E 136 62.40 9.75 -45.36
C LEU E 136 61.99 11.03 -44.66
N LEU E 137 61.16 10.88 -43.62
CA LEU E 137 60.75 12.00 -42.78
C LEU E 137 60.45 11.41 -41.40
N ASN E 138 61.47 11.40 -40.53
CA ASN E 138 61.39 10.71 -39.25
C ASN E 138 61.85 11.64 -38.13
N ASN E 139 61.27 11.42 -36.94
CA ASN E 139 61.65 12.10 -35.68
C ASN E 139 61.53 13.61 -35.79
N PHE E 140 60.32 14.07 -36.13
CA PHE E 140 60.10 15.46 -36.48
C PHE E 140 58.90 16.02 -35.72
N TYR E 141 58.75 17.34 -35.84
CA TYR E 141 57.69 18.14 -35.24
C TYR E 141 57.69 19.45 -36.01
N PRO E 142 56.52 20.00 -36.37
CA PRO E 142 55.15 19.57 -36.06
C PRO E 142 54.60 18.45 -36.95
N ARG E 143 53.28 18.26 -36.92
N ARG E 143 53.27 18.30 -36.91
CA ARG E 143 52.65 17.12 -37.57
CA ARG E 143 52.57 17.18 -37.53
C ARG E 143 52.16 17.43 -38.97
C ARG E 143 52.11 17.48 -38.95
N GLU E 144 52.77 18.39 -39.66
CA GLU E 144 52.41 18.71 -41.04
C GLU E 144 53.67 18.87 -41.87
N ALA E 145 53.87 17.95 -42.81
CA ALA E 145 54.95 18.08 -43.80
C ALA E 145 54.52 17.30 -45.04
N LYS E 146 54.00 18.01 -46.03
CA LYS E 146 53.51 17.39 -47.26
C LYS E 146 54.62 17.35 -48.30
N VAL E 147 54.63 16.29 -49.10
CA VAL E 147 55.61 16.09 -50.16
CA VAL E 147 55.60 16.11 -50.16
C VAL E 147 54.87 16.03 -51.49
N GLN E 148 55.55 16.47 -52.55
CA GLN E 148 55.07 16.32 -53.92
C GLN E 148 56.21 15.67 -54.69
N TRP E 149 55.97 14.46 -55.19
CA TRP E 149 57.06 13.65 -55.75
C TRP E 149 57.45 14.19 -57.12
N LYS E 150 58.64 14.77 -57.19
CA LYS E 150 59.15 15.41 -58.40
C LYS E 150 60.20 14.50 -59.03
N VAL E 151 59.75 13.59 -59.89
CA VAL E 151 60.64 12.80 -60.72
C VAL E 151 60.98 13.63 -61.95
N ASP E 152 62.26 13.62 -62.34
CA ASP E 152 62.90 14.62 -63.21
C ASP E 152 62.76 16.05 -62.66
N ASN E 153 62.61 16.15 -61.32
CA ASN E 153 62.43 17.41 -60.60
CA ASN E 153 62.43 17.40 -60.59
C ASN E 153 61.30 18.24 -61.19
N ALA E 154 60.19 17.58 -61.53
CA ALA E 154 59.03 18.22 -62.14
C ALA E 154 57.77 17.70 -61.46
N LEU E 155 56.78 18.60 -61.34
CA LEU E 155 55.60 18.36 -60.51
C LEU E 155 54.71 17.28 -61.12
N GLN E 156 54.58 16.17 -60.41
CA GLN E 156 53.63 15.12 -60.75
C GLN E 156 52.29 15.41 -60.09
N SER E 157 51.37 14.45 -60.11
CA SER E 157 50.03 14.63 -59.54
C SER E 157 49.60 13.34 -58.87
N GLY E 158 49.63 13.31 -57.54
CA GLY E 158 49.01 12.25 -56.77
C GLY E 158 49.93 11.10 -56.38
N ASN E 159 51.17 11.09 -56.85
CA ASN E 159 52.08 9.99 -56.59
C ASN E 159 52.86 10.13 -55.29
N SER E 160 52.43 11.01 -54.40
CA SER E 160 53.03 11.14 -53.06
C SER E 160 52.24 10.32 -52.05
N GLN E 161 52.12 9.03 -52.34
CA GLN E 161 51.37 8.12 -51.49
C GLN E 161 52.14 7.83 -50.22
N GLU E 162 51.88 8.63 -49.19
CA GLU E 162 52.62 8.59 -47.95
C GLU E 162 51.91 7.71 -46.91
N SER E 163 52.63 7.44 -45.83
CA SER E 163 52.08 6.73 -44.70
C SER E 163 52.80 7.22 -43.46
N VAL E 164 52.07 7.85 -42.54
CA VAL E 164 52.63 8.34 -41.29
C VAL E 164 52.49 7.22 -40.26
N THR E 165 53.38 7.20 -39.27
CA THR E 165 53.28 6.21 -38.21
C THR E 165 52.37 6.74 -37.10
N GLU E 166 52.26 5.98 -36.01
CA GLU E 166 51.44 6.39 -34.88
C GLU E 166 52.25 7.31 -33.96
N GLN E 167 51.70 7.59 -32.79
CA GLN E 167 52.39 8.44 -31.82
C GLN E 167 53.52 7.67 -31.15
N ASP E 168 54.70 8.29 -31.11
CA ASP E 168 55.84 7.67 -30.43
C ASP E 168 55.65 7.70 -28.92
N SER E 169 56.10 6.65 -28.26
CA SER E 169 56.06 6.57 -26.81
C SER E 169 57.35 6.99 -26.14
N LYS E 170 58.48 6.94 -26.86
CA LYS E 170 59.76 7.33 -26.28
C LYS E 170 59.97 8.83 -26.36
N ASP E 171 59.99 9.38 -27.58
CA ASP E 171 60.31 10.80 -27.78
C ASP E 171 59.14 11.62 -28.31
N SER E 172 57.97 10.99 -28.47
CA SER E 172 56.70 11.63 -28.82
C SER E 172 56.71 12.36 -30.16
N THR E 173 57.67 12.05 -31.03
CA THR E 173 57.71 12.63 -32.36
C THR E 173 56.97 11.68 -33.32
N TYR E 174 57.08 11.93 -34.61
CA TYR E 174 56.42 11.09 -35.61
C TYR E 174 57.43 10.70 -36.68
N SER E 175 56.95 9.87 -37.61
CA SER E 175 57.77 9.37 -38.71
C SER E 175 56.87 9.13 -39.91
N LEU E 176 57.39 9.47 -41.10
CA LEU E 176 56.61 9.41 -42.32
C LEU E 176 57.49 8.85 -43.44
N SER E 177 56.84 8.26 -44.44
CA SER E 177 57.54 7.69 -45.58
CA SER E 177 57.54 7.69 -45.58
C SER E 177 56.63 7.75 -46.79
N SER E 178 57.11 8.40 -47.86
CA SER E 178 56.37 8.53 -49.11
C SER E 178 57.23 8.00 -50.24
N THR E 179 56.71 7.02 -50.97
CA THR E 179 57.46 6.34 -52.01
C THR E 179 57.07 6.86 -53.39
N LEU E 180 57.90 6.51 -54.37
CA LEU E 180 57.65 6.82 -55.77
C LEU E 180 56.81 5.72 -56.40
N THR E 181 55.80 6.12 -57.19
CA THR E 181 55.00 5.19 -57.99
C THR E 181 54.93 5.72 -59.42
N LEU E 182 55.94 5.41 -60.22
CA LEU E 182 55.91 5.63 -61.66
C LEU E 182 56.39 4.36 -62.35
N SER E 183 56.43 4.38 -63.68
CA SER E 183 56.90 3.25 -64.47
C SER E 183 58.40 3.37 -64.71
N LYS E 184 58.96 2.39 -65.44
CA LYS E 184 60.34 2.50 -65.89
C LYS E 184 60.47 3.35 -67.14
N ALA E 185 59.37 3.55 -67.87
CA ALA E 185 59.37 4.47 -69.00
C ALA E 185 59.54 5.92 -68.57
N ASP E 186 59.30 6.22 -67.29
CA ASP E 186 59.60 7.52 -66.70
C ASP E 186 60.90 7.52 -65.89
N TYR E 187 61.27 6.39 -65.30
CA TYR E 187 62.49 6.31 -64.51
C TYR E 187 63.73 6.32 -65.40
N GLU E 188 63.77 5.43 -66.40
CA GLU E 188 64.98 5.16 -67.18
C GLU E 188 65.42 6.33 -68.06
N LYS E 189 64.55 7.31 -68.33
CA LYS E 189 64.96 8.50 -69.05
C LYS E 189 65.27 9.67 -68.13
N HIS E 190 65.25 9.45 -66.82
CA HIS E 190 65.56 10.47 -65.83
C HIS E 190 66.78 10.04 -65.02
N LYS E 191 67.42 11.03 -64.37
CA LYS E 191 68.62 10.79 -63.59
CA LYS E 191 68.62 10.78 -63.59
C LYS E 191 68.45 11.13 -62.13
N VAL E 192 67.90 12.31 -61.82
CA VAL E 192 67.70 12.73 -60.44
C VAL E 192 66.28 12.34 -60.02
N TYR E 193 66.16 11.68 -58.88
CA TYR E 193 64.87 11.26 -58.34
C TYR E 193 64.78 11.83 -56.92
N ALA E 194 64.36 13.08 -56.81
CA ALA E 194 64.48 13.85 -55.59
C ALA E 194 63.11 14.22 -55.05
N CYS E 195 63.11 14.81 -53.86
CA CYS E 195 61.87 15.19 -53.17
CA CYS E 195 61.86 15.22 -53.23
C CYS E 195 62.08 16.54 -52.52
N GLU E 196 60.98 17.10 -52.01
CA GLU E 196 61.02 18.40 -51.32
C GLU E 196 59.94 18.38 -50.24
N VAL E 197 60.35 18.59 -49.00
CA VAL E 197 59.46 18.47 -47.84
C VAL E 197 58.96 19.87 -47.48
N THR E 198 57.64 20.02 -47.39
CA THR E 198 57.02 21.29 -47.01
CA THR E 198 57.02 21.29 -47.01
C THR E 198 56.68 21.24 -45.52
N HIS E 199 57.71 21.40 -44.70
CA HIS E 199 57.63 21.30 -43.25
C HIS E 199 57.64 22.68 -42.62
N GLN E 200 57.29 22.72 -41.33
CA GLN E 200 57.42 23.91 -40.50
C GLN E 200 58.57 23.81 -39.52
N GLY E 201 59.07 22.60 -39.25
CA GLY E 201 60.30 22.44 -38.48
C GLY E 201 61.55 22.95 -39.18
N LEU E 202 61.48 23.22 -40.48
CA LEU E 202 62.50 23.91 -41.23
C LEU E 202 62.27 25.43 -41.17
N SER E 203 63.18 26.16 -41.80
CA SER E 203 63.01 27.59 -42.06
C SER E 203 63.30 27.93 -43.51
N SER E 204 63.64 26.93 -44.33
CA SER E 204 63.96 27.12 -45.74
CA SER E 204 63.96 27.12 -45.74
C SER E 204 63.80 25.77 -46.43
N PRO E 205 63.54 25.75 -47.74
CA PRO E 205 63.41 24.45 -48.43
C PRO E 205 64.71 23.65 -48.42
N VAL E 206 64.60 22.39 -48.02
CA VAL E 206 65.78 21.56 -47.79
C VAL E 206 66.42 21.16 -49.11
N THR E 207 67.65 20.68 -49.02
CA THR E 207 68.42 20.25 -50.19
C THR E 207 68.52 18.73 -50.14
N LYS E 208 67.69 18.07 -50.93
CA LYS E 208 67.70 16.62 -51.10
C LYS E 208 67.69 16.35 -52.59
N SER E 209 68.79 15.80 -53.11
CA SER E 209 68.94 15.54 -54.54
C SER E 209 70.10 14.56 -54.70
N PHE E 210 69.89 13.50 -55.46
CA PHE E 210 70.92 12.51 -55.73
C PHE E 210 70.75 11.99 -57.15
N ASN E 211 71.75 11.23 -57.60
CA ASN E 211 71.69 10.49 -58.85
C ASN E 211 72.02 9.02 -58.60
N ARG E 212 71.46 8.15 -59.44
CA ARG E 212 71.72 6.72 -59.29
C ARG E 212 73.17 6.43 -59.71
N GLY E 213 74.04 6.28 -58.72
CA GLY E 213 75.47 6.24 -58.94
C GLY E 213 76.19 7.17 -57.97
N GLU E 214 75.46 7.68 -56.98
CA GLU E 214 76.03 8.55 -55.96
C GLU E 214 76.70 7.74 -54.86
N GLN F 1 30.66 -11.50 -16.34
CA GLN F 1 31.83 -11.63 -17.19
C GLN F 1 31.43 -11.80 -18.65
N VAL F 2 31.08 -10.68 -19.29
CA VAL F 2 30.62 -10.69 -20.68
C VAL F 2 31.85 -10.61 -21.58
N GLN F 3 32.18 -11.72 -22.24
CA GLN F 3 33.24 -11.77 -23.22
C GLN F 3 32.67 -12.19 -24.57
N LEU F 4 33.22 -11.63 -25.64
CA LEU F 4 32.63 -11.72 -26.97
C LEU F 4 33.62 -12.40 -27.91
N VAL F 5 33.19 -13.47 -28.56
CA VAL F 5 34.03 -14.27 -29.44
C VAL F 5 33.56 -14.03 -30.88
N GLN F 6 34.38 -13.30 -31.64
CA GLN F 6 34.09 -13.01 -33.04
C GLN F 6 34.54 -14.17 -33.92
N SER F 7 34.56 -13.92 -35.23
CA SER F 7 35.04 -14.87 -36.24
C SER F 7 36.31 -14.32 -36.88
N GLY F 8 36.81 -15.04 -37.90
CA GLY F 8 38.03 -14.66 -38.57
C GLY F 8 37.81 -13.77 -39.78
N ALA F 9 38.90 -13.17 -40.26
CA ALA F 9 38.85 -12.20 -41.35
C ALA F 9 38.51 -12.89 -42.67
N GLU F 10 38.16 -12.07 -43.66
CA GLU F 10 37.64 -12.58 -44.92
CA GLU F 10 37.69 -12.60 -44.93
C GLU F 10 37.99 -11.62 -46.05
N VAL F 11 38.24 -12.17 -47.25
CA VAL F 11 38.37 -11.42 -48.48
C VAL F 11 37.26 -11.88 -49.43
N LYS F 12 36.53 -10.93 -50.00
CA LYS F 12 35.33 -11.26 -50.77
C LYS F 12 35.19 -10.29 -51.94
N ARG F 13 34.05 -10.37 -52.62
CA ARG F 13 33.65 -9.55 -53.74
C ARG F 13 32.43 -8.72 -53.39
N PRO F 14 32.17 -7.62 -54.10
CA PRO F 14 30.91 -6.91 -53.90
C PRO F 14 29.72 -7.74 -54.39
N GLY F 15 28.57 -7.53 -53.75
CA GLY F 15 27.37 -8.26 -54.07
C GLY F 15 27.19 -9.55 -53.31
N SER F 16 28.24 -10.11 -52.72
CA SER F 16 28.16 -11.35 -51.97
C SER F 16 27.79 -11.05 -50.52
N SER F 17 27.90 -12.04 -49.65
CA SER F 17 27.50 -11.89 -48.25
CA SER F 17 27.50 -11.90 -48.25
C SER F 17 28.51 -12.56 -47.34
N VAL F 18 28.70 -11.97 -46.15
CA VAL F 18 29.60 -12.48 -45.13
C VAL F 18 28.83 -12.64 -43.82
N THR F 19 28.86 -13.85 -43.27
CA THR F 19 28.32 -14.13 -41.93
C THR F 19 29.45 -14.00 -40.91
N VAL F 20 29.55 -12.83 -40.28
CA VAL F 20 30.44 -12.66 -39.14
C VAL F 20 29.63 -12.89 -37.87
N SER F 21 30.28 -13.41 -36.83
CA SER F 21 29.61 -13.85 -35.62
C SER F 21 30.15 -13.08 -34.41
N CYS F 22 29.37 -13.14 -33.32
CA CYS F 22 29.81 -12.61 -32.02
C CYS F 22 29.27 -13.55 -30.94
N LYS F 23 30.04 -14.59 -30.62
CA LYS F 23 29.64 -15.53 -29.58
C LYS F 23 29.91 -14.92 -28.20
N ALA F 24 28.89 -14.90 -27.36
CA ALA F 24 29.00 -14.32 -26.02
C ALA F 24 29.43 -15.40 -25.04
N SER F 25 30.73 -15.48 -24.76
CA SER F 25 31.26 -16.38 -23.74
C SER F 25 31.05 -15.72 -22.38
N GLY F 26 30.04 -16.18 -21.65
CA GLY F 26 29.71 -15.58 -20.38
C GLY F 26 28.84 -14.36 -20.48
N GLY F 27 28.14 -14.02 -19.41
CA GLY F 27 27.25 -12.87 -19.38
C GLY F 27 25.85 -13.20 -19.83
N SER F 28 24.87 -12.51 -19.23
CA SER F 28 23.46 -12.69 -19.57
C SER F 28 23.21 -12.08 -20.94
N PHE F 29 23.16 -12.93 -21.96
CA PHE F 29 23.19 -12.52 -23.36
C PHE F 29 21.82 -12.38 -24.00
N SER F 30 20.86 -13.22 -23.61
CA SER F 30 19.61 -13.31 -24.34
CA SER F 30 19.59 -13.32 -24.34
C SER F 30 18.71 -12.09 -24.12
N THR F 31 18.93 -11.35 -23.03
CA THR F 31 18.05 -10.25 -22.67
C THR F 31 18.76 -8.89 -22.68
N TYR F 32 19.91 -8.79 -23.33
CA TYR F 32 20.68 -7.56 -23.32
C TYR F 32 20.96 -7.08 -24.73
N ALA F 33 21.07 -5.75 -24.87
CA ALA F 33 21.06 -5.06 -26.15
C ALA F 33 22.42 -5.15 -26.82
N LEU F 34 22.61 -6.18 -27.64
CA LEU F 34 23.77 -6.24 -28.51
C LEU F 34 23.67 -5.17 -29.59
N SER F 35 24.83 -4.68 -30.03
CA SER F 35 24.94 -3.80 -31.18
C SER F 35 26.08 -4.29 -32.06
N TRP F 36 25.99 -3.94 -33.35
CA TRP F 36 26.98 -4.35 -34.35
C TRP F 36 27.56 -3.07 -34.97
N VAL F 37 28.67 -2.60 -34.42
CA VAL F 37 29.27 -1.33 -34.82
C VAL F 37 30.64 -1.60 -35.44
N ARG F 38 30.80 -1.23 -36.71
CA ARG F 38 32.06 -1.36 -37.40
C ARG F 38 32.76 0.00 -37.44
N GLN F 39 34.06 -0.02 -37.75
CA GLN F 39 34.86 1.20 -37.85
C GLN F 39 35.78 1.10 -39.05
N ALA F 40 35.51 1.93 -40.06
CA ALA F 40 36.45 2.11 -41.15
C ALA F 40 37.73 2.75 -40.61
N PRO F 41 38.92 2.46 -41.23
CA PRO F 41 40.19 2.85 -40.59
C PRO F 41 40.44 4.34 -40.48
N GLY F 42 40.44 4.83 -39.25
CA GLY F 42 40.70 6.24 -38.98
C GLY F 42 39.47 7.12 -38.96
N ARG F 43 38.28 6.54 -38.92
CA ARG F 43 37.04 7.31 -38.95
CA ARG F 43 37.06 7.34 -38.94
C ARG F 43 36.13 6.92 -37.79
N GLY F 44 34.89 7.41 -37.82
CA GLY F 44 33.96 7.14 -36.75
C GLY F 44 33.49 5.71 -36.69
N LEU F 45 32.89 5.37 -35.55
CA LEU F 45 32.26 4.07 -35.35
C LEU F 45 30.96 4.02 -36.14
N GLU F 46 30.95 3.29 -37.25
CA GLU F 46 29.81 3.24 -38.14
C GLU F 46 28.80 2.23 -37.60
N TRP F 47 27.71 2.72 -37.01
CA TRP F 47 26.70 1.85 -36.42
C TRP F 47 25.81 1.26 -37.49
N MET F 48 25.65 -0.06 -37.47
CA MET F 48 24.82 -0.76 -38.44
C MET F 48 23.56 -1.36 -37.83
N GLY F 49 23.20 -0.95 -36.62
CA GLY F 49 22.00 -1.45 -35.99
C GLY F 49 22.27 -2.61 -35.06
N GLY F 50 21.54 -2.64 -33.95
CA GLY F 50 21.68 -3.69 -32.96
C GLY F 50 20.52 -4.68 -32.99
N VAL F 51 20.51 -5.54 -31.97
CA VAL F 51 19.47 -6.55 -31.81
C VAL F 51 19.36 -6.93 -30.34
N ILE F 52 18.13 -7.05 -29.86
CA ILE F 52 17.84 -7.73 -28.60
C ILE F 52 17.49 -9.19 -28.93
N PRO F 53 18.18 -10.17 -28.35
CA PRO F 53 17.93 -11.57 -28.70
C PRO F 53 16.71 -12.19 -28.03
N LEU F 54 15.95 -11.42 -27.24
CA LEU F 54 14.87 -12.00 -26.46
C LEU F 54 13.62 -12.24 -27.30
N LEU F 55 13.20 -11.24 -28.09
CA LEU F 55 12.04 -11.37 -28.96
C LEU F 55 12.32 -10.93 -30.39
N THR F 56 13.60 -10.94 -30.80
CA THR F 56 14.09 -10.48 -32.11
C THR F 56 13.64 -9.03 -32.36
N ILE F 57 14.27 -8.14 -31.59
CA ILE F 57 13.93 -6.73 -31.59
C ILE F 57 15.08 -5.96 -32.23
N THR F 58 14.97 -5.70 -33.52
CA THR F 58 16.10 -5.21 -34.33
C THR F 58 15.98 -3.71 -34.51
N ASN F 59 16.54 -2.95 -33.55
CA ASN F 59 16.67 -1.51 -33.69
C ASN F 59 17.65 -1.21 -34.82
N TYR F 60 17.15 -0.61 -35.90
CA TYR F 60 17.93 -0.45 -37.12
C TYR F 60 18.38 0.99 -37.30
N ALA F 61 19.63 1.16 -37.69
CA ALA F 61 20.11 2.46 -38.14
C ALA F 61 19.50 2.75 -39.50
N PRO F 62 18.81 3.89 -39.69
CA PRO F 62 17.95 4.06 -40.87
C PRO F 62 18.66 4.35 -42.18
N ARG F 63 19.98 4.16 -42.25
CA ARG F 63 20.76 4.43 -43.45
CA ARG F 63 20.72 4.42 -43.47
C ARG F 63 21.22 3.17 -44.17
N PHE F 64 21.16 2.01 -43.52
CA PHE F 64 21.61 0.76 -44.13
C PHE F 64 20.45 -0.21 -44.35
N GLN F 65 19.25 0.31 -44.60
CA GLN F 65 18.09 -0.54 -44.77
C GLN F 65 18.15 -1.27 -46.11
N GLY F 66 17.65 -2.52 -46.09
CA GLY F 66 17.65 -3.37 -47.26
C GLY F 66 18.92 -4.18 -47.45
N ARG F 67 20.06 -3.65 -47.00
CA ARG F 67 21.35 -4.30 -47.15
C ARG F 67 21.79 -5.05 -45.90
N ILE F 68 21.10 -4.85 -44.78
N ILE F 68 21.09 -4.87 -44.79
CA ILE F 68 21.48 -5.49 -43.53
CA ILE F 68 21.46 -5.46 -43.51
C ILE F 68 20.70 -6.80 -43.39
C ILE F 68 20.66 -6.74 -43.28
N THR F 69 21.24 -7.70 -42.57
CA THR F 69 20.57 -8.94 -42.20
C THR F 69 21.06 -9.32 -40.81
N ILE F 70 20.26 -8.99 -39.79
CA ILE F 70 20.65 -9.16 -38.39
C ILE F 70 19.69 -10.13 -37.73
N THR F 71 20.24 -11.16 -37.09
CA THR F 71 19.45 -12.16 -36.36
C THR F 71 20.13 -12.44 -35.03
N ALA F 72 19.65 -13.47 -34.34
CA ALA F 72 20.19 -13.85 -33.04
C ALA F 72 20.03 -15.35 -32.85
N ASP F 73 20.79 -15.90 -31.90
CA ASP F 73 20.72 -17.32 -31.57
C ASP F 73 21.11 -17.50 -30.12
N ARG F 74 20.19 -18.06 -29.33
N ARG F 74 20.18 -18.04 -29.33
CA ARG F 74 20.43 -18.27 -27.91
CA ARG F 74 20.43 -18.28 -27.90
C ARG F 74 21.22 -19.55 -27.64
C ARG F 74 21.26 -19.53 -27.68
N SER F 75 21.05 -20.56 -28.49
CA SER F 75 21.71 -21.85 -28.28
C SER F 75 23.22 -21.76 -28.54
N THR F 76 23.61 -21.10 -29.64
CA THR F 76 25.01 -20.88 -29.91
C THR F 76 25.57 -19.65 -29.20
N SER F 77 24.73 -18.95 -28.42
CA SER F 77 25.09 -17.74 -27.67
C SER F 77 25.68 -16.66 -28.58
N THR F 78 25.12 -16.54 -29.77
CA THR F 78 25.73 -15.77 -30.84
C THR F 78 24.67 -15.02 -31.62
N ALA F 79 24.86 -13.72 -31.77
CA ALA F 79 24.13 -12.94 -32.75
C ALA F 79 24.93 -12.93 -34.05
N TYR F 80 24.21 -13.02 -35.17
CA TYR F 80 24.84 -13.10 -36.49
C TYR F 80 24.62 -11.81 -37.25
N LEU F 81 25.71 -11.16 -37.64
CA LEU F 81 25.66 -10.10 -38.64
C LEU F 81 25.91 -10.72 -40.00
N GLU F 82 25.08 -10.35 -40.97
CA GLU F 82 25.20 -10.84 -42.34
CA GLU F 82 25.20 -10.84 -42.34
C GLU F 82 25.08 -9.63 -43.27
N LEU F 83 26.20 -8.97 -43.54
CA LEU F 83 26.19 -7.83 -44.44
C LEU F 83 26.16 -8.36 -45.86
N ASN F 84 24.95 -8.64 -46.34
CA ASN F 84 24.75 -9.01 -47.74
C ASN F 84 24.96 -7.80 -48.63
N SER F 85 25.24 -8.08 -49.91
CA SER F 85 25.50 -7.08 -50.96
CA SER F 85 25.50 -7.08 -50.96
C SER F 85 26.64 -6.14 -50.54
N LEU F 86 27.83 -6.73 -50.42
CA LEU F 86 29.01 -6.04 -49.93
C LEU F 86 29.46 -4.94 -50.89
N ARG F 87 30.33 -4.08 -50.37
CA ARG F 87 30.94 -2.96 -51.09
CA ARG F 87 30.96 -3.00 -51.12
C ARG F 87 32.39 -2.86 -50.66
N PRO F 88 33.27 -2.31 -51.51
CA PRO F 88 34.67 -2.10 -51.09
C PRO F 88 34.83 -1.06 -49.98
N GLU F 89 33.84 -0.22 -49.73
CA GLU F 89 33.89 0.69 -48.59
C GLU F 89 33.40 0.05 -47.30
N ASP F 90 33.16 -1.27 -47.29
CA ASP F 90 32.89 -1.99 -46.06
C ASP F 90 34.16 -2.36 -45.30
N THR F 91 35.34 -2.00 -45.82
CA THR F 91 36.62 -2.37 -45.21
C THR F 91 36.73 -1.69 -43.85
N ALA F 92 36.58 -2.49 -42.81
CA ALA F 92 36.36 -1.96 -41.46
C ALA F 92 36.64 -3.09 -40.48
N VAL F 93 36.72 -2.72 -39.21
CA VAL F 93 36.92 -3.67 -38.13
C VAL F 93 35.55 -3.94 -37.53
N TYR F 94 35.02 -5.14 -37.78
CA TYR F 94 33.62 -5.47 -37.49
C TYR F 94 33.50 -5.81 -36.01
N TYR F 95 33.58 -4.78 -35.17
CA TYR F 95 33.40 -4.96 -33.74
C TYR F 95 31.95 -5.29 -33.42
N CYS F 96 31.75 -6.04 -32.34
CA CYS F 96 30.41 -6.34 -31.85
CA CYS F 96 30.42 -6.37 -31.84
C CYS F 96 30.28 -5.74 -30.47
N ALA F 97 29.21 -4.97 -30.28
CA ALA F 97 29.02 -4.21 -29.05
C ALA F 97 27.92 -4.82 -28.20
N ARG F 98 27.96 -4.48 -26.91
CA ARG F 98 26.99 -4.97 -25.95
CA ARG F 98 27.00 -4.97 -25.94
C ARG F 98 27.00 -4.02 -24.75
N GLU F 99 25.81 -3.71 -24.25
CA GLU F 99 25.70 -2.68 -23.22
C GLU F 99 26.18 -3.19 -21.87
N GLY F 100 26.45 -2.24 -20.98
CA GLY F 100 27.01 -2.54 -19.69
C GLY F 100 25.95 -2.90 -18.66
N THR F 101 26.30 -2.67 -17.39
CA THR F 101 25.50 -3.13 -16.27
C THR F 101 25.84 -2.27 -15.06
N THR F 102 24.82 -1.82 -14.32
CA THR F 102 25.02 -1.13 -13.06
C THR F 102 25.74 -2.03 -12.06
N GLY F 103 26.74 -1.46 -11.38
CA GLY F 103 27.50 -2.17 -10.38
C GLY F 103 28.93 -2.43 -10.84
N TRP F 104 29.63 -3.29 -10.09
CA TRP F 104 29.09 -4.16 -9.03
C TRP F 104 28.30 -5.37 -9.52
N GLY F 105 28.81 -6.01 -10.56
CA GLY F 105 28.18 -7.19 -11.13
C GLY F 105 27.94 -7.05 -12.62
N TRP F 106 27.56 -8.18 -13.23
CA TRP F 106 27.25 -8.25 -14.64
C TRP F 106 25.83 -8.76 -14.89
N LEU F 107 24.92 -8.53 -13.94
CA LEU F 107 23.58 -9.06 -14.03
C LEU F 107 22.48 -8.04 -13.73
N GLY F 108 22.80 -6.88 -13.15
CA GLY F 108 21.80 -5.92 -12.72
C GLY F 108 21.21 -5.10 -13.85
N LYS F 109 20.94 -3.84 -13.53
CA LYS F 109 20.23 -2.97 -14.47
C LYS F 109 21.15 -2.55 -15.61
N PRO F 110 20.68 -2.61 -16.86
CA PRO F 110 21.49 -2.14 -17.98
C PRO F 110 21.59 -0.62 -18.00
N ILE F 111 22.57 -0.14 -18.77
CA ILE F 111 22.90 1.29 -18.80
C ILE F 111 22.82 1.89 -20.19
N GLY F 112 22.58 1.08 -21.22
CA GLY F 112 22.48 1.61 -22.57
C GLY F 112 23.78 1.61 -23.35
N ALA F 113 24.79 2.33 -22.86
CA ALA F 113 26.04 2.47 -23.58
C ALA F 113 26.84 1.17 -23.57
N PHE F 114 27.57 0.95 -24.66
CA PHE F 114 28.23 -0.34 -24.90
C PHE F 114 29.49 -0.47 -24.05
N ALA F 115 29.67 -1.65 -23.47
CA ALA F 115 30.84 -1.93 -22.63
C ALA F 115 31.77 -2.96 -23.26
N HIS F 116 31.25 -4.14 -23.60
CA HIS F 116 32.09 -5.26 -23.98
C HIS F 116 32.22 -5.36 -25.49
N TRP F 117 33.38 -5.85 -25.93
CA TRP F 117 33.73 -5.93 -27.34
C TRP F 117 34.30 -7.31 -27.65
N GLY F 118 34.42 -7.60 -28.93
CA GLY F 118 35.10 -8.78 -29.42
C GLY F 118 36.52 -8.48 -29.85
N GLN F 119 37.11 -9.44 -30.56
CA GLN F 119 38.48 -9.30 -31.03
C GLN F 119 38.61 -8.47 -32.30
N GLY F 120 37.50 -8.15 -32.97
CA GLY F 120 37.56 -7.38 -34.18
C GLY F 120 37.75 -8.23 -35.43
N THR F 121 36.89 -8.03 -36.42
CA THR F 121 36.93 -8.81 -37.65
C THR F 121 37.05 -7.87 -38.84
N LEU F 122 37.90 -8.21 -39.79
CA LEU F 122 38.16 -7.38 -40.96
C LEU F 122 37.61 -8.03 -42.21
N VAL F 123 37.01 -7.23 -43.09
CA VAL F 123 36.70 -7.63 -44.45
C VAL F 123 37.52 -6.76 -45.40
N THR F 124 38.00 -7.37 -46.49
CA THR F 124 38.76 -6.67 -47.53
C THR F 124 38.06 -6.99 -48.84
N VAL F 125 37.06 -6.18 -49.18
CA VAL F 125 36.18 -6.47 -50.32
C VAL F 125 36.83 -5.86 -51.57
N SER F 126 37.40 -6.72 -52.40
CA SER F 126 37.99 -6.31 -53.67
C SER F 126 38.01 -7.50 -54.61
N SER F 127 37.91 -7.21 -55.90
CA SER F 127 37.92 -8.26 -56.91
C SER F 127 39.33 -8.64 -57.33
N ALA F 128 40.36 -7.96 -56.83
CA ALA F 128 41.73 -8.38 -57.07
C ALA F 128 42.03 -9.63 -56.27
N SER F 129 42.84 -10.52 -56.84
CA SER F 129 43.02 -11.85 -56.26
C SER F 129 44.18 -11.85 -55.26
N THR F 130 44.39 -12.99 -54.64
CA THR F 130 45.39 -13.13 -53.59
C THR F 130 46.79 -13.21 -54.19
N LYS F 131 47.72 -12.43 -53.63
CA LYS F 131 49.09 -12.37 -54.12
C LYS F 131 50.06 -12.59 -52.97
N GLY F 132 51.33 -12.81 -53.34
CA GLY F 132 52.38 -13.02 -52.37
C GLY F 132 53.34 -11.84 -52.28
N PRO F 133 53.79 -11.51 -51.08
CA PRO F 133 54.62 -10.31 -50.88
C PRO F 133 56.02 -10.47 -51.48
N SER F 134 56.43 -9.45 -52.23
CA SER F 134 57.77 -9.35 -52.78
C SER F 134 58.42 -8.10 -52.19
N VAL F 135 59.48 -8.30 -51.41
CA VAL F 135 60.19 -7.20 -50.77
C VAL F 135 61.38 -6.81 -51.64
N PHE F 136 61.78 -5.55 -51.55
CA PHE F 136 62.87 -4.99 -52.34
C PHE F 136 63.69 -4.02 -51.48
N PRO F 137 64.91 -4.39 -51.11
CA PRO F 137 65.63 -3.65 -50.07
C PRO F 137 66.30 -2.38 -50.57
N LEU F 138 66.30 -1.38 -49.70
CA LEU F 138 67.04 -0.13 -49.94
C LEU F 138 68.50 -0.33 -49.55
N ALA F 139 69.40 0.06 -50.46
CA ALA F 139 70.82 -0.12 -50.20
C ALA F 139 71.34 0.98 -49.28
N PRO F 140 72.22 0.64 -48.32
CA PRO F 140 72.84 1.63 -47.44
C PRO F 140 74.09 2.25 -48.04
N GLY F 148 76.36 11.57 -41.09
CA GLY F 148 76.78 10.91 -42.32
C GLY F 148 76.09 9.59 -42.54
N THR F 149 75.12 9.29 -41.69
CA THR F 149 74.36 8.05 -41.80
C THR F 149 73.42 8.08 -43.01
N ALA F 150 73.03 6.89 -43.46
CA ALA F 150 72.16 6.74 -44.62
C ALA F 150 71.20 5.59 -44.30
N ALA F 151 69.94 5.93 -44.04
CA ALA F 151 68.96 4.94 -43.64
C ALA F 151 68.55 4.06 -44.81
N LEU F 152 67.79 3.01 -44.51
CA LEU F 152 67.50 1.95 -45.47
C LEU F 152 66.33 1.13 -44.94
N GLY F 153 65.65 0.46 -45.85
CA GLY F 153 64.54 -0.40 -45.50
C GLY F 153 64.33 -1.43 -46.59
N CYS F 154 63.09 -1.91 -46.69
CA CYS F 154 62.72 -2.89 -47.71
CA CYS F 154 62.72 -2.89 -47.70
C CYS F 154 61.35 -2.54 -48.25
N LEU F 155 61.26 -2.33 -49.57
CA LEU F 155 60.01 -2.00 -50.24
C LEU F 155 59.25 -3.29 -50.53
N VAL F 156 58.23 -3.60 -49.73
CA VAL F 156 57.37 -4.74 -50.03
C VAL F 156 56.25 -4.27 -50.97
N LYS F 157 55.95 -5.09 -51.97
CA LYS F 157 54.94 -4.73 -52.97
C LYS F 157 54.41 -6.03 -53.57
N ASP F 158 53.36 -5.88 -54.39
CA ASP F 158 52.71 -6.96 -55.14
C ASP F 158 52.10 -8.00 -54.22
N TYR F 159 51.61 -7.58 -53.07
CA TYR F 159 50.87 -8.44 -52.16
C TYR F 159 49.42 -8.00 -52.12
N PHE F 160 48.52 -8.98 -51.97
CA PHE F 160 47.10 -8.71 -51.86
C PHE F 160 46.47 -9.92 -51.19
N PRO F 161 45.54 -9.74 -50.25
CA PRO F 161 45.13 -8.49 -49.61
C PRO F 161 46.03 -8.09 -48.44
N GLU F 162 45.49 -7.23 -47.57
N GLU F 162 45.49 -7.23 -47.57
CA GLU F 162 46.15 -6.83 -46.34
CA GLU F 162 46.17 -6.82 -46.35
C GLU F 162 46.28 -8.02 -45.38
C GLU F 162 46.28 -8.01 -45.38
N PRO F 163 47.23 -7.97 -44.42
CA PRO F 163 48.36 -7.07 -44.16
C PRO F 163 49.77 -7.64 -44.39
N VAL F 164 50.78 -6.81 -44.17
N VAL F 164 50.78 -6.81 -44.16
CA VAL F 164 52.17 -7.24 -44.18
CA VAL F 164 52.18 -7.24 -44.18
C VAL F 164 52.73 -7.09 -42.77
C VAL F 164 52.73 -7.09 -42.77
N THR F 165 53.40 -8.13 -42.29
CA THR F 165 54.01 -8.15 -40.96
C THR F 165 55.52 -8.23 -41.16
N VAL F 166 56.18 -7.08 -41.13
CA VAL F 166 57.61 -7.02 -41.38
C VAL F 166 58.37 -7.41 -40.10
N SER F 167 59.58 -7.94 -40.28
CA SER F 167 60.45 -8.29 -39.17
C SER F 167 61.88 -7.94 -39.53
N TRP F 168 62.60 -7.39 -38.57
CA TRP F 168 63.99 -7.00 -38.76
C TRP F 168 64.83 -7.68 -37.68
N ASN F 169 65.81 -8.49 -38.12
CA ASN F 169 66.70 -9.28 -37.25
C ASN F 169 65.92 -10.21 -36.32
N SER F 170 64.81 -10.75 -36.84
CA SER F 170 63.84 -11.57 -36.08
C SER F 170 63.33 -10.83 -34.84
N GLY F 171 63.15 -9.52 -34.97
CA GLY F 171 62.65 -8.70 -33.88
C GLY F 171 63.69 -8.21 -32.90
N ALA F 172 64.98 -8.28 -33.25
CA ALA F 172 66.01 -7.87 -32.31
C ALA F 172 66.21 -6.35 -32.31
N LEU F 173 66.51 -5.78 -33.48
CA LEU F 173 66.70 -4.34 -33.60
C LEU F 173 65.32 -3.68 -33.55
N THR F 174 64.93 -3.23 -32.35
CA THR F 174 63.59 -2.71 -32.11
C THR F 174 63.53 -1.19 -32.07
N SER F 175 64.65 -0.50 -32.25
CA SER F 175 64.67 0.95 -32.35
CA SER F 175 64.67 0.95 -32.35
C SER F 175 64.92 1.35 -33.80
N GLY F 176 64.20 2.37 -34.24
CA GLY F 176 64.30 2.76 -35.63
C GLY F 176 63.50 1.90 -36.59
N VAL F 177 62.66 1.00 -36.07
CA VAL F 177 61.70 0.27 -36.91
C VAL F 177 60.41 1.10 -36.94
N HIS F 178 60.39 2.08 -37.83
CA HIS F 178 59.23 2.94 -38.01
C HIS F 178 58.16 2.14 -38.75
N THR F 179 57.19 1.62 -38.00
CA THR F 179 56.18 0.74 -38.54
C THR F 179 54.98 1.57 -39.01
N PHE F 180 54.69 1.52 -40.30
CA PHE F 180 53.65 2.34 -40.89
C PHE F 180 52.46 1.46 -41.27
N PRO F 181 51.27 2.03 -41.42
CA PRO F 181 50.19 1.31 -42.10
C PRO F 181 50.40 1.31 -43.61
N ALA F 182 49.89 0.25 -44.25
CA ALA F 182 50.04 0.12 -45.69
C ALA F 182 49.09 1.08 -46.42
N VAL F 183 49.66 1.94 -47.25
CA VAL F 183 48.88 2.96 -47.94
C VAL F 183 48.16 2.35 -49.14
N LEU F 184 46.90 2.73 -49.31
CA LEU F 184 46.10 2.28 -50.44
C LEU F 184 46.60 2.97 -51.71
N GLN F 185 47.33 2.23 -52.54
CA GLN F 185 48.02 2.80 -53.69
C GLN F 185 47.06 2.97 -54.87
N SER F 186 47.63 3.24 -56.06
CA SER F 186 46.83 3.64 -57.21
C SER F 186 46.01 2.49 -57.77
N SER F 187 46.61 1.31 -57.91
CA SER F 187 45.93 0.15 -58.43
C SER F 187 45.26 -0.69 -57.34
N GLY F 188 44.92 -0.08 -56.21
CA GLY F 188 44.41 -0.82 -55.08
C GLY F 188 45.45 -1.58 -54.29
N LEU F 189 46.73 -1.44 -54.64
CA LEU F 189 47.80 -2.22 -54.08
C LEU F 189 48.26 -1.54 -52.78
N TYR F 190 49.18 -2.19 -52.05
CA TYR F 190 49.68 -1.65 -50.80
C TYR F 190 51.20 -1.77 -50.79
N SER F 191 51.84 -0.94 -49.97
CA SER F 191 53.30 -0.97 -49.85
CA SER F 191 53.29 -0.97 -49.85
C SER F 191 53.69 -0.56 -48.44
N LEU F 192 54.91 -0.92 -48.04
CA LEU F 192 55.41 -0.67 -46.70
C LEU F 192 56.94 -0.72 -46.72
N SER F 193 57.55 0.09 -45.86
CA SER F 193 59.01 0.06 -45.69
CA SER F 193 59.01 0.06 -45.69
C SER F 193 59.32 0.50 -44.26
N SER F 194 59.59 -0.46 -43.39
CA SER F 194 60.03 -0.17 -42.03
C SER F 194 61.50 0.22 -42.15
N VAL F 195 61.74 1.50 -42.41
CA VAL F 195 63.08 1.99 -42.76
C VAL F 195 63.92 2.01 -41.48
N VAL F 196 64.84 1.06 -41.37
CA VAL F 196 65.68 0.94 -40.19
C VAL F 196 66.80 1.99 -40.27
N THR F 197 66.88 2.83 -39.25
CA THR F 197 67.93 3.83 -39.18
C THR F 197 69.12 3.28 -38.41
N VAL F 198 70.27 3.22 -39.08
CA VAL F 198 71.52 2.77 -38.48
C VAL F 198 72.60 3.78 -38.85
N PRO F 199 73.65 3.89 -38.05
CA PRO F 199 74.78 4.74 -38.43
C PRO F 199 75.54 4.17 -39.61
N SER F 200 76.42 5.02 -40.17
CA SER F 200 77.23 4.66 -41.31
C SER F 200 78.58 4.07 -40.91
N SER F 201 78.66 3.46 -39.72
CA SER F 201 79.88 2.83 -39.25
C SER F 201 79.90 1.32 -39.46
N SER F 202 78.75 0.70 -39.73
CA SER F 202 78.63 -0.75 -39.86
C SER F 202 77.83 -1.11 -41.11
N LEU F 203 78.15 -0.48 -42.23
CA LEU F 203 77.43 -0.68 -43.48
C LEU F 203 77.86 -1.93 -44.24
N GLY F 204 78.79 -2.72 -43.72
CA GLY F 204 79.41 -3.76 -44.51
C GLY F 204 78.97 -5.20 -44.30
N THR F 205 78.85 -5.64 -43.03
CA THR F 205 78.84 -7.07 -42.76
C THR F 205 77.64 -7.49 -41.91
N GLN F 206 77.18 -6.59 -41.04
CA GLN F 206 76.18 -6.92 -40.03
C GLN F 206 74.83 -7.27 -40.66
N THR F 207 74.13 -8.22 -40.04
N THR F 207 74.12 -8.21 -40.04
CA THR F 207 72.86 -8.71 -40.56
CA THR F 207 72.86 -8.71 -40.58
C THR F 207 71.75 -7.68 -40.40
C THR F 207 71.75 -7.68 -40.41
N TYR F 208 71.03 -7.41 -41.49
CA TYR F 208 69.80 -6.58 -41.47
C TYR F 208 68.86 -7.22 -42.49
N ILE F 209 67.97 -8.09 -42.01
CA ILE F 209 67.12 -8.90 -42.87
C ILE F 209 65.67 -8.41 -42.73
N CYS F 210 64.94 -8.45 -43.85
CA CYS F 210 63.52 -8.05 -43.86
CA CYS F 210 63.54 -8.04 -43.90
C CYS F 210 62.68 -9.29 -44.05
N ASN F 211 62.08 -9.77 -42.97
CA ASN F 211 61.21 -10.94 -42.97
C ASN F 211 59.76 -10.46 -42.97
N VAL F 212 59.06 -10.70 -44.08
CA VAL F 212 57.67 -10.28 -44.23
C VAL F 212 56.81 -11.54 -44.34
N ASN F 213 55.82 -11.64 -43.46
CA ASN F 213 54.88 -12.76 -43.44
C ASN F 213 53.49 -12.26 -43.80
N HIS F 214 52.75 -13.07 -44.56
CA HIS F 214 51.46 -12.64 -45.11
C HIS F 214 50.58 -13.88 -45.21
N LYS F 215 49.70 -14.07 -44.22
CA LYS F 215 48.91 -15.29 -44.03
C LYS F 215 47.90 -15.62 -45.15
N PRO F 216 47.34 -14.66 -45.90
CA PRO F 216 46.68 -15.06 -47.15
C PRO F 216 47.61 -15.69 -48.19
N SER F 217 48.91 -15.39 -48.14
CA SER F 217 49.85 -15.93 -49.13
C SER F 217 50.62 -17.15 -48.62
N ASN F 218 50.90 -17.21 -47.32
CA ASN F 218 51.75 -18.22 -46.69
C ASN F 218 53.14 -18.29 -47.34
N THR F 219 53.68 -17.13 -47.69
CA THR F 219 55.05 -17.01 -48.16
C THR F 219 55.79 -16.09 -47.21
N LYS F 220 56.90 -16.59 -46.66
CA LYS F 220 57.69 -15.88 -45.64
C LYS F 220 59.03 -15.55 -46.31
N VAL F 221 59.10 -14.36 -46.90
CA VAL F 221 60.24 -13.99 -47.74
C VAL F 221 61.41 -13.56 -46.86
N ASP F 222 62.59 -14.11 -47.14
CA ASP F 222 63.83 -13.71 -46.51
C ASP F 222 64.65 -12.87 -47.47
N LYS F 223 65.24 -11.79 -46.96
CA LYS F 223 65.97 -10.86 -47.83
C LYS F 223 66.98 -10.11 -46.97
N LYS F 224 68.26 -10.41 -47.16
CA LYS F 224 69.33 -9.65 -46.52
C LYS F 224 69.67 -8.45 -47.38
N VAL F 225 69.72 -7.27 -46.76
CA VAL F 225 70.07 -6.05 -47.48
C VAL F 225 71.56 -6.04 -47.81
N GLU F 226 71.90 -5.30 -48.87
CA GLU F 226 73.27 -5.19 -49.37
C GLU F 226 73.47 -3.82 -49.98
N PRO F 227 74.66 -3.21 -49.84
CA PRO F 227 74.96 -1.94 -50.50
C PRO F 227 75.15 -2.09 -52.02
N ALA G 1 12.24 22.27 -12.48
CA ALA G 1 12.11 20.86 -12.85
C ALA G 1 10.65 20.47 -12.99
N GLU G 2 10.41 19.16 -13.15
CA GLU G 2 9.03 18.71 -13.16
C GLU G 2 8.47 18.69 -11.74
N ASN G 3 7.17 18.54 -11.68
CA ASN G 3 6.48 18.43 -10.41
C ASN G 3 6.77 17.05 -9.82
N LEU G 4 7.35 17.05 -8.63
CA LEU G 4 7.73 15.86 -7.89
C LEU G 4 6.50 15.26 -7.24
N TRP G 5 6.59 14.01 -6.81
CA TRP G 5 5.41 13.42 -6.18
C TRP G 5 5.81 12.86 -4.84
N VAL G 6 4.87 12.91 -3.90
CA VAL G 6 5.18 12.51 -2.55
C VAL G 6 5.31 11.01 -2.46
N THR G 7 6.25 10.56 -1.65
CA THR G 7 6.57 9.15 -1.54
C THR G 7 6.75 8.84 -0.07
N VAL G 8 5.88 8.02 0.49
CA VAL G 8 5.97 7.71 1.90
C VAL G 8 7.11 6.74 2.13
N TYR G 9 7.65 6.75 3.35
CA TYR G 9 8.71 5.84 3.71
C TYR G 9 8.39 5.33 5.10
N TYR G 10 8.33 4.03 5.26
CA TYR G 10 7.95 3.46 6.54
C TYR G 10 9.18 2.84 7.20
N GLY G 11 9.66 3.48 8.25
CA GLY G 11 10.86 3.03 8.92
C GLY G 11 11.97 4.05 8.85
N VAL G 12 11.60 5.31 8.76
CA VAL G 12 12.65 6.33 8.71
C VAL G 12 13.24 6.52 10.09
N PRO G 13 14.53 6.53 10.24
CA PRO G 13 15.10 6.62 11.59
C PRO G 13 15.11 8.05 12.11
N VAL G 14 13.95 8.54 12.53
CA VAL G 14 13.88 9.80 13.24
C VAL G 14 13.34 9.53 14.63
N TRP G 15 13.57 10.47 15.54
CA TRP G 15 13.16 10.27 16.91
C TRP G 15 12.68 11.57 17.52
N LYS G 16 11.83 11.46 18.52
CA LYS G 16 11.42 12.56 19.37
C LYS G 16 11.65 12.19 20.82
N ASP G 17 11.84 13.21 21.66
CA ASP G 17 12.01 12.97 23.09
C ASP G 17 10.67 12.72 23.72
N ALA G 18 10.56 11.63 24.48
CA ALA G 18 9.28 11.24 25.05
C ALA G 18 9.51 10.69 26.45
N GLU G 19 8.42 10.25 27.07
CA GLU G 19 8.45 9.74 28.44
C GLU G 19 7.56 8.53 28.55
N THR G 20 8.09 7.43 29.09
CA THR G 20 7.29 6.23 29.27
C THR G 20 7.87 5.40 30.39
N THR G 21 7.16 4.30 30.69
CA THR G 21 7.59 3.34 31.69
C THR G 21 8.59 2.37 31.11
N LEU G 22 9.56 1.99 31.94
CA LEU G 22 10.60 1.03 31.60
C LEU G 22 10.41 -0.20 32.49
N PHE G 23 11.38 -1.11 32.49
CA PHE G 23 11.27 -2.26 33.38
C PHE G 23 12.64 -2.80 33.77
N CYS G 24 12.61 -3.82 34.61
CA CYS G 24 13.83 -4.44 35.08
C CYS G 24 14.53 -5.23 34.01
N ALA G 25 15.75 -5.61 34.34
CA ALA G 25 16.42 -6.79 33.80
C ALA G 25 17.54 -7.12 34.76
N SER G 26 17.54 -8.32 35.31
CA SER G 26 18.58 -8.72 36.21
C SER G 26 18.99 -10.13 35.81
N ASP G 27 19.73 -10.81 36.68
CA ASP G 27 20.13 -12.17 36.40
C ASP G 27 19.72 -13.09 37.53
N ALA G 28 19.64 -14.37 37.21
CA ALA G 28 19.32 -15.38 38.21
C ALA G 28 20.61 -15.93 38.79
N LYS G 29 20.56 -16.28 40.07
CA LYS G 29 21.76 -16.69 40.79
C LYS G 29 21.40 -17.49 42.03
N THR G 33 18.80 -19.99 44.12
CA THR G 33 17.81 -19.56 45.12
C THR G 33 18.34 -18.46 46.01
N GLU G 34 17.56 -18.18 47.07
CA GLU G 34 17.73 -17.03 47.96
C GLU G 34 17.76 -15.74 47.14
N LYS G 35 16.74 -15.59 46.30
CA LYS G 35 16.51 -14.35 45.58
C LYS G 35 15.62 -13.39 46.35
N HIS G 36 15.54 -13.55 47.67
CA HIS G 36 14.71 -12.68 48.49
C HIS G 36 15.36 -11.32 48.64
N ASN G 37 15.35 -10.54 47.59
CA ASN G 37 15.94 -9.22 47.60
C ASN G 37 14.82 -8.19 47.52
N VAL G 38 15.01 -7.07 48.21
CA VAL G 38 13.99 -6.06 48.25
C VAL G 38 13.92 -5.27 46.95
N TRP G 39 15.05 -5.09 46.24
CA TRP G 39 15.05 -4.29 45.03
C TRP G 39 14.89 -5.08 43.74
N ALA G 40 15.12 -6.39 43.74
CA ALA G 40 14.90 -7.15 42.52
C ALA G 40 13.52 -7.77 42.47
N THR G 41 12.70 -7.54 43.51
CA THR G 41 11.40 -8.20 43.78
C THR G 41 11.38 -9.68 43.40
N HIS G 42 12.43 -10.36 43.85
CA HIS G 42 12.72 -11.76 43.54
C HIS G 42 12.80 -11.95 42.03
N ALA G 43 13.80 -11.31 41.43
CA ALA G 43 14.13 -11.40 40.00
C ALA G 43 12.97 -10.95 39.12
N CYS G 44 12.77 -9.62 39.12
CA CYS G 44 11.73 -8.96 38.32
C CYS G 44 11.72 -9.40 36.86
N VAL G 45 12.81 -9.21 36.12
CA VAL G 45 13.03 -9.90 34.87
C VAL G 45 14.40 -10.56 34.93
N PRO G 46 14.46 -11.88 35.09
CA PRO G 46 15.75 -12.54 35.29
C PRO G 46 16.54 -12.81 34.02
N THR G 47 16.23 -12.14 32.91
CA THR G 47 16.89 -12.49 31.65
C THR G 47 18.27 -11.87 31.53
N ASP G 48 18.33 -10.53 31.38
CA ASP G 48 19.53 -9.78 31.00
C ASP G 48 20.32 -10.42 29.86
N PRO G 49 19.88 -10.32 28.62
CA PRO G 49 20.64 -10.92 27.51
C PRO G 49 21.89 -10.14 27.13
N ASN G 50 22.51 -10.52 26.01
CA ASN G 50 23.77 -9.91 25.58
C ASN G 50 23.56 -8.46 25.16
N PRO G 51 24.46 -7.56 25.55
CA PRO G 51 24.23 -6.13 25.34
C PRO G 51 24.62 -5.62 23.96
N GLN G 52 23.70 -5.70 23.01
CA GLN G 52 23.98 -5.15 21.68
C GLN G 52 23.99 -3.63 21.73
N GLU G 53 25.15 -3.04 21.45
CA GLU G 53 25.32 -1.59 21.44
C GLU G 53 25.77 -1.17 20.05
N ILE G 54 25.13 -0.12 19.53
CA ILE G 54 25.28 0.30 18.14
C ILE G 54 25.64 1.78 18.14
N HIS G 55 26.74 2.12 17.47
CA HIS G 55 27.07 3.53 17.35
C HIS G 55 26.30 4.15 16.20
N LEU G 56 26.25 5.47 16.18
CA LEU G 56 25.56 6.20 15.13
C LEU G 56 26.49 7.11 14.35
N GLU G 57 27.64 7.43 14.92
CA GLU G 57 28.84 7.97 14.30
C GLU G 57 28.76 9.43 13.88
N ASN G 58 27.57 10.00 13.79
CA ASN G 58 27.41 11.19 12.95
C ASN G 58 26.41 12.19 13.50
N VAL G 59 25.92 12.01 14.72
CA VAL G 59 24.82 12.82 15.22
C VAL G 59 25.20 13.43 16.56
N THR G 60 24.99 14.74 16.70
CA THR G 60 25.21 15.46 17.95
C THR G 60 23.84 15.71 18.58
N GLU G 61 23.42 14.77 19.41
CA GLU G 61 22.15 14.85 20.10
C GLU G 61 22.30 15.62 21.40
N GLU G 62 21.32 16.46 21.71
CA GLU G 62 21.34 17.18 22.98
C GLU G 62 20.78 16.34 24.11
N PHE G 63 21.44 16.41 25.26
CA PHE G 63 21.08 15.63 26.43
C PHE G 63 20.70 16.56 27.56
N ASN G 64 20.11 15.98 28.60
CA ASN G 64 19.90 16.73 29.83
C ASN G 64 19.92 15.75 30.97
N MET G 65 20.48 16.19 32.10
CA MET G 65 20.45 15.40 33.32
C MET G 65 19.62 16.02 34.43
N TRP G 66 19.38 17.33 34.41
CA TRP G 66 18.57 17.93 35.44
C TRP G 66 17.11 18.02 35.06
N LYS G 67 16.77 17.63 33.84
CA LYS G 67 15.38 17.54 33.42
C LYS G 67 15.02 16.12 33.02
N ASN G 68 15.83 15.15 33.42
CA ASN G 68 15.66 13.79 32.98
C ASN G 68 14.40 13.20 33.60
N ASN G 69 13.84 12.20 32.94
CA ASN G 69 12.64 11.59 33.48
C ASN G 69 12.92 10.26 34.16
N MET G 70 14.00 9.59 33.80
CA MET G 70 14.26 8.28 34.37
C MET G 70 14.61 8.33 35.85
N VAL G 71 15.07 9.47 36.37
CA VAL G 71 15.35 9.52 37.79
C VAL G 71 14.07 9.52 38.61
N GLU G 72 13.00 10.16 38.13
CA GLU G 72 11.76 10.11 38.89
C GLU G 72 11.12 8.74 38.83
N GLN G 73 11.26 8.06 37.71
CA GLN G 73 10.81 6.68 37.62
C GLN G 73 11.61 5.79 38.53
N MET G 74 12.92 6.01 38.63
CA MET G 74 13.72 5.19 39.50
C MET G 74 13.40 5.47 40.97
N HIS G 75 13.11 6.72 41.29
CA HIS G 75 12.82 7.05 42.68
C HIS G 75 11.49 6.47 43.13
N THR G 76 10.44 6.62 42.31
CA THR G 76 9.18 6.02 42.73
C THR G 76 9.21 4.50 42.65
N ASP G 77 10.03 3.93 41.76
CA ASP G 77 10.23 2.49 41.80
C ASP G 77 10.90 2.03 43.08
N ILE G 78 11.89 2.75 43.58
CA ILE G 78 12.57 2.30 44.78
C ILE G 78 11.67 2.45 46.00
N ILE G 79 10.91 3.55 46.09
CA ILE G 79 10.06 3.66 47.28
C ILE G 79 8.89 2.68 47.19
N SER G 80 8.43 2.35 45.99
CA SER G 80 7.37 1.37 45.91
C SER G 80 7.87 -0.03 46.19
N LEU G 81 9.10 -0.36 45.80
CA LEU G 81 9.64 -1.66 46.16
C LEU G 81 9.93 -1.78 47.63
N TRP G 82 10.34 -0.69 48.27
CA TRP G 82 10.52 -0.68 49.71
C TRP G 82 9.21 -0.97 50.43
N ASP G 83 8.17 -0.20 50.13
CA ASP G 83 6.92 -0.41 50.84
C ASP G 83 6.22 -1.70 50.42
N GLN G 84 6.56 -2.25 49.25
CA GLN G 84 5.99 -3.54 48.92
C GLN G 84 6.68 -4.66 49.67
N SER G 85 8.00 -4.59 49.84
CA SER G 85 8.67 -5.67 50.54
C SER G 85 8.45 -5.59 52.04
N LEU G 86 8.21 -4.40 52.56
CA LEU G 86 8.04 -4.27 53.99
C LEU G 86 6.67 -4.69 54.45
N LYS G 87 5.72 -4.84 53.53
CA LYS G 87 4.31 -5.00 53.89
C LYS G 87 3.97 -6.28 54.64
N PRO G 88 4.32 -7.49 54.19
CA PRO G 88 3.86 -8.68 54.91
C PRO G 88 4.68 -9.05 56.13
N CYS G 89 5.44 -8.15 56.74
CA CYS G 89 6.24 -8.50 57.89
C CYS G 89 5.50 -8.16 59.19
N VAL G 90 6.17 -8.37 60.30
CA VAL G 90 5.57 -8.37 61.62
C VAL G 90 5.33 -6.93 62.05
N LYS G 91 4.14 -6.63 62.55
CA LYS G 91 3.95 -5.33 63.17
C LYS G 91 4.53 -5.34 64.57
N LEU G 92 4.83 -4.17 65.08
CA LEU G 92 5.36 -4.06 66.43
C LEU G 92 4.63 -3.00 67.25
N THR G 93 3.36 -2.78 66.95
CA THR G 93 2.59 -1.92 67.81
C THR G 93 2.41 -2.40 69.26
N PRO G 94 2.53 -3.68 69.63
CA PRO G 94 2.63 -3.98 71.07
C PRO G 94 3.93 -3.58 71.72
N LEU G 95 4.91 -3.08 70.99
CA LEU G 95 6.18 -2.72 71.61
C LEU G 95 6.19 -1.34 72.23
N CYS G 96 5.34 -0.42 71.78
CA CYS G 96 5.37 0.93 72.30
C CYS G 96 4.84 0.94 73.73
N VAL G 97 5.69 0.62 74.69
CA VAL G 97 5.30 0.55 76.09
C VAL G 97 6.32 1.35 76.91
N THR G 98 6.02 1.51 78.18
CA THR G 98 6.96 2.17 79.07
C THR G 98 8.06 1.20 79.47
N LEU G 99 9.30 1.61 79.26
CA LEU G 99 10.44 0.76 79.53
C LEU G 99 11.15 1.30 80.75
N GLN G 100 11.59 0.42 81.62
CA GLN G 100 12.44 0.81 82.73
C GLN G 100 13.85 0.38 82.39
N CYS G 101 14.70 1.33 82.03
CA CYS G 101 16.01 1.01 81.50
C CYS G 101 17.12 1.44 82.45
N THR G 102 18.31 0.95 82.17
CA THR G 102 19.49 1.28 82.96
C THR G 102 20.71 1.11 82.07
N ASN G 103 21.84 1.67 82.50
CA ASN G 103 23.03 1.61 81.67
C ASN G 103 23.64 0.22 81.74
N VAL G 104 24.60 0.01 80.84
CA VAL G 104 25.45 -1.17 80.87
C VAL G 104 26.85 -0.75 81.30
N THR G 105 27.57 -1.69 81.92
CA THR G 105 28.97 -1.49 82.31
C THR G 105 29.68 -2.82 82.12
N ASN G 106 30.39 -2.97 81.00
CA ASN G 106 31.43 -3.99 80.88
C ASN G 106 32.72 -3.47 80.26
N ASN G 107 32.68 -2.42 79.46
CA ASN G 107 33.83 -2.01 78.68
C ASN G 107 33.91 -0.49 78.68
N ILE G 108 34.67 0.03 77.71
CA ILE G 108 35.09 1.42 77.66
C ILE G 108 33.90 2.36 77.62
N THR G 109 34.10 3.57 78.14
CA THR G 109 33.16 4.66 77.94
C THR G 109 33.18 5.12 76.50
N ASP G 110 32.27 6.07 76.21
CA ASP G 110 32.15 6.75 74.92
C ASP G 110 31.83 5.76 73.81
N ASP G 111 30.64 5.17 73.92
CA ASP G 111 30.22 4.22 72.90
C ASP G 111 29.11 4.76 72.01
N GLU G 115 25.61 5.36 73.86
CA GLU G 115 25.93 4.02 74.33
C GLU G 115 24.67 3.17 74.34
N LEU G 116 24.67 2.13 75.13
CA LEU G 116 23.56 1.19 75.13
C LEU G 116 22.74 1.32 76.40
N LYS G 117 21.48 0.95 76.29
CA LYS G 117 20.57 1.02 77.41
C LYS G 117 19.97 -0.36 77.62
N ASN G 118 20.03 -0.84 78.85
CA ASN G 118 19.54 -2.17 79.19
C ASN G 118 18.08 -2.03 79.58
N CYS G 119 17.18 -2.29 78.66
CA CYS G 119 15.77 -2.04 78.89
C CYS G 119 15.01 -3.33 79.14
N SER G 120 13.94 -3.21 79.92
CA SER G 120 13.08 -4.34 80.24
C SER G 120 11.65 -3.88 80.32
N PHE G 121 10.73 -4.68 79.81
CA PHE G 121 9.35 -4.24 79.73
C PHE G 121 8.41 -5.43 79.87
N ASN G 122 7.12 -5.13 80.04
CA ASN G 122 6.13 -6.18 80.15
C ASN G 122 5.60 -6.55 78.77
N MET G 123 5.79 -7.81 78.38
CA MET G 123 5.62 -8.24 77.00
C MET G 123 5.46 -9.77 77.01
N THR G 124 5.85 -10.43 75.92
CA THR G 124 5.82 -11.92 75.82
C THR G 124 4.36 -12.39 75.91
N THR G 125 3.46 -11.48 75.58
CA THR G 125 2.03 -11.78 75.69
C THR G 125 1.89 -12.93 74.71
N GLU G 126 1.56 -14.12 75.16
CA GLU G 126 1.51 -15.22 74.16
C GLU G 126 0.12 -15.84 74.05
N LEU G 127 -0.64 -15.85 75.14
CA LEU G 127 -2.01 -16.33 75.10
C LEU G 127 -3.00 -15.26 75.52
N ARG G 128 -2.69 -14.00 75.25
CA ARG G 128 -3.54 -12.83 75.53
C ARG G 128 -3.83 -12.65 77.03
N ASP G 129 -3.24 -13.47 77.89
CA ASP G 129 -3.43 -13.36 79.32
C ASP G 129 -2.14 -13.30 80.09
N LYS G 130 -1.03 -13.74 79.53
CA LYS G 130 0.21 -13.86 80.28
C LYS G 130 1.24 -12.94 79.69
N LYS G 131 1.80 -12.08 80.52
CA LYS G 131 2.83 -11.15 80.14
C LYS G 131 4.10 -11.47 80.92
N GLN G 132 5.26 -11.11 80.36
CA GLN G 132 6.52 -11.38 81.03
C GLN G 132 7.44 -10.18 80.99
N LYS G 133 8.35 -10.15 81.95
CA LYS G 133 9.41 -9.16 82.00
C LYS G 133 10.57 -9.66 81.15
N VAL G 134 10.95 -8.89 80.14
CA VAL G 134 11.83 -9.34 79.08
C VAL G 134 13.05 -8.44 79.01
N TYR G 135 14.25 -9.02 78.98
CA TYR G 135 15.46 -8.24 78.73
C TYR G 135 15.42 -7.71 77.30
N SER G 136 16.01 -6.54 77.09
CA SER G 136 16.33 -6.09 75.75
C SER G 136 17.46 -5.10 75.88
N LEU G 137 18.09 -4.77 74.76
CA LEU G 137 19.29 -3.95 74.84
C LEU G 137 19.31 -3.00 73.65
N PHE G 138 18.77 -1.81 73.85
CA PHE G 138 18.60 -0.81 72.82
C PHE G 138 19.74 0.18 72.86
N TYR G 139 19.87 0.95 71.77
CA TYR G 139 20.89 1.97 71.66
C TYR G 139 20.37 3.24 72.31
N ARG G 140 21.12 4.32 72.21
CA ARG G 140 20.49 5.62 72.31
C ARG G 140 20.01 5.97 70.92
N LEU G 141 19.49 7.18 70.75
CA LEU G 141 18.91 7.68 69.50
C LEU G 141 17.65 6.94 69.07
N ASP G 142 17.16 6.01 69.87
CA ASP G 142 15.80 5.52 69.70
C ASP G 142 15.09 5.21 71.01
N VAL G 143 15.51 5.79 72.13
CA VAL G 143 14.69 5.87 73.33
C VAL G 143 14.71 7.31 73.81
N VAL G 144 13.60 7.75 74.40
CA VAL G 144 13.51 9.07 75.00
C VAL G 144 12.95 8.95 76.40
N GLN G 145 13.18 9.97 77.21
CA GLN G 145 12.68 9.93 78.58
C GLN G 145 11.24 10.37 78.64
N ILE G 146 10.68 10.39 79.85
CA ILE G 146 9.30 10.75 80.06
C ILE G 146 9.20 11.98 80.98
N GLU G 160 10.30 5.02 82.66
CA GLU G 160 11.33 6.00 82.38
C GLU G 160 11.48 6.26 80.88
N TYR G 161 11.38 5.24 80.06
CA TYR G 161 11.70 5.39 78.65
C TYR G 161 10.62 4.81 77.76
N ARG G 162 10.52 5.37 76.55
CA ARG G 162 9.67 4.84 75.50
C ARG G 162 10.42 4.96 74.19
N LEU G 163 9.91 4.31 73.16
CA LEU G 163 10.56 4.42 71.86
C LEU G 163 10.32 5.79 71.25
N ILE G 164 11.16 6.17 70.28
CA ILE G 164 11.07 7.53 69.76
C ILE G 164 9.99 7.70 68.74
N ASN G 165 9.46 6.62 68.20
CA ASN G 165 8.46 6.75 67.17
C ASN G 165 7.06 6.51 67.68
N CYS G 166 6.84 6.47 68.98
CA CYS G 166 5.48 6.21 69.41
C CYS G 166 4.60 7.44 69.36
N ASN G 167 5.14 8.65 69.30
CA ASN G 167 4.25 9.76 68.98
C ASN G 167 4.08 9.95 67.49
N THR G 168 4.98 9.41 66.68
CA THR G 168 4.77 9.27 65.25
C THR G 168 4.19 7.87 65.03
N SER G 169 4.28 7.31 63.83
CA SER G 169 3.45 6.15 63.49
C SER G 169 4.05 4.83 63.90
N ALA G 170 3.45 3.75 63.42
CA ALA G 170 3.74 2.39 63.82
C ALA G 170 5.06 1.91 63.23
N ILE G 171 5.51 0.77 63.74
CA ILE G 171 6.93 0.46 63.80
C ILE G 171 7.22 -0.96 63.26
N THR G 172 6.55 -1.33 62.17
CA THR G 172 6.74 -2.63 61.53
C THR G 172 8.19 -3.01 61.25
N GLN G 173 8.59 -4.16 61.78
CA GLN G 173 9.97 -4.59 61.63
C GLN G 173 10.15 -5.27 60.29
N ALA G 174 11.41 -5.44 59.90
CA ALA G 174 11.72 -6.11 58.65
C ALA G 174 11.67 -7.61 58.85
N CYS G 175 11.33 -8.31 57.79
CA CYS G 175 11.49 -9.75 57.81
C CYS G 175 12.97 -10.07 57.75
N PRO G 176 13.47 -10.96 58.59
CA PRO G 176 14.91 -11.18 58.62
C PRO G 176 15.42 -12.05 57.50
N LYS G 177 14.56 -12.72 56.75
CA LYS G 177 15.06 -13.53 55.65
C LYS G 177 15.46 -12.68 54.45
N VAL G 178 14.92 -11.47 54.28
CA VAL G 178 15.30 -10.67 53.11
C VAL G 178 16.62 -9.97 53.40
N SER G 179 17.28 -9.48 52.37
CA SER G 179 18.57 -8.86 52.57
C SER G 179 18.59 -7.51 51.88
N PHE G 180 19.61 -6.72 52.19
CA PHE G 180 19.64 -5.39 51.60
C PHE G 180 20.88 -5.18 50.77
N GLU G 181 21.39 -6.20 50.11
CA GLU G 181 22.52 -5.99 49.24
C GLU G 181 22.04 -5.43 47.90
N PRO G 182 22.59 -4.34 47.42
CA PRO G 182 22.07 -3.73 46.21
C PRO G 182 22.54 -4.43 44.95
N ILE G 183 21.85 -5.46 44.52
CA ILE G 183 22.24 -6.14 43.28
C ILE G 183 21.90 -5.25 42.10
N PRO G 184 22.69 -5.25 41.03
CA PRO G 184 22.49 -4.26 39.97
C PRO G 184 21.28 -4.57 39.13
N ILE G 185 20.56 -3.52 38.74
CA ILE G 185 19.43 -3.65 37.84
C ILE G 185 19.68 -2.82 36.59
N HIS G 186 18.94 -3.16 35.55
CA HIS G 186 19.13 -2.64 34.21
C HIS G 186 17.77 -2.21 33.68
N TYR G 187 17.63 -0.94 33.34
CA TYR G 187 16.38 -0.42 32.82
C TYR G 187 16.28 -0.65 31.33
N CYS G 188 15.44 -1.58 30.89
CA CYS G 188 15.27 -1.79 29.47
C CYS G 188 14.02 -1.11 28.96
N ALA G 189 14.19 -0.39 27.85
CA ALA G 189 13.13 0.37 27.22
C ALA G 189 12.12 -0.57 26.58
N PRO G 190 10.87 -0.15 26.46
CA PRO G 190 9.88 -0.96 25.76
C PRO G 190 10.12 -0.90 24.26
N ALA G 191 9.28 -1.61 23.52
CA ALA G 191 9.46 -1.61 22.07
C ALA G 191 8.94 -0.32 21.48
N GLY G 192 9.58 0.11 20.40
CA GLY G 192 9.22 1.39 19.84
C GLY G 192 9.81 2.56 20.56
N PHE G 193 10.77 2.33 21.45
CA PHE G 193 11.52 3.39 22.08
C PHE G 193 12.97 2.99 22.09
N ALA G 194 13.85 3.95 22.35
CA ALA G 194 15.26 3.67 22.34
C ALA G 194 15.93 4.45 23.45
N ILE G 195 17.04 3.93 23.93
CA ILE G 195 17.80 4.56 25.00
C ILE G 195 19.09 5.07 24.42
N LEU G 196 19.26 6.37 24.34
CA LEU G 196 20.52 6.89 23.87
C LEU G 196 21.54 6.87 24.99
N LYS G 197 22.79 7.16 24.65
CA LYS G 197 23.88 6.98 25.59
C LYS G 197 25.06 7.80 25.11
N CYS G 198 25.38 8.88 25.80
CA CYS G 198 26.49 9.70 25.38
C CYS G 198 27.80 9.05 25.76
N LYS G 199 28.70 8.89 24.80
CA LYS G 199 30.01 8.30 25.07
C LYS G 199 31.10 9.34 25.22
N ASP G 200 30.78 10.62 25.08
CA ASP G 200 31.81 11.65 25.16
C ASP G 200 32.30 11.77 26.59
N LYS G 201 33.58 11.47 26.79
CA LYS G 201 34.13 11.35 28.14
C LYS G 201 34.32 12.67 28.86
N LYS G 202 33.91 13.79 28.27
CA LYS G 202 33.97 15.07 28.96
C LYS G 202 32.65 15.80 28.91
N PHE G 203 31.57 15.08 28.63
CA PHE G 203 30.23 15.65 28.71
C PHE G 203 29.93 16.01 30.16
N ASN G 204 29.81 17.31 30.45
CA ASN G 204 29.80 17.67 31.86
C ASN G 204 28.44 17.40 32.49
N GLY G 205 27.43 18.20 32.17
CA GLY G 205 26.11 17.89 32.68
C GLY G 205 24.97 17.91 31.68
N THR G 206 25.07 18.76 30.67
CA THR G 206 23.92 19.09 29.84
C THR G 206 24.42 19.73 28.56
N GLY G 207 23.72 19.50 27.47
CA GLY G 207 24.12 20.07 26.21
C GLY G 207 24.21 19.04 25.11
N PRO G 208 24.82 19.40 24.00
CA PRO G 208 24.96 18.47 22.87
C PRO G 208 26.11 17.49 23.08
N CYS G 209 25.78 16.23 23.12
CA CYS G 209 26.89 15.28 23.15
C CYS G 209 27.22 14.87 21.74
N PRO G 210 28.46 14.95 21.32
CA PRO G 210 28.79 14.79 19.91
C PRO G 210 28.77 13.35 19.43
N SER G 211 29.03 12.40 20.31
CA SER G 211 29.21 11.01 19.90
C SER G 211 28.26 10.13 20.70
N VAL G 212 27.08 9.85 20.16
CA VAL G 212 26.07 9.14 20.92
C VAL G 212 26.11 7.67 20.51
N SER G 213 25.31 6.87 21.19
CA SER G 213 25.23 5.46 20.90
C SER G 213 23.85 5.00 21.31
N THR G 214 23.49 3.78 20.94
CA THR G 214 22.18 3.24 21.25
C THR G 214 22.34 1.89 21.91
N VAL G 215 21.65 1.68 23.02
CA VAL G 215 21.65 0.40 23.71
C VAL G 215 20.21 -0.03 23.90
N GLN G 216 20.01 -1.32 24.07
CA GLN G 216 18.69 -1.76 24.49
C GLN G 216 18.44 -1.47 25.96
N CYS G 217 19.45 -1.68 26.82
CA CYS G 217 19.36 -1.26 28.21
C CYS G 217 20.69 -0.93 28.85
N THR G 218 20.58 -0.19 29.95
CA THR G 218 21.67 0.44 30.66
C THR G 218 22.59 -0.60 31.27
N HIS G 219 23.68 -0.14 31.87
CA HIS G 219 24.60 -1.04 32.53
C HIS G 219 24.04 -1.46 33.89
N GLY G 220 24.86 -2.10 34.70
CA GLY G 220 24.43 -2.47 36.03
C GLY G 220 24.32 -1.23 36.89
N ILE G 221 23.13 -0.95 37.41
CA ILE G 221 22.94 0.15 38.33
C ILE G 221 22.72 -0.44 39.69
N LYS G 222 23.70 -0.30 40.57
CA LYS G 222 23.51 -0.69 41.95
C LYS G 222 22.68 0.40 42.61
N PRO G 223 21.48 0.12 43.04
CA PRO G 223 20.66 1.20 43.59
C PRO G 223 20.93 1.41 45.08
N VAL G 224 22.14 1.89 45.39
CA VAL G 224 22.51 2.10 46.77
C VAL G 224 21.79 3.32 47.31
N VAL G 225 21.73 3.41 48.62
CA VAL G 225 21.22 4.59 49.31
C VAL G 225 22.27 5.02 50.32
N SER G 226 22.85 6.19 50.09
CA SER G 226 23.94 6.71 50.89
C SER G 226 23.96 8.21 50.76
N THR G 227 23.97 8.90 51.87
CA THR G 227 24.04 10.33 51.81
C THR G 227 25.50 10.75 51.77
N GLN G 228 25.74 11.93 51.21
CA GLN G 228 26.92 12.75 51.48
C GLN G 228 28.22 12.18 50.92
N LEU G 229 28.23 10.91 50.52
CA LEU G 229 29.35 10.31 49.82
C LEU G 229 28.76 9.09 49.13
N LEU G 230 28.52 9.17 47.83
CA LEU G 230 27.82 8.09 47.15
C LEU G 230 28.79 6.94 46.92
N LEU G 231 28.45 5.85 47.60
CA LEU G 231 29.28 4.63 47.78
C LEU G 231 29.15 3.69 46.59
N ASN G 232 30.15 2.85 46.33
CA ASN G 232 30.09 1.96 45.16
C ASN G 232 29.88 2.85 43.93
N GLY G 233 29.00 2.54 43.02
CA GLY G 233 28.79 3.50 41.91
C GLY G 233 29.82 3.47 40.78
N SER G 234 29.55 4.18 39.68
CA SER G 234 30.47 4.16 38.50
C SER G 234 31.29 5.43 38.44
N LEU G 235 32.58 5.27 38.17
CA LEU G 235 33.56 6.34 38.24
C LEU G 235 34.00 6.77 36.85
N ALA G 236 34.05 8.09 36.64
CA ALA G 236 34.34 8.64 35.33
C ALA G 236 35.85 8.68 35.12
N GLU G 237 36.27 9.39 34.09
CA GLU G 237 37.68 9.36 33.69
C GLU G 237 38.49 10.31 34.54
N GLU G 238 39.78 10.46 34.18
CA GLU G 238 40.78 11.03 35.08
C GLU G 238 40.60 12.52 35.30
N GLU G 239 39.68 13.13 34.57
CA GLU G 239 39.16 14.44 34.86
C GLU G 239 37.96 14.31 35.81
N VAL G 240 38.16 14.60 37.09
CA VAL G 240 37.12 14.46 38.09
C VAL G 240 36.03 15.48 37.80
N MET G 241 34.96 15.03 37.17
CA MET G 241 33.97 15.91 36.57
C MET G 241 33.18 16.63 37.65
N ILE G 242 32.68 17.80 37.30
CA ILE G 242 31.88 18.61 38.19
C ILE G 242 30.55 18.86 37.51
N ARG G 243 29.49 18.40 38.13
CA ARG G 243 28.17 18.54 37.55
C ARG G 243 27.38 19.48 38.42
N SER G 244 26.59 20.34 37.82
CA SER G 244 25.62 21.10 38.60
C SER G 244 24.48 21.50 37.70
N GLU G 245 23.52 22.22 38.26
CA GLU G 245 22.50 22.82 37.42
C GLU G 245 22.96 24.18 36.91
N ASN G 246 23.38 25.05 37.83
CA ASN G 246 24.21 26.19 37.47
C ASN G 246 25.03 26.54 38.69
N ILE G 247 26.29 26.88 38.47
CA ILE G 247 27.18 27.18 39.59
C ILE G 247 26.79 28.50 40.24
N THR G 248 26.10 29.36 39.51
CA THR G 248 25.79 30.70 40.01
C THR G 248 24.82 30.66 41.19
N ASN G 249 23.88 29.73 41.17
CA ASN G 249 22.95 29.61 42.28
C ASN G 249 23.64 28.87 43.43
N ASN G 250 23.57 29.44 44.62
CA ASN G 250 24.25 28.85 45.76
C ASN G 250 23.53 27.64 46.31
N ALA G 251 22.21 27.55 46.14
CA ALA G 251 21.47 26.39 46.63
C ALA G 251 21.27 25.34 45.55
N LYS G 252 22.35 24.98 44.87
CA LYS G 252 22.27 23.94 43.84
C LYS G 252 23.38 22.93 44.07
N ASN G 253 22.97 21.69 44.29
CA ASN G 253 23.88 20.63 44.70
C ASN G 253 24.90 20.35 43.62
N ILE G 254 26.16 20.38 44.02
CA ILE G 254 27.27 20.17 43.11
C ILE G 254 27.69 18.73 43.27
N LEU G 255 27.25 17.88 42.38
CA LEU G 255 27.77 16.53 42.36
C LEU G 255 29.20 16.57 41.90
N VAL G 256 29.95 15.55 42.23
CA VAL G 256 31.31 15.43 41.75
C VAL G 256 31.54 13.95 41.58
N GLN G 257 32.29 13.58 40.55
CA GLN G 257 32.50 12.18 40.23
C GLN G 257 33.99 11.92 40.10
N PHE G 258 34.43 10.82 40.69
CA PHE G 258 35.84 10.53 40.78
C PHE G 258 36.36 9.80 39.56
N ASN G 259 37.63 9.44 39.65
CA ASN G 259 38.24 8.45 38.79
C ASN G 259 39.02 7.43 39.58
N THR G 260 39.08 7.58 40.90
CA THR G 260 39.91 6.74 41.75
C THR G 260 39.06 6.14 42.85
N PRO G 261 38.98 4.88 42.96
CA PRO G 261 38.21 4.27 44.03
C PRO G 261 38.93 4.27 45.37
N VAL G 262 38.69 5.32 46.15
CA VAL G 262 39.18 5.33 47.53
C VAL G 262 38.39 4.33 48.36
N GLN G 263 39.07 3.52 49.15
CA GLN G 263 38.39 2.49 49.90
C GLN G 263 37.90 3.02 51.24
N ILE G 264 36.81 2.45 51.73
CA ILE G 264 36.30 2.74 53.07
C ILE G 264 36.29 1.40 53.80
N ASN G 265 37.24 1.20 54.71
CA ASN G 265 37.18 0.02 55.57
C ASN G 265 36.26 0.35 56.74
N CYS G 266 34.98 -0.02 56.64
CA CYS G 266 34.06 0.15 57.76
C CYS G 266 33.91 -1.14 58.54
N THR G 267 33.50 -1.01 59.80
CA THR G 267 33.35 -2.18 60.65
C THR G 267 32.40 -1.87 61.79
N ARG G 268 32.02 -2.92 62.51
CA ARG G 268 31.37 -2.78 63.80
C ARG G 268 31.87 -3.86 64.75
N PRO G 269 32.52 -3.50 65.85
CA PRO G 269 33.40 -4.47 66.51
C PRO G 269 32.70 -5.49 67.40
N ASN G 270 31.50 -5.21 67.91
CA ASN G 270 30.89 -6.08 68.92
C ASN G 270 30.42 -7.40 68.32
N ASN G 271 29.83 -8.27 69.13
CA ASN G 271 29.44 -9.56 68.60
C ASN G 271 27.94 -9.77 68.42
N ASN G 272 27.10 -9.14 69.25
CA ASN G 272 25.65 -8.99 69.01
C ASN G 272 24.91 -10.33 68.90
N THR G 273 24.79 -11.01 70.04
CA THR G 273 23.90 -12.15 70.09
C THR G 273 22.46 -11.73 69.86
N ARG G 274 21.75 -12.51 69.09
CA ARG G 274 20.33 -12.27 68.87
C ARG G 274 19.50 -13.11 69.84
N LYS G 275 18.30 -12.63 70.13
CA LYS G 275 17.41 -13.26 71.10
C LYS G 275 15.99 -13.15 70.58
N SER G 276 15.33 -14.28 70.39
CA SER G 276 14.00 -14.27 69.81
C SER G 276 12.95 -14.18 70.89
N ILE G 277 11.96 -13.31 70.68
CA ILE G 277 10.86 -13.12 71.60
C ILE G 277 9.57 -13.50 70.90
N ARG G 278 8.75 -14.32 71.55
CA ARG G 278 7.46 -14.70 71.02
C ARG G 278 6.44 -13.65 71.42
N ILE G 279 5.62 -13.23 70.47
CA ILE G 279 4.61 -12.21 70.70
C ILE G 279 3.29 -12.77 70.20
N GLY G 280 2.43 -13.17 71.11
CA GLY G 280 1.09 -13.61 70.76
C GLY G 280 1.05 -14.94 70.03
N PRO G 281 0.32 -14.99 68.92
CA PRO G 281 0.47 -16.10 67.97
C PRO G 281 1.77 -15.99 67.18
N GLY G 282 1.92 -16.77 66.12
CA GLY G 282 3.21 -16.99 65.52
C GLY G 282 3.85 -15.79 64.84
N GLN G 283 4.25 -14.82 65.66
CA GLN G 283 5.00 -13.64 65.26
C GLN G 283 6.18 -13.49 66.21
N ALA G 284 7.37 -13.93 65.80
CA ALA G 284 8.53 -13.73 66.62
C ALA G 284 8.97 -12.28 66.60
N PHE G 285 9.86 -11.93 67.51
CA PHE G 285 10.43 -10.58 67.58
C PHE G 285 11.87 -10.70 68.04
N TYR G 286 12.79 -10.12 67.29
CA TYR G 286 14.22 -10.32 67.52
C TYR G 286 14.77 -9.12 68.25
N ALA G 287 15.22 -9.32 69.48
CA ALA G 287 15.82 -8.24 70.24
C ALA G 287 17.26 -8.58 70.53
N THR G 288 18.08 -7.54 70.65
CA THR G 288 19.51 -7.75 70.81
C THR G 288 19.79 -8.23 72.21
N GLY G 289 20.28 -9.45 72.33
CA GLY G 289 20.57 -10.00 73.63
C GLY G 289 21.86 -9.45 74.19
N ASP G 290 22.34 -10.13 75.23
CA ASP G 290 23.58 -9.76 75.88
C ASP G 290 24.74 -10.04 74.94
N ILE G 291 25.52 -9.01 74.62
CA ILE G 291 26.67 -9.16 73.75
C ILE G 291 27.79 -9.88 74.47
N ILE G 292 28.81 -10.31 73.73
CA ILE G 292 29.86 -11.15 74.29
C ILE G 292 30.72 -10.39 75.29
N GLY G 293 30.80 -9.08 75.16
CA GLY G 293 31.36 -8.33 76.27
C GLY G 293 32.61 -7.56 75.94
N ASP G 294 32.70 -7.09 74.70
CA ASP G 294 33.76 -6.22 74.24
C ASP G 294 33.06 -5.05 73.56
N ILE G 295 32.69 -4.04 74.33
CA ILE G 295 31.99 -2.89 73.76
C ILE G 295 33.05 -1.91 73.27
N ARG G 296 33.27 -1.87 71.97
CA ARG G 296 34.04 -0.81 71.36
C ARG G 296 33.10 -0.03 70.44
N GLN G 297 33.66 0.91 69.71
CA GLN G 297 32.87 1.84 68.92
C GLN G 297 32.89 1.42 67.46
N ALA G 298 31.80 1.65 66.75
CA ALA G 298 31.79 1.38 65.32
C ALA G 298 32.51 2.48 64.58
N HIS G 299 33.42 2.11 63.67
CA HIS G 299 34.19 3.14 62.99
C HIS G 299 34.43 2.76 61.54
N CYS G 300 35.01 3.71 60.80
CA CYS G 300 35.35 3.53 59.39
C CYS G 300 36.69 4.17 59.11
N ASN G 301 37.61 3.43 58.52
CA ASN G 301 38.94 3.93 58.22
C ASN G 301 39.05 4.31 56.75
N VAL G 302 39.69 5.45 56.48
CA VAL G 302 40.11 5.87 55.15
C VAL G 302 41.57 6.31 55.24
N SER G 303 42.40 5.82 54.32
CA SER G 303 43.82 6.16 54.31
C SER G 303 44.01 7.60 53.91
N LYS G 304 44.82 8.35 54.67
CA LYS G 304 44.82 9.81 54.49
C LYS G 304 45.59 10.24 53.25
N ALA G 305 46.48 9.39 52.75
CA ALA G 305 47.26 9.79 51.59
C ALA G 305 46.37 9.86 50.34
N THR G 306 45.62 8.79 50.07
CA THR G 306 44.79 8.76 48.87
C THR G 306 43.66 9.76 48.98
N TRP G 307 43.20 10.01 50.20
CA TRP G 307 42.21 11.05 50.37
C TRP G 307 42.79 12.42 50.12
N ASN G 308 44.04 12.65 50.53
CA ASN G 308 44.67 13.94 50.27
C ASN G 308 44.86 14.16 48.78
N GLU G 309 45.17 13.09 48.05
CA GLU G 309 45.31 13.23 46.61
C GLU G 309 43.98 13.46 45.90
N THR G 310 42.91 12.77 46.30
CA THR G 310 41.65 12.97 45.60
C THR G 310 41.02 14.29 45.95
N LEU G 311 41.30 14.81 47.13
CA LEU G 311 40.93 16.19 47.37
C LEU G 311 41.77 17.13 46.53
N GLY G 312 43.04 16.81 46.31
CA GLY G 312 43.86 17.63 45.44
C GLY G 312 43.30 17.71 44.03
N LYS G 313 42.82 16.58 43.51
CA LYS G 313 42.22 16.57 42.18
C LYS G 313 40.91 17.33 42.13
N VAL G 314 40.04 17.20 43.14
CA VAL G 314 38.76 17.89 43.09
C VAL G 314 38.98 19.39 43.23
N VAL G 315 39.96 19.79 44.04
CA VAL G 315 40.18 21.23 44.16
C VAL G 315 40.93 21.78 42.96
N LYS G 316 41.69 20.93 42.25
CA LYS G 316 42.45 21.41 41.10
C LYS G 316 41.65 21.33 39.82
N GLN G 317 40.49 20.70 39.85
CA GLN G 317 39.52 20.90 38.80
C GLN G 317 38.28 21.65 39.27
N LEU G 318 38.33 22.27 40.45
CA LEU G 318 37.30 23.24 40.79
C LEU G 318 37.73 24.66 40.51
N ARG G 319 39.02 24.91 40.34
CA ARG G 319 39.48 26.25 40.03
C ARG G 319 39.29 26.62 38.58
N LYS G 320 38.78 25.71 37.76
CA LYS G 320 38.45 26.09 36.39
C LYS G 320 37.13 26.83 36.33
N HIS G 321 36.29 26.66 37.34
CA HIS G 321 34.97 27.26 37.29
C HIS G 321 34.93 28.66 37.87
N PHE G 322 35.94 29.03 38.66
CA PHE G 322 36.13 30.39 39.13
C PHE G 322 37.57 30.55 39.62
N GLY G 323 37.94 31.80 39.90
CA GLY G 323 39.29 32.25 40.18
C GLY G 323 40.08 31.46 41.21
N ASN G 324 41.38 31.33 40.98
CA ASN G 324 42.17 30.27 41.61
C ASN G 324 42.64 30.69 43.01
N ASN G 325 41.67 30.76 43.92
CA ASN G 325 41.92 31.40 45.21
C ASN G 325 41.07 30.78 46.32
N THR G 326 41.75 30.29 47.37
CA THR G 326 41.24 30.11 48.74
C THR G 326 39.99 29.25 48.82
N ILE G 327 40.17 27.96 48.55
CA ILE G 327 39.12 26.97 48.76
C ILE G 327 39.29 26.38 50.15
N ILE G 328 38.22 26.45 50.95
CA ILE G 328 38.15 25.84 52.28
C ILE G 328 36.97 24.89 52.27
N ARG G 329 37.06 23.78 52.97
CA ARG G 329 35.92 22.92 53.20
C ARG G 329 35.66 22.73 54.69
N PHE G 330 34.43 22.39 55.03
CA PHE G 330 34.03 22.39 56.43
C PHE G 330 33.20 21.15 56.73
N ALA G 331 32.79 21.04 57.99
CA ALA G 331 31.81 20.05 58.38
C ALA G 331 30.43 20.51 57.96
N ASN G 332 29.61 19.47 58.12
CA ASN G 332 28.25 19.17 57.61
C ASN G 332 27.40 20.38 57.81
N SER G 333 26.43 20.54 56.90
CA SER G 333 25.52 21.69 56.98
C SER G 333 24.94 21.62 58.39
N SER G 334 25.04 22.72 59.12
CA SER G 334 24.64 22.66 60.55
C SER G 334 23.17 22.26 60.69
N GLY G 335 22.88 21.34 61.61
CA GLY G 335 21.49 20.91 61.89
C GLY G 335 20.92 20.04 60.79
N GLY G 336 19.60 19.88 60.77
CA GLY G 336 18.93 19.09 59.72
C GLY G 336 18.91 17.60 59.99
N ASP G 337 18.89 17.21 61.27
CA ASP G 337 18.86 15.82 61.79
C ASP G 337 20.17 15.09 61.51
N LEU G 338 20.14 13.77 61.64
CA LEU G 338 21.31 12.96 61.36
C LEU G 338 21.51 12.80 59.85
N GLU G 339 20.46 12.38 59.14
CA GLU G 339 20.56 11.94 57.75
C GLU G 339 21.03 13.02 56.78
N VAL G 340 21.02 14.29 57.19
CA VAL G 340 21.68 15.34 56.43
C VAL G 340 23.07 15.62 56.96
N THR G 341 23.30 15.48 58.26
CA THR G 341 24.60 15.80 58.81
C THR G 341 25.61 14.69 58.65
N THR G 342 25.23 13.45 58.88
CA THR G 342 26.20 12.37 58.80
C THR G 342 25.94 11.44 57.64
N HIS G 343 27.04 10.89 57.16
CA HIS G 343 27.13 9.90 56.10
C HIS G 343 26.36 8.66 56.47
N SER G 344 25.15 8.52 55.97
CA SER G 344 24.29 7.45 56.42
C SER G 344 24.23 6.37 55.37
N PHE G 345 24.43 5.14 55.79
CA PHE G 345 24.42 4.02 54.85
C PHE G 345 24.19 2.75 55.64
N ASN G 346 23.92 1.68 54.93
CA ASN G 346 23.74 0.39 55.57
C ASN G 346 24.80 -0.56 55.07
N CYS G 347 25.30 -1.39 55.96
CA CYS G 347 26.44 -2.25 55.68
C CYS G 347 26.03 -3.65 56.05
N GLY G 348 25.40 -4.34 55.10
CA GLY G 348 24.91 -5.68 55.36
C GLY G 348 23.76 -5.75 56.36
N GLY G 349 22.82 -4.81 56.29
CA GLY G 349 21.67 -4.86 57.17
C GLY G 349 21.87 -4.25 58.54
N GLU G 350 22.71 -3.23 58.64
CA GLU G 350 22.91 -2.50 59.89
C GLU G 350 23.24 -1.07 59.52
N PHE G 351 22.51 -0.12 60.07
CA PHE G 351 22.41 1.22 59.50
C PHE G 351 23.36 2.14 60.22
N PHE G 352 24.38 2.61 59.53
CA PHE G 352 25.39 3.41 60.19
C PHE G 352 25.09 4.88 60.04
N TYR G 353 25.70 5.67 60.91
CA TYR G 353 25.69 7.12 60.81
C TYR G 353 27.05 7.57 61.31
N CYS G 354 27.88 8.15 60.44
CA CYS G 354 29.29 8.38 60.72
C CYS G 354 29.62 9.85 60.64
N ASN G 355 30.19 10.41 61.70
CA ASN G 355 30.49 11.82 61.79
C ASN G 355 31.64 12.18 60.87
N THR G 356 31.36 12.64 59.66
CA THR G 356 32.40 13.04 58.73
C THR G 356 32.78 14.49 58.90
N SER G 357 33.13 14.91 60.09
CA SER G 357 33.85 16.18 60.18
C SER G 357 35.30 15.96 59.83
N GLY G 358 35.85 14.82 60.19
CA GLY G 358 37.28 14.65 60.08
C GLY G 358 37.80 14.33 58.69
N LEU G 359 37.22 14.94 57.66
CA LEU G 359 37.70 14.78 56.30
C LEU G 359 37.75 16.10 55.54
N PHE G 360 37.47 17.23 56.17
CA PHE G 360 37.24 18.47 55.44
C PHE G 360 37.97 19.63 56.11
N ASN G 361 39.24 19.83 55.75
CA ASN G 361 39.97 21.05 56.06
C ASN G 361 40.41 21.75 54.77
N SER G 362 41.06 22.89 54.94
CA SER G 362 41.27 23.86 53.86
C SER G 362 42.37 23.41 52.90
N THR G 363 41.98 22.90 51.73
CA THR G 363 42.93 22.59 50.64
C THR G 363 43.05 23.84 49.77
N TRP G 364 44.02 24.68 50.08
CA TRP G 364 44.44 25.69 49.14
C TRP G 364 45.91 26.02 49.35
N ILE G 365 46.64 26.18 48.26
CA ILE G 365 48.05 26.51 48.31
C ILE G 365 48.33 27.62 47.30
N SER G 381 46.18 6.87 58.39
CA SER G 381 44.80 6.43 58.31
C SER G 381 43.89 7.32 59.15
N ILE G 382 42.67 7.53 58.67
CA ILE G 382 41.70 8.42 59.31
C ILE G 382 40.56 7.59 59.84
N THR G 383 40.36 7.61 61.15
CA THR G 383 39.17 6.98 61.69
C THR G 383 38.00 7.93 61.60
N LEU G 384 36.81 7.38 61.81
CA LEU G 384 35.59 8.11 61.74
C LEU G 384 34.69 7.49 62.79
N PRO G 385 34.25 8.22 63.76
CA PRO G 385 33.29 7.65 64.72
C PRO G 385 31.94 7.49 64.08
N CYS G 386 31.36 6.30 64.19
CA CYS G 386 30.08 5.99 63.59
C CYS G 386 29.08 5.65 64.68
N ARG G 387 27.89 6.21 64.61
CA ARG G 387 26.81 5.84 65.51
C ARG G 387 25.81 5.00 64.77
N ILE G 388 25.17 4.07 65.47
CA ILE G 388 24.27 3.12 64.84
C ILE G 388 22.86 3.35 65.34
N LYS G 389 21.94 3.65 64.45
CA LYS G 389 20.55 3.65 64.81
C LYS G 389 19.99 2.28 64.47
N GLN G 390 18.87 1.97 65.09
CA GLN G 390 18.18 0.72 64.86
C GLN G 390 16.77 0.94 64.34
N ILE G 391 16.02 1.83 64.97
CA ILE G 391 14.75 2.29 64.42
C ILE G 391 15.07 3.32 63.37
N ILE G 392 14.85 2.97 62.12
CA ILE G 392 15.10 3.88 61.02
C ILE G 392 13.78 4.49 60.64
N ASN G 393 13.81 5.76 60.26
CA ASN G 393 12.62 6.31 59.66
C ASN G 393 12.47 5.76 58.26
N MET G 394 11.31 6.02 57.67
CA MET G 394 11.18 5.88 56.23
C MET G 394 12.26 6.75 55.64
N TRP G 395 13.12 6.12 54.85
CA TRP G 395 14.42 6.71 54.53
C TRP G 395 14.31 7.96 53.68
N GLN G 396 13.12 8.33 53.22
CA GLN G 396 12.88 9.72 52.86
C GLN G 396 11.79 10.37 53.68
N ARG G 397 10.68 9.69 53.92
CA ARG G 397 9.45 10.31 54.37
C ARG G 397 9.32 10.28 55.89
N ILE G 398 8.25 10.90 56.34
CA ILE G 398 7.90 10.95 57.75
C ILE G 398 6.59 10.18 57.90
N GLY G 399 6.45 9.39 58.96
CA GLY G 399 5.31 8.50 59.04
C GLY G 399 5.70 7.10 59.42
N GLN G 400 5.57 6.15 58.50
CA GLN G 400 5.94 4.78 58.80
C GLN G 400 7.43 4.64 58.98
N ALA G 401 7.84 3.74 59.86
CA ALA G 401 9.23 3.63 60.24
C ALA G 401 9.52 2.17 60.50
N MET G 402 10.60 1.68 59.93
CA MET G 402 10.92 0.27 60.06
C MET G 402 11.87 0.06 61.22
N TYR G 403 12.05 -1.19 61.59
CA TYR G 403 12.89 -1.57 62.72
C TYR G 403 13.87 -2.61 62.21
N ALA G 404 15.13 -2.28 62.17
CA ALA G 404 16.08 -3.23 61.62
C ALA G 404 16.47 -4.23 62.69
N PRO G 405 16.25 -5.52 62.49
CA PRO G 405 16.62 -6.51 63.48
C PRO G 405 18.12 -6.65 63.55
N PRO G 406 18.69 -7.04 64.68
CA PRO G 406 20.15 -7.07 64.80
C PRO G 406 20.75 -8.20 64.00
N ILE G 407 22.04 -8.09 63.75
CA ILE G 407 22.79 -9.06 62.96
C ILE G 407 23.83 -9.70 63.86
N GLN G 408 23.87 -11.02 63.85
CA GLN G 408 24.83 -11.74 64.67
C GLN G 408 26.25 -11.53 64.16
N GLY G 409 27.20 -11.70 65.05
CA GLY G 409 28.58 -11.63 64.64
C GLY G 409 29.09 -10.21 64.51
N VAL G 410 30.23 -10.10 63.86
CA VAL G 410 30.93 -8.84 63.64
C VAL G 410 30.66 -8.42 62.21
N ILE G 411 30.21 -7.18 62.02
CA ILE G 411 29.89 -6.66 60.70
C ILE G 411 31.10 -5.93 60.15
N ARG G 412 31.51 -6.29 58.95
CA ARG G 412 32.63 -5.62 58.31
C ARG G 412 32.42 -5.64 56.81
N CYS G 413 32.30 -4.47 56.21
CA CYS G 413 32.15 -4.37 54.77
C CYS G 413 33.02 -3.24 54.27
N VAL G 414 33.60 -3.46 53.09
CA VAL G 414 34.48 -2.48 52.44
C VAL G 414 33.98 -2.28 51.03
N SER G 415 33.94 -1.03 50.57
CA SER G 415 33.93 -0.73 49.13
C SER G 415 34.27 0.73 48.91
N ASN G 416 34.14 1.13 47.67
CA ASN G 416 34.73 2.34 47.15
C ASN G 416 33.79 3.51 47.31
N ILE G 417 34.37 4.69 47.48
CA ILE G 417 33.60 5.89 47.27
C ILE G 417 33.75 6.22 45.81
N THR G 418 32.84 7.01 45.30
CA THR G 418 32.91 7.38 43.91
C THR G 418 32.64 8.85 43.73
N GLY G 419 32.08 9.53 44.70
CA GLY G 419 31.90 10.95 44.55
C GLY G 419 31.19 11.51 45.75
N LEU G 420 31.32 12.81 45.88
CA LEU G 420 30.81 13.53 47.02
C LEU G 420 29.53 14.18 46.54
N ILE G 421 28.92 14.98 47.41
CA ILE G 421 27.83 15.86 47.06
C ILE G 421 28.08 17.11 47.86
N LEU G 422 28.37 18.22 47.20
CA LEU G 422 28.72 19.41 47.92
C LEU G 422 27.65 20.47 47.73
N THR G 423 27.70 21.53 48.53
CA THR G 423 26.95 22.75 48.28
C THR G 423 27.86 23.94 48.52
N ARG G 424 27.73 24.97 47.69
CA ARG G 424 28.47 26.20 47.88
C ARG G 424 27.76 27.01 48.96
N ASP G 425 28.50 27.90 49.63
CA ASP G 425 27.85 28.79 50.58
C ASP G 425 27.69 30.21 50.02
N GLY G 426 28.79 30.79 49.57
CA GLY G 426 28.77 32.11 48.97
C GLY G 426 28.56 33.22 49.97
N GLY G 427 27.41 33.89 49.88
CA GLY G 427 27.15 35.01 50.77
C GLY G 427 27.91 36.25 50.35
N SER G 428 28.47 36.95 51.34
CA SER G 428 29.23 38.16 51.10
C SER G 428 30.66 37.89 50.65
N THR G 429 31.04 36.63 50.46
CA THR G 429 32.38 36.29 49.99
C THR G 429 32.44 36.63 48.51
N ASN G 430 32.70 37.91 48.25
CA ASN G 430 32.67 38.40 46.88
C ASN G 430 33.89 37.93 46.10
N SER G 431 35.01 37.68 46.78
CA SER G 431 36.20 37.33 46.02
C SER G 431 36.94 36.10 46.53
N THR G 432 37.09 35.94 47.84
CA THR G 432 37.94 34.88 48.34
C THR G 432 37.17 33.98 49.29
N THR G 433 37.92 33.11 49.98
CA THR G 433 37.47 32.14 51.02
C THR G 433 36.16 31.44 50.64
N GLU G 434 36.22 30.76 49.51
CA GLU G 434 35.09 29.97 49.06
C GLU G 434 34.99 28.70 49.91
N THR G 435 33.81 28.45 50.47
CA THR G 435 33.62 27.34 51.40
C THR G 435 32.66 26.33 50.81
N PHE G 436 32.99 25.06 50.95
CA PHE G 436 32.14 23.97 50.51
C PHE G 436 31.89 23.02 51.66
N ARG G 437 30.64 22.64 51.84
CA ARG G 437 30.35 21.76 52.94
C ARG G 437 29.48 20.63 52.41
N PRO G 438 29.80 19.41 52.70
CA PRO G 438 29.12 18.30 52.05
C PRO G 438 27.73 18.07 52.56
N GLY G 439 26.80 18.92 52.16
CA GLY G 439 25.41 18.74 52.49
C GLY G 439 24.79 17.67 51.62
N GLY G 440 23.60 17.97 51.15
CA GLY G 440 23.00 17.09 50.18
C GLY G 440 22.24 16.00 50.87
N GLY G 441 20.92 16.01 50.72
CA GLY G 441 20.11 15.09 51.49
C GLY G 441 19.13 14.27 50.69
N ASP G 442 18.83 14.69 49.46
CA ASP G 442 17.82 13.99 48.69
C ASP G 442 18.35 12.66 48.20
N MET G 443 17.43 11.77 47.86
CA MET G 443 17.84 10.49 47.29
C MET G 443 17.86 10.51 45.78
N ARG G 444 17.35 11.56 45.15
CA ARG G 444 17.33 11.57 43.70
C ARG G 444 18.71 11.79 43.13
N ASP G 445 19.58 12.52 43.84
CA ASP G 445 20.84 12.89 43.24
C ASP G 445 21.81 11.74 43.11
N ASN G 446 21.65 10.69 43.91
CA ASN G 446 22.41 9.47 43.71
C ASN G 446 22.05 8.83 42.37
N TRP G 447 20.80 8.85 42.00
CA TRP G 447 20.44 8.28 40.72
C TRP G 447 20.63 9.25 39.58
N ARG G 448 20.76 10.54 39.85
CA ARG G 448 21.23 11.42 38.80
C ARG G 448 22.73 11.31 38.64
N SER G 449 23.42 10.66 39.56
CA SER G 449 24.83 10.47 39.31
C SER G 449 25.14 9.26 38.45
N GLU G 450 24.15 8.50 37.99
CA GLU G 450 24.39 7.45 37.01
C GLU G 450 23.40 7.40 35.86
N LEU G 451 22.35 8.21 35.87
CA LEU G 451 21.50 8.35 34.70
C LEU G 451 21.69 9.68 34.01
N TYR G 452 22.92 10.17 34.00
CA TYR G 452 23.22 11.42 33.29
C TYR G 452 23.54 11.15 31.84
N LYS G 453 24.17 10.02 31.53
CA LYS G 453 24.50 9.67 30.17
C LYS G 453 23.44 8.81 29.53
N TYR G 454 22.17 9.03 29.86
CA TYR G 454 21.12 8.26 29.21
C TYR G 454 19.95 9.18 28.91
N LYS G 455 19.20 8.82 27.87
CA LYS G 455 18.02 9.55 27.46
C LYS G 455 17.14 8.60 26.69
N VAL G 456 15.84 8.76 26.85
CA VAL G 456 14.87 7.88 26.20
C VAL G 456 14.23 8.66 25.06
N VAL G 457 14.07 8.01 23.91
CA VAL G 457 13.48 8.64 22.74
C VAL G 457 12.43 7.71 22.15
N LYS G 458 11.37 8.29 21.61
CA LYS G 458 10.41 7.52 20.83
C LYS G 458 10.83 7.49 19.37
N ILE G 459 10.32 6.51 18.64
CA ILE G 459 10.67 6.34 17.24
C ILE G 459 9.44 6.64 16.40
N GLU G 460 9.57 7.57 15.47
CA GLU G 460 8.50 7.91 14.54
C GLU G 460 8.86 7.34 13.18
N PRO G 461 8.43 6.13 12.86
CA PRO G 461 8.96 5.46 11.67
C PRO G 461 8.36 5.93 10.37
N LEU G 462 7.50 6.92 10.36
CA LEU G 462 6.71 7.24 9.17
C LEU G 462 7.14 8.58 8.61
N GLY G 463 7.66 8.58 7.41
CA GLY G 463 8.21 9.79 6.82
C GLY G 463 7.87 9.91 5.36
N VAL G 464 7.64 11.14 4.93
CA VAL G 464 7.28 11.44 3.55
C VAL G 464 8.39 12.26 2.91
N ALA G 465 8.47 12.20 1.59
CA ALA G 465 9.55 12.82 0.83
C ALA G 465 9.12 12.92 -0.62
N PRO G 466 9.38 14.04 -1.28
CA PRO G 466 9.05 14.15 -2.71
C PRO G 466 10.07 13.44 -3.59
N THR G 467 9.55 12.63 -4.51
CA THR G 467 10.40 11.88 -5.42
C THR G 467 9.80 11.99 -6.82
N ARG G 468 10.39 11.28 -7.77
CA ARG G 468 9.98 11.28 -9.17
C ARG G 468 9.19 10.04 -9.53
N CYS G 469 8.37 9.53 -8.63
CA CYS G 469 7.60 8.34 -8.92
C CYS G 469 6.13 8.64 -8.70
N LYS G 470 5.30 8.11 -9.60
CA LYS G 470 3.88 8.37 -9.56
C LYS G 470 3.17 7.10 -9.97
N ARG G 471 2.04 6.81 -9.31
CA ARG G 471 1.49 5.46 -9.33
C ARG G 471 0.75 5.15 -10.62
N ARG G 472 0.88 3.89 -11.09
CA ARG G 472 0.18 3.39 -12.27
C ARG G 472 -1.31 3.35 -11.96
N VAL G 473 -2.01 4.39 -12.40
CA VAL G 473 -3.44 4.53 -12.15
C VAL G 473 -4.21 3.72 -13.18
N VAL G 474 -4.86 2.65 -12.73
CA VAL G 474 -5.73 1.89 -13.62
C VAL G 474 -7.12 2.53 -13.59
N PHE H 11 20.13 -1.73 13.50
CA PHE H 11 19.06 -0.92 14.09
C PHE H 11 19.53 0.49 14.33
N LEU H 12 18.87 1.44 13.67
CA LEU H 12 19.16 2.87 13.72
C LEU H 12 20.57 3.22 13.23
N GLY H 13 21.23 2.29 12.52
CA GLY H 13 22.67 2.32 12.36
C GLY H 13 23.19 3.48 11.53
N ALA H 14 22.33 4.12 10.77
CA ALA H 14 22.74 5.28 10.00
C ALA H 14 21.70 6.37 10.13
N ALA H 15 21.18 6.56 11.33
CA ALA H 15 20.17 7.59 11.53
C ALA H 15 20.78 8.98 11.44
N GLY H 16 22.07 9.09 11.75
CA GLY H 16 22.74 10.37 11.66
C GLY H 16 23.26 10.71 10.28
N SER H 17 23.24 9.75 9.36
CA SER H 17 23.67 10.00 8.00
C SER H 17 22.69 10.91 7.27
N THR H 18 23.18 11.54 6.20
CA THR H 18 22.29 12.29 5.33
C THR H 18 21.40 11.33 4.57
N MET H 19 20.28 11.84 4.03
CA MET H 19 19.32 10.97 3.34
C MET H 19 19.89 10.37 2.06
N GLY H 20 20.97 10.92 1.54
CA GLY H 20 21.73 10.22 0.51
C GLY H 20 22.56 9.08 1.06
N ALA H 21 23.14 9.26 2.24
CA ALA H 21 23.75 8.14 2.94
C ALA H 21 22.75 7.43 3.82
N ALA H 22 21.51 7.93 3.88
CA ALA H 22 20.36 7.18 4.36
C ALA H 22 19.45 6.78 3.21
N SER H 23 19.82 7.12 1.98
CA SER H 23 19.38 6.26 0.88
C SER H 23 19.93 4.86 1.07
N MET H 24 21.12 4.74 1.67
CA MET H 24 21.60 3.49 2.19
C MET H 24 20.65 2.84 3.20
N THR H 25 19.95 3.63 4.03
CA THR H 25 19.03 3.03 4.99
C THR H 25 17.83 2.39 4.31
N LEU H 26 17.27 3.06 3.31
CA LEU H 26 16.14 2.48 2.61
C LEU H 26 16.56 1.74 1.34
N THR H 27 17.84 1.44 1.18
CA THR H 27 18.20 0.30 0.35
C THR H 27 18.30 -0.96 1.17
N VAL H 28 18.18 -0.87 2.49
CA VAL H 28 18.05 -2.03 3.36
C VAL H 28 16.72 -1.78 4.06
N GLN H 29 16.36 -2.57 5.07
CA GLN H 29 14.97 -2.63 5.54
C GLN H 29 14.60 -1.38 6.34
N ALA H 30 14.65 -0.23 5.67
CA ALA H 30 14.61 1.10 6.29
C ALA H 30 15.62 1.19 7.44
N ARG H 31 16.78 0.55 7.25
CA ARG H 31 17.77 0.21 8.30
C ARG H 31 17.10 -0.46 9.52
N ASN H 32 16.34 -1.52 9.24
CA ASN H 32 15.85 -2.50 10.23
C ASN H 32 14.90 -1.90 11.26
N LEU H 33 14.31 -0.74 10.93
CA LEU H 33 13.51 0.00 11.88
C LEU H 33 12.23 -0.73 12.27
N LEU H 34 11.52 -1.29 11.29
CA LEU H 34 10.23 -1.89 11.60
C LEU H 34 10.38 -3.21 12.36
N SER H 35 11.34 -4.04 11.97
CA SER H 35 11.58 -5.26 12.72
C SER H 35 12.11 -4.94 14.11
N GLY H 36 12.84 -3.83 14.29
CA GLY H 36 13.18 -3.41 15.65
C GLY H 36 12.01 -2.85 16.42
N ILE H 37 10.98 -2.37 15.72
CA ILE H 37 9.76 -1.93 16.41
C ILE H 37 9.03 -3.13 17.00
N VAL H 38 8.79 -4.15 16.21
CA VAL H 38 7.93 -5.21 16.71
C VAL H 38 8.71 -6.34 17.38
N GLN H 39 9.99 -6.49 17.07
CA GLN H 39 10.72 -7.63 17.58
C GLN H 39 11.60 -7.27 18.75
N GLN H 40 11.53 -6.03 19.23
CA GLN H 40 12.22 -5.77 20.49
C GLN H 40 11.31 -6.08 21.66
N GLN H 41 10.09 -6.55 21.36
CA GLN H 41 9.19 -7.10 22.35
C GLN H 41 9.62 -8.45 22.87
N SER H 42 10.62 -9.09 22.26
CA SER H 42 10.88 -10.51 22.46
C SER H 42 11.36 -10.85 23.86
N ASN H 43 11.88 -9.88 24.61
CA ASN H 43 12.29 -10.16 25.98
C ASN H 43 11.09 -10.27 26.92
N LEU H 44 10.16 -9.31 26.83
CA LEU H 44 8.93 -9.43 27.60
C LEU H 44 7.92 -10.37 26.96
N LEU H 45 8.20 -10.83 25.74
CA LEU H 45 7.47 -11.92 25.14
C LEU H 45 8.02 -13.27 25.60
N ARG H 46 9.31 -13.34 25.92
CA ARG H 46 9.91 -14.60 26.31
C ARG H 46 9.57 -14.99 27.74
N ALA H 47 9.41 -14.02 28.64
CA ALA H 47 9.06 -14.32 30.03
C ALA H 47 8.19 -13.24 30.64
N PRO H 48 6.88 -13.27 30.36
CA PRO H 48 5.92 -12.78 31.36
C PRO H 48 5.30 -13.94 32.13
N GLU H 49 5.76 -15.14 31.80
CA GLU H 49 5.15 -16.39 32.24
C GLU H 49 6.13 -17.44 32.72
N ALA H 50 7.44 -17.23 32.56
CA ALA H 50 8.39 -18.22 33.06
C ALA H 50 8.45 -18.23 34.59
N GLN H 51 7.94 -17.19 35.22
CA GLN H 51 7.84 -17.12 36.67
C GLN H 51 6.77 -18.06 37.20
N GLN H 52 7.14 -18.91 38.14
CA GLN H 52 6.19 -19.71 38.91
C GLN H 52 6.42 -19.32 40.37
N HIS H 53 5.78 -18.22 40.77
CA HIS H 53 5.92 -17.63 42.09
C HIS H 53 4.59 -16.99 42.46
N LEU H 54 4.25 -17.03 43.76
CA LEU H 54 2.97 -16.46 44.15
C LEU H 54 3.07 -14.96 44.33
N LEU H 55 3.78 -14.52 45.39
CA LEU H 55 4.08 -13.14 45.76
C LEU H 55 2.86 -12.26 46.05
N LYS H 56 1.66 -12.78 45.82
CA LYS H 56 0.36 -12.31 46.30
C LYS H 56 -0.10 -10.97 45.72
N LEU H 57 0.76 -10.29 44.98
CA LEU H 57 0.54 -9.00 44.33
C LEU H 57 1.59 -8.80 43.26
N THR H 58 1.32 -7.85 42.37
CA THR H 58 2.10 -7.66 41.16
C THR H 58 2.30 -6.17 40.93
N VAL H 59 3.57 -5.76 40.83
CA VAL H 59 3.87 -4.38 40.43
C VAL H 59 3.90 -4.25 38.92
N TRP H 60 4.49 -5.22 38.22
CA TRP H 60 4.59 -5.17 36.77
C TRP H 60 3.29 -5.54 36.09
N GLY H 61 2.33 -6.08 36.84
CA GLY H 61 1.07 -6.51 36.27
C GLY H 61 0.24 -5.40 35.67
N ILE H 62 0.56 -4.15 35.98
CA ILE H 62 -0.01 -3.02 35.29
C ILE H 62 1.02 -2.28 34.46
N LYS H 63 2.26 -2.19 34.94
CA LYS H 63 3.24 -1.36 34.24
C LYS H 63 3.70 -2.03 32.94
N GLN H 64 4.04 -3.31 32.99
CA GLN H 64 4.40 -4.04 31.78
C GLN H 64 3.23 -4.14 30.81
N LEU H 65 2.02 -4.34 31.34
CA LEU H 65 0.87 -4.46 30.46
C LEU H 65 0.56 -3.15 29.78
N GLN H 66 0.72 -2.03 30.49
CA GLN H 66 0.48 -0.74 29.88
C GLN H 66 1.53 -0.43 28.82
N ALA H 67 2.79 -0.79 29.08
CA ALA H 67 3.84 -0.62 28.07
C ALA H 67 3.57 -1.48 26.85
N ARG H 68 3.08 -2.69 27.06
CA ARG H 68 2.83 -3.62 25.97
C ARG H 68 1.70 -3.13 25.08
N VAL H 69 0.55 -2.80 25.66
CA VAL H 69 -0.53 -2.34 24.79
C VAL H 69 -0.31 -0.94 24.26
N LEU H 70 0.58 -0.16 24.87
CA LEU H 70 0.99 1.10 24.26
C LEU H 70 1.77 0.86 22.99
N ALA H 71 2.73 -0.07 23.04
CA ALA H 71 3.48 -0.44 21.84
C ALA H 71 2.58 -1.02 20.76
N VAL H 72 1.57 -1.79 21.14
CA VAL H 72 0.69 -2.41 20.15
C VAL H 72 -0.19 -1.36 19.47
N GLU H 73 -0.77 -0.43 20.23
CA GLU H 73 -1.61 0.56 19.56
C GLU H 73 -0.79 1.55 18.75
N ARG H 74 0.44 1.81 19.16
CA ARG H 74 1.29 2.64 18.34
C ARG H 74 1.70 1.92 17.07
N TYR H 75 1.92 0.61 17.14
CA TYR H 75 2.28 -0.17 15.97
C TYR H 75 1.08 -0.63 15.17
N LEU H 76 -0.13 -0.24 15.56
CA LEU H 76 -1.30 -0.37 14.69
C LEU H 76 -1.82 0.92 14.08
N ARG H 77 -1.65 2.07 14.74
CA ARG H 77 -2.07 3.32 14.12
C ARG H 77 -1.35 3.57 12.81
N ASP H 78 -0.08 3.18 12.73
CA ASP H 78 0.65 3.42 11.50
C ASP H 78 0.23 2.44 10.42
N GLN H 79 -0.14 1.21 10.78
CA GLN H 79 -0.65 0.30 9.78
C GLN H 79 -2.00 0.75 9.26
N GLN H 80 -2.83 1.30 10.13
CA GLN H 80 -4.11 1.82 9.65
C GLN H 80 -3.91 3.07 8.80
N LEU H 81 -2.92 3.90 9.12
CA LEU H 81 -2.68 5.07 8.29
C LEU H 81 -2.06 4.72 6.95
N LEU H 82 -1.30 3.63 6.88
CA LEU H 82 -0.89 3.18 5.56
C LEU H 82 -2.04 2.51 4.83
N GLY H 83 -2.99 1.94 5.56
CA GLY H 83 -4.17 1.41 4.90
C GLY H 83 -5.02 2.51 4.30
N ILE H 84 -5.09 3.65 4.96
CA ILE H 84 -5.96 4.74 4.49
C ILE H 84 -5.36 5.50 3.32
N TRP H 85 -4.08 5.28 3.00
CA TRP H 85 -3.49 5.87 1.80
C TRP H 85 -3.09 4.83 0.78
N GLY H 86 -3.77 3.69 0.75
CA GLY H 86 -3.57 2.67 -0.26
C GLY H 86 -2.19 2.07 -0.29
N CYS H 87 -1.43 2.21 0.78
CA CYS H 87 -0.02 1.85 0.82
C CYS H 87 0.21 0.64 1.73
N SER H 88 -0.84 -0.16 1.97
CA SER H 88 -0.76 -1.19 3.00
C SER H 88 0.09 -2.35 2.54
N GLY H 89 1.18 -2.59 3.24
CA GLY H 89 2.13 -3.63 2.87
C GLY H 89 3.41 -3.04 2.37
N LYS H 90 3.30 -1.93 1.67
CA LYS H 90 4.42 -1.41 0.91
C LYS H 90 5.17 -0.40 1.76
N LEU H 91 6.45 -0.67 2.01
CA LEU H 91 7.26 0.24 2.80
C LEU H 91 7.44 1.57 2.11
N ILE H 92 7.62 1.56 0.79
CA ILE H 92 7.84 2.77 0.02
C ILE H 92 6.83 2.80 -1.09
N CYS H 93 5.87 3.72 -1.01
CA CYS H 93 4.91 3.83 -2.10
C CYS H 93 4.72 5.28 -2.46
N CYS H 94 4.23 5.49 -3.67
CA CYS H 94 4.05 6.82 -4.19
C CYS H 94 2.57 7.20 -4.18
N THR H 95 2.30 8.47 -4.33
CA THR H 95 0.94 8.97 -4.21
C THR H 95 0.61 9.87 -5.39
N ASN H 96 -0.69 10.08 -5.58
CA ASN H 96 -1.16 11.00 -6.58
C ASN H 96 -1.18 12.44 -6.11
N VAL H 97 -1.06 12.68 -4.81
CA VAL H 97 -0.95 14.06 -4.33
C VAL H 97 0.34 14.65 -4.87
N PRO H 98 0.29 15.79 -5.52
CA PRO H 98 1.50 16.43 -6.01
C PRO H 98 2.22 17.11 -4.86
N TRP H 99 3.46 17.50 -5.08
CA TRP H 99 4.03 18.47 -4.15
C TRP H 99 3.31 19.77 -4.42
N ASN H 100 2.46 20.17 -3.47
CA ASN H 100 1.51 21.25 -3.67
C ASN H 100 2.18 22.61 -3.54
N SER H 101 1.38 23.65 -3.30
CA SER H 101 1.86 24.99 -2.97
C SER H 101 2.73 25.04 -1.72
N SER H 102 2.83 23.94 -0.95
CA SER H 102 3.70 23.72 0.21
C SER H 102 5.07 24.33 -0.01
N TRP H 103 5.45 25.17 0.93
CA TRP H 103 6.35 26.27 0.65
C TRP H 103 7.78 25.96 0.97
N SER H 104 8.08 24.71 1.28
CA SER H 104 9.47 24.27 1.37
C SER H 104 9.95 23.68 0.03
N ASN H 105 9.63 24.39 -1.05
CA ASN H 105 10.06 23.99 -2.38
C ASN H 105 11.55 24.29 -2.52
N ARG H 106 12.32 23.24 -2.74
CA ARG H 106 13.76 23.38 -2.82
C ARG H 106 14.32 22.29 -3.71
N ASN H 107 15.63 22.09 -3.61
CA ASN H 107 16.44 21.37 -4.59
C ASN H 107 16.40 19.86 -4.35
N LEU H 108 16.39 19.10 -5.44
CA LEU H 108 16.46 17.64 -5.34
C LEU H 108 17.84 17.18 -4.90
N SER H 109 18.88 17.75 -5.47
CA SER H 109 20.23 17.36 -5.16
C SER H 109 20.70 17.97 -3.85
N GLU H 110 19.91 18.84 -3.24
CA GLU H 110 20.19 19.22 -1.87
C GLU H 110 19.57 18.23 -0.91
N ILE H 111 18.36 17.76 -1.20
CA ILE H 111 17.63 16.94 -0.25
C ILE H 111 18.26 15.56 -0.19
N TRP H 112 18.25 14.83 -1.29
CA TRP H 112 18.65 13.44 -1.27
C TRP H 112 20.14 13.25 -1.41
N ASP H 113 20.94 14.29 -1.23
CA ASP H 113 22.38 14.15 -1.15
C ASP H 113 22.93 14.64 0.18
N ASN H 114 22.57 15.85 0.62
CA ASN H 114 23.15 16.44 1.81
C ASN H 114 22.01 16.96 2.71
N MET H 115 21.34 16.04 3.42
CA MET H 115 20.42 16.34 4.51
C MET H 115 20.03 15.06 5.25
N THR H 116 20.15 15.07 6.57
CA THR H 116 19.76 13.92 7.37
C THR H 116 18.25 13.85 7.52
N TRP H 117 17.78 12.68 7.98
CA TRP H 117 16.34 12.52 8.19
C TRP H 117 15.82 13.43 9.28
N LEU H 118 16.65 13.68 10.30
CA LEU H 118 16.23 14.51 11.41
C LEU H 118 16.15 15.97 11.01
N GLN H 119 17.15 16.44 10.25
CA GLN H 119 17.08 17.79 9.71
C GLN H 119 15.91 17.92 8.75
N TRP H 120 15.59 16.84 8.03
CA TRP H 120 14.43 16.87 7.16
C TRP H 120 13.14 16.96 7.95
N ASP H 121 13.10 16.33 9.13
CA ASP H 121 11.94 16.47 9.98
C ASP H 121 11.84 17.89 10.51
N LYS H 122 12.99 18.50 10.78
CA LYS H 122 12.98 19.90 11.18
C LYS H 122 12.58 20.82 10.04
N GLU H 123 12.73 20.37 8.79
CA GLU H 123 12.32 21.19 7.66
C GLU H 123 10.81 21.30 7.58
N ILE H 124 10.12 20.17 7.59
CA ILE H 124 8.70 20.12 7.29
C ILE H 124 7.95 19.72 8.55
N SER H 125 8.40 20.21 9.71
CA SER H 125 7.66 19.99 10.95
C SER H 125 6.29 20.65 10.89
N ASN H 126 6.16 21.74 10.16
CA ASN H 126 4.83 22.23 9.87
C ASN H 126 4.27 21.53 8.66
N TYR H 127 2.96 21.68 8.48
CA TYR H 127 2.17 21.14 7.37
C TYR H 127 2.18 19.63 7.30
N THR H 128 2.63 18.94 8.35
CA THR H 128 2.70 17.50 8.29
C THR H 128 1.31 16.90 8.40
N GLN H 129 0.49 17.47 9.29
CA GLN H 129 -0.92 17.12 9.33
C GLN H 129 -1.66 17.62 8.10
N ILE H 130 -1.16 18.68 7.45
CA ILE H 130 -1.73 19.10 6.18
C ILE H 130 -1.49 18.06 5.10
N ILE H 131 -0.28 17.51 5.06
CA ILE H 131 0.02 16.45 4.11
C ILE H 131 -0.79 15.21 4.43
N TYR H 132 -0.94 14.88 5.72
CA TYR H 132 -1.67 13.67 6.08
C TYR H 132 -3.15 13.79 5.76
N GLY H 133 -3.71 14.99 5.92
CA GLY H 133 -5.07 15.18 5.46
C GLY H 133 -5.15 15.23 3.95
N LEU H 134 -4.08 15.69 3.30
CA LEU H 134 -4.10 15.89 1.87
C LEU H 134 -4.02 14.57 1.12
N LEU H 135 -3.30 13.59 1.68
CA LEU H 135 -2.98 12.37 0.93
C LEU H 135 -4.22 11.53 0.69
N GLU H 136 -5.09 11.38 1.70
CA GLU H 136 -6.17 10.42 1.54
C GLU H 136 -7.19 10.98 0.55
N GLU H 137 -7.23 12.31 0.41
CA GLU H 137 -8.10 12.97 -0.57
C GLU H 137 -7.88 12.44 -1.97
N SER H 138 -6.64 12.51 -2.45
CA SER H 138 -6.34 11.92 -3.75
C SER H 138 -6.34 10.40 -3.69
N GLN H 139 -6.19 9.80 -2.53
CA GLN H 139 -6.28 8.34 -2.52
C GLN H 139 -7.72 7.86 -2.65
N ASN H 140 -8.67 8.62 -2.14
CA ASN H 140 -10.03 8.15 -2.03
C ASN H 140 -11.01 8.92 -2.89
N GLN H 141 -11.20 10.21 -2.60
CA GLN H 141 -12.37 10.98 -2.99
C GLN H 141 -12.57 11.06 -4.49
N GLN H 142 -11.48 11.00 -5.25
CA GLN H 142 -11.59 10.74 -6.68
C GLN H 142 -11.05 9.39 -7.10
N GLU H 143 -10.02 8.83 -6.45
CA GLU H 143 -9.45 7.59 -6.98
C GLU H 143 -10.35 6.39 -6.75
N LYS H 144 -10.90 6.27 -5.55
CA LYS H 144 -11.89 5.27 -5.27
C LYS H 144 -13.18 5.51 -6.04
N ASN H 145 -13.54 6.76 -6.31
CA ASN H 145 -14.74 6.99 -7.09
C ASN H 145 -14.52 6.71 -8.58
N GLU H 146 -13.31 6.93 -9.09
CA GLU H 146 -12.96 6.52 -10.44
C GLU H 146 -12.96 5.01 -10.56
N GLN H 147 -12.43 4.32 -9.56
CA GLN H 147 -12.48 2.86 -9.58
C GLN H 147 -13.91 2.36 -9.49
N ASP H 148 -14.76 3.06 -8.76
CA ASP H 148 -16.18 2.74 -8.76
C ASP H 148 -16.83 3.01 -10.11
N LEU H 149 -16.36 4.03 -10.84
CA LEU H 149 -16.79 4.20 -12.22
C LEU H 149 -16.29 3.11 -13.14
N LEU H 150 -15.13 2.53 -12.86
CA LEU H 150 -14.37 1.75 -13.84
C LEU H 150 -14.94 0.35 -14.09
N ALA H 151 -16.20 0.16 -13.71
CA ALA H 151 -16.88 -1.13 -13.97
C ALA H 151 -18.05 -0.91 -14.96
N LEU H 152 -18.26 0.36 -15.33
CA LEU H 152 -19.34 0.77 -16.26
C LEU H 152 -19.12 2.22 -16.71
N ASP H 153 -19.28 2.50 -18.00
CA ASP H 153 -19.10 3.86 -18.60
C ASP H 153 -19.82 3.94 -19.94
N LYS H 154 -19.90 5.14 -20.53
CA LYS H 154 -20.59 5.37 -21.83
C LYS H 154 -19.57 5.35 -22.98
N TRP H 155 -19.72 6.26 -23.94
CA TRP H 155 -18.82 6.38 -25.12
C TRP H 155 -17.39 6.73 -24.68
N ALA H 156 -17.29 7.55 -23.63
CA ALA H 156 -16.05 8.15 -23.13
C ALA H 156 -14.98 7.13 -22.72
N SER H 157 -15.34 6.05 -22.03
CA SER H 157 -14.29 5.15 -21.50
C SER H 157 -13.40 4.63 -22.63
N LEU H 158 -13.99 4.11 -23.69
CA LEU H 158 -13.13 3.73 -24.84
C LEU H 158 -12.67 5.00 -25.56
N TRP H 159 -13.58 5.98 -25.74
CA TRP H 159 -13.24 7.20 -26.55
C TRP H 159 -13.99 8.48 -26.14
N ASN H 160 -13.33 9.33 -25.37
CA ASN H 160 -13.85 10.65 -24.90
C ASN H 160 -13.15 11.74 -25.69
N TRP H 161 -11.92 11.47 -26.12
CA TRP H 161 -11.16 12.36 -27.04
C TRP H 161 -11.11 13.80 -26.55
N PHE H 162 -10.91 14.02 -25.27
CA PHE H 162 -10.76 15.43 -24.82
C PHE H 162 -9.75 15.45 -23.69
N ASP H 163 -10.18 14.84 -22.59
CA ASP H 163 -9.47 14.65 -21.30
C ASP H 163 -8.23 13.77 -21.51
N ILE H 164 -8.27 12.84 -22.47
CA ILE H 164 -7.15 11.90 -22.69
C ILE H 164 -5.86 12.68 -22.96
N SER H 165 -5.95 13.72 -23.79
CA SER H 165 -4.75 14.54 -24.09
C SER H 165 -4.26 15.13 -22.77
N ASN H 166 -5.18 15.67 -21.96
CA ASN H 166 -4.84 16.22 -20.62
C ASN H 166 -4.39 15.06 -19.73
N TRP H 167 -5.01 13.88 -19.89
CA TRP H 167 -4.60 12.67 -19.14
C TRP H 167 -3.15 12.33 -19.52
N LEU H 168 -2.83 12.44 -20.80
CA LEU H 168 -1.43 12.28 -21.26
C LEU H 168 -0.62 13.48 -20.76
N TRP H 169 -1.26 14.66 -20.73
CA TRP H 169 -0.66 15.96 -20.31
C TRP H 169 -0.23 15.93 -18.85
N TYR H 170 -0.93 15.18 -18.00
CA TYR H 170 -0.57 15.10 -16.56
C TYR H 170 0.85 14.53 -16.47
N ILE H 171 1.12 13.49 -17.26
CA ILE H 171 2.46 12.86 -17.40
C ILE H 171 3.36 13.90 -18.11
N LYS H 172 2.78 14.64 -19.07
CA LYS H 172 3.51 15.67 -19.86
C LYS H 172 3.97 16.87 -19.02
N LEU H 173 3.15 17.33 -18.08
CA LEU H 173 3.52 18.52 -17.24
C LEU H 173 3.49 18.14 -15.76
N ALA I 1 17.06 -31.13 -11.80
CA ALA I 1 15.93 -30.32 -12.23
C ALA I 1 16.28 -28.84 -12.29
N GLU I 2 15.28 -27.99 -12.51
CA GLU I 2 15.54 -26.57 -12.44
C GLU I 2 15.66 -26.13 -10.99
N ASN I 3 16.15 -24.91 -10.83
CA ASN I 3 16.27 -24.31 -9.52
C ASN I 3 14.86 -23.92 -9.04
N LEU I 4 14.48 -24.48 -7.90
CA LEU I 4 13.19 -24.27 -7.28
C LEU I 4 13.19 -22.92 -6.56
N TRP I 5 12.03 -22.41 -6.21
CA TRP I 5 12.02 -21.12 -5.54
C TRP I 5 11.22 -21.25 -4.26
N VAL I 6 11.62 -20.49 -3.26
CA VAL I 6 11.01 -20.62 -1.95
C VAL I 6 9.62 -20.01 -1.97
N THR I 7 8.71 -20.64 -1.27
CA THR I 7 7.32 -20.25 -1.26
C THR I 7 6.83 -20.32 0.17
N VAL I 8 6.48 -19.17 0.74
CA VAL I 8 6.04 -19.17 2.12
C VAL I 8 4.62 -19.70 2.20
N TYR I 9 4.27 -20.22 3.37
CA TYR I 9 2.92 -20.73 3.60
C TYR I 9 2.52 -20.27 4.97
N TYR I 10 1.40 -19.58 5.06
CA TYR I 10 0.96 -19.03 6.33
C TYR I 10 -0.23 -19.82 6.86
N GLY I 11 0.00 -20.61 7.90
CA GLY I 11 -1.02 -21.46 8.45
C GLY I 11 -0.65 -22.91 8.36
N VAL I 12 0.64 -23.20 8.38
CA VAL I 12 1.03 -24.61 8.30
C VAL I 12 0.80 -25.27 9.65
N PRO I 13 0.17 -26.41 9.70
CA PRO I 13 -0.13 -26.99 11.01
C PRO I 13 1.06 -27.72 11.61
N VAL I 14 2.01 -26.96 12.13
CA VAL I 14 3.08 -27.53 12.93
C VAL I 14 2.97 -26.97 14.34
N TRP I 15 3.60 -27.66 15.28
CA TRP I 15 3.50 -27.26 16.67
C TRP I 15 4.81 -27.50 17.38
N LYS I 16 5.03 -26.73 18.43
CA LYS I 16 6.11 -26.93 19.38
C LYS I 16 5.55 -27.02 20.79
N ASP I 17 6.27 -27.71 21.66
CA ASP I 17 5.86 -27.80 23.06
C ASP I 17 6.22 -26.52 23.79
N ALA I 18 5.26 -25.93 24.47
CA ALA I 18 5.47 -24.64 25.12
C ALA I 18 4.76 -24.63 26.46
N GLU I 19 4.82 -23.49 27.14
CA GLU I 19 4.26 -23.33 28.46
C GLU I 19 3.61 -21.96 28.57
N THR I 20 2.35 -21.92 29.00
CA THR I 20 1.67 -20.65 29.17
C THR I 20 0.56 -20.79 30.19
N THR I 21 -0.09 -19.65 30.48
CA THR I 21 -1.22 -19.61 31.38
C THR I 21 -2.51 -19.99 30.67
N LEU I 22 -3.37 -20.69 31.40
CA LEU I 22 -4.68 -21.13 30.92
C LEU I 22 -5.74 -20.41 31.75
N PHE I 23 -6.99 -20.83 31.62
CA PHE I 23 -8.02 -20.20 32.45
C PHE I 23 -9.19 -21.15 32.70
N CYS I 24 -10.14 -20.67 33.48
CA CYS I 24 -11.31 -21.45 33.82
C CYS I 24 -12.23 -21.64 32.64
N ALA I 25 -13.18 -22.55 32.86
CA ALA I 25 -14.48 -22.55 32.20
C ALA I 25 -15.39 -23.40 33.05
N SER I 26 -16.49 -22.83 33.52
CA SER I 26 -17.42 -23.59 34.31
C SER I 26 -18.81 -23.26 33.81
N ASP I 27 -19.83 -23.61 34.58
CA ASP I 27 -21.18 -23.30 34.17
C ASP I 27 -21.89 -22.54 35.29
N ALA I 28 -22.95 -21.83 34.90
CA ALA I 28 -23.77 -21.10 35.84
C ALA I 28 -24.92 -21.99 36.29
N LYS I 29 -25.32 -21.83 37.54
CA LYS I 29 -26.31 -22.71 38.14
C LYS I 29 -26.96 -22.06 39.37
N THR I 33 -28.08 -18.66 41.50
CA THR I 33 -27.34 -18.03 42.59
C THR I 33 -26.69 -19.06 43.50
N GLU I 34 -26.18 -18.55 44.64
CA GLU I 34 -25.33 -19.29 45.57
C GLU I 34 -24.14 -19.91 44.83
N LYS I 35 -23.44 -19.06 44.08
CA LYS I 35 -22.19 -19.42 43.46
C LYS I 35 -20.99 -19.15 44.36
N HIS I 36 -21.21 -19.04 45.67
CA HIS I 36 -20.13 -18.76 46.59
C HIS I 36 -19.27 -19.99 46.78
N ASN I 37 -18.48 -20.32 45.77
CA ASN I 37 -17.61 -21.47 45.83
C ASN I 37 -16.18 -20.99 45.90
N VAL I 38 -15.34 -21.72 46.63
CA VAL I 38 -13.98 -21.31 46.81
C VAL I 38 -13.14 -21.58 45.56
N TRP I 39 -13.45 -22.63 44.79
CA TRP I 39 -12.64 -22.97 43.62
C TRP I 39 -13.15 -22.41 42.30
N ALA I 40 -14.41 -21.97 42.22
CA ALA I 40 -14.85 -21.37 40.97
C ALA I 40 -14.73 -19.85 40.98
N THR I 41 -14.23 -19.28 42.10
CA THR I 41 -14.21 -17.84 42.43
C THR I 41 -15.46 -17.11 41.97
N HIS I 42 -16.60 -17.71 42.29
CA HIS I 42 -17.94 -17.28 41.88
C HIS I 42 -18.00 -17.19 40.36
N ALA I 43 -17.87 -18.37 39.72
CA ALA I 43 -17.98 -18.55 38.27
C ALA I 43 -16.94 -17.71 37.51
N CYS I 44 -15.69 -18.18 37.60
CA CYS I 44 -14.55 -17.56 36.92
C CYS I 44 -14.80 -17.28 35.44
N VAL I 45 -15.08 -18.30 34.65
CA VAL I 45 -15.68 -18.11 33.33
C VAL I 45 -16.91 -19.00 33.25
N PRO I 46 -18.11 -18.42 33.33
CA PRO I 46 -19.32 -19.24 33.39
C PRO I 46 -19.82 -19.75 32.05
N THR I 47 -18.99 -19.77 31.01
CA THR I 47 -19.49 -20.12 29.68
C THR I 47 -19.60 -21.63 29.50
N ASP I 48 -18.45 -22.32 29.42
CA ASP I 48 -18.33 -23.71 28.98
C ASP I 48 -19.16 -24.06 27.76
N PRO I 49 -18.76 -23.67 26.56
CA PRO I 49 -19.54 -24.01 25.36
C PRO I 49 -19.43 -25.47 24.94
N ASN I 50 -19.96 -25.78 23.75
CA ASN I 50 -19.98 -27.15 23.27
C ASN I 50 -18.58 -27.65 22.94
N PRO I 51 -18.26 -28.89 23.33
CA PRO I 51 -16.87 -29.37 23.22
C PRO I 51 -16.48 -29.91 21.86
N GLN I 52 -16.03 -29.04 20.96
CA GLN I 52 -15.57 -29.48 19.65
C GLN I 52 -14.25 -30.24 19.80
N GLU I 53 -14.27 -31.52 19.46
CA GLU I 53 -13.08 -32.37 19.52
C GLU I 53 -12.79 -32.92 18.14
N ILE I 54 -11.53 -32.84 17.73
CA ILE I 54 -11.11 -33.13 16.37
C ILE I 54 -10.00 -34.15 16.42
N HIS I 55 -10.14 -35.25 15.70
CA HIS I 55 -9.07 -36.21 15.64
C HIS I 55 -8.06 -35.80 14.58
N LEU I 56 -6.88 -36.38 14.65
CA LEU I 56 -5.81 -36.09 13.70
C LEU I 56 -5.39 -37.32 12.91
N GLU I 57 -5.71 -38.49 13.41
CA GLU I 57 -5.77 -39.78 12.72
C GLU I 57 -4.41 -40.40 12.40
N ASN I 58 -3.33 -39.62 12.44
CA ASN I 58 -2.15 -40.03 11.69
C ASN I 58 -0.83 -39.65 12.38
N VAL I 59 -0.88 -39.18 13.62
CA VAL I 59 0.31 -38.63 14.25
C VAL I 59 0.56 -39.32 15.59
N THR I 60 1.79 -39.77 15.82
CA THR I 60 2.19 -40.35 17.09
C THR I 60 3.01 -39.29 17.83
N GLU I 61 2.32 -38.51 18.65
CA GLU I 61 2.93 -37.46 19.43
C GLU I 61 3.41 -38.01 20.76
N GLU I 62 4.60 -37.57 21.20
CA GLU I 62 5.10 -37.98 22.49
C GLU I 62 4.52 -37.13 23.62
N PHE I 63 4.17 -37.79 24.71
CA PHE I 63 3.55 -37.15 25.86
C PHE I 63 4.45 -37.29 27.07
N ASN I 64 4.13 -36.55 28.11
CA ASN I 64 4.78 -36.76 29.39
C ASN I 64 3.81 -36.35 30.48
N MET I 65 3.82 -37.10 31.59
CA MET I 65 3.04 -36.74 32.75
C MET I 65 3.87 -36.36 33.95
N TRP I 66 5.14 -36.77 34.03
CA TRP I 66 5.95 -36.39 35.16
C TRP I 66 6.77 -35.14 34.89
N LYS I 67 6.70 -34.61 33.69
CA LYS I 67 7.32 -33.33 33.36
C LYS I 67 6.29 -32.32 32.90
N ASN I 68 5.02 -32.58 33.20
CA ASN I 68 3.94 -31.76 32.68
C ASN I 68 3.97 -30.39 33.35
N ASN I 69 3.44 -29.40 32.68
CA ASN I 69 3.42 -28.07 33.27
C ASN I 69 2.07 -27.71 33.85
N MET I 70 0.99 -28.30 33.37
CA MET I 70 -0.33 -27.93 33.84
C MET I 70 -0.59 -28.32 35.29
N VAL I 71 0.15 -29.28 35.84
CA VAL I 71 -0.07 -29.60 37.24
C VAL I 71 0.47 -28.52 38.15
N GLU I 72 1.57 -27.87 37.79
CA GLU I 72 2.07 -26.79 38.64
C GLU I 72 1.18 -25.57 38.54
N GLN I 73 0.61 -25.31 37.36
CA GLN I 73 -0.37 -24.26 37.24
C GLN I 73 -1.62 -24.57 38.03
N MET I 74 -2.05 -25.83 38.04
CA MET I 74 -3.24 -26.16 38.81
C MET I 74 -2.97 -26.07 40.29
N HIS I 75 -1.77 -26.43 40.73
CA HIS I 75 -1.46 -26.39 42.15
C HIS I 75 -1.36 -24.96 42.66
N THR I 76 -0.66 -24.09 41.93
CA THR I 76 -0.63 -22.70 42.41
C THR I 76 -1.96 -22.00 42.23
N ASP I 77 -2.77 -22.41 41.25
CA ASP I 77 -4.13 -21.90 41.19
C ASP I 77 -4.97 -22.31 42.38
N ILE I 78 -4.84 -23.54 42.85
CA ILE I 78 -5.67 -23.97 43.96
C ILE I 78 -5.22 -23.29 45.25
N ILE I 79 -3.91 -23.17 45.48
CA ILE I 79 -3.52 -22.52 46.72
C ILE I 79 -3.80 -21.02 46.67
N SER I 80 -3.78 -20.42 45.49
CA SER I 80 -4.12 -19.01 45.43
C SER I 80 -5.61 -18.78 45.60
N LEU I 81 -6.43 -19.69 45.09
CA LEU I 81 -7.86 -19.54 45.32
C LEU I 81 -8.24 -19.80 46.76
N TRP I 82 -7.54 -20.71 47.43
CA TRP I 82 -7.75 -20.92 48.86
C TRP I 82 -7.45 -19.66 49.65
N ASP I 83 -6.25 -19.11 49.48
CA ASP I 83 -5.90 -17.93 50.26
C ASP I 83 -6.65 -16.69 49.83
N GLN I 84 -7.19 -16.68 48.60
CA GLN I 84 -8.02 -15.55 48.24
C GLN I 84 -9.39 -15.64 48.87
N SER I 85 -9.97 -16.83 48.93
CA SER I 85 -11.30 -16.92 49.52
C SER I 85 -11.26 -16.83 51.03
N LEU I 86 -10.15 -17.22 51.64
CA LEU I 86 -10.08 -17.19 53.09
C LEU I 86 -9.84 -15.80 53.62
N LYS I 87 -9.43 -14.86 52.77
CA LYS I 87 -8.93 -13.56 53.23
C LYS I 87 -9.96 -12.68 53.93
N PRO I 88 -11.14 -12.38 53.37
CA PRO I 88 -12.02 -11.44 54.05
C PRO I 88 -12.85 -12.02 55.18
N CYS I 89 -12.47 -13.15 55.78
CA CYS I 89 -13.27 -13.72 56.84
C CYS I 89 -12.74 -13.28 58.21
N VAL I 90 -13.34 -13.82 59.26
CA VAL I 90 -13.17 -13.33 60.62
C VAL I 90 -11.84 -13.84 61.16
N LYS I 91 -11.05 -12.96 61.76
CA LYS I 91 -9.88 -13.44 62.47
C LYS I 91 -10.29 -14.00 63.82
N LEU I 92 -9.46 -14.84 64.37
CA LEU I 92 -9.73 -15.41 65.68
C LEU I 92 -8.54 -15.31 66.61
N THR I 93 -7.72 -14.30 66.42
CA THR I 93 -6.67 -14.06 67.40
C THR I 93 -7.13 -13.73 68.83
N PRO I 94 -8.35 -13.24 69.11
CA PRO I 94 -8.77 -13.23 70.51
C PRO I 94 -9.11 -14.59 71.09
N LEU I 95 -9.07 -15.66 70.31
CA LEU I 95 -9.43 -16.97 70.85
C LEU I 95 -8.28 -17.67 71.56
N CYS I 96 -7.03 -17.34 71.22
CA CYS I 96 -5.90 -18.04 71.82
C CYS I 96 -5.77 -17.64 73.28
N VAL I 97 -6.55 -18.27 74.16
CA VAL I 97 -6.54 -17.95 75.59
C VAL I 97 -6.40 -19.24 76.36
N THR I 98 -6.23 -19.12 77.66
CA THR I 98 -6.19 -20.28 78.52
C THR I 98 -7.60 -20.80 78.78
N LEU I 99 -7.81 -22.07 78.49
CA LEU I 99 -9.12 -22.68 78.62
C LEU I 99 -9.09 -23.61 79.81
N GLN I 100 -10.16 -23.60 80.59
CA GLN I 100 -10.31 -24.58 81.66
C GLN I 100 -11.34 -25.59 81.19
N CYS I 101 -10.89 -26.78 80.82
CA CYS I 101 -11.74 -27.75 80.17
C CYS I 101 -11.97 -28.96 81.06
N THR I 102 -12.95 -29.76 80.67
CA THR I 102 -13.29 -30.99 81.37
C THR I 102 -13.94 -31.93 80.38
N ASN I 103 -14.02 -33.20 80.76
CA ASN I 103 -14.57 -34.19 79.85
C ASN I 103 -16.08 -34.06 79.77
N VAL I 104 -16.65 -34.75 78.80
CA VAL I 104 -18.09 -34.94 78.69
C VAL I 104 -18.42 -36.38 79.04
N THR I 105 -19.64 -36.58 79.55
CA THR I 105 -20.17 -37.92 79.85
C THR I 105 -21.66 -37.88 79.52
N ASN I 106 -22.03 -38.40 78.35
CA ASN I 106 -23.40 -38.81 78.08
C ASN I 106 -23.51 -40.16 77.39
N ASN I 107 -22.50 -40.61 76.67
CA ASN I 107 -22.62 -41.79 75.82
C ASN I 107 -21.33 -42.59 75.91
N ILE I 108 -21.15 -43.47 74.92
CA ILE I 108 -20.13 -44.51 74.93
C ILE I 108 -18.73 -43.91 75.03
N THR I 109 -17.82 -44.69 75.60
CA THR I 109 -16.41 -44.39 75.55
C THR I 109 -15.88 -44.56 74.12
N ASP I 110 -14.60 -44.22 73.97
CA ASP I 110 -13.83 -44.39 72.75
C ASP I 110 -14.45 -43.59 71.61
N ASP I 111 -14.40 -42.27 71.76
CA ASP I 111 -14.94 -41.41 70.73
C ASP I 111 -13.86 -40.66 69.95
N GLU I 115 -11.84 -37.95 72.10
CA GLU I 115 -13.19 -37.60 72.47
C GLU I 115 -13.34 -36.10 72.52
N LEU I 116 -14.33 -35.62 73.24
CA LEU I 116 -14.61 -34.21 73.27
C LEU I 116 -14.21 -33.60 74.60
N LYS I 117 -13.94 -32.31 74.57
CA LYS I 117 -13.54 -31.59 75.76
C LYS I 117 -14.47 -30.41 75.93
N ASN I 118 -15.04 -30.28 77.12
CA ASN I 118 -15.98 -29.21 77.41
C ASN I 118 -15.20 -28.03 77.92
N CYS I 119 -14.91 -27.07 77.05
CA CYS I 119 -14.04 -25.97 77.40
C CYS I 119 -14.84 -24.69 77.65
N SER I 120 -14.29 -23.83 78.51
CA SER I 120 -14.90 -22.55 78.81
C SER I 120 -13.82 -21.53 79.04
N PHE I 121 -14.04 -20.31 78.56
CA PHE I 121 -12.98 -19.32 78.60
C PHE I 121 -13.59 -17.93 78.74
N ASN I 122 -12.73 -16.96 79.02
CA ASN I 122 -13.19 -15.58 79.15
C ASN I 122 -13.14 -14.89 77.80
N MET I 123 -14.28 -14.43 77.32
CA MET I 123 -14.46 -14.02 75.93
C MET I 123 -15.72 -13.15 75.87
N THR I 124 -16.33 -13.24 74.68
CA THR I 124 -17.60 -12.54 74.37
C THR I 124 -17.34 -11.05 74.50
N THR I 125 -16.05 -10.67 74.41
CA THR I 125 -15.57 -9.30 74.64
C THR I 125 -16.34 -8.53 73.60
N GLU I 126 -17.21 -7.63 74.03
CA GLU I 126 -18.05 -6.98 73.00
C GLU I 126 -17.81 -5.48 72.96
N LEU I 127 -17.96 -4.81 74.09
CA LEU I 127 -17.73 -3.37 74.14
C LEU I 127 -16.36 -3.04 74.69
N ARG I 128 -15.37 -3.91 74.47
CA ARG I 128 -13.97 -3.74 74.90
C ARG I 128 -13.81 -3.63 76.42
N ASP I 129 -14.88 -3.79 77.17
CA ASP I 129 -14.83 -3.73 78.61
C ASP I 129 -15.47 -4.90 79.29
N LYS I 130 -16.33 -5.65 78.63
CA LYS I 130 -17.09 -6.70 79.27
C LYS I 130 -16.72 -8.04 78.65
N LYS I 131 -16.32 -8.97 79.49
CA LYS I 131 -15.96 -10.31 79.09
C LYS I 131 -16.92 -11.29 79.75
N GLN I 132 -17.10 -12.45 79.13
CA GLN I 132 -17.99 -13.45 79.67
C GLN I 132 -17.38 -14.84 79.65
N LYS I 133 -17.88 -15.68 80.53
CA LYS I 133 -17.52 -17.09 80.57
C LYS I 133 -18.43 -17.83 79.60
N VAL I 134 -17.84 -18.50 78.61
CA VAL I 134 -18.57 -19.02 77.45
C VAL I 134 -18.37 -20.51 77.36
N TYR I 135 -19.44 -21.28 77.19
CA TYR I 135 -19.30 -22.70 76.90
C TYR I 135 -18.70 -22.87 75.52
N SER I 136 -17.95 -23.94 75.33
CA SER I 136 -17.58 -24.39 74.00
C SER I 136 -17.26 -25.86 74.10
N LEU I 137 -17.17 -26.53 72.95
CA LEU I 137 -17.04 -27.98 73.00
C LEU I 137 -16.11 -28.41 71.87
N PHE I 138 -14.83 -28.52 72.18
CA PHE I 138 -13.78 -28.81 71.22
C PHE I 138 -13.46 -30.29 71.23
N TYR I 139 -12.76 -30.72 70.20
CA TYR I 139 -12.34 -32.10 70.06
C TYR I 139 -11.04 -32.30 70.82
N ARG I 140 -10.44 -33.46 70.73
CA ARG I 140 -9.02 -33.55 70.96
C ARG I 140 -8.36 -33.24 69.64
N LEU I 141 -7.04 -33.36 69.58
CA LEU I 141 -6.21 -33.06 68.40
C LEU I 141 -6.22 -31.57 68.04
N ASP I 142 -6.88 -30.72 68.81
CA ASP I 142 -6.64 -29.29 68.72
C ASP I 142 -6.69 -28.57 70.05
N VAL I 143 -6.47 -29.25 71.17
CA VAL I 143 -6.12 -28.62 72.43
C VAL I 143 -4.92 -29.36 73.01
N VAL I 144 -4.05 -28.62 73.70
CA VAL I 144 -2.91 -29.19 74.38
C VAL I 144 -2.88 -28.70 75.80
N GLN I 145 -2.17 -29.42 76.66
CA GLN I 145 -2.09 -29.02 78.06
C GLN I 145 -1.02 -27.96 78.26
N ILE I 146 -0.84 -27.54 79.50
CA ILE I 146 0.12 -26.51 79.84
C ILE I 146 1.15 -27.04 80.83
N GLU I 160 -5.60 -24.73 82.01
CA GLU I 160 -5.22 -26.09 81.70
C GLU I 160 -4.93 -26.29 80.23
N TYR I 161 -5.70 -25.67 79.34
CA TYR I 161 -5.59 -25.99 77.93
C TYR I 161 -5.50 -24.73 77.09
N ARG I 162 -4.86 -24.87 75.93
CA ARG I 162 -4.82 -23.82 74.92
C ARG I 162 -4.95 -24.48 73.56
N LEU I 163 -5.19 -23.69 72.53
CA LEU I 163 -5.29 -24.25 71.20
C LEU I 163 -3.92 -24.68 70.69
N ILE I 164 -3.91 -25.56 69.68
CA ILE I 164 -2.63 -26.12 69.27
C ILE I 164 -1.87 -25.22 68.34
N ASN I 165 -2.51 -24.21 67.78
CA ASN I 165 -1.84 -23.36 66.83
C ASN I 165 -1.42 -22.03 67.42
N CYS I 166 -1.47 -21.87 68.74
CA CYS I 166 -1.08 -20.58 69.26
C CYS I 166 0.42 -20.40 69.35
N ASN I 167 1.22 -21.45 69.32
CA ASN I 167 2.65 -21.20 69.15
C ASN I 167 3.02 -21.07 67.68
N THR I 168 2.20 -21.57 66.77
CA THR I 168 2.31 -21.27 65.36
C THR I 168 1.37 -20.08 65.09
N SER I 169 0.95 -19.83 63.86
CA SER I 169 0.37 -18.55 63.51
C SER I 169 -1.12 -18.45 63.79
N ALA I 170 -1.72 -17.38 63.29
CA ALA I 170 -3.09 -17.00 63.60
C ALA I 170 -4.09 -17.90 62.88
N ILE I 171 -5.34 -17.77 63.28
CA ILE I 171 -6.30 -18.86 63.21
C ILE I 171 -7.62 -18.41 62.57
N THR I 172 -7.53 -17.61 61.51
CA THR I 172 -8.71 -17.12 60.79
C THR I 172 -9.72 -18.19 60.38
N GLN I 173 -10.95 -18.01 60.80
CA GLN I 173 -11.97 -19.01 60.53
C GLN I 173 -12.54 -18.79 59.13
N ALA I 174 -13.25 -19.79 58.64
CA ALA I 174 -13.86 -19.69 57.33
C ALA I 174 -15.17 -18.94 57.43
N CYS I 175 -15.53 -18.26 56.37
CA CYS I 175 -16.86 -17.71 56.29
C CYS I 175 -17.84 -18.84 56.10
N PRO I 176 -18.95 -18.89 56.85
CA PRO I 176 -19.82 -20.05 56.75
C PRO I 176 -20.72 -20.04 55.54
N LYS I 177 -20.83 -18.92 54.83
CA LYS I 177 -21.67 -18.94 53.64
C LYS I 177 -21.02 -19.65 52.47
N VAL I 178 -19.69 -19.75 52.41
CA VAL I 178 -19.07 -20.42 51.26
C VAL I 178 -19.11 -21.92 51.51
N SER I 179 -18.92 -22.70 50.46
CA SER I 179 -19.00 -24.14 50.59
C SER I 179 -17.77 -24.78 49.98
N PHE I 180 -17.59 -26.06 50.26
CA PHE I 180 -16.39 -26.70 49.75
C PHE I 180 -16.73 -27.86 48.84
N GLU I 181 -17.80 -27.79 48.08
CA GLU I 181 -18.07 -28.85 47.14
C GLU I 181 -17.24 -28.65 45.89
N PRO I 182 -16.50 -29.63 45.43
CA PRO I 182 -15.62 -29.43 44.30
C PRO I 182 -16.34 -29.47 42.97
N ILE I 183 -16.87 -28.34 42.53
CA ILE I 183 -17.54 -28.30 41.22
C ILE I 183 -16.49 -28.39 40.12
N PRO I 184 -16.77 -29.04 39.00
CA PRO I 184 -15.71 -29.31 38.03
C PRO I 184 -15.33 -28.06 37.26
N ILE I 185 -14.04 -27.93 37.00
CA ILE I 185 -13.54 -26.84 36.18
C ILE I 185 -12.82 -27.41 34.96
N HIS I 186 -12.67 -26.55 33.97
CA HIS I 186 -12.18 -26.92 32.65
C HIS I 186 -11.11 -25.92 32.26
N TYR I 187 -9.90 -26.40 32.00
CA TYR I 187 -8.80 -25.54 31.61
C TYR I 187 -8.82 -25.28 30.12
N CYS I 188 -9.20 -24.08 29.69
CA CYS I 188 -9.18 -23.77 28.27
C CYS I 188 -7.94 -22.99 27.90
N ALA I 189 -7.30 -23.44 26.83
CA ALA I 189 -6.07 -22.86 26.33
C ALA I 189 -6.35 -21.49 25.72
N PRO I 190 -5.37 -20.60 25.72
CA PRO I 190 -5.56 -19.31 25.04
C PRO I 190 -5.47 -19.50 23.53
N ALA I 191 -5.63 -18.41 22.82
CA ALA I 191 -5.58 -18.50 21.37
C ALA I 191 -4.15 -18.64 20.89
N GLY I 192 -3.99 -19.37 19.80
CA GLY I 192 -2.65 -19.64 19.35
C GLY I 192 -1.97 -20.75 20.08
N PHE I 193 -2.71 -21.51 20.88
CA PHE I 193 -2.20 -22.71 21.52
C PHE I 193 -3.24 -23.79 21.39
N ALA I 194 -2.84 -25.02 21.65
CA ALA I 194 -3.77 -26.13 21.52
C ALA I 194 -3.49 -27.13 22.62
N ILE I 195 -4.52 -27.88 22.98
CA ILE I 195 -4.43 -28.87 24.02
C ILE I 195 -4.56 -30.24 23.37
N LEU I 196 -3.48 -31.01 23.37
CA LEU I 196 -3.60 -32.35 22.83
C LEU I 196 -4.19 -33.27 23.87
N LYS I 197 -4.51 -34.49 23.45
CA LYS I 197 -5.27 -35.40 24.29
C LYS I 197 -5.08 -36.80 23.77
N CYS I 198 -4.34 -37.62 24.50
CA CYS I 198 -4.11 -38.98 24.04
C CYS I 198 -5.35 -39.83 24.29
N LYS I 199 -5.84 -40.50 23.25
CA LYS I 199 -6.98 -41.37 23.38
C LYS I 199 -6.61 -42.84 23.50
N ASP I 200 -5.33 -43.17 23.47
CA ASP I 200 -4.93 -44.56 23.53
C ASP I 200 -5.19 -45.11 24.92
N LYS I 201 -6.08 -46.09 25.02
CA LYS I 201 -6.58 -46.56 26.31
C LYS I 201 -5.56 -47.39 27.08
N LYS I 202 -4.34 -47.55 26.60
CA LYS I 202 -3.32 -48.25 27.36
C LYS I 202 -2.04 -47.43 27.45
N PHE I 203 -2.12 -46.13 27.21
CA PHE I 203 -0.99 -45.24 27.44
C PHE I 203 -0.67 -45.22 28.91
N ASN I 204 0.50 -45.74 29.29
CA ASN I 204 0.69 -45.96 30.72
C ASN I 204 1.05 -44.66 31.43
N GLY I 205 2.25 -44.15 31.24
CA GLY I 205 2.57 -42.87 31.83
C GLY I 205 3.22 -41.84 30.92
N THR I 206 4.01 -42.30 29.96
CA THR I 206 4.92 -41.41 29.25
C THR I 206 5.36 -42.11 27.97
N GLY I 207 5.59 -41.35 26.92
CA GLY I 207 6.01 -41.93 25.67
C GLY I 207 5.16 -41.46 24.51
N PRO I 208 5.29 -42.14 23.37
CA PRO I 208 4.50 -41.77 22.19
C PRO I 208 3.08 -42.31 22.26
N CYS I 209 2.13 -41.42 22.25
CA CYS I 209 0.77 -41.93 22.13
C CYS I 209 0.37 -41.96 20.67
N PRO I 210 -0.10 -43.09 20.17
CA PRO I 210 -0.27 -43.23 18.73
C PRO I 210 -1.48 -42.51 18.16
N SER I 211 -2.52 -42.30 18.96
CA SER I 211 -3.78 -41.78 18.46
C SER I 211 -4.17 -40.56 19.27
N VAL I 212 -3.80 -39.37 18.82
CA VAL I 212 -4.02 -38.17 19.60
C VAL I 212 -5.28 -37.50 19.10
N SER I 213 -5.65 -36.43 19.80
CA SER I 213 -6.82 -35.66 19.43
C SER I 213 -6.60 -34.25 19.91
N THR I 214 -7.46 -33.34 19.50
CA THR I 214 -7.33 -31.94 19.87
C THR I 214 -8.66 -31.45 20.43
N VAL I 215 -8.62 -30.80 21.58
CA VAL I 215 -9.78 -30.20 22.19
C VAL I 215 -9.50 -28.74 22.46
N GLN I 216 -10.56 -27.95 22.57
CA GLN I 216 -10.33 -26.59 23.05
C GLN I 216 -10.11 -26.57 24.56
N CYS I 217 -10.83 -27.38 25.32
CA CYS I 217 -10.55 -27.57 26.74
C CYS I 217 -10.95 -28.91 27.29
N THR I 218 -10.36 -29.22 28.45
CA THR I 218 -10.38 -30.50 29.11
C THR I 218 -11.79 -30.83 29.58
N HIS I 219 -11.96 -32.03 30.12
CA HIS I 219 -13.25 -32.43 30.66
C HIS I 219 -13.47 -31.78 32.02
N GLY I 220 -14.49 -32.22 32.74
CA GLY I 220 -14.72 -31.72 34.07
C GLY I 220 -13.66 -32.25 35.01
N ILE I 221 -12.90 -31.36 35.63
CA ILE I 221 -11.92 -31.76 36.62
C ILE I 221 -12.47 -31.33 37.96
N LYS I 222 -12.90 -32.29 38.77
CA LYS I 222 -13.26 -32.00 40.13
C LYS I 222 -11.97 -31.82 40.93
N PRO I 223 -11.68 -30.65 41.42
CA PRO I 223 -10.40 -30.47 42.10
C PRO I 223 -10.47 -30.87 43.56
N VAL I 224 -10.66 -32.16 43.82
CA VAL I 224 -10.77 -32.65 45.18
C VAL I 224 -9.42 -32.62 45.84
N VAL I 225 -9.42 -32.66 47.16
CA VAL I 225 -8.22 -32.81 47.95
C VAL I 225 -8.42 -33.98 48.90
N SER I 226 -7.66 -35.04 48.69
CA SER I 226 -7.79 -36.28 49.44
C SER I 226 -6.48 -37.00 49.40
N THR I 227 -5.99 -37.39 50.56
CA THR I 227 -4.76 -38.14 50.57
C THR I 227 -5.08 -39.61 50.44
N GLN I 228 -4.13 -40.38 49.94
CA GLN I 228 -3.99 -41.82 50.17
C GLN I 228 -5.05 -42.66 49.48
N LEU I 229 -6.13 -42.04 48.99
CA LEU I 229 -7.12 -42.71 48.18
C LEU I 229 -7.86 -41.58 47.48
N LEU I 230 -7.56 -41.35 46.20
CA LEU I 230 -8.11 -40.20 45.51
C LEU I 230 -9.55 -40.48 45.14
N LEU I 231 -10.43 -39.51 45.36
CA LEU I 231 -11.86 -39.71 45.30
C LEU I 231 -12.48 -39.01 44.09
N ASN I 232 -13.62 -39.54 43.69
CA ASN I 232 -14.48 -38.97 42.64
C ASN I 232 -13.68 -38.74 41.37
N GLY I 233 -12.77 -39.63 41.03
CA GLY I 233 -11.91 -39.41 39.86
C GLY I 233 -12.51 -39.92 38.56
N SER I 234 -11.77 -39.75 37.46
CA SER I 234 -12.09 -40.27 36.11
C SER I 234 -11.31 -41.57 35.94
N LEU I 235 -12.03 -42.66 36.04
CA LEU I 235 -11.58 -44.04 36.09
C LEU I 235 -11.28 -44.59 34.71
N ALA I 236 -10.14 -45.25 34.57
CA ALA I 236 -9.68 -45.72 33.28
C ALA I 236 -10.34 -47.05 32.96
N GLU I 237 -9.83 -47.73 31.94
CA GLU I 237 -10.49 -48.92 31.44
C GLU I 237 -10.13 -50.13 32.28
N GLU I 238 -10.59 -51.31 31.84
CA GLU I 238 -10.64 -52.50 32.69
C GLU I 238 -9.27 -53.07 33.01
N GLU I 239 -8.23 -52.52 32.40
CA GLU I 239 -6.86 -52.71 32.80
C GLU I 239 -6.49 -51.64 33.82
N VAL I 240 -6.45 -52.00 35.10
CA VAL I 240 -6.16 -51.06 36.17
C VAL I 240 -4.72 -50.59 36.03
N MET I 241 -4.56 -49.41 35.44
CA MET I 241 -3.26 -48.95 34.99
C MET I 241 -2.35 -48.65 36.17
N ILE I 242 -1.06 -48.74 35.92
CA ILE I 242 -0.04 -48.47 36.92
C ILE I 242 0.86 -47.40 36.37
N ARG I 243 0.93 -46.28 37.03
CA ARG I 243 1.72 -45.16 36.55
C ARG I 243 2.85 -44.96 37.55
N SER I 244 4.03 -44.66 37.05
CA SER I 244 5.08 -44.21 37.96
C SER I 244 6.05 -43.37 37.16
N GLU I 245 7.10 -42.90 37.84
CA GLU I 245 8.18 -42.27 37.12
C GLU I 245 9.19 -43.30 36.66
N ASN I 246 9.67 -44.12 37.59
CA ASN I 246 10.31 -45.38 37.24
C ASN I 246 10.11 -46.32 38.42
N ILE I 247 9.83 -47.58 38.12
CA ILE I 247 9.56 -48.54 39.18
C ILE I 247 10.85 -48.86 39.94
N THR I 248 12.00 -48.65 39.32
CA THR I 248 13.27 -49.03 39.92
C THR I 248 13.60 -48.21 41.16
N ASN I 249 13.23 -46.94 41.16
CA ASN I 249 13.46 -46.11 42.34
C ASN I 249 12.39 -46.40 43.38
N ASN I 250 12.82 -46.66 44.60
CA ASN I 250 11.86 -47.01 45.64
C ASN I 250 11.11 -45.82 46.18
N ALA I 251 11.67 -44.62 46.10
CA ALA I 251 10.97 -43.44 46.59
C ALA I 251 10.25 -42.72 45.46
N LYS I 252 9.47 -43.45 44.67
CA LYS I 252 8.70 -42.86 43.59
C LYS I 252 7.27 -43.35 43.68
N ASN I 253 6.35 -42.39 43.85
CA ASN I 253 4.96 -42.70 44.13
C ASN I 253 4.32 -43.42 42.96
N ILE I 254 3.71 -44.54 43.26
CA ILE I 254 3.08 -45.37 42.26
C ILE I 254 1.61 -45.06 42.30
N LEU I 255 1.14 -44.23 41.39
CA LEU I 255 -0.28 -44.03 41.26
C LEU I 255 -0.88 -45.28 40.69
N VAL I 256 -2.16 -45.47 40.91
CA VAL I 256 -2.88 -46.59 40.32
C VAL I 256 -4.26 -46.07 40.04
N GLN I 257 -4.85 -46.50 38.94
CA GLN I 257 -6.15 -46.00 38.52
C GLN I 257 -7.08 -47.17 38.26
N PHE I 258 -8.29 -47.06 38.75
CA PHE I 258 -9.23 -48.15 38.71
C PHE I 258 -10.01 -48.21 37.41
N ASN I 259 -10.94 -49.15 37.38
CA ASN I 259 -12.01 -49.18 36.41
C ASN I 259 -13.35 -49.39 37.09
N THR I 260 -13.37 -49.57 38.40
CA THR I 260 -14.57 -49.93 39.13
C THR I 260 -14.79 -48.93 40.25
N PRO I 261 -15.87 -48.25 40.30
CA PRO I 261 -16.12 -47.33 41.38
C PRO I 261 -16.58 -48.02 42.66
N VAL I 262 -15.63 -48.35 43.52
CA VAL I 262 -15.97 -48.83 44.85
C VAL I 262 -16.54 -47.68 45.67
N GLN I 263 -17.65 -47.93 46.37
CA GLN I 263 -18.29 -46.85 47.11
C GLN I 263 -17.71 -46.73 48.51
N ILE I 264 -17.73 -45.52 49.05
CA ILE I 264 -17.35 -45.26 50.43
C ILE I 264 -18.59 -44.65 51.09
N ASN I 265 -19.30 -45.41 51.90
CA ASN I 265 -20.38 -44.83 52.69
C ASN I 265 -19.75 -44.22 53.95
N CYS I 266 -19.46 -42.92 53.92
CA CYS I 266 -18.97 -42.24 55.12
C CYS I 266 -20.10 -41.51 55.83
N THR I 267 -19.90 -41.27 57.12
CA THR I 267 -20.94 -40.61 57.91
C THR I 267 -20.31 -39.96 59.14
N ARG I 268 -21.11 -39.15 59.82
CA ARG I 268 -20.79 -38.70 61.17
C ARG I 268 -22.06 -38.65 62.00
N PRO I 269 -22.16 -39.43 63.06
CA PRO I 269 -23.48 -39.76 63.60
C PRO I 269 -24.11 -38.70 64.47
N ASN I 270 -23.35 -37.80 65.09
CA ASN I 270 -23.90 -36.88 66.09
C ASN I 270 -24.78 -35.81 65.44
N ASN I 271 -25.33 -34.91 66.25
CA ASN I 271 -26.23 -33.92 65.67
C ASN I 271 -25.68 -32.50 65.60
N ASN I 272 -24.79 -32.10 66.52
CA ASN I 272 -23.96 -30.90 66.41
C ASN I 272 -24.76 -29.60 66.28
N THR I 273 -25.40 -29.22 67.37
CA THR I 273 -25.99 -27.88 67.43
C THR I 273 -24.91 -26.82 67.33
N ARG I 274 -25.18 -25.78 66.57
CA ARG I 274 -24.28 -24.65 66.47
C ARG I 274 -24.70 -23.56 67.46
N LYS I 275 -23.73 -22.74 67.86
CA LYS I 275 -23.94 -21.71 68.85
C LYS I 275 -23.12 -20.50 68.45
N SER I 276 -23.78 -19.36 68.24
CA SER I 276 -23.09 -18.18 67.77
C SER I 276 -22.59 -17.35 68.93
N ILE I 277 -21.35 -16.89 68.85
CA ILE I 277 -20.74 -16.06 69.87
C ILE I 277 -20.39 -14.72 69.24
N ARG I 278 -20.78 -13.64 69.91
CA ARG I 278 -20.46 -12.30 69.45
C ARG I 278 -19.09 -11.93 69.99
N ILE I 279 -18.23 -11.38 69.13
CA ILE I 279 -16.88 -10.99 69.50
C ILE I 279 -16.69 -9.55 69.07
N GLY I 280 -16.72 -8.62 70.01
CA GLY I 280 -16.44 -7.23 69.75
C GLY I 280 -17.52 -6.52 68.94
N PRO I 281 -17.11 -5.83 67.89
CA PRO I 281 -18.07 -5.39 66.86
C PRO I 281 -18.52 -6.54 65.99
N GLY I 282 -19.17 -6.26 64.87
CA GLY I 282 -19.93 -7.27 64.16
C GLY I 282 -19.13 -8.38 63.51
N GLN I 283 -18.55 -9.24 64.35
CA GLN I 283 -17.83 -10.44 63.97
C GLN I 283 -18.36 -11.58 64.83
N ALA I 284 -19.26 -12.39 64.30
CA ALA I 284 -19.73 -13.54 65.05
C ALA I 284 -18.66 -14.62 65.08
N PHE I 285 -18.85 -15.60 65.94
CA PHE I 285 -17.96 -16.75 66.04
C PHE I 285 -18.80 -17.97 66.39
N TYR I 286 -18.66 -19.03 65.60
CA TYR I 286 -19.53 -20.19 65.72
C TYR I 286 -18.81 -21.29 66.47
N ALA I 287 -19.31 -21.63 67.64
CA ALA I 287 -18.72 -22.70 68.42
C ALA I 287 -19.73 -23.81 68.59
N THR I 288 -19.23 -25.03 68.70
CA THR I 288 -20.11 -26.18 68.73
C THR I 288 -20.79 -26.25 70.07
N GLY I 289 -22.10 -26.10 70.09
CA GLY I 289 -22.83 -26.14 71.33
C GLY I 289 -23.02 -27.56 71.83
N ASP I 290 -23.93 -27.69 72.77
CA ASP I 290 -24.26 -28.98 73.34
C ASP I 290 -24.97 -29.82 72.30
N ILE I 291 -24.41 -30.98 72.00
CA ILE I 291 -25.01 -31.90 71.03
C ILE I 291 -26.24 -32.54 71.63
N ILE I 292 -27.04 -33.21 70.78
CA ILE I 292 -28.33 -33.74 71.21
C ILE I 292 -28.17 -34.90 72.18
N GLY I 293 -27.04 -35.59 72.13
CA GLY I 293 -26.75 -36.49 73.23
C GLY I 293 -26.65 -37.94 72.85
N ASP I 294 -26.18 -38.19 71.64
CA ASP I 294 -25.88 -39.53 71.15
C ASP I 294 -24.46 -39.45 70.60
N ILE I 295 -23.46 -39.65 71.46
CA ILE I 295 -22.08 -39.57 71.01
C ILE I 295 -21.68 -40.95 70.50
N ARG I 296 -21.63 -41.11 69.20
CA ARG I 296 -21.02 -42.27 68.59
C ARG I 296 -19.81 -41.79 67.81
N GLN I 297 -19.18 -42.70 67.08
CA GLN I 297 -17.93 -42.43 66.41
C GLN I 297 -18.17 -42.20 64.93
N ALA I 298 -17.38 -41.31 64.33
CA ALA I 298 -17.49 -41.12 62.90
C ALA I 298 -16.81 -42.27 62.16
N HIS I 299 -17.48 -42.84 61.17
CA HIS I 299 -16.89 -43.99 60.49
C HIS I 299 -17.21 -43.96 59.01
N CYS I 300 -16.59 -44.89 58.29
CA CYS I 300 -16.78 -45.05 56.85
C CYS I 300 -16.83 -46.53 56.50
N ASN I 301 -17.87 -46.95 55.80
CA ASN I 301 -18.04 -48.35 55.43
C ASN I 301 -17.63 -48.57 53.99
N VAL I 302 -16.91 -49.68 53.74
CA VAL I 302 -16.63 -50.19 52.40
C VAL I 302 -16.95 -51.68 52.40
N SER I 303 -17.69 -52.14 51.40
CA SER I 303 -18.07 -53.55 51.31
C SER I 303 -16.86 -54.40 50.97
N LYS I 304 -16.65 -55.49 51.72
CA LYS I 304 -15.37 -56.19 51.62
C LYS I 304 -15.25 -57.02 50.36
N ALA I 305 -16.37 -57.38 49.74
CA ALA I 305 -16.30 -58.20 48.54
C ALA I 305 -15.70 -57.41 47.38
N THR I 306 -16.26 -56.23 47.10
CA THR I 306 -15.77 -55.45 45.97
C THR I 306 -14.37 -54.93 46.22
N TRP I 307 -14.03 -54.70 47.49
CA TRP I 307 -12.68 -54.34 47.80
C TRP I 307 -11.73 -55.50 47.58
N ASN I 308 -12.16 -56.72 47.92
CA ASN I 308 -11.31 -57.89 47.68
C ASN I 308 -11.08 -58.09 46.20
N GLU I 309 -12.09 -57.83 45.38
CA GLU I 309 -11.92 -57.96 43.95
C GLU I 309 -11.00 -56.88 43.36
N THR I 310 -11.14 -55.63 43.79
CA THR I 310 -10.30 -54.59 43.21
C THR I 310 -8.87 -54.70 43.69
N LEU I 311 -8.66 -55.23 44.88
CA LEU I 311 -7.30 -55.58 45.22
C LEU I 311 -6.80 -56.75 44.38
N GLY I 312 -7.68 -57.68 44.04
CA GLY I 312 -7.26 -58.76 43.15
C GLY I 312 -6.81 -58.26 41.80
N LYS I 313 -7.51 -57.28 41.25
CA LYS I 313 -7.12 -56.70 39.97
C LYS I 313 -5.82 -55.91 40.07
N VAL I 314 -5.62 -55.13 41.13
CA VAL I 314 -4.40 -54.34 41.22
C VAL I 314 -3.20 -55.26 41.43
N VAL I 315 -3.39 -56.35 42.18
CA VAL I 315 -2.25 -57.22 42.38
C VAL I 315 -2.02 -58.11 41.16
N LYS I 316 -3.06 -58.34 40.35
CA LYS I 316 -2.90 -59.19 39.18
C LYS I 316 -2.47 -58.41 37.97
N GLN I 317 -2.48 -57.08 38.04
CA GLN I 317 -1.74 -56.30 37.09
C GLN I 317 -0.53 -55.59 37.69
N LEU I 318 -0.12 -55.97 38.89
CA LEU I 318 1.18 -55.55 39.37
C LEU I 318 2.25 -56.60 39.14
N ARG I 319 1.85 -57.85 38.90
CA ARG I 319 2.85 -58.88 38.64
C ARG I 319 3.39 -58.84 37.22
N LYS I 320 2.92 -57.93 36.39
CA LYS I 320 3.52 -57.76 35.08
C LYS I 320 4.80 -56.97 35.16
N HIS I 321 4.97 -56.18 36.22
CA HIS I 321 6.13 -55.31 36.31
C HIS I 321 7.31 -55.98 36.97
N PHE I 322 7.08 -57.06 37.70
CA PHE I 322 8.14 -57.91 38.24
C PHE I 322 7.55 -59.26 38.63
N GLY I 323 8.44 -60.20 38.94
CA GLY I 323 8.17 -61.61 39.16
C GLY I 323 7.01 -61.96 40.07
N ASN I 324 6.29 -63.02 39.74
CA ASN I 324 4.93 -63.23 40.24
C ASN I 324 4.95 -63.90 41.62
N ASN I 325 5.39 -63.12 42.61
CA ASN I 325 5.72 -63.69 43.90
C ASN I 325 5.49 -62.70 45.03
N THR I 326 4.63 -63.09 46.00
CA THR I 326 4.60 -62.62 47.40
C THR I 326 4.43 -61.10 47.52
N ILE I 327 3.25 -60.63 47.16
CA ILE I 327 2.86 -59.23 47.39
C ILE I 327 2.14 -59.16 48.73
N ILE I 328 2.64 -58.29 49.62
CA ILE I 328 2.02 -57.99 50.89
C ILE I 328 1.77 -56.49 50.92
N ARG I 329 0.68 -56.06 51.55
CA ARG I 329 0.45 -54.66 51.81
C ARG I 329 0.28 -54.40 53.30
N PHE I 330 0.54 -53.17 53.72
CA PHE I 330 0.60 -52.86 55.13
C PHE I 330 -0.10 -51.56 55.42
N ALA I 331 -0.13 -51.19 56.70
CA ALA I 331 -0.56 -49.88 57.10
C ALA I 331 0.54 -48.87 56.82
N ASN I 332 0.17 -47.62 56.75
CA ASN I 332 1.27 -46.72 56.37
C ASN I 332 2.07 -46.36 57.60
N SER I 333 3.32 -46.84 57.63
CA SER I 333 4.11 -46.47 58.83
C SER I 333 3.84 -44.98 58.94
N SER I 334 3.61 -44.55 60.17
CA SER I 334 2.95 -43.24 60.40
C SER I 334 3.90 -42.05 60.48
N GLY I 335 4.02 -41.50 61.69
CA GLY I 335 4.78 -40.26 61.85
C GLY I 335 4.05 -39.14 61.14
N GLY I 336 4.68 -38.59 60.11
CA GLY I 336 4.13 -37.44 59.38
C GLY I 336 3.24 -36.71 60.36
N ASP I 337 1.95 -36.79 60.06
CA ASP I 337 0.91 -36.22 60.95
C ASP I 337 -0.35 -37.00 60.58
N LEU I 338 -1.51 -36.35 60.53
CA LEU I 338 -2.63 -37.17 60.06
C LEU I 338 -2.63 -37.06 58.55
N GLU I 339 -2.05 -35.99 58.02
CA GLU I 339 -2.10 -35.84 56.55
C GLU I 339 -1.42 -37.03 55.85
N VAL I 340 -0.33 -37.60 56.39
CA VAL I 340 0.33 -38.67 55.66
C VAL I 340 -0.14 -40.04 56.09
N THR I 341 -0.48 -40.22 57.35
CA THR I 341 -0.88 -41.54 57.82
C THR I 341 -2.32 -41.87 57.53
N THR I 342 -3.24 -40.95 57.71
CA THR I 342 -4.62 -41.28 57.48
C THR I 342 -5.21 -40.56 56.29
N HIS I 343 -6.19 -41.23 55.71
CA HIS I 343 -6.98 -40.80 54.58
C HIS I 343 -7.74 -39.55 54.93
N SER I 344 -7.25 -38.40 54.52
CA SER I 344 -7.81 -37.15 54.96
C SER I 344 -8.64 -36.54 53.86
N PHE I 345 -9.84 -36.13 54.19
CA PHE I 345 -10.73 -35.55 53.18
C PHE I 345 -11.80 -34.77 53.91
N ASN I 346 -12.55 -33.98 53.16
CA ASN I 346 -13.65 -33.24 53.74
C ASN I 346 -14.94 -33.68 53.10
N CYS I 347 -15.98 -33.76 53.91
CA CYS I 347 -17.25 -34.34 53.49
C CYS I 347 -18.32 -33.30 53.80
N GLY I 348 -18.53 -32.38 52.87
CA GLY I 348 -19.49 -31.32 53.08
C GLY I 348 -19.09 -30.33 54.15
N GLY I 349 -17.81 -29.96 54.21
CA GLY I 349 -17.39 -28.96 55.17
C GLY I 349 -17.08 -29.48 56.55
N GLU I 350 -16.60 -30.71 56.65
CA GLU I 350 -16.17 -31.28 57.92
C GLU I 350 -15.04 -32.24 57.62
N PHE I 351 -13.91 -32.08 58.29
CA PHE I 351 -12.64 -32.61 57.81
C PHE I 351 -12.35 -33.92 58.50
N PHE I 352 -12.35 -35.01 57.76
CA PHE I 352 -12.21 -36.31 58.39
C PHE I 352 -10.77 -36.75 58.36
N TYR I 353 -10.44 -37.70 59.23
CA TYR I 353 -9.16 -38.39 59.22
C TYR I 353 -9.46 -39.81 59.63
N CYS I 354 -9.27 -40.78 58.73
CA CYS I 354 -9.77 -42.13 58.92
C CYS I 354 -8.63 -43.13 58.90
N ASN I 355 -8.52 -43.93 59.95
CA ASN I 355 -7.42 -44.89 60.10
C ASN I 355 -7.58 -46.04 59.13
N THR I 356 -6.93 -45.96 57.97
CA THR I 356 -7.00 -47.03 56.99
C THR I 356 -5.93 -48.06 57.21
N SER I 357 -5.83 -48.63 58.39
CA SER I 357 -5.07 -49.86 58.50
C SER I 357 -5.92 -51.01 58.03
N GLY I 358 -7.21 -50.96 58.29
CA GLY I 358 -8.04 -52.13 58.04
C GLY I 358 -8.44 -52.37 56.61
N LEU I 359 -7.54 -52.13 55.67
CA LEU I 359 -7.78 -52.41 54.27
C LEU I 359 -6.60 -53.06 53.58
N PHE I 360 -5.52 -53.38 54.30
CA PHE I 360 -4.27 -53.76 53.66
C PHE I 360 -3.66 -54.98 54.34
N ASN I 361 -4.06 -56.17 53.90
CA ASN I 361 -3.38 -57.41 54.23
C ASN I 361 -2.85 -58.08 52.96
N SER I 362 -2.17 -59.21 53.14
CA SER I 362 -1.34 -59.82 52.11
C SER I 362 -2.17 -60.53 51.05
N THR I 363 -2.33 -59.90 49.87
CA THR I 363 -2.94 -60.54 48.71
C THR I 363 -1.85 -61.21 47.91
N TRP I 364 -1.60 -62.48 48.20
CA TRP I 364 -0.83 -63.30 47.28
C TRP I 364 -1.26 -64.75 47.41
N ILE I 365 -1.38 -65.42 46.27
CA ILE I 365 -1.75 -66.82 46.23
C ILE I 365 -0.82 -67.57 45.27
N SER I 381 -18.93 -56.11 55.22
CA SER I 381 -18.65 -54.68 55.22
C SER I 381 -17.51 -54.35 56.17
N ILE I 382 -16.71 -53.36 55.81
CA ILE I 382 -15.52 -52.97 56.57
C ILE I 382 -15.76 -51.58 57.14
N THR I 383 -15.76 -51.47 58.46
CA THR I 383 -15.79 -50.15 59.06
C THR I 383 -14.39 -49.58 59.10
N LEU I 384 -14.33 -48.28 59.37
CA LEU I 384 -13.09 -47.57 59.45
C LEU I 384 -13.30 -46.52 60.52
N PRO I 385 -12.55 -46.51 61.57
CA PRO I 385 -12.68 -45.44 62.56
C PRO I 385 -12.12 -44.15 62.01
N CYS I 386 -12.88 -43.08 62.10
CA CYS I 386 -12.49 -41.78 61.58
C CYS I 386 -12.41 -40.79 62.71
N ARG I 387 -11.35 -40.01 62.76
CA ARG I 387 -11.24 -38.93 63.72
C ARG I 387 -11.43 -37.62 63.01
N ILE I 388 -12.00 -36.64 63.71
CA ILE I 388 -12.34 -35.36 63.08
C ILE I 388 -11.51 -34.26 63.71
N LYS I 389 -10.73 -33.57 62.91
CA LYS I 389 -10.11 -32.36 63.36
C LYS I 389 -10.99 -31.20 62.99
N GLN I 390 -10.79 -30.09 63.68
CA GLN I 390 -11.54 -28.87 63.43
C GLN I 390 -10.63 -27.72 63.04
N ILE I 391 -9.55 -27.52 63.78
CA ILE I 391 -8.49 -26.61 63.35
C ILE I 391 -7.64 -27.34 62.33
N ILE I 392 -7.72 -26.93 61.09
CA ILE I 392 -6.96 -27.55 60.03
C ILE I 392 -5.76 -26.68 59.78
N ASN I 393 -4.63 -27.30 59.49
CA ASN I 393 -3.53 -26.51 59.01
C ASN I 393 -3.80 -26.06 57.59
N MET I 394 -2.98 -25.14 57.12
CA MET I 394 -2.91 -24.91 55.69
C MET I 394 -2.61 -26.25 55.07
N TRP I 395 -3.50 -26.67 54.18
CA TRP I 395 -3.57 -28.07 53.80
C TRP I 395 -2.36 -28.56 53.03
N GLN I 396 -1.42 -27.68 52.69
CA GLN I 396 -0.06 -28.12 52.43
C GLN I 396 0.96 -27.50 53.37
N ARG I 397 0.85 -26.21 53.65
CA ARG I 397 1.95 -25.46 54.24
C ARG I 397 1.87 -25.37 55.75
N ILE I 398 2.87 -24.76 56.32
CA ILE I 398 2.95 -24.53 57.75
C ILE I 398 2.89 -23.01 57.95
N GLY I 399 2.17 -22.56 58.97
CA GLY I 399 1.94 -21.14 59.08
C GLY I 399 0.49 -20.81 59.35
N GLN I 400 -0.21 -20.21 58.39
CA GLN I 400 -1.60 -19.88 58.57
C GLN I 400 -2.45 -21.14 58.63
N ALA I 401 -3.51 -21.08 59.42
CA ALA I 401 -4.30 -22.26 59.69
C ALA I 401 -5.74 -21.83 59.83
N MET I 402 -6.64 -22.51 59.16
CA MET I 402 -8.04 -22.13 59.18
C MET I 402 -8.77 -22.90 60.25
N TYR I 403 -9.99 -22.47 60.53
CA TYR I 403 -10.81 -23.06 61.55
C TYR I 403 -12.15 -23.40 60.92
N ALA I 404 -12.45 -24.66 60.80
CA ALA I 404 -13.69 -25.01 60.13
C ALA I 404 -14.86 -24.91 61.10
N PRO I 405 -15.86 -24.08 60.84
CA PRO I 405 -16.99 -23.97 61.75
C PRO I 405 -17.84 -25.23 61.68
N PRO I 406 -18.54 -25.58 62.75
CA PRO I 406 -19.28 -26.84 62.76
C PRO I 406 -20.49 -26.79 61.84
N ILE I 407 -20.97 -27.98 61.50
CA ILE I 407 -22.11 -28.12 60.60
C ILE I 407 -23.25 -28.76 61.37
N GLN I 408 -24.43 -28.17 61.28
CA GLN I 408 -25.59 -28.68 61.99
C GLN I 408 -26.03 -30.00 61.37
N GLY I 409 -26.71 -30.80 62.18
CA GLY I 409 -27.28 -32.03 61.68
C GLY I 409 -26.26 -33.15 61.60
N VAL I 410 -26.65 -34.18 60.86
CA VAL I 410 -25.87 -35.39 60.67
C VAL I 410 -25.23 -35.30 59.29
N ILE I 411 -23.93 -35.51 59.21
CA ILE I 411 -23.20 -35.42 57.95
C ILE I 411 -23.08 -36.81 57.36
N ARG I 412 -23.49 -36.95 56.11
CA ARG I 412 -23.39 -38.22 55.43
C ARG I 412 -23.16 -37.97 53.95
N CYS I 413 -22.03 -38.42 53.44
CA CYS I 413 -21.75 -38.28 52.02
C CYS I 413 -21.13 -39.56 51.51
N VAL I 414 -21.49 -39.92 50.29
CA VAL I 414 -21.00 -41.12 49.63
C VAL I 414 -20.45 -40.73 48.27
N SER I 415 -19.31 -41.29 47.90
CA SER I 415 -18.90 -41.38 46.49
C SER I 415 -17.78 -42.36 46.33
N ASN I 416 -17.25 -42.40 45.12
CA ASN I 416 -16.43 -43.47 44.63
C ASN I 416 -14.98 -43.22 44.94
N ILE I 417 -14.23 -44.30 45.14
CA ILE I 417 -12.80 -44.20 45.07
C ILE I 417 -12.46 -44.44 43.62
N THR I 418 -11.28 -44.00 43.22
CA THR I 418 -10.87 -44.18 41.86
C THR I 418 -9.44 -44.65 41.78
N GLY I 419 -8.67 -44.51 42.84
CA GLY I 419 -7.32 -45.04 42.79
C GLY I 419 -6.59 -44.75 44.07
N LEU I 420 -5.54 -45.49 44.27
CA LEU I 420 -4.76 -45.42 45.48
C LEU I 420 -3.54 -44.60 45.15
N ILE I 421 -2.64 -44.48 46.10
CA ILE I 421 -1.31 -43.95 45.88
C ILE I 421 -0.40 -44.80 46.74
N LEU I 422 0.48 -45.56 46.12
CA LEU I 422 1.30 -46.47 46.90
C LEU I 422 2.75 -46.03 46.85
N THR I 423 3.58 -46.63 47.70
CA THR I 423 5.03 -46.53 47.59
C THR I 423 5.61 -47.91 47.83
N ARG I 424 6.65 -48.27 47.07
CA ARG I 424 7.35 -49.52 47.29
C ARG I 424 8.31 -49.33 48.46
N ASP I 425 8.67 -50.42 49.12
CA ASP I 425 9.68 -50.31 50.17
C ASP I 425 11.03 -50.85 49.71
N GLY I 426 11.06 -52.07 49.21
CA GLY I 426 12.28 -52.66 48.70
C GLY I 426 13.27 -53.05 49.78
N GLY I 427 14.40 -52.37 49.82
CA GLY I 427 15.43 -52.71 50.79
C GLY I 427 16.19 -53.96 50.39
N SER I 428 16.44 -54.81 51.36
CA SER I 428 17.16 -56.06 51.15
C SER I 428 16.29 -57.17 50.57
N THR I 429 15.01 -56.89 50.28
CA THR I 429 14.11 -57.87 49.69
C THR I 429 14.52 -58.05 48.24
N ASN I 430 15.54 -58.87 48.03
CA ASN I 430 16.10 -59.02 46.70
C ASN I 430 15.18 -59.84 45.80
N SER I 431 14.37 -60.72 46.38
CA SER I 431 13.56 -61.58 45.51
C SER I 431 12.10 -61.65 45.88
N THR I 432 11.77 -61.75 47.16
CA THR I 432 10.38 -62.00 47.54
C THR I 432 9.88 -60.94 48.50
N THR I 433 8.69 -61.19 49.07
CA THR I 433 7.98 -60.37 50.06
C THR I 433 8.01 -58.88 49.75
N GLU I 434 7.49 -58.56 48.58
CA GLU I 434 7.37 -57.17 48.17
C GLU I 434 6.25 -56.51 48.96
N THR I 435 6.54 -55.38 49.59
CA THR I 435 5.58 -54.71 50.45
C THR I 435 5.20 -53.36 49.88
N PHE I 436 3.92 -53.04 49.93
CA PHE I 436 3.42 -51.75 49.48
C PHE I 436 2.59 -51.12 50.58
N ARG I 437 2.85 -49.85 50.84
CA ARG I 437 2.12 -49.21 51.89
C ARG I 437 1.60 -47.88 51.37
N PRO I 438 0.35 -47.59 51.57
CA PRO I 438 -0.24 -46.44 50.90
C PRO I 438 0.18 -45.13 51.51
N GLY I 439 1.40 -44.71 51.23
CA GLY I 439 1.87 -43.42 51.65
C GLY I 439 1.31 -42.32 50.77
N GLY I 440 2.19 -41.41 50.41
CA GLY I 440 1.79 -40.42 49.43
C GLY I 440 1.14 -39.26 50.12
N GLY I 441 1.78 -38.10 50.07
CA GLY I 441 1.30 -36.98 50.83
C GLY I 441 1.12 -35.70 50.06
N ASP I 442 1.74 -35.59 48.90
CA ASP I 442 1.69 -34.34 48.17
C ASP I 442 0.31 -34.14 47.56
N MET I 443 0.00 -32.90 47.24
CA MET I 443 -1.25 -32.61 46.56
C MET I 443 -1.11 -32.59 45.05
N ARG I 444 0.11 -32.62 44.53
CA ARG I 444 0.25 -32.56 43.09
C ARG I 444 -0.17 -33.85 42.43
N ASP I 445 0.00 -34.98 43.11
CA ASP I 445 -0.23 -36.26 42.45
C ASP I 445 -1.69 -36.53 42.16
N ASN I 446 -2.60 -35.92 42.92
CA ASN I 446 -4.02 -35.99 42.58
C ASN I 446 -4.28 -35.33 41.24
N TRP I 447 -3.62 -34.21 40.97
CA TRP I 447 -3.85 -33.59 39.68
C TRP I 447 -2.98 -34.17 38.59
N ARG I 448 -1.94 -34.92 38.94
CA ARG I 448 -1.31 -35.72 37.91
C ARG I 448 -2.10 -36.96 37.61
N SER I 449 -3.08 -37.29 38.45
CA SER I 449 -3.90 -38.43 38.08
C SER I 449 -5.03 -38.08 37.12
N GLU I 450 -5.18 -36.83 36.70
CA GLU I 450 -6.12 -36.50 35.65
C GLU I 450 -5.58 -35.57 34.57
N LEU I 451 -4.38 -35.04 34.71
CA LEU I 451 -3.75 -34.31 33.62
C LEU I 451 -2.62 -35.10 33.00
N TYR I 452 -2.76 -36.41 32.92
CA TYR I 452 -1.77 -37.24 32.27
C TYR I 452 -2.01 -37.34 30.78
N LYS I 453 -3.28 -37.33 30.37
CA LYS I 453 -3.61 -37.40 28.95
C LYS I 453 -3.81 -36.04 28.35
N TYR I 454 -3.05 -35.05 28.78
CA TYR I 454 -3.16 -33.74 28.18
C TYR I 454 -1.77 -33.14 28.01
N LYS I 455 -1.64 -32.27 27.03
CA LYS I 455 -0.39 -31.58 26.75
C LYS I 455 -0.73 -30.32 25.99
N VAL I 456 0.01 -29.25 26.26
CA VAL I 456 -0.23 -27.96 25.64
C VAL I 456 0.85 -27.73 24.59
N VAL I 457 0.46 -27.23 23.42
CA VAL I 457 1.40 -26.98 22.34
C VAL I 457 1.14 -25.59 21.78
N LYS I 458 2.20 -24.92 21.35
CA LYS I 458 2.06 -23.68 20.61
C LYS I 458 1.96 -23.98 19.13
N ILE I 459 1.41 -23.04 18.37
CA ILE I 459 1.22 -23.21 16.95
C ILE I 459 2.15 -22.24 16.23
N GLU I 460 2.99 -22.77 15.34
CA GLU I 460 3.88 -21.96 14.52
C GLU I 460 3.33 -21.95 13.11
N PRO I 461 2.49 -20.98 12.74
CA PRO I 461 1.76 -21.07 11.48
C PRO I 461 2.58 -20.73 10.25
N LEU I 462 3.86 -20.44 10.36
CA LEU I 462 4.62 -19.86 9.27
C LEU I 462 5.64 -20.85 8.77
N GLY I 463 5.49 -21.27 7.52
CA GLY I 463 6.35 -22.31 6.98
C GLY I 463 6.74 -22.01 5.55
N VAL I 464 7.97 -22.39 5.21
CA VAL I 464 8.52 -22.17 3.89
C VAL I 464 8.76 -23.52 3.22
N ALA I 465 8.80 -23.50 1.89
CA ALA I 465 8.90 -24.73 1.09
C ALA I 465 9.30 -24.33 -0.31
N PRO I 466 10.22 -25.07 -0.93
CA PRO I 466 10.61 -24.79 -2.32
C PRO I 466 9.59 -25.30 -3.31
N THR I 467 9.20 -24.42 -4.23
CA THR I 467 8.21 -24.77 -5.25
C THR I 467 8.74 -24.24 -6.59
N ARG I 468 7.92 -24.38 -7.63
CA ARG I 468 8.23 -23.97 -8.98
C ARG I 468 7.55 -22.67 -9.36
N CYS I 469 7.42 -21.75 -8.43
CA CYS I 469 6.77 -20.49 -8.73
C CYS I 469 7.72 -19.35 -8.39
N LYS I 470 7.73 -18.34 -9.25
CA LYS I 470 8.64 -17.22 -9.08
C LYS I 470 7.90 -15.96 -9.51
N ARG I 471 8.12 -14.87 -8.80
CA ARG I 471 7.21 -13.73 -8.85
C ARG I 471 7.40 -12.88 -10.10
N ARG I 472 6.29 -12.38 -10.64
CA ARG I 472 6.28 -11.47 -11.79
C ARG I 472 6.93 -10.16 -11.38
N VAL I 473 8.21 -10.03 -11.71
CA VAL I 473 9.00 -8.86 -11.34
C VAL I 473 8.75 -7.75 -12.35
N VAL I 474 8.09 -6.69 -11.92
CA VAL I 474 7.92 -5.53 -12.79
C VAL I 474 9.13 -4.63 -12.61
N PHE J 11 -9.99 -28.14 12.10
CA PHE J 11 -8.85 -27.55 12.78
C PHE J 11 -7.81 -28.61 13.07
N LEU J 12 -6.62 -28.40 12.49
CA LEU J 12 -5.46 -29.30 12.59
C LEU J 12 -5.73 -30.68 12.02
N GLY J 13 -6.79 -30.84 11.23
CA GLY J 13 -7.38 -32.15 10.98
C GLY J 13 -6.51 -33.09 10.17
N ALA J 14 -5.51 -32.57 9.49
CA ALA J 14 -4.59 -33.42 8.74
C ALA J 14 -3.18 -32.96 8.99
N ALA J 15 -2.86 -32.63 10.23
CA ALA J 15 -1.51 -32.18 10.55
C ALA J 15 -0.53 -33.33 10.49
N GLY J 16 -1.00 -34.55 10.71
CA GLY J 16 -0.14 -35.71 10.64
C GLY J 16 0.04 -36.26 9.24
N SER J 17 -0.75 -35.80 8.28
CA SER J 17 -0.62 -36.25 6.91
C SER J 17 0.67 -35.73 6.29
N THR J 18 1.09 -36.41 5.22
CA THR J 18 2.22 -35.91 4.43
C THR J 18 1.79 -34.65 3.70
N MET J 19 2.77 -33.84 3.26
CA MET J 19 2.46 -32.58 2.58
C MET J 19 1.75 -32.78 1.25
N GLY J 20 1.81 -33.98 0.68
CA GLY J 20 0.93 -34.32 -0.42
C GLY J 20 -0.49 -34.58 0.02
N ALA J 21 -0.66 -35.22 1.16
CA ALA J 21 -1.98 -35.31 1.78
C ALA J 21 -2.25 -34.13 2.68
N ALA J 22 -1.26 -33.24 2.85
CA ALA J 22 -1.47 -31.89 3.36
C ALA J 22 -1.35 -30.86 2.26
N SER J 23 -1.14 -31.29 1.01
CA SER J 23 -1.64 -30.48 -0.08
C SER J 23 -3.14 -30.37 0.01
N MET J 24 -3.81 -31.40 0.52
CA MET J 24 -5.18 -31.32 0.96
C MET J 24 -5.41 -30.22 2.00
N THR J 25 -4.46 -29.96 2.89
CA THR J 25 -4.67 -28.91 3.90
C THR J 25 -4.68 -27.53 3.25
N LEU J 26 -3.76 -27.28 2.33
CA LEU J 26 -3.74 -25.98 1.67
C LEU J 26 -4.51 -25.99 0.35
N THR J 27 -5.32 -27.01 0.10
CA THR J 27 -6.44 -26.79 -0.81
C THR J 27 -7.68 -26.37 -0.05
N VAL J 28 -7.62 -26.35 1.27
CA VAL J 28 -8.66 -25.76 2.10
C VAL J 28 -7.92 -24.69 2.90
N GLN J 29 -8.54 -24.06 3.90
CA GLN J 29 -8.02 -22.81 4.45
C GLN J 29 -6.80 -23.06 5.33
N ALA J 30 -5.73 -23.57 4.70
CA ALA J 30 -4.58 -24.14 5.38
C ALA J 30 -4.99 -25.14 6.47
N ARG J 31 -6.07 -25.89 6.18
CA ARG J 31 -6.88 -26.67 7.14
C ARG J 31 -7.27 -25.82 8.37
N ASN J 32 -7.87 -24.66 8.10
CA ASN J 32 -8.60 -23.84 9.07
C ASN J 32 -7.72 -23.28 10.18
N LEU J 33 -6.41 -23.25 9.94
CA LEU J 33 -5.45 -22.89 10.98
C LEU J 33 -5.57 -21.43 11.41
N LEU J 34 -5.71 -20.51 10.46
CA LEU J 34 -5.72 -19.10 10.82
C LEU J 34 -7.01 -18.68 11.51
N SER J 35 -8.14 -19.17 11.01
CA SER J 35 -9.40 -18.89 11.70
C SER J 35 -9.44 -19.55 13.07
N GLY J 36 -8.77 -20.69 13.26
CA GLY J 36 -8.64 -21.23 14.60
C GLY J 36 -7.67 -20.46 15.47
N ILE J 37 -6.74 -19.72 14.86
CA ILE J 37 -5.87 -18.85 15.65
C ILE J 37 -6.66 -17.69 16.23
N VAL J 38 -7.42 -16.99 15.40
CA VAL J 38 -8.04 -15.77 15.91
C VAL J 38 -9.44 -15.99 16.48
N GLN J 39 -10.10 -17.07 16.08
CA GLN J 39 -11.48 -17.25 16.50
C GLN J 39 -11.62 -18.25 17.63
N GLN J 40 -10.51 -18.74 18.16
CA GLN J 40 -10.66 -19.53 19.38
C GLN J 40 -10.62 -18.62 20.60
N GLN J 41 -10.49 -17.31 20.36
CA GLN J 41 -10.67 -16.28 21.37
C GLN J 41 -12.11 -16.11 21.80
N SER J 42 -13.07 -16.70 21.09
CA SER J 42 -14.47 -16.31 21.22
C SER J 42 -15.07 -16.65 22.58
N ASN J 43 -14.48 -17.58 23.33
CA ASN J 43 -15.01 -17.87 24.65
C ASN J 43 -14.64 -16.78 25.66
N LEU J 44 -13.38 -16.36 25.68
CA LEU J 44 -12.99 -15.23 26.53
C LEU J 44 -13.36 -13.90 25.91
N LEU J 45 -13.81 -13.91 24.65
CA LEU J 45 -14.45 -12.74 24.05
C LEU J 45 -15.92 -12.66 24.41
N ARG J 46 -16.56 -13.81 24.65
CA ARG J 46 -17.99 -13.81 24.94
C ARG J 46 -18.28 -13.38 26.37
N ALA J 47 -17.41 -13.70 27.32
CA ALA J 47 -17.62 -13.31 28.72
C ALA J 47 -16.31 -13.01 29.43
N PRO J 48 -15.76 -11.82 29.23
CA PRO J 48 -14.96 -11.20 30.30
C PRO J 48 -15.78 -10.18 31.06
N GLU J 49 -17.04 -10.04 30.64
CA GLU J 49 -17.93 -8.97 31.06
C GLU J 49 -19.32 -9.41 31.43
N ALA J 50 -19.70 -10.67 31.21
CA ALA J 50 -21.03 -11.11 31.60
C ALA J 50 -21.17 -11.21 33.13
N GLN J 51 -20.06 -11.23 33.84
CA GLN J 51 -20.06 -11.23 35.29
C GLN J 51 -20.47 -9.88 35.84
N GLN J 52 -21.46 -9.87 36.72
CA GLN J 52 -21.82 -8.71 37.51
C GLN J 52 -21.66 -9.13 38.97
N HIS J 53 -20.42 -9.06 39.45
CA HIS J 53 -20.04 -9.49 40.79
C HIS J 53 -18.91 -8.59 41.28
N LEU J 54 -18.89 -8.31 42.58
CA LEU J 54 -17.86 -7.43 43.09
C LEU J 54 -16.56 -8.19 43.32
N LEU J 55 -16.54 -9.04 44.36
CA LEU J 55 -15.46 -9.95 44.76
C LEU J 55 -14.15 -9.24 45.16
N LYS J 56 -14.09 -7.92 44.99
CA LYS J 56 -13.14 -6.98 45.57
C LYS J 56 -11.69 -7.12 45.09
N LEU J 57 -11.41 -8.18 44.33
CA LEU J 57 -10.10 -8.51 43.75
C LEU J 57 -10.32 -9.50 42.62
N THR J 58 -9.29 -9.64 41.79
CA THR J 58 -9.37 -10.38 40.55
C THR J 58 -8.10 -11.21 40.38
N VAL J 59 -8.27 -12.53 40.20
CA VAL J 59 -7.15 -13.38 39.86
C VAL J 59 -6.93 -13.41 38.35
N TRP J 60 -8.01 -13.48 37.58
CA TRP J 60 -7.91 -13.54 36.13
C TRP J 60 -7.63 -12.19 35.52
N GLY J 61 -7.75 -11.12 36.30
CA GLY J 61 -7.56 -9.77 35.79
C GLY J 61 -6.16 -9.49 35.30
N ILE J 62 -5.19 -10.34 35.64
CA ILE J 62 -3.88 -10.29 35.05
C ILE J 62 -3.61 -11.51 34.18
N LYS J 63 -4.10 -12.69 34.59
CA LYS J 63 -3.73 -13.90 33.85
C LYS J 63 -4.44 -13.97 32.51
N GLN J 64 -5.76 -13.71 32.48
CA GLN J 64 -6.48 -13.68 31.21
C GLN J 64 -6.00 -12.55 30.32
N LEU J 65 -5.69 -11.40 30.91
CA LEU J 65 -5.23 -10.28 30.10
C LEU J 65 -3.87 -10.54 29.51
N GLN J 66 -2.99 -11.20 30.25
CA GLN J 66 -1.68 -11.53 29.70
C GLN J 66 -1.80 -12.57 28.60
N ALA J 67 -2.68 -13.55 28.77
CA ALA J 67 -2.91 -14.52 27.71
C ALA J 67 -3.49 -13.87 26.46
N ARG J 68 -4.38 -12.90 26.65
CA ARG J 68 -5.02 -12.24 25.54
C ARG J 68 -4.04 -11.40 24.74
N VAL J 69 -3.27 -10.54 25.41
CA VAL J 69 -2.34 -9.73 24.64
C VAL J 69 -1.14 -10.53 24.14
N LEU J 70 -0.86 -11.69 24.74
CA LEU J 70 0.13 -12.58 24.17
C LEU J 70 -0.34 -13.14 22.83
N ALA J 71 -1.60 -13.59 22.78
CA ALA J 71 -2.17 -14.05 21.53
C ALA J 71 -2.23 -12.96 20.47
N VAL J 72 -2.50 -11.71 20.88
CA VAL J 72 -2.61 -10.63 19.92
C VAL J 72 -1.25 -10.26 19.35
N GLU J 73 -0.21 -10.18 20.19
CA GLU J 73 1.10 -9.83 19.63
C GLU J 73 1.68 -10.97 18.80
N ARG J 74 1.35 -12.20 19.15
CA ARG J 74 1.79 -13.30 18.31
C ARG J 74 1.05 -13.32 16.98
N TYR J 75 -0.23 -12.94 16.99
CA TYR J 75 -1.01 -12.88 15.76
C TYR J 75 -0.85 -11.56 15.02
N LEU J 76 0.01 -10.65 15.50
CA LEU J 76 0.46 -9.52 14.70
C LEU J 76 1.88 -9.60 14.19
N ARG J 77 2.80 -10.27 14.89
CA ARG J 77 4.14 -10.42 14.35
C ARG J 77 4.14 -11.13 13.01
N ASP J 78 3.25 -12.09 12.83
CA ASP J 78 3.22 -12.82 11.57
C ASP J 78 2.61 -11.97 10.46
N GLN J 79 1.63 -11.12 10.80
CA GLN J 79 1.11 -10.21 9.79
C GLN J 79 2.13 -9.17 9.39
N GLN J 80 2.93 -8.70 10.33
CA GLN J 80 3.99 -7.77 9.96
C GLN J 80 5.08 -8.46 9.15
N LEU J 81 5.37 -9.72 9.45
CA LEU J 81 6.38 -10.42 8.65
C LEU J 81 5.87 -10.78 7.26
N LEU J 82 4.58 -10.98 7.09
CA LEU J 82 4.08 -11.10 5.74
C LEU J 82 4.03 -9.75 5.04
N GLY J 83 3.89 -8.67 5.81
CA GLY J 83 3.98 -7.35 5.21
C GLY J 83 5.37 -7.05 4.71
N ILE J 84 6.39 -7.51 5.42
CA ILE J 84 7.75 -7.18 5.05
C ILE J 84 8.26 -8.02 3.89
N TRP J 85 7.54 -9.05 3.47
CA TRP J 85 7.89 -9.80 2.27
C TRP J 85 6.85 -9.67 1.18
N GLY J 86 6.11 -8.55 1.15
CA GLY J 86 5.18 -8.25 0.08
C GLY J 86 4.05 -9.23 -0.07
N CYS J 87 3.77 -10.01 0.96
CA CYS J 87 2.83 -11.11 0.89
C CYS J 87 1.59 -10.83 1.72
N SER J 88 1.30 -9.56 2.00
CA SER J 88 0.28 -9.21 2.97
C SER J 88 -1.10 -9.44 2.40
N GLY J 89 -1.85 -10.36 3.03
CA GLY J 89 -3.17 -10.73 2.56
C GLY J 89 -3.15 -12.13 2.00
N LYS J 90 -2.06 -12.48 1.35
CA LYS J 90 -2.03 -13.68 0.55
C LYS J 90 -1.51 -14.83 1.40
N LEU J 91 -2.32 -15.88 1.55
CA LEU J 91 -1.90 -17.03 2.34
C LEU J 91 -0.75 -17.76 1.68
N ILE J 92 -0.74 -17.86 0.36
CA ILE J 92 0.30 -18.56 -0.35
C ILE J 92 0.85 -17.62 -1.40
N CYS J 93 2.07 -17.16 -1.22
CA CYS J 93 2.66 -16.31 -2.25
C CYS J 93 4.08 -16.76 -2.52
N CYS J 94 4.56 -16.37 -3.68
CA CYS J 94 5.87 -16.76 -4.14
C CYS J 94 6.84 -15.60 -4.02
N THR J 95 8.12 -15.91 -4.10
CA THR J 95 9.15 -14.92 -3.87
C THR J 95 10.18 -14.96 -4.98
N ASN J 96 10.95 -13.89 -5.08
CA ASN J 96 12.06 -13.81 -6.00
C ASN J 96 13.32 -14.45 -5.47
N VAL J 97 13.39 -14.71 -4.17
CA VAL J 97 14.55 -15.43 -3.64
C VAL J 97 14.56 -16.83 -4.23
N PRO J 98 15.65 -17.26 -4.82
CA PRO J 98 15.74 -18.61 -5.37
C PRO J 98 15.96 -19.59 -4.23
N TRP J 99 15.79 -20.88 -4.51
CA TRP J 99 16.34 -21.84 -3.58
C TRP J 99 17.84 -21.75 -3.74
N ASN J 100 18.50 -21.20 -2.74
CA ASN J 100 19.90 -20.81 -2.82
C ASN J 100 20.82 -22.02 -2.66
N SER J 101 22.09 -21.75 -2.33
CA SER J 101 23.06 -22.78 -1.98
C SER J 101 22.64 -23.64 -0.78
N SER J 102 21.55 -23.27 -0.07
CA SER J 102 20.91 -24.01 1.02
C SER J 102 20.86 -25.49 0.75
N TRP J 103 21.40 -26.24 1.69
CA TRP J 103 22.01 -27.52 1.40
C TRP J 103 21.09 -28.68 1.63
N SER J 104 19.82 -28.43 1.86
CA SER J 104 18.81 -29.47 1.83
C SER J 104 18.17 -29.60 0.45
N ASN J 105 19.01 -29.58 -0.58
CA ASN J 105 18.56 -29.74 -1.96
C ASN J 105 18.19 -31.20 -2.16
N ARG J 106 16.92 -31.44 -2.49
CA ARG J 106 16.43 -32.78 -2.65
C ARG J 106 15.27 -32.78 -3.63
N ASN J 107 14.51 -33.87 -3.60
CA ASN J 107 13.58 -34.23 -4.68
C ASN J 107 12.23 -33.55 -4.50
N LEU J 108 11.62 -33.18 -5.62
CA LEU J 108 10.28 -32.61 -5.59
C LEU J 108 9.23 -33.65 -5.26
N SER J 109 9.34 -34.82 -5.88
CA SER J 109 8.38 -35.88 -5.66
C SER J 109 8.64 -36.61 -4.36
N GLU J 110 9.71 -36.31 -3.67
CA GLU J 110 9.84 -36.78 -2.29
C GLU J 110 9.16 -35.83 -1.34
N ILE J 111 9.28 -34.52 -1.57
CA ILE J 111 8.78 -33.53 -0.63
C ILE J 111 7.27 -33.50 -0.66
N TRP J 112 6.70 -33.14 -1.79
CA TRP J 112 5.28 -32.89 -1.85
C TRP J 112 4.46 -34.13 -2.10
N ASP J 113 5.05 -35.31 -1.92
CA ASP J 113 4.28 -36.56 -1.95
C ASP J 113 4.39 -37.31 -0.63
N ASN J 114 5.61 -37.53 -0.12
CA ASN J 114 5.81 -38.34 1.06
C ASN J 114 6.70 -37.59 2.05
N MET J 115 6.11 -36.62 2.76
CA MET J 115 6.72 -35.96 3.92
C MET J 115 5.69 -35.08 4.63
N THR J 116 5.55 -35.24 5.94
CA THR J 116 4.63 -34.42 6.71
C THR J 116 5.22 -33.04 6.95
N TRP J 117 4.35 -32.12 7.38
CA TRP J 117 4.80 -30.77 7.67
C TRP J 117 5.78 -30.74 8.84
N LEU J 118 5.58 -31.63 9.81
CA LEU J 118 6.43 -31.65 10.99
C LEU J 118 7.81 -32.22 10.66
N GLN J 119 7.84 -33.27 9.85
CA GLN J 119 9.12 -33.79 9.38
C GLN J 119 9.81 -32.76 8.50
N TRP J 120 9.03 -31.97 7.76
CA TRP J 120 9.62 -30.91 6.96
C TRP J 120 10.20 -29.82 7.84
N ASP J 121 9.57 -29.56 8.98
CA ASP J 121 10.15 -28.60 9.92
C ASP J 121 11.43 -29.16 10.52
N LYS J 122 11.47 -30.46 10.74
CA LYS J 122 12.70 -31.08 11.21
C LYS J 122 13.78 -31.09 10.13
N GLU J 123 13.39 -30.97 8.86
CA GLU J 123 14.38 -30.93 7.79
C GLU J 123 15.14 -29.62 7.81
N ILE J 124 14.43 -28.51 7.82
CA ILE J 124 15.02 -27.18 7.61
C ILE J 124 14.90 -26.39 8.89
N SER J 125 15.07 -27.05 10.03
CA SER J 125 15.11 -26.34 11.31
C SER J 125 16.29 -25.39 11.37
N ASN J 126 17.39 -25.72 10.70
CA ASN J 126 18.42 -24.73 10.52
C ASN J 126 18.11 -23.88 9.31
N TYR J 127 18.82 -22.76 9.23
CA TYR J 127 18.76 -21.77 8.15
C TYR J 127 17.41 -21.11 8.01
N THR J 128 16.53 -21.26 8.99
CA THR J 128 15.20 -20.69 8.86
C THR J 128 15.26 -19.18 9.04
N GLN J 129 16.06 -18.73 10.00
CA GLN J 129 16.36 -17.31 10.12
C GLN J 129 17.22 -16.82 8.96
N ILE J 130 17.99 -17.70 8.34
CA ILE J 130 18.71 -17.34 7.12
C ILE J 130 17.74 -17.05 5.98
N ILE J 131 16.72 -17.89 5.83
CA ILE J 131 15.71 -17.67 4.82
C ILE J 131 14.92 -16.41 5.13
N TYR J 132 14.61 -16.17 6.41
CA TYR J 132 13.81 -15.00 6.77
C TYR J 132 14.59 -13.72 6.55
N GLY J 133 15.90 -13.74 6.79
CA GLY J 133 16.70 -12.59 6.43
C GLY J 133 16.87 -12.48 4.94
N LEU J 134 16.86 -13.62 4.24
CA LEU J 134 17.15 -13.64 2.82
C LEU J 134 15.98 -13.11 2.01
N LEU J 135 14.75 -13.33 2.47
CA LEU J 135 13.57 -13.06 1.66
C LEU J 135 13.36 -11.57 1.45
N GLU J 136 13.54 -10.77 2.51
CA GLU J 136 13.16 -9.38 2.38
C GLU J 136 14.16 -8.66 1.48
N GLU J 137 15.39 -9.20 1.40
CA GLU J 137 16.43 -8.67 0.53
C GLU J 137 15.95 -8.59 -0.92
N SER J 138 15.50 -9.72 -1.47
CA SER J 138 14.93 -9.68 -2.81
C SER J 138 13.57 -9.01 -2.83
N GLN J 139 12.88 -8.93 -1.69
CA GLN J 139 11.61 -8.21 -1.75
C GLN J 139 11.81 -6.71 -1.82
N ASN J 140 12.87 -6.20 -1.21
CA ASN J 140 13.03 -4.77 -1.03
C ASN J 140 14.21 -4.20 -1.79
N GLN J 141 15.43 -4.61 -1.44
CA GLN J 141 16.65 -3.87 -1.72
C GLN J 141 16.91 -3.68 -3.20
N GLN J 142 16.44 -4.59 -4.03
CA GLN J 142 16.35 -4.33 -5.45
C GLN J 142 14.93 -4.21 -5.97
N GLU J 143 13.94 -4.92 -5.41
CA GLU J 143 12.61 -4.88 -6.03
C GLU J 143 11.92 -3.54 -5.79
N LYS J 144 11.97 -3.05 -4.56
CA LYS J 144 11.48 -1.72 -4.27
C LYS J 144 12.30 -0.64 -4.96
N ASN J 145 13.60 -0.85 -5.13
CA ASN J 145 14.39 0.16 -5.84
C ASN J 145 14.14 0.13 -7.34
N GLU J 146 13.84 -1.04 -7.91
CA GLU J 146 13.42 -1.11 -9.30
C GLU J 146 12.07 -0.46 -9.50
N GLN J 147 11.15 -0.66 -8.56
CA GLN J 147 9.86 0.02 -8.64
C GLN J 147 10.03 1.52 -8.49
N ASP J 148 10.98 1.96 -7.66
CA ASP J 148 11.31 3.37 -7.60
C ASP J 148 11.92 3.88 -8.89
N LEU J 149 12.68 3.04 -9.60
CA LEU J 149 13.12 3.41 -10.93
C LEU J 149 11.98 3.48 -11.94
N LEU J 150 10.94 2.67 -11.76
CA LEU J 150 9.98 2.37 -12.82
C LEU J 150 8.98 3.50 -13.09
N ALA J 151 9.09 4.50 -12.22
CA ALA J 151 8.11 5.59 -12.25
C ALA J 151 8.85 6.87 -12.61
N LEU J 152 10.15 6.89 -12.40
CA LEU J 152 10.93 8.08 -12.80
C LEU J 152 11.47 7.86 -14.20
N ASP J 153 10.53 7.51 -15.11
CA ASP J 153 10.61 7.40 -16.59
C ASP J 153 9.16 7.35 -17.09
N LYS J 154 8.79 8.10 -18.12
CA LYS J 154 7.37 8.04 -18.55
C LYS J 154 7.06 6.63 -19.06
N TRP J 155 5.93 6.07 -18.65
CA TRP J 155 5.56 4.69 -19.03
C TRP J 155 5.42 4.55 -20.55
N ALA J 156 4.88 5.58 -21.21
CA ALA J 156 4.64 5.52 -22.68
C ALA J 156 5.57 6.46 -23.45
N SER J 157 6.68 6.90 -22.88
CA SER J 157 7.51 7.82 -23.71
C SER J 157 8.91 7.25 -23.97
N LEU J 158 9.41 6.37 -23.13
CA LEU J 158 10.77 5.81 -23.37
C LEU J 158 10.79 4.87 -24.59
N TRP J 159 9.72 4.10 -24.79
CA TRP J 159 9.59 3.02 -25.80
C TRP J 159 9.87 3.36 -27.27
N ASN J 160 10.54 4.47 -27.59
CA ASN J 160 10.93 4.84 -28.98
C ASN J 160 12.43 4.67 -29.25
N TRP J 161 13.21 4.67 -28.17
CA TRP J 161 14.69 4.65 -28.22
C TRP J 161 15.24 3.42 -28.96
N PHE J 162 14.62 2.25 -28.78
CA PHE J 162 15.02 0.87 -29.22
C PHE J 162 16.03 0.32 -28.21
N ASP J 163 16.05 0.97 -27.04
CA ASP J 163 16.83 0.72 -25.79
C ASP J 163 15.77 0.32 -24.75
N ILE J 164 14.78 -0.44 -25.22
CA ILE J 164 13.57 -0.96 -24.50
C ILE J 164 13.94 -2.10 -23.54
N SER J 165 15.15 -2.63 -23.64
CA SER J 165 15.55 -3.77 -22.78
C SER J 165 15.38 -3.35 -21.33
N ASN J 166 15.78 -2.13 -20.98
CA ASN J 166 15.57 -1.83 -19.55
C ASN J 166 14.20 -2.37 -19.14
N TRP J 167 13.16 -2.12 -19.94
CA TRP J 167 11.85 -2.69 -19.55
C TRP J 167 11.95 -4.21 -19.57
N LEU J 168 12.59 -4.77 -20.60
CA LEU J 168 12.71 -6.25 -20.70
C LEU J 168 13.52 -6.77 -19.51
N TRP J 169 14.59 -6.06 -19.15
CA TRP J 169 15.49 -6.44 -18.04
C TRP J 169 14.66 -6.48 -16.76
N TYR J 170 13.72 -5.55 -16.63
CA TYR J 170 12.89 -5.54 -15.39
C TYR J 170 11.80 -6.62 -15.46
N ILE J 171 11.69 -7.35 -16.58
CA ILE J 171 10.67 -8.39 -16.61
C ILE J 171 11.26 -9.80 -16.67
N LYS J 172 12.57 -9.93 -16.90
CA LYS J 172 13.22 -11.23 -16.85
C LYS J 172 14.05 -11.41 -15.59
N LEU J 173 15.01 -10.53 -15.35
CA LEU J 173 15.80 -10.52 -14.13
C LEU J 173 15.17 -9.58 -13.10
N ALA K 1 -32.82 -7.75 -14.46
CA ALA K 1 -31.50 -7.18 -14.75
C ALA K 1 -30.42 -8.25 -14.77
N GLU K 2 -29.17 -7.82 -14.86
CA GLU K 2 -28.09 -8.78 -14.75
C GLU K 2 -27.90 -9.19 -13.30
N ASN K 3 -27.13 -10.24 -13.13
CA ASN K 3 -26.78 -10.73 -11.81
C ASN K 3 -25.77 -9.75 -11.19
N LEU K 4 -26.14 -9.20 -10.05
CA LEU K 4 -25.35 -8.24 -9.31
C LEU K 4 -24.26 -8.98 -8.53
N TRP K 5 -23.25 -8.26 -8.07
CA TRP K 5 -22.21 -8.95 -7.33
C TRP K 5 -22.01 -8.27 -6.01
N VAL K 6 -21.64 -9.05 -5.00
CA VAL K 6 -21.56 -8.52 -3.65
C VAL K 6 -20.32 -7.66 -3.52
N THR K 7 -20.45 -6.59 -2.78
CA THR K 7 -19.40 -5.61 -2.63
C THR K 7 -19.33 -5.23 -1.17
N VAL K 8 -18.22 -5.55 -0.52
CA VAL K 8 -18.10 -5.24 0.89
C VAL K 8 -17.84 -3.75 1.07
N TYR K 9 -18.19 -3.25 2.23
CA TYR K 9 -17.96 -1.86 2.56
C TYR K 9 -17.46 -1.81 3.98
N TYR K 10 -16.31 -1.21 4.19
CA TYR K 10 -15.72 -1.19 5.52
C TYR K 10 -15.83 0.20 6.11
N GLY K 11 -16.71 0.36 7.09
CA GLY K 11 -16.95 1.66 7.69
C GLY K 11 -18.38 2.11 7.49
N VAL K 12 -19.28 1.16 7.39
CA VAL K 12 -20.68 1.55 7.22
C VAL K 12 -21.23 2.03 8.55
N PRO K 13 -21.89 3.16 8.60
CA PRO K 13 -22.34 3.66 9.90
C PRO K 13 -23.62 2.99 10.36
N VAL K 14 -23.51 1.76 10.84
CA VAL K 14 -24.61 1.10 11.52
C VAL K 14 -24.20 0.84 12.95
N TRP K 15 -25.19 0.61 13.80
CA TRP K 15 -24.91 0.42 15.20
C TRP K 15 -25.85 -0.60 15.80
N LYS K 16 -25.39 -1.24 16.87
CA LYS K 16 -26.21 -2.11 17.70
C LYS K 16 -26.12 -1.65 19.14
N ASP K 17 -27.15 -1.95 19.92
CA ASP K 17 -27.13 -1.62 21.34
C ASP K 17 -26.28 -2.63 22.10
N ALA K 18 -25.34 -2.15 22.90
CA ALA K 18 -24.41 -3.03 23.57
C ALA K 18 -24.14 -2.50 24.97
N GLU K 19 -23.26 -3.18 25.69
CA GLU K 19 -22.94 -2.84 27.07
C GLU K 19 -21.45 -3.00 27.30
N THR K 20 -20.80 -1.97 27.83
CA THR K 20 -19.38 -2.05 28.11
C THR K 20 -19.01 -1.09 29.23
N THR K 21 -17.74 -1.14 29.61
CA THR K 21 -17.19 -0.25 30.61
C THR K 21 -16.80 1.09 30.00
N LEU K 22 -17.01 2.15 30.75
CA LEU K 22 -16.67 3.51 30.38
C LEU K 22 -15.58 4.00 31.32
N PHE K 23 -15.27 5.30 31.29
CA PHE K 23 -14.28 5.82 32.23
C PHE K 23 -14.51 7.28 32.53
N CYS K 24 -13.67 7.81 33.41
CA CYS K 24 -13.78 9.20 33.80
C CYS K 24 -13.36 10.14 32.71
N ALA K 25 -13.65 11.42 32.96
CA ALA K 25 -12.93 12.54 32.42
C ALA K 25 -13.27 13.73 33.29
N SER K 26 -12.25 14.34 33.89
CA SER K 26 -12.49 15.51 34.72
C SER K 26 -11.45 16.53 34.35
N ASP K 27 -11.28 17.55 35.18
CA ASP K 27 -10.28 18.56 34.91
C ASP K 27 -9.37 18.72 36.12
N ALA K 28 -8.19 19.27 35.85
CA ALA K 28 -7.22 19.55 36.90
C ALA K 28 -7.43 20.97 37.40
N LYS K 29 -7.19 21.16 38.69
CA LYS K 29 -7.47 22.43 39.33
C LYS K 29 -6.70 22.59 40.63
N THR K 33 -3.39 21.68 43.01
CA THR K 33 -3.34 20.66 44.05
C THR K 33 -4.61 20.60 44.87
N GLU K 34 -4.54 19.84 45.97
CA GLU K 34 -5.68 19.46 46.79
C GLU K 34 -6.76 18.80 45.93
N LYS K 35 -6.34 17.80 45.17
CA LYS K 35 -7.23 16.95 44.42
C LYS K 35 -7.69 15.75 45.23
N HIS K 36 -7.60 15.82 46.55
CA HIS K 36 -8.00 14.70 47.40
C HIS K 36 -9.51 14.60 47.45
N ASN K 37 -10.12 14.15 46.37
CA ASN K 37 -11.54 14.00 46.30
C ASN K 37 -11.88 12.52 46.26
N VAL K 38 -13.00 12.16 46.89
CA VAL K 38 -13.36 10.77 46.97
C VAL K 38 -13.92 10.26 45.64
N TRP K 39 -14.59 11.11 44.86
CA TRP K 39 -15.20 10.65 43.60
C TRP K 39 -14.34 10.86 42.37
N ALA K 40 -13.32 11.70 42.41
CA ALA K 40 -12.46 11.82 41.23
C ALA K 40 -11.24 10.94 41.30
N THR K 41 -11.11 10.17 42.40
CA THR K 41 -9.92 9.38 42.79
C THR K 41 -8.61 10.09 42.47
N HIS K 42 -8.56 11.36 42.87
CA HIS K 42 -7.47 12.29 42.59
C HIS K 42 -7.24 12.37 41.08
N ALA K 43 -8.25 12.90 40.38
CA ALA K 43 -8.24 13.16 38.94
C ALA K 43 -7.99 11.87 38.13
N CYS K 44 -9.04 11.05 38.09
CA CYS K 44 -9.05 9.78 37.36
C CYS K 44 -8.56 9.92 35.91
N VAL K 45 -9.21 10.74 35.10
CA VAL K 45 -8.63 11.21 33.85
C VAL K 45 -8.74 12.73 33.83
N PRO K 46 -7.64 13.45 34.03
CA PRO K 46 -7.72 14.91 34.16
C PRO K 46 -7.80 15.66 32.85
N THR K 47 -8.13 15.01 31.74
CA THR K 47 -8.06 15.69 30.45
C THR K 47 -9.29 16.57 30.21
N ASP K 48 -10.46 15.95 29.99
CA ASP K 48 -11.67 16.60 29.49
C ASP K 48 -11.44 17.55 28.33
N PRO K 49 -11.22 17.05 27.11
CA PRO K 49 -11.00 17.96 25.98
C PRO K 49 -12.26 18.64 25.48
N ASN K 50 -12.16 19.31 24.33
CA ASN K 50 -13.27 20.08 23.78
C ASN K 50 -14.41 19.15 23.32
N PRO K 51 -15.66 19.49 23.60
CA PRO K 51 -16.77 18.57 23.37
C PRO K 51 -17.31 18.59 21.95
N GLN K 52 -16.73 17.79 21.06
CA GLN K 52 -17.24 17.70 19.70
C GLN K 52 -18.56 16.95 19.69
N GLU K 53 -19.63 17.65 19.31
CA GLU K 53 -20.97 17.08 19.22
C GLU K 53 -21.47 17.18 17.80
N ILE K 54 -22.02 16.09 17.28
CA ILE K 54 -22.37 15.95 15.88
C ILE K 54 -23.82 15.53 15.79
N HIS K 55 -24.61 16.26 15.03
CA HIS K 55 -25.99 15.85 14.84
C HIS K 55 -26.06 14.83 13.72
N LEU K 56 -27.18 14.11 13.66
CA LEU K 56 -27.40 13.10 12.64
C LEU K 56 -28.59 13.41 11.75
N GLU K 57 -29.48 14.28 12.23
CA GLU K 57 -30.49 15.02 11.49
C GLU K 57 -31.69 14.21 11.02
N ASN K 58 -31.59 12.89 11.00
CA ASN K 58 -32.48 12.12 10.15
C ASN K 58 -32.89 10.77 10.73
N VAL K 59 -32.57 10.50 11.99
CA VAL K 59 -32.77 9.17 12.55
C VAL K 59 -33.59 9.25 13.82
N THR K 60 -34.63 8.43 13.93
CA THR K 60 -35.44 8.32 15.13
C THR K 60 -35.03 7.04 15.85
N GLU K 61 -34.06 7.18 16.76
CA GLU K 61 -33.55 6.08 17.54
C GLU K 61 -34.39 5.89 18.79
N GLU K 62 -34.66 4.63 19.14
CA GLU K 62 -35.38 4.35 20.37
C GLU K 62 -34.44 4.35 21.59
N PHE K 63 -34.92 4.93 22.68
CA PHE K 63 -34.15 5.08 23.89
C PHE K 63 -34.83 4.33 25.01
N ASN K 64 -34.12 4.16 26.12
CA ASN K 64 -34.74 3.66 27.33
C ASN K 64 -33.99 4.22 28.51
N MET K 65 -34.72 4.54 29.57
CA MET K 65 -34.11 4.97 30.82
C MET K 65 -34.31 3.99 31.95
N TRP K 66 -35.32 3.13 31.91
CA TRP K 66 -35.52 2.18 32.98
C TRP K 66 -34.85 0.85 32.70
N LYS K 67 -34.26 0.68 31.53
CA LYS K 67 -33.46 -0.49 31.21
C LYS K 67 -32.03 -0.11 30.89
N ASN K 68 -31.62 1.09 31.28
CA ASN K 68 -30.32 1.61 30.90
C ASN K 68 -29.23 0.84 31.62
N ASN K 69 -28.04 0.81 31.04
CA ASN K 69 -26.96 0.11 31.70
C ASN K 69 -26.00 1.04 32.42
N MET K 70 -25.92 2.30 31.99
CA MET K 70 -24.96 3.21 32.59
C MET K 70 -25.27 3.56 34.04
N VAL K 71 -26.52 3.40 34.48
CA VAL K 71 -26.80 3.70 35.88
C VAL K 71 -26.23 2.62 36.79
N GLU K 72 -26.22 1.36 36.37
CA GLU K 72 -25.63 0.34 37.22
C GLU K 72 -24.11 0.47 37.26
N GLN K 73 -23.51 0.87 36.15
CA GLN K 73 -22.09 1.17 36.16
C GLN K 73 -21.78 2.36 37.04
N MET K 74 -22.63 3.37 37.01
CA MET K 74 -22.37 4.52 37.87
C MET K 74 -22.55 4.18 39.33
N HIS K 75 -23.51 3.31 39.64
CA HIS K 75 -23.75 2.97 41.03
C HIS K 75 -22.63 2.12 41.59
N THR K 76 -22.18 1.10 40.85
CA THR K 76 -21.06 0.33 41.39
C THR K 76 -19.76 1.10 41.36
N ASP K 77 -19.61 2.05 40.43
CA ASP K 77 -18.47 2.95 40.52
C ASP K 77 -18.48 3.82 41.76
N ILE K 78 -19.64 4.33 42.15
CA ILE K 78 -19.67 5.21 43.31
C ILE K 78 -19.44 4.42 44.59
N ILE K 79 -20.02 3.22 44.70
CA ILE K 79 -19.78 2.48 45.94
C ILE K 79 -18.35 1.95 45.98
N SER K 80 -17.75 1.67 44.83
CA SER K 80 -16.36 1.23 44.87
C SER K 80 -15.42 2.37 45.16
N LEU K 81 -15.72 3.57 44.69
CA LEU K 81 -14.89 4.71 45.06
C LEU K 81 -15.03 5.09 46.51
N TRP K 82 -16.22 4.93 47.07
CA TRP K 82 -16.41 5.15 48.50
C TRP K 82 -15.57 4.21 49.33
N ASP K 83 -15.69 2.91 49.07
CA ASP K 83 -14.94 1.96 49.88
C ASP K 83 -13.46 1.98 49.56
N GLN K 84 -13.06 2.49 48.40
CA GLN K 84 -11.64 2.62 48.15
C GLN K 84 -11.07 3.80 48.90
N SER K 85 -11.78 4.92 48.95
CA SER K 85 -11.23 6.08 49.64
C SER K 85 -11.29 5.91 51.14
N LEU K 86 -12.24 5.15 51.64
CA LEU K 86 -12.38 5.01 53.07
C LEU K 86 -11.36 4.04 53.66
N LYS K 87 -10.70 3.25 52.82
CA LYS K 87 -9.90 2.13 53.29
C LYS K 87 -8.67 2.51 54.11
N PRO K 88 -7.77 3.39 53.68
CA PRO K 88 -6.56 3.61 54.47
C PRO K 88 -6.72 4.57 55.64
N CYS K 89 -7.92 4.80 56.15
CA CYS K 89 -8.10 5.74 57.26
C CYS K 89 -8.11 4.99 58.59
N VAL K 90 -8.34 5.73 59.65
CA VAL K 90 -8.13 5.26 61.02
C VAL K 90 -9.29 4.36 61.41
N LYS K 91 -9.00 3.21 61.99
CA LYS K 91 -10.08 2.43 62.57
C LYS K 91 -10.45 3.01 63.92
N LEU K 92 -11.65 2.71 64.37
CA LEU K 92 -12.09 3.17 65.67
C LEU K 92 -12.70 2.05 66.49
N THR K 93 -12.26 0.84 66.28
CA THR K 93 -12.67 -0.23 67.18
C THR K 93 -12.27 -0.08 68.66
N PRO K 94 -11.26 0.69 69.06
CA PRO K 94 -11.14 0.98 70.49
C PRO K 94 -12.18 1.95 71.03
N LEU K 95 -13.05 2.51 70.21
CA LEU K 95 -14.02 3.47 70.72
C LEU K 95 -15.27 2.81 71.29
N CYS K 96 -15.61 1.60 70.86
CA CYS K 96 -16.83 0.97 71.34
C CYS K 96 -16.69 0.59 72.79
N VAL K 97 -16.89 1.53 73.71
CA VAL K 97 -16.75 1.28 75.13
C VAL K 97 -17.98 1.81 75.83
N THR K 98 -18.07 1.53 77.13
CA THR K 98 -19.16 2.06 77.92
C THR K 98 -18.89 3.52 78.26
N LEU K 99 -19.85 4.37 77.95
CA LEU K 99 -19.70 5.80 78.15
C LEU K 99 -20.61 6.20 79.29
N GLN K 100 -20.12 7.07 80.16
CA GLN K 100 -20.96 7.65 81.19
C GLN K 100 -21.25 9.07 80.76
N CYS K 101 -22.47 9.33 80.31
CA CYS K 101 -22.81 10.59 79.68
C CYS K 101 -23.79 11.38 80.53
N THR K 102 -23.94 12.65 80.19
CA THR K 102 -24.86 13.54 80.86
C THR K 102 -25.25 14.64 79.89
N ASN K 103 -26.33 15.35 80.22
CA ASN K 103 -26.81 16.37 79.30
C ASN K 103 -25.92 17.61 79.37
N VAL K 104 -26.13 18.49 78.42
CA VAL K 104 -25.54 19.81 78.42
C VAL K 104 -26.63 20.84 78.73
N THR K 105 -26.21 21.96 79.33
CA THR K 105 -27.10 23.09 79.60
C THR K 105 -26.29 24.36 79.40
N ASN K 106 -26.44 25.00 78.24
CA ASN K 106 -26.05 26.39 78.08
C ASN K 106 -27.10 27.23 77.34
N ASN K 107 -27.93 26.63 76.51
CA ASN K 107 -28.80 27.39 75.63
C ASN K 107 -30.15 26.70 75.57
N ILE K 108 -30.92 27.05 74.52
CA ILE K 108 -32.33 26.72 74.40
C ILE K 108 -32.55 25.22 74.40
N THR K 109 -33.74 24.81 74.87
CA THR K 109 -34.20 23.45 74.70
C THR K 109 -34.51 23.16 73.24
N ASP K 110 -34.86 21.90 72.99
CA ASP K 110 -35.31 21.39 71.70
C ASP K 110 -34.20 21.55 70.66
N ASP K 111 -33.11 20.83 70.87
CA ASP K 111 -32.01 20.89 69.91
C ASP K 111 -31.87 19.61 69.10
N GLU K 115 -30.78 16.37 71.19
CA GLU K 115 -29.81 17.33 71.68
C GLU K 115 -28.47 16.68 71.81
N LEU K 116 -27.61 17.23 72.65
CA LEU K 116 -26.25 16.74 72.76
C LEU K 116 -26.05 16.01 74.07
N LYS K 117 -25.09 15.12 74.08
CA LYS K 117 -24.78 14.33 75.27
C LYS K 117 -23.31 14.51 75.57
N ASN K 118 -23.01 14.87 76.81
CA ASN K 118 -21.63 15.12 77.24
C ASN K 118 -21.07 13.80 77.74
N CYS K 119 -20.33 13.10 76.89
CA CYS K 119 -19.86 11.77 77.21
C CYS K 119 -18.39 11.77 77.58
N SER K 120 -18.01 10.82 78.42
CA SER K 120 -16.64 10.66 78.85
C SER K 120 -16.33 9.19 79.02
N PHE K 121 -15.15 8.77 78.61
CA PHE K 121 -14.85 7.34 78.62
C PHE K 121 -13.37 7.13 78.88
N ASN K 122 -12.99 5.88 79.13
CA ASN K 122 -11.59 5.55 79.35
C ASN K 122 -10.92 5.21 78.04
N MET K 123 -9.89 5.97 77.68
CA MET K 123 -9.33 5.98 76.34
C MET K 123 -7.95 6.61 76.42
N THR K 124 -7.54 7.17 75.28
CA THR K 124 -6.23 7.87 75.17
C THR K 124 -5.13 6.83 75.31
N THR K 125 -5.46 5.57 75.00
CA THR K 125 -4.48 4.48 75.23
C THR K 125 -3.30 4.88 74.38
N GLU K 126 -2.20 5.29 75.01
CA GLU K 126 -1.10 5.76 74.17
C GLU K 126 0.05 4.78 74.09
N LEU K 127 0.48 4.26 75.24
CA LEU K 127 1.57 3.31 75.32
C LEU K 127 1.11 1.95 75.77
N ARG K 128 -0.13 1.56 75.43
CA ARG K 128 -0.73 0.27 75.74
C ARG K 128 -0.85 0.00 77.24
N ASP K 129 -0.50 0.95 78.08
CA ASP K 129 -0.59 0.81 79.52
C ASP K 129 -1.34 1.94 80.20
N LYS K 130 -1.46 3.08 79.57
CA LYS K 130 -2.02 4.25 80.23
C LYS K 130 -3.30 4.66 79.52
N LYS K 131 -4.37 4.76 80.28
CA LYS K 131 -5.66 5.17 79.78
C LYS K 131 -6.07 6.46 80.47
N GLN K 132 -6.90 7.26 79.81
CA GLN K 132 -7.34 8.52 80.39
C GLN K 132 -8.84 8.72 80.24
N LYS K 133 -9.39 9.53 81.14
CA LYS K 133 -10.77 9.96 81.07
C LYS K 133 -10.85 11.17 80.14
N VAL K 134 -11.64 11.07 79.08
CA VAL K 134 -11.61 12.01 77.98
C VAL K 134 -12.99 12.62 77.78
N TYR K 135 -13.07 13.94 77.68
CA TYR K 135 -14.33 14.58 77.31
C TYR K 135 -14.67 14.22 75.88
N SER K 136 -15.95 14.14 75.58
CA SER K 136 -16.42 14.13 74.20
C SER K 136 -17.84 14.62 74.20
N LEU K 137 -18.35 14.94 73.02
CA LEU K 137 -19.67 15.59 72.98
C LEU K 137 -20.41 15.07 71.77
N PHE K 138 -21.19 14.02 71.95
CA PHE K 138 -21.91 13.32 70.90
C PHE K 138 -23.34 13.82 70.82
N TYR K 139 -23.98 13.49 69.71
CA TYR K 139 -25.36 13.86 69.47
C TYR K 139 -26.26 12.82 70.11
N ARG K 140 -27.56 12.92 69.91
CA ARG K 140 -28.38 11.74 70.02
C ARG K 140 -28.34 11.08 68.66
N LEU K 141 -29.13 10.02 68.49
CA LEU K 141 -29.19 9.20 67.26
C LEU K 141 -27.89 8.46 66.97
N ASP K 142 -26.89 8.54 67.83
CA ASP K 142 -25.79 7.59 67.79
C ASP K 142 -25.26 7.19 69.16
N VAL K 143 -26.05 7.33 70.21
CA VAL K 143 -25.80 6.64 71.46
C VAL K 143 -27.09 5.96 71.90
N VAL K 144 -26.96 4.80 72.55
CA VAL K 144 -28.11 4.09 73.10
C VAL K 144 -27.81 3.74 74.55
N GLN K 145 -28.87 3.47 75.30
CA GLN K 145 -28.69 3.13 76.70
C GLN K 145 -28.36 1.66 76.86
N ILE K 146 -28.19 1.23 78.10
CA ILE K 146 -27.83 -0.14 78.40
C ILE K 146 -28.90 -0.79 79.28
N GLU K 160 -23.55 3.71 81.13
CA GLU K 160 -24.88 4.10 80.73
C GLU K 160 -25.08 4.02 79.23
N TYR K 161 -24.08 4.41 78.44
CA TYR K 161 -24.28 4.54 77.02
C TYR K 161 -23.18 3.84 76.23
N ARG K 162 -23.52 3.43 75.02
CA ARG K 162 -22.57 2.90 74.05
C ARG K 162 -22.96 3.43 72.69
N LEU K 163 -22.07 3.26 71.71
CA LEU K 163 -22.40 3.71 70.37
C LEU K 163 -23.42 2.79 69.73
N ILE K 164 -24.10 3.28 68.69
CA ILE K 164 -25.20 2.50 68.13
C ILE K 164 -24.73 1.43 67.19
N ASN K 165 -23.51 1.48 66.74
CA ASN K 165 -23.04 0.51 65.77
C ASN K 165 -22.18 -0.56 66.39
N CYS K 166 -22.13 -0.67 67.71
CA CYS K 166 -21.27 -1.69 68.25
C CYS K 166 -21.89 -3.08 68.22
N ASN K 167 -23.20 -3.21 68.07
CA ASN K 167 -23.71 -4.54 67.79
C ASN K 167 -23.67 -4.86 66.31
N THR K 168 -23.60 -3.86 65.46
CA THR K 168 -23.27 -4.04 64.05
C THR K 168 -21.76 -3.84 63.92
N SER K 169 -21.23 -3.55 62.74
CA SER K 169 -19.80 -3.71 62.49
C SER K 169 -18.99 -2.50 62.92
N ALA K 170 -17.72 -2.52 62.52
CA ALA K 170 -16.71 -1.57 62.95
C ALA K 170 -16.90 -0.22 62.28
N ILE K 171 -16.17 0.77 62.80
CA ILE K 171 -16.60 2.16 62.75
C ILE K 171 -15.49 3.08 62.25
N THR K 172 -14.77 2.64 61.23
CA THR K 172 -13.67 3.42 60.63
C THR K 172 -14.04 4.85 60.26
N GLN K 173 -13.29 5.80 60.79
CA GLN K 173 -13.58 7.20 60.56
C GLN K 173 -12.99 7.63 59.23
N ALA K 174 -13.43 8.78 58.75
CA ALA K 174 -12.92 9.32 57.51
C ALA K 174 -11.61 10.03 57.76
N CYS K 175 -10.77 10.05 56.76
CA CYS K 175 -9.59 10.89 56.82
C CYS K 175 -10.04 12.34 56.66
N PRO K 176 -9.58 13.25 57.49
CA PRO K 176 -10.12 14.62 57.42
C PRO K 176 -9.53 15.44 56.30
N LYS K 177 -8.47 14.99 55.64
CA LYS K 177 -7.94 15.77 54.53
C LYS K 177 -8.79 15.64 53.28
N VAL K 178 -9.56 14.56 53.10
CA VAL K 178 -10.36 14.44 51.88
C VAL K 178 -11.63 15.23 52.05
N SER K 179 -12.31 15.52 50.95
CA SER K 179 -13.50 16.34 51.03
C SER K 179 -14.64 15.65 50.28
N PHE K 180 -15.84 16.16 50.49
CA PHE K 180 -16.97 15.48 49.86
C PHE K 180 -17.71 16.42 48.92
N GLU K 181 -17.03 17.34 48.26
CA GLU K 181 -17.71 18.17 47.30
C GLU K 181 -17.86 17.40 46.00
N PRO K 182 -19.05 17.32 45.44
CA PRO K 182 -19.24 16.50 44.23
C PRO K 182 -18.78 17.22 42.97
N ILE K 183 -17.51 17.10 42.63
CA ILE K 183 -17.02 17.71 41.39
C ILE K 183 -17.55 16.92 40.21
N PRO K 184 -17.87 17.55 39.08
CA PRO K 184 -18.55 16.84 38.01
C PRO K 184 -17.61 15.91 37.26
N ILE K 185 -18.15 14.74 36.90
CA ILE K 185 -17.42 13.79 36.10
C ILE K 185 -18.17 13.54 34.80
N HIS K 186 -17.44 13.01 33.83
CA HIS K 186 -17.88 12.85 32.46
C HIS K 186 -17.55 11.42 32.03
N TYR K 187 -18.57 10.67 31.65
CA TYR K 187 -18.36 9.30 31.21
C TYR K 187 -18.00 9.25 29.73
N CYS K 188 -16.75 8.96 29.40
CA CYS K 188 -16.39 8.86 28.00
C CYS K 188 -16.33 7.42 27.57
N ALA K 189 -16.95 7.15 26.42
CA ALA K 189 -17.04 5.83 25.85
C ALA K 189 -15.68 5.38 25.33
N PRO K 190 -15.42 4.08 25.28
CA PRO K 190 -14.18 3.60 24.69
C PRO K 190 -14.25 3.70 23.17
N ALA K 191 -13.17 3.30 22.52
CA ALA K 191 -13.15 3.38 21.07
C ALA K 191 -13.98 2.27 20.46
N GLY K 192 -14.59 2.56 19.33
CA GLY K 192 -15.47 1.57 18.75
C GLY K 192 -16.84 1.54 19.38
N PHE K 193 -17.17 2.52 20.20
CA PHE K 193 -18.50 2.67 20.74
C PHE K 193 -18.88 4.14 20.65
N ALA K 194 -20.16 4.42 20.81
CA ALA K 194 -20.62 5.79 20.71
C ALA K 194 -21.70 6.02 21.73
N ILE K 195 -21.84 7.27 22.14
CA ILE K 195 -22.83 7.67 23.13
C ILE K 195 -23.87 8.51 22.42
N LEU K 196 -25.07 7.99 22.29
CA LEU K 196 -26.11 8.82 21.70
C LEU K 196 -26.68 9.76 22.75
N LYS K 197 -27.52 10.69 22.30
CA LYS K 197 -27.98 11.76 23.16
C LYS K 197 -29.23 12.35 22.57
N CYS K 198 -30.37 12.12 23.19
CA CYS K 198 -31.61 12.66 22.65
C CYS K 198 -31.71 14.14 22.96
N LYS K 199 -31.94 14.95 21.93
CA LYS K 199 -32.11 16.38 22.12
C LYS K 199 -33.56 16.82 22.15
N ASP K 200 -34.50 15.90 21.99
CA ASP K 200 -35.90 16.28 21.96
C ASP K 200 -36.35 16.71 23.33
N LYS K 201 -36.73 17.97 23.46
CA LYS K 201 -37.00 18.59 24.76
C LYS K 201 -38.29 18.12 25.42
N LYS K 202 -39.02 17.19 24.81
CA LYS K 202 -40.20 16.63 25.45
C LYS K 202 -40.18 15.11 25.48
N PHE K 203 -39.00 14.52 25.30
CA PHE K 203 -38.84 13.08 25.47
C PHE K 203 -39.11 12.72 26.92
N ASN K 204 -40.19 11.97 27.18
CA ASN K 204 -40.60 11.87 28.57
C ASN K 204 -39.73 10.85 29.30
N GLY K 205 -39.90 9.55 29.04
CA GLY K 205 -39.02 8.60 29.65
C GLY K 205 -38.41 7.56 28.74
N THR K 206 -39.12 7.16 27.69
CA THR K 206 -38.77 5.96 26.95
C THR K 206 -39.49 6.02 25.61
N GLY K 207 -38.86 5.47 24.58
CA GLY K 207 -39.47 5.48 23.27
C GLY K 207 -38.55 6.01 22.21
N PRO K 208 -39.08 6.31 21.05
CA PRO K 208 -38.27 6.84 19.95
C PRO K 208 -38.00 8.33 20.11
N CYS K 209 -36.76 8.68 20.22
CA CYS K 209 -36.47 10.11 20.19
C CYS K 209 -36.19 10.54 18.77
N PRO K 210 -36.85 11.56 18.27
CA PRO K 210 -36.76 11.85 16.84
C PRO K 210 -35.48 12.54 16.41
N SER K 211 -34.84 13.27 17.31
CA SER K 211 -33.69 14.09 16.94
C SER K 211 -32.53 13.75 17.84
N VAL K 212 -31.66 12.84 17.40
CA VAL K 212 -30.59 12.36 18.25
C VAL K 212 -29.33 13.11 17.90
N SER K 213 -28.28 12.85 18.67
CA SER K 213 -26.99 13.46 18.45
C SER K 213 -25.95 12.51 18.98
N THR K 214 -24.69 12.79 18.68
CA THR K 214 -23.60 11.94 19.11
C THR K 214 -22.54 12.78 19.79
N VAL K 215 -22.10 12.36 20.96
CA VAL K 215 -21.04 13.02 21.70
C VAL K 215 -19.97 11.99 22.01
N GLN K 216 -18.76 12.47 22.25
CA GLN K 216 -17.75 11.56 22.78
C GLN K 216 -17.98 11.29 24.25
N CYS K 217 -18.36 12.30 25.04
CA CYS K 217 -18.78 12.08 26.41
C CYS K 217 -19.77 13.09 26.94
N THR K 218 -20.43 12.68 28.02
CA THR K 218 -21.57 13.34 28.62
C THR K 218 -21.17 14.70 29.19
N HIS K 219 -22.15 15.43 29.70
CA HIS K 219 -21.86 16.72 30.32
C HIS K 219 -21.31 16.50 31.72
N GLY K 220 -21.22 17.56 32.50
CA GLY K 220 -20.79 17.44 33.87
C GLY K 220 -21.87 16.76 34.68
N ILE K 221 -21.56 15.62 35.29
CA ILE K 221 -22.48 14.95 36.17
C ILE K 221 -21.95 15.12 37.57
N LYS K 222 -22.61 15.94 38.36
CA LYS K 222 -22.29 16.04 39.77
C LYS K 222 -22.87 14.81 40.46
N PRO K 223 -22.06 13.93 40.98
CA PRO K 223 -22.63 12.72 41.55
C PRO K 223 -23.06 12.91 42.99
N VAL K 224 -24.08 13.73 43.20
CA VAL K 224 -24.54 14.01 44.55
C VAL K 224 -25.28 12.80 45.10
N VAL K 225 -25.43 12.77 46.41
CA VAL K 225 -26.24 11.78 47.08
C VAL K 225 -27.20 12.52 47.99
N SER K 226 -28.48 12.43 47.68
CA SER K 226 -29.54 13.15 48.37
C SER K 226 -30.83 12.41 48.19
N THR K 227 -31.51 12.14 49.27
CA THR K 227 -32.79 11.49 49.15
C THR K 227 -33.87 12.53 48.99
N GLN K 228 -34.97 12.13 48.36
CA GLN K 228 -36.28 12.76 48.51
C GLN K 228 -36.39 14.13 47.87
N LEU K 229 -35.27 14.75 47.52
CA LEU K 229 -35.26 15.99 46.76
C LEU K 229 -33.85 16.06 46.16
N LEU K 230 -33.70 15.77 44.88
CA LEU K 230 -32.37 15.78 44.24
C LEU K 230 -31.82 17.20 44.33
N LEU K 231 -30.50 17.41 44.38
CA LEU K 231 -30.02 18.81 44.57
C LEU K 231 -29.08 19.17 43.43
N ASN K 232 -28.78 20.45 43.31
CA ASN K 232 -27.85 20.90 42.24
C ASN K 232 -28.39 20.21 40.99
N GLY K 233 -27.58 19.58 40.17
CA GLY K 233 -28.22 18.84 39.06
C GLY K 233 -28.66 19.67 37.85
N SER K 234 -29.22 18.99 36.86
CA SER K 234 -29.60 19.62 35.57
C SER K 234 -31.11 19.57 35.36
N LEU K 235 -31.68 20.75 35.09
CA LEU K 235 -33.10 21.06 35.05
C LEU K 235 -33.59 21.17 33.62
N ALA K 236 -34.72 20.54 33.35
CA ALA K 236 -35.26 20.46 32.00
C ALA K 236 -36.03 21.72 31.68
N GLU K 237 -36.78 21.70 30.59
CA GLU K 237 -37.42 22.91 30.09
C GLU K 237 -38.71 23.18 30.84
N GLU K 238 -39.45 24.21 30.39
CA GLU K 238 -40.50 24.83 31.18
C GLU K 238 -41.72 23.94 31.36
N GLU K 239 -41.73 22.80 30.69
CA GLU K 239 -42.64 21.71 30.97
C GLU K 239 -42.00 20.78 32.00
N VAL K 240 -42.43 20.89 33.25
CA VAL K 240 -41.87 20.09 34.32
C VAL K 240 -42.20 18.63 34.09
N MET K 241 -41.22 17.90 33.56
CA MET K 241 -41.46 16.58 33.01
C MET K 241 -41.78 15.59 34.12
N ILE K 242 -42.51 14.55 33.76
CA ILE K 242 -42.87 13.49 34.68
C ILE K 242 -42.39 12.19 34.10
N ARG K 243 -41.52 11.52 34.80
CA ARG K 243 -40.94 10.28 34.32
C ARG K 243 -41.42 9.18 35.21
N SER K 244 -41.74 8.03 34.65
CA SER K 244 -41.97 6.86 35.47
C SER K 244 -41.69 5.63 34.64
N GLU K 245 -41.88 4.47 35.26
CA GLU K 245 -41.84 3.24 34.46
C GLU K 245 -43.21 2.94 33.88
N ASN K 246 -44.24 2.92 34.72
CA ASN K 246 -45.61 3.05 34.27
C ASN K 246 -46.40 3.63 35.41
N ILE K 247 -47.30 4.56 35.08
CA ILE K 247 -48.08 5.24 36.11
C ILE K 247 -49.08 4.27 36.75
N THR K 248 -49.44 3.19 36.04
CA THR K 248 -50.48 2.28 36.50
C THR K 248 -50.04 1.53 37.76
N ASN K 249 -48.76 1.18 37.84
CA ASN K 249 -48.28 0.49 39.03
C ASN K 249 -48.06 1.50 40.15
N ASN K 250 -48.61 1.21 41.31
CA ASN K 250 -48.50 2.15 42.42
C ASN K 250 -47.14 2.15 43.07
N ALA K 251 -46.41 1.05 43.00
CA ALA K 251 -45.07 1.01 43.59
C ALA K 251 -43.99 1.31 42.57
N LYS K 252 -44.15 2.40 41.83
CA LYS K 252 -43.15 2.79 40.84
C LYS K 252 -42.84 4.27 41.03
N ASN K 253 -41.57 4.55 41.32
CA ASN K 253 -41.13 5.88 41.70
C ASN K 253 -41.33 6.85 40.56
N ILE K 254 -41.99 7.94 40.85
CA ILE K 254 -42.30 8.96 39.88
C ILE K 254 -41.27 10.05 40.06
N LEU K 255 -40.25 10.06 39.22
CA LEU K 255 -39.33 11.17 39.22
C LEU K 255 -40.05 12.37 38.65
N VAL K 256 -39.56 13.55 38.96
CA VAL K 256 -40.10 14.76 38.39
C VAL K 256 -38.91 15.69 38.25
N GLN K 257 -38.88 16.47 37.19
CA GLN K 257 -37.76 17.34 36.91
C GLN K 257 -38.26 18.75 36.67
N PHE K 258 -37.57 19.70 37.26
CA PHE K 258 -38.02 21.07 37.25
C PHE K 258 -37.56 21.83 36.03
N ASN K 259 -37.88 23.11 36.03
CA ASN K 259 -37.27 24.09 35.16
C ASN K 259 -36.83 25.31 35.94
N THR K 260 -37.09 25.36 37.24
CA THR K 260 -36.82 26.54 38.04
C THR K 260 -35.95 26.14 39.23
N PRO K 261 -34.82 26.71 39.39
CA PRO K 261 -33.99 26.39 40.54
C PRO K 261 -34.45 27.09 41.82
N VAL K 262 -35.29 26.40 42.59
CA VAL K 262 -35.64 26.87 43.91
C VAL K 262 -34.44 26.73 44.83
N GLN K 263 -34.13 27.76 45.61
CA GLN K 263 -32.95 27.72 46.45
C GLN K 263 -33.27 27.10 47.79
N ILE K 264 -32.27 26.45 48.39
CA ILE K 264 -32.35 25.93 49.75
C ILE K 264 -31.25 26.63 50.53
N ASN K 265 -31.60 27.59 51.37
CA ASN K 265 -30.62 28.17 52.28
C ASN K 265 -30.53 27.28 53.50
N CYS K 266 -29.56 26.34 53.51
CA CYS K 266 -29.33 25.51 54.69
C CYS K 266 -28.19 26.05 55.53
N THR K 267 -28.19 25.71 56.81
CA THR K 267 -27.16 26.20 57.72
C THR K 267 -27.03 25.27 58.91
N ARG K 268 -25.99 25.50 59.70
CA ARG K 268 -25.88 24.92 61.03
C ARG K 268 -25.26 25.95 61.97
N PRO K 269 -25.96 26.39 63.00
CA PRO K 269 -25.61 27.65 63.62
C PRO K 269 -24.45 27.60 64.60
N ASN K 270 -24.13 26.46 65.20
CA ASN K 270 -23.15 26.39 66.29
C ASN K 270 -21.73 26.62 65.76
N ASN K 271 -20.74 26.58 66.65
CA ASN K 271 -19.39 26.87 66.20
C ASN K 271 -18.46 25.66 66.14
N ASN K 272 -18.65 24.65 67.00
CA ASN K 272 -18.04 23.32 66.88
C ASN K 272 -16.51 23.34 66.88
N THR K 273 -15.94 23.63 68.04
CA THR K 273 -14.51 23.43 68.20
C THR K 273 -14.15 21.96 68.06
N ARG K 274 -13.06 21.69 67.38
CA ARG K 274 -12.56 20.34 67.27
C ARG K 274 -11.49 20.08 68.32
N LYS K 275 -11.32 18.82 68.68
CA LYS K 275 -10.41 18.41 69.74
C LYS K 275 -9.77 17.10 69.32
N SER K 276 -8.45 17.08 69.23
CA SER K 276 -7.76 15.89 68.75
C SER K 276 -7.40 14.99 69.90
N ILE K 277 -7.64 13.70 69.74
CA ILE K 277 -7.33 12.69 70.75
C ILE K 277 -6.31 11.73 70.15
N ARG K 278 -5.25 11.47 70.89
CA ARG K 278 -4.24 10.51 70.48
C ARG K 278 -4.67 9.12 70.91
N ILE K 279 -4.57 8.16 70.00
CA ILE K 279 -4.97 6.78 70.28
C ILE K 279 -3.80 5.89 69.90
N GLY K 280 -3.08 5.39 70.89
CA GLY K 280 -2.01 4.44 70.66
C GLY K 280 -0.79 5.03 69.98
N PRO K 281 -0.31 4.38 68.93
CA PRO K 281 0.64 5.01 68.02
C PRO K 281 -0.04 6.04 67.13
N GLY K 282 0.64 6.50 66.09
CA GLY K 282 0.22 7.71 65.39
C GLY K 282 -1.08 7.62 64.63
N GLN K 283 -2.18 7.54 65.39
CA GLN K 283 -3.55 7.57 64.88
C GLN K 283 -4.31 8.58 65.74
N ALA K 284 -4.49 9.79 65.24
CA ALA K 284 -5.30 10.75 65.97
C ALA K 284 -6.77 10.40 65.87
N PHE K 285 -7.59 11.04 66.69
CA PHE K 285 -9.02 10.87 66.67
C PHE K 285 -9.68 12.19 67.02
N TYR K 286 -10.58 12.67 66.18
CA TYR K 286 -11.13 14.01 66.31
C TYR K 286 -12.50 13.92 66.95
N ALA K 287 -12.63 14.47 68.15
CA ALA K 287 -13.91 14.49 68.82
C ALA K 287 -14.35 15.92 69.01
N THR K 288 -15.67 16.12 69.04
CA THR K 288 -16.20 17.47 69.09
C THR K 288 -16.02 18.02 70.47
N GLY K 289 -15.22 19.06 70.61
CA GLY K 289 -14.98 19.65 71.91
C GLY K 289 -16.12 20.52 72.35
N ASP K 290 -15.84 21.31 73.36
CA ASP K 290 -16.83 22.24 73.90
C ASP K 290 -17.09 23.34 72.88
N ILE K 291 -18.35 23.49 72.48
CA ILE K 291 -18.73 24.51 71.52
C ILE K 291 -18.70 25.88 72.20
N ILE K 292 -18.79 26.94 71.39
CA ILE K 292 -18.62 28.29 71.90
C ILE K 292 -19.77 28.70 72.80
N GLY K 293 -20.94 28.12 72.62
CA GLY K 293 -21.94 28.28 73.65
C GLY K 293 -23.20 28.96 73.19
N ASP K 294 -23.56 28.75 71.94
CA ASP K 294 -24.81 29.21 71.36
C ASP K 294 -25.43 28.00 70.69
N ILE K 295 -26.19 27.20 71.45
CA ILE K 295 -26.79 26.00 70.90
C ILE K 295 -28.13 26.39 70.30
N ARG K 296 -28.18 26.51 68.99
CA ARG K 296 -29.44 26.62 68.28
C ARG K 296 -29.59 25.38 67.41
N GLN K 297 -30.62 25.35 66.60
CA GLN K 297 -30.98 24.17 65.84
C GLN K 297 -30.54 24.33 64.39
N ALA K 298 -30.14 23.23 63.77
CA ALA K 298 -29.79 23.29 62.36
C ALA K 298 -31.06 23.33 61.52
N HIS K 299 -31.12 24.26 60.56
CA HIS K 299 -32.35 24.38 59.78
C HIS K 299 -32.04 24.72 58.34
N CYS K 300 -33.09 24.71 57.52
CA CYS K 300 -33.01 25.02 56.10
C CYS K 300 -34.22 25.84 55.68
N ASN K 301 -33.98 26.99 55.06
CA ASN K 301 -35.05 27.88 54.65
C ASN K 301 -35.34 27.72 53.16
N VAL K 302 -36.62 27.68 52.80
CA VAL K 302 -37.10 27.79 51.41
C VAL K 302 -38.21 28.83 51.38
N SER K 303 -38.14 29.75 50.42
CA SER K 303 -39.12 30.81 50.29
C SER K 303 -40.45 30.24 49.82
N LYS K 304 -41.55 30.59 50.49
CA LYS K 304 -42.80 29.86 50.26
C LYS K 304 -43.46 30.26 48.95
N ALA K 305 -43.13 31.42 48.41
CA ALA K 305 -43.77 31.85 47.18
C ALA K 305 -43.32 30.99 46.01
N THR K 306 -41.99 30.86 45.83
CA THR K 306 -41.48 30.10 44.70
C THR K 306 -41.79 28.62 44.86
N TRP K 307 -41.87 28.15 46.10
CA TRP K 307 -42.29 26.79 46.31
C TRP K 307 -43.74 26.61 45.96
N ASN K 308 -44.59 27.59 46.28
CA ASN K 308 -46.00 27.48 45.91
C ASN K 308 -46.18 27.45 44.41
N GLU K 309 -45.36 28.22 43.69
CA GLU K 309 -45.44 28.21 42.24
C GLU K 309 -44.94 26.91 41.63
N THR K 310 -43.84 26.35 42.13
CA THR K 310 -43.34 25.12 41.52
C THR K 310 -44.21 23.93 41.87
N LEU K 311 -44.87 23.97 43.02
CA LEU K 311 -45.90 22.97 43.22
C LEU K 311 -47.07 23.20 42.29
N GLY K 312 -47.41 24.45 41.98
CA GLY K 312 -48.46 24.71 41.02
C GLY K 312 -48.15 24.12 39.66
N LYS K 313 -46.91 24.24 39.22
CA LYS K 313 -46.51 23.65 37.94
C LYS K 313 -46.52 22.13 37.96
N VAL K 314 -46.04 21.52 39.04
CA VAL K 314 -46.01 20.05 39.06
C VAL K 314 -47.42 19.50 39.12
N VAL K 315 -48.31 20.17 39.84
CA VAL K 315 -49.66 19.67 39.90
C VAL K 315 -50.43 19.99 38.62
N LYS K 316 -50.03 21.03 37.89
CA LYS K 316 -50.74 21.40 36.67
C LYS K 316 -50.19 20.68 35.46
N GLN K 317 -49.06 19.99 35.61
CA GLN K 317 -48.69 18.99 34.63
C GLN K 317 -48.76 17.58 35.16
N LEU K 318 -49.40 17.37 36.31
CA LEU K 318 -49.75 16.01 36.68
C LEU K 318 -51.18 15.66 36.32
N ARG K 319 -52.02 16.65 36.05
CA ARG K 319 -53.39 16.36 35.66
C ARG K 319 -53.52 15.95 34.21
N LYS K 320 -52.42 15.91 33.46
CA LYS K 320 -52.49 15.38 32.11
C LYS K 320 -52.47 13.87 32.12
N HIS K 321 -51.99 13.26 33.21
CA HIS K 321 -51.84 11.82 33.23
C HIS K 321 -53.08 11.12 33.75
N PHE K 322 -53.95 11.85 34.45
CA PHE K 322 -55.26 11.36 34.86
C PHE K 322 -56.13 12.55 35.24
N GLY K 323 -57.43 12.26 35.43
CA GLY K 323 -58.51 13.22 35.60
C GLY K 323 -58.28 14.34 36.59
N ASN K 324 -58.79 15.52 36.27
CA ASN K 324 -58.31 16.77 36.87
C ASN K 324 -59.00 17.02 38.21
N ASN K 325 -58.65 16.20 39.21
CA ASN K 325 -59.41 16.16 40.44
C ASN K 325 -58.55 15.78 41.63
N THR K 326 -58.52 16.67 42.64
CA THR K 326 -58.21 16.39 44.06
C THR K 326 -56.85 15.73 44.27
N ILE K 327 -55.81 16.51 44.03
CA ILE K 327 -54.43 16.11 44.35
C ILE K 327 -54.11 16.61 45.75
N ILE K 328 -53.70 15.70 46.63
CA ILE K 328 -53.23 16.00 47.97
C ILE K 328 -51.82 15.44 48.09
N ARG K 329 -50.95 16.12 48.82
CA ARG K 329 -49.66 15.57 49.17
C ARG K 329 -49.47 15.50 50.68
N PHE K 330 -48.59 14.62 51.13
CA PHE K 330 -48.49 14.35 52.55
C PHE K 330 -47.02 14.25 52.95
N ALA K 331 -46.94 13.84 54.22
CA ALA K 331 -45.78 13.99 55.11
C ALA K 331 -44.64 13.01 54.92
N ASN K 332 -43.96 13.11 53.80
CA ASN K 332 -42.61 12.52 53.64
C ASN K 332 -42.47 11.09 54.15
N SER K 333 -43.12 10.17 53.47
CA SER K 333 -43.06 8.76 53.87
C SER K 333 -44.11 8.59 54.95
N SER K 334 -44.72 7.42 55.04
CA SER K 334 -45.55 7.26 56.24
C SER K 334 -44.58 7.21 57.42
N GLY K 335 -43.55 6.37 57.29
CA GLY K 335 -42.53 6.14 58.33
C GLY K 335 -41.42 5.24 57.83
N GLY K 336 -40.40 4.99 58.66
CA GLY K 336 -39.24 4.15 58.27
C GLY K 336 -38.02 4.55 59.07
N ASP K 337 -36.83 4.53 58.45
CA ASP K 337 -35.59 4.97 59.14
C ASP K 337 -35.35 6.47 58.88
N LEU K 338 -34.14 6.95 59.14
CA LEU K 338 -33.84 8.39 58.96
C LEU K 338 -33.25 8.66 57.57
N GLU K 339 -33.29 7.71 56.65
CA GLU K 339 -32.88 7.95 55.27
C GLU K 339 -33.97 7.77 54.23
N VAL K 340 -35.09 7.15 54.59
CA VAL K 340 -36.28 7.16 53.75
C VAL K 340 -37.25 8.26 54.17
N THR K 341 -37.33 8.59 55.44
CA THR K 341 -38.29 9.58 55.87
C THR K 341 -37.81 11.01 55.69
N THR K 342 -36.56 11.30 56.00
CA THR K 342 -36.11 12.66 55.88
C THR K 342 -35.09 12.86 54.77
N HIS K 343 -35.12 14.06 54.24
CA HIS K 343 -34.25 14.57 53.20
C HIS K 343 -32.81 14.55 53.67
N SER K 344 -32.06 13.54 53.28
CA SER K 344 -30.73 13.34 53.82
C SER K 344 -29.70 13.79 52.83
N PHE K 345 -28.76 14.60 53.28
CA PHE K 345 -27.72 15.10 52.38
C PHE K 345 -26.56 15.57 53.23
N ASN K 346 -25.44 15.84 52.58
CA ASN K 346 -24.29 16.35 53.28
C ASN K 346 -23.95 17.72 52.74
N CYS K 347 -23.55 18.61 53.62
CA CYS K 347 -23.35 20.00 53.28
C CYS K 347 -21.94 20.37 53.74
N GLY K 348 -20.98 20.12 52.87
CA GLY K 348 -19.58 20.37 53.21
C GLY K 348 -19.04 19.47 54.29
N GLY K 349 -19.38 18.18 54.26
CA GLY K 349 -18.82 17.24 55.22
C GLY K 349 -19.55 17.19 56.55
N GLU K 350 -20.86 17.41 56.55
CA GLU K 350 -21.67 17.28 57.76
C GLU K 350 -23.04 16.84 57.31
N PHE K 351 -23.55 15.76 57.89
CA PHE K 351 -24.61 14.98 57.28
C PHE K 351 -25.93 15.38 57.88
N PHE K 352 -26.80 15.98 57.09
CA PHE K 352 -28.04 16.50 57.65
C PHE K 352 -29.15 15.50 57.47
N TYR K 353 -30.20 15.67 58.27
CA TYR K 353 -31.45 14.94 58.11
C TYR K 353 -32.55 15.92 58.49
N CYS K 354 -33.39 16.30 57.54
CA CYS K 354 -34.31 17.43 57.70
C CYS K 354 -35.75 16.98 57.53
N ASN K 355 -36.57 17.25 58.53
CA ASN K 355 -37.96 16.79 58.55
C ASN K 355 -38.78 17.58 57.53
N THR K 356 -38.95 17.04 56.34
CA THR K 356 -39.75 17.71 55.31
C THR K 356 -41.20 17.31 55.39
N SER K 357 -41.83 17.47 56.54
CA SER K 357 -43.28 17.46 56.53
C SER K 357 -43.80 18.81 56.08
N GLY K 358 -43.10 19.87 56.43
CA GLY K 358 -43.64 21.18 56.22
C GLY K 358 -43.53 21.73 54.82
N LEU K 359 -43.70 20.88 53.80
CA LEU K 359 -43.70 21.30 52.42
C LEU K 359 -44.82 20.66 51.61
N PHE K 360 -45.70 19.88 52.22
CA PHE K 360 -46.61 19.02 51.46
C PHE K 360 -48.04 19.11 52.03
N ASN K 361 -48.80 20.10 51.57
CA ASN K 361 -50.24 20.14 51.77
C ASN K 361 -50.97 20.11 50.43
N SER K 362 -52.31 20.12 50.51
CA SER K 362 -53.17 19.76 49.38
C SER K 362 -53.25 20.89 48.36
N THR K 363 -52.54 20.75 47.24
CA THR K 363 -52.67 21.67 46.10
C THR K 363 -53.73 21.12 45.18
N TRP K 364 -54.97 21.55 45.38
CA TRP K 364 -55.99 21.37 44.36
C TRP K 364 -57.01 22.48 44.46
N ILE K 365 -57.44 22.99 43.31
CA ILE K 365 -58.43 24.05 43.24
C ILE K 365 -59.46 23.69 42.17
N SER K 381 -41.19 32.69 54.15
CA SER K 381 -40.12 31.70 54.19
C SER K 381 -40.50 30.51 55.06
N ILE K 382 -40.05 29.33 54.67
CA ILE K 382 -40.39 28.08 55.34
C ILE K 382 -39.13 27.53 56.00
N THR K 383 -39.15 27.41 57.31
CA THR K 383 -38.06 26.73 57.97
C THR K 383 -38.29 25.22 57.93
N LEU K 384 -37.24 24.49 58.25
CA LEU K 384 -37.27 23.06 58.25
C LEU K 384 -36.35 22.63 59.39
N PRO K 385 -36.83 21.94 60.36
CA PRO K 385 -35.93 21.45 61.42
C PRO K 385 -35.08 20.32 60.87
N CYS K 386 -33.78 20.42 61.09
CA CYS K 386 -32.83 19.43 60.59
C CYS K 386 -32.12 18.80 61.76
N ARG K 387 -32.00 17.48 61.76
CA ARG K 387 -31.22 16.78 62.75
C ARG K 387 -29.94 16.29 62.12
N ILE K 388 -28.87 16.23 62.91
CA ILE K 388 -27.56 15.89 62.37
C ILE K 388 -27.10 14.58 62.98
N LYS K 389 -26.85 13.60 62.15
CA LYS K 389 -26.17 12.41 62.60
C LYS K 389 -24.70 12.58 62.37
N GLN K 390 -23.90 11.80 63.09
CA GLN K 390 -22.46 11.82 62.95
C GLN K 390 -21.92 10.46 62.54
N ILE K 391 -22.36 9.40 63.20
CA ILE K 391 -22.10 8.05 62.72
C ILE K 391 -23.08 7.75 61.60
N ILE K 392 -22.58 7.68 60.39
CA ILE K 392 -23.41 7.39 59.24
C ILE K 392 -23.26 5.93 58.93
N ASN K 393 -24.35 5.31 58.52
CA ASN K 393 -24.20 3.97 57.99
C ASN K 393 -23.55 4.05 56.62
N MET K 394 -23.17 2.88 56.11
CA MET K 394 -22.88 2.78 54.70
C MET K 394 -24.12 3.25 53.99
N TRP K 395 -23.96 4.26 53.16
CA TRP K 395 -25.07 5.08 52.73
C TRP K 395 -26.05 4.32 51.83
N GLN K 396 -25.76 3.09 51.46
CA GLN K 396 -26.81 2.18 51.07
C GLN K 396 -26.89 0.94 51.94
N ARG K 397 -25.76 0.34 52.30
CA ARG K 397 -25.74 -1.02 52.81
C ARG K 397 -25.75 -1.05 54.33
N ILE K 398 -25.78 -2.26 54.85
CA ILE K 398 -25.75 -2.53 56.27
C ILE K 398 -24.45 -3.26 56.54
N GLY K 399 -23.77 -2.93 57.65
CA GLY K 399 -22.45 -3.48 57.85
C GLY K 399 -21.45 -2.42 58.25
N GLN K 400 -20.50 -2.11 57.38
CA GLN K 400 -19.50 -1.09 57.69
C GLN K 400 -20.15 0.28 57.76
N ALA K 401 -19.62 1.12 58.64
CA ALA K 401 -20.24 2.40 58.93
C ALA K 401 -19.14 3.39 59.21
N MET K 402 -19.21 4.54 58.58
CA MET K 402 -18.16 5.53 58.74
C MET K 402 -18.54 6.50 59.83
N TYR K 403 -17.56 7.31 60.23
CA TYR K 403 -17.72 8.27 61.30
C TYR K 403 -17.27 9.62 60.77
N ALA K 404 -18.18 10.54 60.61
CA ALA K 404 -17.78 11.81 60.03
C ALA K 404 -17.18 12.70 61.10
N PRO K 405 -15.94 13.13 60.96
CA PRO K 405 -15.34 14.00 61.97
C PRO K 405 -15.97 15.38 61.92
N PRO K 406 -15.99 16.12 63.02
CA PRO K 406 -16.69 17.40 63.03
C PRO K 406 -15.95 18.44 62.24
N ILE K 407 -16.67 19.49 61.87
CA ILE K 407 -16.14 20.58 61.07
C ILE K 407 -16.16 21.85 61.90
N GLN K 408 -15.04 22.55 61.95
CA GLN K 408 -14.95 23.77 62.72
C GLN K 408 -15.79 24.87 62.09
N GLY K 409 -16.18 25.82 62.92
CA GLY K 409 -16.90 26.96 62.40
C GLY K 409 -18.37 26.69 62.18
N VAL K 410 -18.98 27.59 61.43
CA VAL K 410 -20.41 27.56 61.11
C VAL K 410 -20.53 27.04 59.70
N ILE K 411 -21.38 26.03 59.50
CA ILE K 411 -21.57 25.43 58.19
C ILE K 411 -22.77 26.09 57.52
N ARG K 412 -22.57 26.56 56.31
CA ARG K 412 -23.65 27.17 55.56
C ARG K 412 -23.43 26.93 54.08
N CYS K 413 -24.36 26.21 53.45
CA CYS K 413 -24.26 25.97 52.03
C CYS K 413 -25.63 26.13 51.42
N VAL K 414 -25.66 26.69 50.20
CA VAL K 414 -26.88 26.93 49.45
C VAL K 414 -26.71 26.33 48.07
N SER K 415 -27.75 25.65 47.58
CA SER K 415 -27.91 25.42 46.14
C SER K 415 -29.32 24.98 45.84
N ASN K 416 -29.52 24.61 44.58
CA ASN K 416 -30.82 24.50 43.98
C ASN K 416 -31.37 23.11 44.18
N ILE K 417 -32.69 23.02 44.25
CA ILE K 417 -33.35 21.75 44.07
C ILE K 417 -33.60 21.66 42.58
N THR K 418 -33.81 20.45 42.12
CA THR K 418 -34.06 20.25 40.71
C THR K 418 -35.19 19.28 40.49
N GLY K 419 -35.56 18.51 41.48
CA GLY K 419 -36.70 17.63 41.30
C GLY K 419 -36.92 16.79 42.53
N LEU K 420 -38.12 16.27 42.60
CA LEU K 420 -38.57 15.52 43.74
C LEU K 420 -38.46 14.07 43.35
N ILE K 421 -38.91 13.18 44.23
CA ILE K 421 -39.12 11.78 43.92
C ILE K 421 -40.39 11.41 44.66
N LEU K 422 -41.43 11.08 43.93
CA LEU K 422 -42.70 10.82 44.58
C LEU K 422 -43.07 9.35 44.44
N THR K 423 -44.07 8.92 45.19
CA THR K 423 -44.74 7.64 44.95
C THR K 423 -46.23 7.85 45.08
N ARG K 424 -47.00 7.19 44.22
CA ARG K 424 -48.45 7.22 44.32
C ARG K 424 -48.88 6.27 45.42
N ASP K 425 -50.06 6.49 45.99
CA ASP K 425 -50.58 5.52 46.95
C ASP K 425 -51.68 4.67 46.36
N GLY K 426 -52.70 5.30 45.80
CA GLY K 426 -53.79 4.59 45.16
C GLY K 426 -54.73 3.90 46.14
N GLY K 427 -54.73 2.58 46.11
CA GLY K 427 -55.62 1.83 46.97
C GLY K 427 -57.04 1.85 46.45
N SER K 428 -58.00 2.04 47.36
CA SER K 428 -59.41 2.08 47.02
C SER K 428 -59.85 3.43 46.47
N THR K 429 -58.93 4.38 46.31
CA THR K 429 -59.26 5.69 45.75
C THR K 429 -59.49 5.50 44.26
N ASN K 430 -60.71 5.07 43.93
CA ASN K 430 -61.02 4.74 42.55
C ASN K 430 -61.18 5.99 41.70
N SER K 431 -61.55 7.12 42.30
CA SER K 431 -61.79 8.28 41.46
C SER K 431 -61.12 9.57 41.95
N THR K 432 -61.15 9.84 43.26
CA THR K 432 -60.68 11.12 43.73
C THR K 432 -59.60 10.96 44.78
N THR K 433 -59.25 12.07 45.43
CA THR K 433 -58.26 12.21 46.53
C THR K 433 -56.98 11.41 46.28
N GLU K 434 -56.34 11.75 45.18
CA GLU K 434 -55.07 11.15 44.85
C GLU K 434 -53.99 11.73 45.75
N THR K 435 -53.22 10.85 46.41
CA THR K 435 -52.23 11.29 47.38
C THR K 435 -50.83 10.92 46.91
N PHE K 436 -49.91 11.86 47.07
CA PHE K 436 -48.51 11.64 46.73
C PHE K 436 -47.64 11.95 47.93
N ARG K 437 -46.71 11.07 48.23
CA ARG K 437 -45.88 11.30 49.37
C ARG K 437 -44.44 11.09 48.95
N PRO K 438 -43.57 11.99 49.27
CA PRO K 438 -42.21 11.92 48.71
C PRO K 438 -41.36 10.86 49.34
N GLY K 439 -41.62 9.61 48.98
CA GLY K 439 -40.79 8.52 49.41
C GLY K 439 -39.50 8.47 48.64
N GLY K 440 -39.13 7.27 48.24
CA GLY K 440 -38.01 7.13 47.36
C GLY K 440 -36.74 7.05 48.14
N GLY K 441 -36.08 5.91 48.09
CA GLY K 441 -34.94 5.69 48.95
C GLY K 441 -33.69 5.22 48.26
N ASP K 442 -33.82 4.69 47.05
CA ASP K 442 -32.66 4.12 46.38
C ASP K 442 -31.74 5.22 45.90
N MET K 443 -30.48 4.86 45.67
CA MET K 443 -29.54 5.82 45.11
C MET K 443 -29.46 5.75 43.60
N ARG K 444 -30.08 4.75 42.98
CA ARG K 444 -29.98 4.68 41.54
C ARG K 444 -30.81 5.73 40.85
N ASP K 445 -31.91 6.14 41.46
CA ASP K 445 -32.83 7.03 40.76
C ASP K 445 -32.29 8.43 40.60
N ASN K 446 -31.36 8.85 41.45
CA ASN K 446 -30.66 10.11 41.23
C ASN K 446 -29.85 10.06 39.94
N TRP K 447 -29.22 8.94 39.67
CA TRP K 447 -28.45 8.86 38.44
C TRP K 447 -29.31 8.49 37.26
N ARG K 448 -30.51 7.96 37.48
CA ARG K 448 -31.44 7.89 36.36
C ARG K 448 -32.05 9.23 36.09
N SER K 449 -31.90 10.19 36.98
CA SER K 449 -32.42 11.50 36.62
C SER K 449 -31.46 12.34 35.79
N GLU K 450 -30.29 11.82 35.44
CA GLU K 450 -29.43 12.52 34.48
C GLU K 450 -28.82 11.62 33.42
N LEU K 451 -29.01 10.31 33.47
CA LEU K 451 -28.61 9.45 32.37
C LEU K 451 -29.81 8.92 31.62
N TYR K 452 -30.85 9.74 31.50
CA TYR K 452 -32.02 9.35 30.72
C TYR K 452 -31.85 9.69 29.26
N LYS K 453 -31.16 10.77 28.95
CA LYS K 453 -30.93 11.17 27.57
C LYS K 453 -29.60 10.65 27.05
N TYR K 454 -29.20 9.47 27.46
CA TYR K 454 -27.97 8.91 26.92
C TYR K 454 -28.17 7.43 26.68
N LYS K 455 -27.40 6.91 25.72
CA LYS K 455 -27.44 5.50 25.37
C LYS K 455 -26.12 5.17 24.71
N VAL K 456 -25.62 3.97 24.96
CA VAL K 456 -24.35 3.53 24.42
C VAL K 456 -24.62 2.54 23.30
N VAL K 457 -23.88 2.67 22.19
CA VAL K 457 -24.06 1.79 21.05
C VAL K 457 -22.70 1.32 20.58
N LYS K 458 -22.64 0.09 20.09
CA LYS K 458 -21.45 -0.40 19.42
C LYS K 458 -21.53 -0.09 17.94
N ILE K 459 -20.38 -0.08 17.28
CA ILE K 459 -20.31 0.24 15.87
C ILE K 459 -19.90 -1.01 15.11
N GLU K 460 -20.71 -1.41 14.13
CA GLU K 460 -20.41 -2.55 13.29
C GLU K 460 -20.00 -2.03 11.93
N PRO K 461 -18.70 -1.79 11.68
CA PRO K 461 -18.31 -1.06 10.49
C PRO K 461 -18.33 -1.88 9.20
N LEU K 462 -18.76 -3.13 9.23
CA LEU K 462 -18.56 -4.03 8.10
C LEU K 462 -19.90 -4.35 7.46
N GLY K 463 -20.08 -3.95 6.21
CA GLY K 463 -21.35 -4.12 5.56
C GLY K 463 -21.18 -4.53 4.11
N VAL K 464 -22.11 -5.36 3.65
CA VAL K 464 -22.09 -5.89 2.29
C VAL K 464 -23.31 -5.37 1.55
N ALA K 465 -23.21 -5.33 0.22
CA ALA K 465 -24.23 -4.74 -0.63
C ALA K 465 -24.00 -5.22 -2.05
N PRO K 466 -25.04 -5.60 -2.78
CA PRO K 466 -24.88 -6.01 -4.17
C PRO K 466 -24.70 -4.82 -5.10
N THR K 467 -23.68 -4.90 -5.95
CA THR K 467 -23.38 -3.83 -6.89
C THR K 467 -23.10 -4.48 -8.25
N ARG K 468 -22.70 -3.66 -9.21
CA ARG K 468 -22.40 -4.07 -10.58
C ARG K 468 -20.91 -4.16 -10.83
N CYS K 469 -20.13 -4.58 -9.85
CA CYS K 469 -18.70 -4.67 -10.04
C CYS K 469 -18.24 -6.07 -9.72
N LYS K 470 -17.32 -6.57 -10.53
CA LYS K 470 -16.85 -7.93 -10.39
C LYS K 470 -15.35 -7.93 -10.69
N ARG K 471 -14.59 -8.73 -9.95
CA ARG K 471 -13.15 -8.53 -9.87
C ARG K 471 -12.43 -9.08 -11.10
N ARG K 472 -11.37 -8.37 -11.52
CA ARG K 472 -10.50 -8.78 -12.63
C ARG K 472 -9.75 -10.04 -12.20
N VAL K 473 -10.27 -11.19 -12.63
CA VAL K 473 -9.71 -12.49 -12.28
C VAL K 473 -8.55 -12.79 -13.21
N VAL K 474 -7.34 -12.80 -12.67
CA VAL K 474 -6.20 -13.22 -13.47
C VAL K 474 -6.06 -14.73 -13.36
N PHE L 11 -17.85 12.57 11.85
CA PHE L 11 -18.06 11.26 12.45
C PHE L 11 -19.54 10.98 12.60
N LEU L 12 -19.98 9.91 11.93
CA LEU L 12 -21.37 9.46 11.90
C LEU L 12 -22.32 10.49 11.29
N GLY L 13 -21.79 11.50 10.59
CA GLY L 13 -22.52 12.72 10.33
C GLY L 13 -23.71 12.59 9.41
N ALA L 14 -23.79 11.49 8.67
CA ALA L 14 -24.93 11.24 7.81
C ALA L 14 -25.37 9.81 7.96
N ALA L 15 -25.37 9.30 9.19
CA ALA L 15 -25.79 7.92 9.40
C ALA L 15 -27.28 7.77 9.21
N GLY L 16 -28.03 8.84 9.42
CA GLY L 16 -29.48 8.78 9.21
C GLY L 16 -29.92 9.02 7.79
N SER L 17 -29.01 9.44 6.92
CA SER L 17 -29.33 9.66 5.53
C SER L 17 -29.58 8.33 4.82
N THR L 18 -30.29 8.40 3.69
CA THR L 18 -30.44 7.24 2.84
C THR L 18 -29.10 6.91 2.19
N MET L 19 -28.96 5.67 1.70
CA MET L 19 -27.68 5.25 1.12
C MET L 19 -27.33 5.99 -0.15
N GLY L 20 -28.30 6.66 -0.78
CA GLY L 20 -28.00 7.62 -1.82
C GLY L 20 -27.45 8.92 -1.27
N ALA L 21 -27.99 9.37 -0.14
CA ALA L 21 -27.37 10.48 0.57
C ALA L 21 -26.32 10.00 1.56
N ALA L 22 -26.15 8.68 1.67
CA ALA L 22 -24.97 8.06 2.26
C ALA L 22 -24.10 7.44 1.19
N SER L 23 -24.47 7.55 -0.07
CA SER L 23 -23.43 7.56 -1.09
C SER L 23 -22.49 8.73 -0.87
N MET L 24 -23.02 9.83 -0.36
CA MET L 24 -22.22 10.91 0.21
C MET L 24 -21.27 10.43 1.30
N THR L 25 -21.67 9.45 2.13
CA THR L 25 -20.77 8.99 3.19
C THR L 25 -19.57 8.25 2.62
N LEU L 26 -19.80 7.39 1.64
CA LEU L 26 -18.69 6.68 1.03
C LEU L 26 -18.16 7.36 -0.22
N THR L 27 -18.53 8.62 -0.45
CA THR L 27 -17.64 9.46 -1.24
C THR L 27 -16.66 10.22 -0.37
N VAL L 28 -16.78 10.10 0.95
CA VAL L 28 -15.78 10.58 1.88
C VAL L 28 -15.40 9.34 2.66
N GLN L 29 -14.60 9.45 3.73
CA GLN L 29 -13.91 8.28 4.29
C GLN L 29 -14.87 7.38 5.05
N ALA L 30 -15.84 6.81 4.33
CA ALA L 30 -17.02 6.15 4.87
C ALA L 30 -17.70 7.01 5.95
N ARG L 31 -17.69 8.33 5.71
CA ARG L 31 -17.96 9.39 6.71
C ARG L 31 -17.14 9.18 8.01
N ASN L 32 -15.83 9.04 7.84
CA ASN L 32 -14.82 9.14 8.90
C ASN L 32 -14.95 8.05 9.96
N LEU L 33 -15.64 6.95 9.61
CA LEU L 33 -15.96 5.91 10.58
C LEU L 33 -14.73 5.17 11.08
N LEU L 34 -13.82 4.81 10.18
CA LEU L 34 -12.67 4.01 10.62
C LEU L 34 -11.67 4.80 11.43
N SER L 35 -11.39 6.04 11.00
CA SER L 35 -10.52 6.88 11.80
C SER L 35 -11.16 7.22 13.14
N GLY L 36 -12.49 7.32 13.22
CA GLY L 36 -13.13 7.45 14.53
C GLY L 36 -13.10 6.17 15.35
N ILE L 37 -12.95 5.02 14.68
CA ILE L 37 -12.79 3.77 15.43
C ILE L 37 -11.44 3.74 16.13
N VAL L 38 -10.37 4.02 15.40
CA VAL L 38 -9.06 3.81 16.02
C VAL L 38 -8.51 5.06 16.69
N GLN L 39 -9.00 6.24 16.31
CA GLN L 39 -8.41 7.44 16.83
C GLN L 39 -9.25 8.08 17.92
N GLN L 40 -10.31 7.43 18.33
CA GLN L 40 -10.98 7.93 19.52
C GLN L 40 -10.36 7.33 20.77
N GLN L 41 -9.33 6.50 20.58
CA GLN L 41 -8.48 6.02 21.65
C GLN L 41 -7.55 7.09 22.21
N SER L 42 -7.45 8.25 21.56
CA SER L 42 -6.36 9.18 21.82
C SER L 42 -6.41 9.80 23.21
N ASN L 43 -7.57 9.80 23.87
CA ASN L 43 -7.62 10.34 25.22
C ASN L 43 -7.01 9.38 26.23
N LEU L 44 -7.38 8.11 26.17
CA LEU L 44 -6.74 7.10 27.03
C LEU L 44 -5.37 6.68 26.50
N LEU L 45 -5.03 7.12 25.29
CA LEU L 45 -3.66 7.01 24.80
C LEU L 45 -2.79 8.17 25.28
N ARG L 46 -3.41 9.33 25.53
CA ARG L 46 -2.63 10.49 25.94
C ARG L 46 -2.23 10.43 27.41
N ALA L 47 -3.07 9.84 28.26
CA ALA L 47 -2.75 9.73 29.69
C ALA L 47 -3.30 8.46 30.30
N PRO L 48 -2.60 7.33 30.11
CA PRO L 48 -2.64 6.28 31.14
C PRO L 48 -1.39 6.35 32.00
N GLU L 49 -0.54 7.33 31.70
CA GLU L 49 0.80 7.44 32.24
C GLU L 49 1.19 8.82 32.71
N ALA L 50 0.38 9.86 32.46
CA ALA L 50 0.73 11.18 32.95
C ALA L 50 0.60 11.28 34.47
N GLN L 51 -0.10 10.35 35.08
CA GLN L 51 -0.23 10.28 36.52
C GLN L 51 1.07 9.82 37.16
N GLN L 52 1.55 10.60 38.13
CA GLN L 52 2.65 10.19 38.99
C GLN L 52 2.09 10.25 40.41
N HIS L 53 1.41 9.15 40.79
CA HIS L 53 0.74 9.03 42.08
C HIS L 53 0.81 7.57 42.51
N LEU L 54 0.91 7.35 43.81
CA LEU L 54 1.03 5.96 44.27
C LEU L 54 -0.36 5.30 44.36
N LEU L 55 -1.15 5.73 45.35
CA LEU L 55 -2.53 5.33 45.63
C LEU L 55 -2.72 3.84 45.95
N LYS L 56 -1.65 3.05 45.83
CA LYS L 56 -1.45 1.70 46.37
C LYS L 56 -2.34 0.62 45.75
N LEU L 57 -3.31 1.01 44.92
CA LEU L 57 -4.26 0.16 44.22
C LEU L 57 -4.86 0.94 43.08
N THR L 58 -5.49 0.20 42.16
CA THR L 58 -5.95 0.74 40.89
C THR L 58 -7.33 0.18 40.57
N VAL L 59 -8.30 1.07 40.37
CA VAL L 59 -9.61 0.63 39.89
C VAL L 59 -9.62 0.54 38.36
N TRP L 60 -9.02 1.50 37.69
CA TRP L 60 -8.99 1.53 36.23
C TRP L 60 -7.99 0.56 35.66
N GLY L 61 -7.10 0.02 36.50
CA GLY L 61 -6.05 -0.87 36.03
C GLY L 61 -6.57 -2.16 35.43
N ILE L 62 -7.83 -2.50 35.65
CA ILE L 62 -8.48 -3.58 34.95
C ILE L 62 -9.56 -3.08 34.01
N LYS L 63 -10.29 -2.03 34.40
CA LYS L 63 -11.44 -1.61 33.60
C LYS L 63 -10.99 -0.93 32.30
N GLN L 64 -10.04 0.02 32.41
CA GLN L 64 -9.50 0.64 31.21
C GLN L 64 -8.76 -0.34 30.33
N LEU L 65 -8.04 -1.28 30.94
CA LEU L 65 -7.30 -2.25 30.15
C LEU L 65 -8.23 -3.20 29.42
N GLN L 66 -9.33 -3.59 30.06
CA GLN L 66 -10.29 -4.46 29.40
C GLN L 66 -10.98 -3.72 28.26
N ALA L 67 -11.31 -2.45 28.46
CA ALA L 67 -11.90 -1.66 27.38
C ALA L 67 -10.93 -1.50 26.22
N ARG L 68 -9.66 -1.31 26.52
CA ARG L 68 -8.65 -1.11 25.50
C ARG L 68 -8.45 -2.36 24.66
N VAL L 69 -8.21 -3.50 25.30
CA VAL L 69 -8.00 -4.71 24.49
C VAL L 69 -9.29 -5.22 23.86
N LEU L 70 -10.45 -4.81 24.37
CA LEU L 70 -11.70 -5.10 23.68
C LEU L 70 -11.78 -4.35 22.37
N ALA L 71 -11.44 -3.04 22.41
CA ALA L 71 -11.40 -2.25 21.18
C ALA L 71 -10.38 -2.78 20.19
N VAL L 72 -9.24 -3.27 20.68
CA VAL L 72 -8.19 -3.76 19.78
C VAL L 72 -8.62 -5.06 19.11
N GLU L 73 -9.20 -6.00 19.85
CA GLU L 73 -9.59 -7.25 19.20
C GLU L 73 -10.78 -7.04 18.28
N ARG L 74 -11.64 -6.09 18.60
CA ARG L 74 -12.73 -5.80 17.67
C ARG L 74 -12.21 -5.11 16.42
N TYR L 75 -11.19 -4.27 16.55
CA TYR L 75 -10.60 -3.62 15.40
C TYR L 75 -9.54 -4.45 14.70
N LEU L 76 -9.32 -5.69 15.15
CA LEU L 76 -8.57 -6.67 14.36
C LEU L 76 -9.38 -7.78 13.73
N ARG L 77 -10.51 -8.17 14.32
CA ARG L 77 -11.33 -9.18 13.66
C ARG L 77 -11.81 -8.72 12.30
N ASP L 78 -12.09 -7.44 12.15
CA ASP L 78 -12.56 -6.94 10.87
C ASP L 78 -11.42 -6.87 9.86
N GLN L 79 -10.21 -6.57 10.32
CA GLN L 79 -9.09 -6.59 9.39
C GLN L 79 -8.77 -8.00 8.95
N GLN L 80 -8.91 -8.97 9.84
CA GLN L 80 -8.69 -10.34 9.43
C GLN L 80 -9.80 -10.83 8.50
N LEU L 81 -11.03 -10.37 8.70
CA LEU L 81 -12.11 -10.77 7.81
C LEU L 81 -12.01 -10.09 6.45
N LEU L 82 -11.43 -8.90 6.38
CA LEU L 82 -11.14 -8.36 5.06
C LEU L 82 -9.94 -9.04 4.44
N GLY L 83 -9.03 -9.57 5.26
CA GLY L 83 -7.94 -10.36 4.71
C GLY L 83 -8.43 -11.65 4.11
N ILE L 84 -9.43 -12.26 4.71
CA ILE L 84 -9.92 -13.56 4.25
C ILE L 84 -10.78 -13.46 3.01
N TRP L 85 -11.19 -12.25 2.60
CA TRP L 85 -11.90 -12.08 1.35
C TRP L 85 -11.12 -11.24 0.36
N GLY L 86 -9.79 -11.26 0.44
CA GLY L 86 -8.93 -10.62 -0.53
C GLY L 86 -9.08 -9.12 -0.63
N CYS L 87 -9.66 -8.50 0.38
CA CYS L 87 -10.04 -7.10 0.35
C CYS L 87 -9.18 -6.27 1.29
N SER L 88 -8.00 -6.77 1.65
CA SER L 88 -7.22 -6.17 2.72
C SER L 88 -6.59 -4.86 2.26
N GLY L 89 -6.98 -3.77 2.91
CA GLY L 89 -6.51 -2.45 2.54
C GLY L 89 -7.63 -1.65 1.91
N LYS L 90 -8.47 -2.32 1.17
CA LYS L 90 -9.42 -1.62 0.31
C LYS L 90 -10.72 -1.45 1.06
N LEU L 91 -11.14 -0.20 1.23
CA LEU L 91 -12.39 0.08 1.93
C LEU L 91 -13.58 -0.44 1.15
N ILE L 92 -13.56 -0.32 -0.16
CA ILE L 92 -14.66 -0.75 -1.01
C ILE L 92 -14.10 -1.69 -2.06
N CYS L 93 -14.43 -2.97 -1.96
CA CYS L 93 -13.97 -3.88 -2.99
C CYS L 93 -15.10 -4.79 -3.40
N CYS L 94 -14.95 -5.37 -4.58
CA CYS L 94 -15.98 -6.19 -5.17
C CYS L 94 -15.57 -7.65 -5.08
N THR L 95 -16.54 -8.53 -5.27
CA THR L 95 -16.31 -9.95 -5.09
C THR L 95 -16.83 -10.71 -6.29
N ASN L 96 -16.36 -11.95 -6.41
CA ASN L 96 -16.85 -12.87 -7.42
C ASN L 96 -18.13 -13.58 -7.03
N VAL L 97 -18.49 -13.55 -5.74
CA VAL L 97 -19.77 -14.12 -5.35
C VAL L 97 -20.89 -13.31 -6.00
N PRO L 98 -21.80 -13.94 -6.70
CA PRO L 98 -22.92 -13.22 -7.31
C PRO L 98 -23.94 -12.90 -6.24
N TRP L 99 -24.88 -12.03 -6.57
CA TRP L 99 -26.07 -11.98 -5.72
C TRP L 99 -26.82 -13.26 -6.01
N ASN L 100 -26.83 -14.16 -5.03
CA ASN L 100 -27.28 -15.53 -5.22
C ASN L 100 -28.80 -15.61 -5.20
N SER L 101 -29.32 -16.82 -4.96
CA SER L 101 -30.74 -17.05 -4.74
C SER L 101 -31.31 -16.28 -3.55
N SER L 102 -30.46 -15.63 -2.74
CA SER L 102 -30.81 -14.74 -1.62
C SER L 102 -31.97 -13.85 -1.96
N TRP L 103 -32.97 -13.91 -1.10
CA TRP L 103 -34.34 -13.68 -1.49
C TRP L 103 -34.81 -12.27 -1.24
N SER L 104 -33.89 -11.38 -0.89
CA SER L 104 -34.20 -9.95 -0.88
C SER L 104 -33.83 -9.29 -2.21
N ASN L 105 -34.19 -9.96 -3.30
CA ASN L 105 -33.96 -9.43 -4.64
C ASN L 105 -34.94 -8.28 -4.89
N ARG L 106 -34.40 -7.10 -5.11
CA ARG L 106 -35.22 -5.93 -5.28
C ARG L 106 -34.49 -4.92 -6.16
N ASN L 107 -34.97 -3.69 -6.13
CA ASN L 107 -34.66 -2.66 -7.12
C ASN L 107 -33.35 -1.95 -6.80
N LEU L 108 -32.60 -1.60 -7.85
CA LEU L 108 -31.38 -0.82 -7.69
C LEU L 108 -31.68 0.62 -7.32
N SER L 109 -32.66 1.22 -7.98
CA SER L 109 -33.01 2.60 -7.73
C SER L 109 -33.87 2.74 -6.49
N GLU L 110 -34.28 1.65 -5.88
CA GLU L 110 -34.85 1.75 -4.55
C GLU L 110 -33.76 1.73 -3.50
N ILE L 111 -32.74 0.91 -3.68
CA ILE L 111 -31.73 0.71 -2.65
C ILE L 111 -30.85 1.94 -2.56
N TRP L 112 -30.14 2.26 -3.63
CA TRP L 112 -29.12 3.30 -3.55
C TRP L 112 -29.69 4.69 -3.78
N ASP L 113 -31.00 4.86 -3.70
CA ASP L 113 -31.60 6.19 -3.72
C ASP L 113 -32.38 6.46 -2.46
N ASN L 114 -33.28 5.56 -2.07
CA ASN L 114 -34.17 5.80 -0.92
C ASN L 114 -34.14 4.60 0.01
N MET L 115 -33.06 4.49 0.80
CA MET L 115 -32.95 3.58 1.94
C MET L 115 -31.71 3.89 2.77
N THR L 116 -31.88 4.03 4.08
CA THR L 116 -30.75 4.30 4.95
C THR L 116 -29.97 3.03 5.21
N TRP L 117 -28.76 3.21 5.76
CA TRP L 117 -27.92 2.06 6.06
C TRP L 117 -28.54 1.19 7.14
N LEU L 118 -29.24 1.81 8.09
CA LEU L 118 -29.84 1.06 9.19
C LEU L 118 -31.04 0.27 8.72
N GLN L 119 -31.88 0.87 7.86
CA GLN L 119 -32.97 0.13 7.26
C GLN L 119 -32.44 -0.99 6.38
N TRP L 120 -31.29 -0.75 5.74
CA TRP L 120 -30.67 -1.79 4.95
C TRP L 120 -30.17 -2.94 5.82
N ASP L 121 -29.69 -2.62 7.02
CA ASP L 121 -29.32 -3.68 7.94
C ASP L 121 -30.54 -4.44 8.42
N LYS L 122 -31.66 -3.74 8.57
CA LYS L 122 -32.89 -4.43 8.90
C LYS L 122 -33.41 -5.28 7.74
N GLU L 123 -33.00 -4.96 6.51
CA GLU L 123 -33.42 -5.76 5.36
C GLU L 123 -32.77 -7.13 5.37
N ILE L 124 -31.45 -7.16 5.49
CA ILE L 124 -30.68 -8.37 5.29
C ILE L 124 -30.05 -8.79 6.61
N SER L 125 -30.80 -8.61 7.71
CA SER L 125 -30.34 -9.11 9.01
C SER L 125 -30.22 -10.62 9.00
N ASN L 126 -31.06 -11.29 8.23
CA ASN L 126 -30.81 -12.71 8.01
C ASN L 126 -29.82 -12.87 6.88
N TYR L 127 -29.29 -14.09 6.77
CA TYR L 127 -28.35 -14.54 5.74
C TYR L 127 -27.04 -13.79 5.76
N THR L 128 -26.75 -13.04 6.81
CA THR L 128 -25.53 -12.26 6.81
C THR L 128 -24.33 -13.17 7.05
N GLN L 129 -24.50 -14.12 7.96
CA GLN L 129 -23.49 -15.17 8.11
C GLN L 129 -23.48 -16.10 6.90
N ILE L 130 -24.59 -16.22 6.17
CA ILE L 130 -24.58 -16.96 4.92
C ILE L 130 -23.72 -16.27 3.89
N ILE L 131 -23.83 -14.95 3.79
CA ILE L 131 -22.98 -14.19 2.88
C ILE L 131 -21.52 -14.27 3.31
N TYR L 132 -21.27 -14.20 4.62
CA TYR L 132 -19.90 -14.22 5.10
C TYR L 132 -19.25 -15.58 4.87
N GLY L 133 -20.01 -16.65 5.00
CA GLY L 133 -19.48 -17.95 4.62
C GLY L 133 -19.37 -18.08 3.12
N LEU L 134 -20.24 -17.41 2.38
CA LEU L 134 -20.29 -17.57 0.94
C LEU L 134 -19.14 -16.87 0.25
N LEU L 135 -18.68 -15.74 0.81
CA LEU L 135 -17.73 -14.89 0.12
C LEU L 135 -16.36 -15.54 -0.01
N GLU L 136 -15.89 -16.20 1.06
CA GLU L 136 -14.51 -16.66 1.03
C GLU L 136 -14.41 -17.85 0.08
N GLU L 137 -15.53 -18.56 -0.12
CA GLU L 137 -15.61 -19.67 -1.07
C GLU L 137 -15.15 -19.25 -2.46
N SER L 138 -15.78 -18.23 -3.02
CA SER L 138 -15.32 -17.71 -4.30
C SER L 138 -14.01 -16.97 -4.18
N GLN L 139 -13.64 -16.50 -2.98
CA GLN L 139 -12.34 -15.86 -2.89
C GLN L 139 -11.21 -16.87 -2.91
N ASN L 140 -11.44 -18.06 -2.38
CA ASN L 140 -10.36 -19.00 -2.15
C ASN L 140 -10.48 -20.26 -2.98
N GLN L 141 -11.53 -21.05 -2.75
CA GLN L 141 -11.58 -22.46 -3.10
C GLN L 141 -11.46 -22.72 -4.59
N GLN L 142 -11.87 -21.77 -5.42
CA GLN L 142 -11.48 -21.78 -6.82
C GLN L 142 -10.54 -20.66 -7.20
N GLU L 143 -10.62 -19.46 -6.60
CA GLU L 143 -9.78 -18.37 -7.10
C GLU L 143 -8.31 -18.56 -6.74
N LYS L 144 -8.04 -18.93 -5.51
CA LYS L 144 -6.70 -19.30 -5.11
C LYS L 144 -6.22 -20.56 -5.82
N ASN L 145 -7.11 -21.50 -6.11
CA ASN L 145 -6.65 -22.68 -6.84
C ASN L 145 -6.40 -22.40 -8.31
N GLU L 146 -7.15 -21.46 -8.91
CA GLU L 146 -6.86 -21.01 -10.26
C GLU L 146 -5.55 -20.25 -10.31
N GLN L 147 -5.28 -19.43 -9.30
CA GLN L 147 -3.99 -18.75 -9.25
C GLN L 147 -2.86 -19.74 -9.04
N ASP L 148 -3.11 -20.80 -8.29
CA ASP L 148 -2.12 -21.87 -8.19
C ASP L 148 -1.94 -22.61 -9.51
N LEU L 149 -2.99 -22.72 -10.31
CA LEU L 149 -2.83 -23.25 -11.66
C LEU L 149 -2.06 -22.30 -12.55
N LEU L 150 -2.11 -20.99 -12.29
CA LEU L 150 -1.41 -20.06 -13.22
C LEU L 150 0.08 -20.38 -13.40
N ALA L 151 0.91 -20.09 -12.39
CA ALA L 151 2.38 -20.19 -12.57
C ALA L 151 2.98 -21.57 -12.27
N LEU L 152 2.25 -22.70 -12.35
CA LEU L 152 3.02 -23.93 -12.08
C LEU L 152 3.63 -24.42 -13.40
N ASP L 153 2.78 -24.84 -14.34
CA ASP L 153 3.22 -25.39 -15.66
C ASP L 153 3.28 -24.28 -16.71
N LYS L 154 4.47 -23.72 -16.93
CA LYS L 154 4.76 -22.92 -18.15
C LYS L 154 6.27 -22.85 -18.37
N TRP L 155 6.90 -23.97 -18.71
CA TRP L 155 8.34 -23.94 -19.05
C TRP L 155 8.46 -22.91 -20.16
N ALA L 156 7.30 -22.59 -20.73
CA ALA L 156 7.06 -21.61 -21.78
C ALA L 156 6.39 -20.36 -21.24
N SER L 157 6.91 -19.86 -20.13
CA SER L 157 6.43 -18.58 -19.58
C SER L 157 7.31 -17.44 -20.05
N LEU L 158 8.62 -17.68 -20.15
CA LEU L 158 9.50 -16.81 -20.93
C LEU L 158 9.08 -16.77 -22.38
N TRP L 159 8.59 -17.90 -22.90
CA TRP L 159 8.17 -17.95 -24.32
C TRP L 159 6.68 -17.61 -24.49
N ASN L 160 6.36 -16.31 -24.60
CA ASN L 160 4.98 -15.83 -24.84
C ASN L 160 5.02 -14.94 -26.08
N TRP L 161 4.20 -15.20 -27.10
CA TRP L 161 4.33 -14.41 -28.35
C TRP L 161 3.11 -13.53 -28.66
N PHE L 162 1.91 -13.93 -28.25
CA PHE L 162 0.70 -13.15 -28.60
C PHE L 162 0.08 -12.47 -27.38
N ASP L 163 0.83 -12.35 -26.28
CA ASP L 163 0.32 -11.67 -25.07
C ASP L 163 1.10 -10.38 -24.81
N ILE L 164 2.00 -10.00 -25.71
CA ILE L 164 2.81 -8.76 -25.48
C ILE L 164 1.88 -7.55 -25.44
N SER L 165 0.85 -7.52 -26.29
CA SER L 165 -0.05 -6.34 -26.38
C SER L 165 -0.67 -6.05 -25.02
N ASN L 166 -1.16 -7.06 -24.32
CA ASN L 166 -1.74 -6.77 -22.99
C ASN L 166 -0.63 -6.27 -22.06
N TRP L 167 0.55 -6.88 -22.14
CA TRP L 167 1.66 -6.48 -21.23
C TRP L 167 1.97 -5.00 -21.46
N LEU L 168 2.06 -4.59 -22.73
CA LEU L 168 2.40 -3.18 -23.02
C LEU L 168 1.27 -2.28 -22.51
N TRP L 169 0.02 -2.57 -22.87
CA TRP L 169 -1.07 -1.81 -22.31
C TRP L 169 -0.96 -1.75 -20.79
N TYR L 170 -0.66 -2.89 -20.16
CA TYR L 170 -0.73 -3.00 -18.72
C TYR L 170 0.37 -2.19 -18.03
N ILE L 171 1.54 -2.08 -18.67
CA ILE L 171 2.64 -1.39 -18.01
C ILE L 171 2.42 0.11 -17.99
N LYS L 172 1.60 0.62 -18.92
CA LYS L 172 1.24 2.03 -18.86
C LYS L 172 -0.04 2.26 -18.07
N LEU L 173 -1.00 1.34 -18.17
CA LEU L 173 -2.31 1.49 -17.52
C LEU L 173 -2.78 0.15 -16.99
#